data_7KS3
#
_entry.id   7KS3
#
loop_
_entity.id
_entity.type
_entity.pdbx_description
1 polymer 'Glutamate receptor ionotropic, kainate 5,Green fluorescent protein chimera'
2 polymer 'Glutamate receptor ionotropic, kainate 2'
#
loop_
_entity_poly.entity_id
_entity_poly.type
_entity_poly.pdbx_seq_one_letter_code
_entity_poly.pdbx_strand_id
1 'polypeptide(L)'
;MPAELLLLLIVAFANPSCQVLSSLRMAAILDDQTVCGRGERLALALAREQINGIIEVPAKARVEVDIFELQRDSQYETTD
TMCQILPKGVVSVLGPSSSPASASTVSHICGEKEIPHIKVGPEETPRLQYLRFASVSLYPSNEDVSLAVSRILKSFNYPS
ASLICAKAECLLRLEELVRGFLISKETLSVRMLDDSRDPTPLLKEIRDDKVSTIIIDANASISHLVLRKASELGMTSAFY
KYILTTMDFPILHLDGIVEDSSNILGFSMFNTSHPFYPEFVRSLNMSWRENCEASTYPGPALSAALMFDAVHVVVSAVRE
LNRSQEIGVKPLACTSANIWPHGTSLMNYLRMVEYDGLTGRVEFNSKGQRTNYTLRILEKSRQGHREIGVWYSNRTLAMN
ATTLDINLSQTLANKTLVVTTILENPYVMRRPNFQALSGNERFEGFCVDMLRELAELLRFRYRLRLVEDGLYGAPEPNGS
WTGMVGELINRKADLAVAAFTITAEREKVIDFSKPFMTLGISILYRVHMGRKPGYFSFLDPFSPAVWLFMLLAYLAVSVV
LFLAARLSPYEWYNPHPSLRARPHILENQYTLGNSLWFPVGGFMQQGSEIMPRALSTRIVSGVWWAFTLIIISSYTANLA
AFLTVQRMEVPVESADDLADQTNIEYGTIHAGSTMTFFQNSRYQTYQRMWNYMQSKQPSVFVKSTEEGIARVLNSRYAFL
LESTMNEYHRRLNCNLTQIGGLLDTKGYGIGMPLGSPFRDEITLAILQLQENNRLEILKRKWWEGGRCPKEEDHRAKGLG
MENIGGIFVVLIAGLIIAVFVAVMEFIYKSRAEAKRMKGLVPRGSAAAAMVSKGEELFTGVVPILVELDGDVNGHKFSVS
GEGEGDATYGKLTLKFICTTGKLPVPWPTLVTTLTYGVQCFSRYPDHMKQHDFFKSAMPEGYVQERTIFFKDDGNYKTRA
EVKFEGDTLVNRIELKGIDFKEDGNILGHKLEYNYNSHNVYIMADKQKNGIKVNFKIRHNIEDGSVQLADHYQQNTPIGD
GPVLLPDNHYLSTQSKLSKDPNEKRDHMVLLEFVTAAGITLGMDELYKSGLRTETSQVAPA
;
A,C
2 'polypeptide(L)'
;MKIISPVLSNLVFSRSIKVLLCLLWIGYSQGTTHVLRFGGIFEYVESGPMGAEELAFRFAVNTINRNRTLLPNTTLTYDT
QKINLYDSFEASKKACDQLSLGVAAIFGPSHSSSANAVQSICNALGVPHIQTRWKHQVSDNKDSFYVSLYPDFSSLSRAI
LDLVQFFKWKTVTVVYDDSTGLIRLQELIKAPSRYNLRLKIRQLPADTKDAKPLLKEMKRGKEFHVIFDCSHEMAAGILK
QALAMGMMTEYYHYIFTTLDLFALDVEPYRYSGVNMTGFRILNTENTQVSSIIEKWSMERLQAPPKPDSGLLDGFMTTDA
ALMYDAVHVVSVAVQQFPQMTVSSLQCNRHKPWRFGTRFMSLIKEAHWEGLTGRITFNKTNGLRTDFDLDVISLKEEGLE
KIGTWDPASGLNMTESQKGKPANITDSLSNRSLIVTTILEEPYVLFKKSDKPLYGNDRFEGYCIDLLRELSTILGFTYEI
RLVEDGKYGAQDDVNGQWNGMVRELIDHKADLAVAPLAITYVREKVIDFSKPFMTLGISILYRKPNGTNPGVFSFLNPLS
PDIWMYVLLAYLGVSVVLFVIARFSPYEWYNPHPSNPDSDVVENNFTLLNSFWFGVGALMQQGSELMPKALSTRIVGGIW
WFFTLIIISSYTANLAAFLTVERMESPIDSADDLAKQTKIEYGAVEDGATMTFFKKSKISTYDKMWAFMSSRRQSVLVKS
NEEGIQRVLTSDYAFLMESTTIEFVTQRNCNLTQIGGLIDSKGYGVGTPMGSPYRDKITIAILQLQEEGKLHMMKEKWWR
GNGCPEEESKEASALGVQNIGGIFIVLAAGLVLSVFVAVGEFLYKSKKNAQLEKRSFCSAMVEELRMSLKCQRRLKHKPQ
APVIVKTEEVINMHTFNDRRLPGKETMASGLRSAWSHPQFEKGGGSGGGSGGGSWSHPQFEK
;
B,D
#
# COMPACT_ATOMS: atom_id res chain seq x y z
N LEU A 21 -7.44 -75.41 -31.31
CA LEU A 21 -7.95 -76.69 -30.83
C LEU A 21 -6.85 -77.75 -30.83
N SER A 22 -6.20 -77.94 -31.99
CA SER A 22 -5.18 -79.02 -32.10
C SER A 22 -4.00 -78.66 -31.22
N SER A 23 -3.79 -77.37 -30.98
CA SER A 23 -2.65 -76.91 -30.17
C SER A 23 -2.99 -75.51 -29.67
N LEU A 24 -2.09 -74.89 -28.92
CA LEU A 24 -2.35 -73.50 -28.55
C LEU A 24 -1.16 -72.72 -29.09
N ARG A 25 -1.10 -72.61 -30.42
CA ARG A 25 0.02 -71.89 -31.08
C ARG A 25 -0.06 -70.45 -30.63
N MET A 26 1.06 -69.87 -30.26
CA MET A 26 1.07 -68.47 -29.81
C MET A 26 2.07 -67.72 -30.69
N ALA A 27 1.81 -66.47 -30.99
CA ALA A 27 2.69 -65.72 -31.91
C ALA A 27 3.62 -64.87 -31.07
N ALA A 28 4.84 -64.67 -31.54
CA ALA A 28 5.76 -63.81 -30.79
C ALA A 28 6.59 -62.98 -31.77
N ILE A 29 6.39 -61.67 -31.77
CA ILE A 29 7.20 -60.80 -32.65
C ILE A 29 8.28 -60.19 -31.78
N LEU A 30 9.50 -60.66 -31.96
CA LEU A 30 10.59 -60.26 -31.05
C LEU A 30 11.58 -59.35 -31.74
N ASP A 31 11.47 -58.06 -31.46
CA ASP A 31 12.38 -57.18 -32.18
C ASP A 31 13.77 -57.18 -31.60
N ASP A 32 13.93 -57.70 -30.40
CA ASP A 32 15.21 -57.79 -29.74
C ASP A 32 16.13 -58.68 -30.56
N GLN A 33 17.43 -58.38 -30.50
CA GLN A 33 18.43 -58.98 -31.37
C GLN A 33 18.60 -60.46 -31.10
N THR A 34 19.53 -61.06 -31.83
CA THR A 34 19.80 -62.48 -31.60
C THR A 34 20.92 -62.68 -30.59
N VAL A 35 21.98 -61.89 -30.69
CA VAL A 35 23.10 -61.98 -29.78
C VAL A 35 23.05 -60.78 -28.84
N CYS A 36 23.31 -61.02 -27.56
CA CYS A 36 23.44 -60.00 -26.51
C CYS A 36 22.18 -59.18 -26.33
N GLY A 37 21.05 -59.68 -26.78
CA GLY A 37 19.83 -58.95 -26.54
C GLY A 37 19.27 -59.40 -25.24
N ARG A 38 18.05 -58.99 -24.99
CA ARG A 38 17.39 -59.34 -23.74
C ARG A 38 17.02 -60.80 -23.65
N GLY A 39 17.19 -61.57 -24.72
CA GLY A 39 17.02 -62.99 -24.67
C GLY A 39 15.60 -63.46 -24.68
N GLU A 40 14.71 -62.72 -25.32
CA GLU A 40 13.29 -63.00 -25.23
C GLU A 40 12.97 -64.34 -25.83
N ARG A 41 13.74 -64.76 -26.83
CA ARG A 41 13.53 -66.07 -27.42
C ARG A 41 13.81 -67.16 -26.42
N LEU A 42 14.87 -67.01 -25.64
CA LEU A 42 15.14 -68.03 -24.64
C LEU A 42 14.17 -67.93 -23.50
N ALA A 43 13.64 -66.73 -23.26
CA ALA A 43 12.61 -66.61 -22.25
C ALA A 43 11.39 -67.38 -22.66
N LEU A 44 10.93 -67.20 -23.89
CA LEU A 44 9.70 -67.89 -24.26
C LEU A 44 9.94 -69.36 -24.46
N ALA A 45 11.17 -69.72 -24.78
CA ALA A 45 11.51 -71.13 -24.84
C ALA A 45 11.41 -71.76 -23.47
N LEU A 46 11.85 -71.03 -22.45
CA LEU A 46 11.70 -71.51 -21.09
C LEU A 46 10.24 -71.63 -20.72
N ALA A 47 9.47 -70.65 -21.15
CA ALA A 47 8.04 -70.66 -20.80
C ALA A 47 7.44 -71.94 -21.37
N ARG A 48 7.83 -72.27 -22.61
CA ARG A 48 7.20 -73.45 -23.25
C ARG A 48 7.58 -74.67 -22.42
N GLU A 49 8.83 -74.76 -21.98
CA GLU A 49 9.24 -75.98 -21.24
C GLU A 49 8.43 -76.07 -19.95
N GLN A 50 8.32 -74.97 -19.21
CA GLN A 50 7.63 -75.07 -17.90
C GLN A 50 6.16 -75.40 -18.11
N ILE A 51 5.47 -74.71 -19.02
CA ILE A 51 4.00 -74.95 -19.16
C ILE A 51 3.78 -76.38 -19.68
N ASN A 52 4.57 -76.77 -20.67
CA ASN A 52 4.40 -78.12 -21.27
C ASN A 52 4.78 -79.20 -20.27
N GLY A 53 5.82 -78.97 -19.48
CA GLY A 53 6.32 -80.07 -18.62
C GLY A 53 5.47 -80.27 -17.39
N ILE A 54 4.62 -79.29 -17.06
CA ILE A 54 3.70 -79.53 -15.95
C ILE A 54 2.88 -80.77 -16.29
N ILE A 55 2.64 -81.60 -15.30
CA ILE A 55 1.74 -82.75 -15.42
C ILE A 55 0.40 -82.41 -14.80
N GLU A 56 -0.65 -82.46 -15.60
CA GLU A 56 -2.02 -82.34 -15.12
C GLU A 56 -2.81 -83.58 -15.46
N VAL A 57 -3.94 -83.71 -14.78
CA VAL A 57 -4.95 -84.71 -15.10
C VAL A 57 -6.19 -83.96 -15.58
N PRO A 58 -6.60 -84.12 -16.85
CA PRO A 58 -5.95 -84.95 -17.87
C PRO A 58 -4.78 -84.27 -18.54
N ALA A 59 -4.20 -84.93 -19.53
CA ALA A 59 -3.24 -84.26 -20.38
C ALA A 59 -3.94 -83.19 -21.20
N LYS A 60 -3.22 -82.11 -21.47
CA LYS A 60 -3.83 -80.96 -22.20
C LYS A 60 -3.06 -80.74 -23.50
N ALA A 61 -3.10 -79.51 -24.03
CA ALA A 61 -2.46 -79.19 -25.33
C ALA A 61 -1.14 -78.46 -25.13
N ARG A 62 -0.01 -79.12 -25.38
CA ARG A 62 1.29 -78.46 -25.09
C ARG A 62 1.34 -77.18 -25.92
N VAL A 63 1.75 -76.07 -25.30
CA VAL A 63 1.72 -74.78 -26.04
C VAL A 63 2.93 -74.75 -26.97
N GLU A 64 2.71 -74.50 -28.27
CA GLU A 64 3.84 -74.36 -29.20
C GLU A 64 3.98 -72.87 -29.48
N VAL A 65 5.13 -72.28 -29.18
CA VAL A 65 5.21 -70.80 -29.31
C VAL A 65 5.88 -70.44 -30.63
N ASP A 66 5.15 -69.80 -31.53
CA ASP A 66 5.76 -69.32 -32.81
C ASP A 66 6.63 -68.10 -32.50
N ILE A 67 7.67 -67.87 -33.30
CA ILE A 67 8.62 -66.82 -33.04
C ILE A 67 8.94 -66.16 -34.36
N PHE A 68 8.90 -64.86 -34.41
CA PHE A 68 9.22 -64.18 -35.65
C PHE A 68 10.08 -63.00 -35.37
N GLU A 69 11.14 -62.87 -36.14
CA GLU A 69 12.08 -61.79 -35.94
C GLU A 69 11.65 -60.67 -36.85
N LEU A 70 11.88 -59.46 -36.41
CA LEU A 70 11.43 -58.28 -37.12
C LEU A 70 12.60 -57.31 -37.20
N GLN A 71 12.89 -56.82 -38.40
CA GLN A 71 14.14 -56.08 -38.58
C GLN A 71 14.03 -54.69 -38.00
N ARG A 72 13.18 -53.85 -38.57
CA ARG A 72 13.17 -52.46 -38.21
C ARG A 72 11.81 -52.09 -37.65
N ASP A 73 11.56 -50.79 -37.60
CA ASP A 73 10.29 -50.30 -37.10
C ASP A 73 9.39 -49.93 -38.25
N SER A 74 9.39 -50.77 -39.27
CA SER A 74 8.61 -50.53 -40.46
C SER A 74 7.25 -51.12 -40.28
N GLN A 75 6.25 -50.26 -40.23
CA GLN A 75 4.89 -50.73 -40.16
C GLN A 75 4.51 -51.52 -41.37
N TYR A 76 5.15 -51.25 -42.48
CA TYR A 76 5.09 -52.14 -43.63
C TYR A 76 5.60 -53.52 -43.26
N GLU A 77 6.77 -53.59 -42.66
CA GLU A 77 7.34 -54.94 -42.46
C GLU A 77 6.60 -55.71 -41.37
N THR A 78 6.13 -54.97 -40.39
CA THR A 78 5.34 -55.61 -39.34
C THR A 78 4.11 -56.17 -40.02
N THR A 79 3.58 -55.44 -40.99
CA THR A 79 2.30 -55.89 -41.60
C THR A 79 2.64 -57.16 -42.37
N ASP A 80 3.81 -57.21 -42.98
CA ASP A 80 4.22 -58.41 -43.68
C ASP A 80 4.38 -59.60 -42.75
N THR A 81 5.05 -59.35 -41.61
CA THR A 81 5.31 -60.47 -40.67
C THR A 81 4.00 -61.01 -40.13
N MET A 82 3.14 -60.11 -39.68
CA MET A 82 1.83 -60.55 -39.17
C MET A 82 1.07 -61.21 -40.31
N CYS A 83 1.33 -60.83 -41.56
CA CYS A 83 0.54 -61.47 -42.56
C CYS A 83 1.16 -62.76 -42.90
N GLN A 84 2.34 -63.08 -42.38
CA GLN A 84 2.80 -64.46 -42.34
C GLN A 84 2.29 -65.19 -41.11
N ILE A 85 1.93 -64.44 -40.07
CA ILE A 85 1.44 -65.09 -38.87
C ILE A 85 0.03 -65.61 -39.07
N LEU A 86 -0.86 -64.75 -39.52
CA LEU A 86 -2.28 -65.08 -39.59
C LEU A 86 -2.65 -66.33 -40.40
N PRO A 87 -1.84 -66.86 -41.33
CA PRO A 87 -2.15 -68.20 -41.82
C PRO A 87 -1.81 -69.30 -40.85
N LYS A 88 -0.94 -69.07 -39.87
CA LYS A 88 -0.47 -70.19 -39.07
C LYS A 88 -1.47 -70.65 -38.03
N GLY A 89 -2.63 -70.01 -37.95
CA GLY A 89 -3.66 -70.47 -37.05
C GLY A 89 -3.32 -70.15 -35.61
N VAL A 90 -3.27 -68.85 -35.29
CA VAL A 90 -2.70 -68.43 -33.97
C VAL A 90 -3.72 -68.02 -32.92
N VAL A 91 -3.42 -68.32 -31.65
CA VAL A 91 -4.28 -67.88 -30.52
C VAL A 91 -4.14 -66.38 -30.30
N SER A 92 -2.91 -65.86 -30.29
CA SER A 92 -2.70 -64.42 -29.97
C SER A 92 -1.26 -64.00 -30.33
N VAL A 93 -0.97 -62.70 -30.36
CA VAL A 93 0.36 -62.21 -30.77
C VAL A 93 1.04 -61.60 -29.55
N LEU A 94 2.35 -61.84 -29.45
CA LEU A 94 3.10 -61.29 -28.32
C LEU A 94 4.16 -60.42 -28.92
N GLY A 95 4.38 -59.31 -28.29
CA GLY A 95 5.39 -58.42 -28.77
C GLY A 95 4.72 -57.42 -29.63
N PRO A 96 5.47 -56.48 -30.14
CA PRO A 96 6.89 -56.28 -30.14
C PRO A 96 7.40 -55.63 -28.91
N SER A 97 8.67 -55.81 -28.61
CA SER A 97 9.15 -55.42 -27.30
C SER A 97 9.55 -53.95 -27.24
N SER A 98 10.37 -53.52 -28.18
CA SER A 98 10.97 -52.20 -28.01
C SER A 98 10.56 -51.27 -29.14
N SER A 99 10.20 -51.80 -30.27
CA SER A 99 9.74 -50.93 -31.33
C SER A 99 8.30 -50.62 -31.06
N PRO A 100 7.91 -49.40 -30.98
CA PRO A 100 6.51 -49.10 -30.72
C PRO A 100 5.64 -48.86 -31.93
N ALA A 101 6.23 -48.43 -33.04
CA ALA A 101 5.39 -48.12 -34.20
C ALA A 101 4.93 -49.47 -34.72
N SER A 102 5.81 -50.46 -34.62
CA SER A 102 5.42 -51.81 -35.06
C SER A 102 4.24 -52.23 -34.19
N ALA A 103 4.28 -51.87 -32.92
CA ALA A 103 3.20 -52.28 -31.99
C ALA A 103 1.88 -51.65 -32.41
N SER A 104 1.93 -50.41 -32.88
CA SER A 104 0.65 -49.81 -33.31
C SER A 104 0.10 -50.64 -34.47
N THR A 105 0.95 -50.99 -35.41
CA THR A 105 0.41 -51.71 -36.59
C THR A 105 -0.10 -53.10 -36.20
N VAL A 106 0.65 -53.81 -35.37
CA VAL A 106 0.19 -55.15 -34.95
C VAL A 106 -1.14 -54.95 -34.24
N SER A 107 -1.20 -53.95 -33.37
CA SER A 107 -2.43 -53.81 -32.57
C SER A 107 -3.59 -53.60 -33.52
N HIS A 108 -3.36 -52.82 -34.57
CA HIS A 108 -4.50 -52.55 -35.47
C HIS A 108 -4.89 -53.78 -36.29
N ILE A 109 -3.91 -54.56 -36.73
CA ILE A 109 -4.30 -55.77 -37.50
C ILE A 109 -5.10 -56.71 -36.60
N CYS A 110 -4.63 -56.93 -35.38
CA CYS A 110 -5.33 -57.91 -34.53
C CYS A 110 -6.65 -57.31 -34.08
N GLY A 111 -6.76 -55.99 -34.11
CA GLY A 111 -8.07 -55.45 -33.72
C GLY A 111 -9.01 -55.57 -34.88
N GLU A 112 -8.48 -55.64 -36.11
CA GLU A 112 -9.38 -55.83 -37.23
C GLU A 112 -9.70 -57.29 -37.42
N LYS A 113 -8.92 -58.18 -36.84
CA LYS A 113 -9.19 -59.59 -37.02
C LYS A 113 -9.69 -60.26 -35.76
N GLU A 114 -9.87 -59.49 -34.68
CA GLU A 114 -10.38 -59.95 -33.38
C GLU A 114 -9.55 -61.09 -32.82
N ILE A 115 -8.25 -60.95 -32.92
CA ILE A 115 -7.28 -61.82 -32.23
C ILE A 115 -6.68 -60.97 -31.12
N PRO A 116 -6.52 -61.49 -29.88
CA PRO A 116 -5.99 -60.65 -28.84
C PRO A 116 -4.55 -60.20 -29.06
N HIS A 117 -4.27 -58.96 -28.68
CA HIS A 117 -2.87 -58.49 -28.76
C HIS A 117 -2.37 -58.35 -27.33
N ILE A 118 -1.16 -58.83 -27.08
CA ILE A 118 -0.56 -58.77 -25.71
C ILE A 118 0.64 -57.85 -25.80
N LYS A 119 0.43 -56.56 -25.65
CA LYS A 119 1.54 -55.63 -25.79
C LYS A 119 2.51 -55.90 -24.68
N VAL A 120 3.81 -55.83 -24.96
CA VAL A 120 4.81 -56.12 -23.91
C VAL A 120 5.72 -54.91 -23.82
N GLY A 121 5.60 -53.99 -24.76
CA GLY A 121 6.34 -52.77 -24.65
C GLY A 121 5.30 -51.74 -24.42
N PRO A 122 5.67 -50.51 -23.99
CA PRO A 122 4.69 -49.51 -23.62
C PRO A 122 4.06 -48.87 -24.87
N GLU A 123 2.93 -48.20 -24.69
CA GLU A 123 2.30 -47.49 -25.83
C GLU A 123 2.77 -46.04 -25.84
N GLU A 124 3.92 -45.78 -26.46
CA GLU A 124 4.41 -44.37 -26.59
C GLU A 124 3.47 -43.60 -27.50
N THR A 125 3.05 -44.22 -28.61
CA THR A 125 2.19 -43.52 -29.59
C THR A 125 0.93 -43.02 -28.89
N PRO A 126 0.32 -41.90 -29.32
CA PRO A 126 -0.84 -41.38 -28.61
C PRO A 126 -1.86 -42.51 -28.64
N ARG A 127 -2.49 -42.81 -27.50
CA ARG A 127 -3.39 -43.99 -27.50
C ARG A 127 -4.70 -43.61 -28.17
N LEU A 128 -5.12 -44.40 -29.17
CA LEU A 128 -6.40 -44.15 -29.86
C LEU A 128 -7.49 -44.88 -29.06
N GLN A 129 -7.94 -44.29 -27.96
CA GLN A 129 -8.93 -44.97 -27.08
C GLN A 129 -10.21 -45.17 -27.88
N TYR A 130 -10.57 -44.20 -28.69
CA TYR A 130 -11.80 -44.29 -29.53
C TYR A 130 -11.63 -45.48 -30.45
N LEU A 131 -10.39 -45.79 -30.80
CA LEU A 131 -10.15 -46.87 -31.78
C LEU A 131 -10.26 -48.23 -31.11
N ARG A 132 -9.93 -49.28 -31.85
CA ARG A 132 -10.16 -50.65 -31.36
C ARG A 132 -9.41 -51.01 -30.08
N PHE A 133 -10.14 -51.22 -28.99
CA PHE A 133 -9.58 -51.80 -27.80
C PHE A 133 -9.53 -53.31 -28.05
N ALA A 134 -8.34 -53.80 -28.37
CA ALA A 134 -8.16 -55.23 -28.52
C ALA A 134 -6.77 -55.57 -28.01
N SER A 135 -6.40 -54.98 -26.91
CA SER A 135 -5.02 -54.97 -26.54
C SER A 135 -4.87 -55.00 -25.05
N VAL A 136 -4.44 -56.12 -24.51
CA VAL A 136 -4.12 -56.11 -23.09
C VAL A 136 -2.65 -55.79 -23.02
N SER A 137 -2.23 -55.15 -21.96
CA SER A 137 -0.98 -54.43 -22.03
C SER A 137 -0.13 -54.64 -20.81
N LEU A 138 0.67 -55.68 -20.82
CA LEU A 138 1.44 -56.06 -19.67
C LEU A 138 2.48 -55.05 -19.26
N TYR A 139 2.72 -54.01 -20.03
CA TYR A 139 3.71 -53.03 -19.50
C TYR A 139 2.96 -52.09 -18.60
N PRO A 140 3.57 -51.54 -17.54
CA PRO A 140 2.88 -50.55 -16.76
C PRO A 140 2.52 -49.44 -17.73
N SER A 141 1.39 -48.78 -17.53
CA SER A 141 0.92 -47.80 -18.55
C SER A 141 1.52 -46.43 -18.24
N ASN A 142 1.53 -45.54 -19.23
CA ASN A 142 2.26 -44.27 -19.02
C ASN A 142 1.56 -43.46 -17.93
N GLU A 143 0.24 -43.53 -17.86
CA GLU A 143 -0.36 -42.72 -16.77
C GLU A 143 0.19 -43.26 -15.45
N ASP A 144 0.16 -44.56 -15.24
CA ASP A 144 0.56 -45.09 -13.90
C ASP A 144 2.02 -44.76 -13.57
N VAL A 145 2.92 -44.82 -14.54
CA VAL A 145 4.33 -44.41 -14.25
C VAL A 145 4.27 -42.92 -13.90
N SER A 146 3.54 -42.14 -14.70
CA SER A 146 3.48 -40.72 -14.42
C SER A 146 2.98 -40.42 -13.04
N LEU A 147 1.95 -41.12 -12.61
CA LEU A 147 1.42 -40.86 -11.28
C LEU A 147 2.41 -41.26 -10.22
N ALA A 148 3.10 -42.37 -10.41
CA ALA A 148 4.06 -42.79 -9.41
C ALA A 148 5.22 -41.83 -9.32
N VAL A 149 5.61 -41.24 -10.43
CA VAL A 149 6.71 -40.29 -10.35
C VAL A 149 6.23 -39.02 -9.67
N SER A 150 4.97 -38.68 -9.86
CA SER A 150 4.44 -37.56 -9.09
C SER A 150 4.35 -37.91 -7.62
N ARG A 151 4.08 -39.16 -7.28
CA ARG A 151 3.91 -39.50 -5.89
C ARG A 151 5.24 -39.54 -5.16
N ILE A 152 6.28 -39.94 -5.87
CA ILE A 152 7.61 -39.80 -5.31
C ILE A 152 7.96 -38.34 -5.12
N LEU A 153 7.60 -37.51 -6.09
CA LEU A 153 7.88 -36.09 -5.95
C LEU A 153 7.12 -35.49 -4.78
N LYS A 154 5.94 -36.02 -4.49
CA LYS A 154 5.21 -35.56 -3.33
C LYS A 154 5.87 -36.03 -2.06
N SER A 155 6.34 -37.26 -2.02
CA SER A 155 6.97 -37.69 -0.79
C SER A 155 8.41 -37.26 -0.71
N PHE A 156 8.85 -36.39 -1.60
CA PHE A 156 9.96 -35.52 -1.31
C PHE A 156 9.52 -34.09 -1.07
N ASN A 157 8.22 -33.87 -0.78
CA ASN A 157 7.63 -32.55 -0.48
C ASN A 157 7.62 -31.58 -1.64
N TYR A 158 7.44 -32.11 -2.86
CA TYR A 158 7.53 -31.35 -4.10
C TYR A 158 8.77 -30.46 -4.17
N PRO A 159 9.97 -31.03 -4.44
CA PRO A 159 11.13 -30.19 -4.61
C PRO A 159 11.02 -29.58 -6.01
N SER A 160 11.66 -28.43 -6.23
CA SER A 160 11.69 -27.89 -7.60
C SER A 160 12.39 -28.95 -8.44
N ALA A 161 11.87 -29.29 -9.61
CA ALA A 161 12.45 -30.42 -10.35
C ALA A 161 12.63 -30.07 -11.83
N SER A 162 13.43 -30.85 -12.53
CA SER A 162 13.55 -30.65 -13.98
C SER A 162 13.44 -32.01 -14.63
N LEU A 163 12.87 -32.06 -15.81
CA LEU A 163 12.64 -33.36 -16.46
C LEU A 163 13.53 -33.41 -17.69
N ILE A 164 14.45 -34.34 -17.75
CA ILE A 164 15.27 -34.49 -18.94
C ILE A 164 14.65 -35.59 -19.76
N CYS A 165 14.23 -35.28 -20.96
CA CYS A 165 13.58 -36.26 -21.79
C CYS A 165 14.57 -36.77 -22.79
N ALA A 166 14.48 -38.03 -23.14
CA ALA A 166 15.35 -38.51 -24.19
C ALA A 166 14.93 -37.95 -25.51
N LYS A 167 13.81 -38.37 -26.01
CA LYS A 167 13.29 -37.92 -27.28
C LYS A 167 12.02 -37.15 -26.95
N ALA A 168 11.35 -36.64 -27.96
CA ALA A 168 10.21 -35.78 -27.68
C ALA A 168 9.04 -36.52 -27.10
N GLU A 169 8.95 -37.83 -27.33
CA GLU A 169 7.81 -38.59 -26.86
C GLU A 169 7.87 -38.86 -25.38
N CYS A 170 8.93 -38.41 -24.71
CA CYS A 170 8.94 -38.28 -23.27
C CYS A 170 7.77 -37.44 -22.80
N LEU A 171 7.41 -36.40 -23.54
CA LEU A 171 6.26 -35.60 -23.14
C LEU A 171 4.96 -36.36 -23.26
N LEU A 172 4.94 -37.44 -24.02
CA LEU A 172 3.72 -38.20 -24.06
C LEU A 172 3.73 -39.31 -23.04
N ARG A 173 4.90 -39.82 -22.70
CA ARG A 173 4.91 -40.85 -21.67
C ARG A 173 4.62 -40.27 -20.31
N LEU A 174 4.93 -39.00 -20.12
CA LEU A 174 4.73 -38.37 -18.83
C LEU A 174 3.73 -37.24 -18.94
N GLU A 175 2.59 -37.51 -19.56
CA GLU A 175 1.62 -36.46 -19.75
C GLU A 175 1.10 -35.97 -18.43
N GLU A 176 0.66 -36.91 -17.59
CA GLU A 176 -0.02 -36.53 -16.36
C GLU A 176 0.96 -35.96 -15.35
N LEU A 177 2.23 -36.27 -15.51
CA LEU A 177 3.21 -35.64 -14.67
C LEU A 177 3.30 -34.17 -14.99
N VAL A 178 3.29 -33.83 -16.26
CA VAL A 178 3.44 -32.44 -16.61
C VAL A 178 2.19 -31.66 -16.26
N ARG A 179 1.05 -32.08 -16.77
CA ARG A 179 -0.12 -31.27 -16.57
C ARG A 179 -0.73 -31.42 -15.19
N GLY A 180 -0.09 -32.14 -14.30
CA GLY A 180 -0.41 -32.01 -12.91
C GLY A 180 0.42 -30.99 -12.21
N PHE A 181 1.19 -30.22 -12.95
CA PHE A 181 2.19 -29.36 -12.37
C PHE A 181 2.25 -28.06 -13.14
N LEU A 182 2.51 -26.99 -12.42
CA LEU A 182 2.94 -25.75 -13.03
C LEU A 182 4.23 -25.99 -13.76
N ILE A 183 4.51 -25.21 -14.79
CA ILE A 183 5.75 -25.36 -15.52
C ILE A 183 6.55 -24.09 -15.38
N SER A 184 7.53 -24.08 -14.49
CA SER A 184 8.31 -22.90 -14.30
C SER A 184 9.69 -23.30 -13.87
N LYS A 185 10.54 -22.31 -13.62
CA LYS A 185 11.85 -22.60 -13.06
C LYS A 185 11.74 -23.04 -11.62
N GLU A 186 10.61 -22.75 -10.99
CA GLU A 186 10.47 -23.07 -9.58
C GLU A 186 9.68 -24.34 -9.36
N THR A 187 9.03 -24.90 -10.36
CA THR A 187 8.26 -26.09 -10.10
C THR A 187 8.71 -27.27 -10.95
N LEU A 188 8.69 -27.17 -12.26
CA LEU A 188 9.07 -28.28 -13.11
C LEU A 188 9.48 -27.76 -14.46
N SER A 189 10.75 -27.59 -14.68
CA SER A 189 11.20 -27.23 -16.01
C SER A 189 11.22 -28.47 -16.86
N VAL A 190 11.46 -28.33 -18.15
CA VAL A 190 11.67 -29.46 -19.04
C VAL A 190 12.88 -29.18 -19.87
N ARG A 191 13.78 -30.12 -20.00
CA ARG A 191 14.81 -29.95 -21.00
C ARG A 191 14.89 -31.22 -21.79
N MET A 192 15.43 -31.14 -22.97
CA MET A 192 15.51 -32.32 -23.82
C MET A 192 16.86 -32.41 -24.45
N LEU A 193 17.24 -33.63 -24.78
CA LEU A 193 18.47 -33.80 -25.51
C LEU A 193 18.27 -33.32 -26.91
N ASP A 194 19.38 -32.94 -27.51
CA ASP A 194 19.45 -32.55 -28.90
C ASP A 194 19.62 -33.79 -29.76
N ASP A 195 19.99 -33.58 -31.01
CA ASP A 195 20.37 -34.71 -31.85
C ASP A 195 21.74 -35.25 -31.43
N SER A 196 22.62 -34.37 -30.94
CA SER A 196 23.99 -34.78 -30.67
C SER A 196 24.04 -35.69 -29.47
N ARG A 197 23.08 -35.52 -28.56
CA ARG A 197 22.94 -36.32 -27.35
C ARG A 197 24.18 -36.21 -26.47
N ASP A 198 24.60 -34.98 -26.21
CA ASP A 198 25.58 -34.73 -25.18
C ASP A 198 24.93 -33.87 -24.10
N PRO A 199 24.57 -34.42 -22.94
CA PRO A 199 23.71 -33.73 -22.00
C PRO A 199 24.43 -32.77 -21.08
N THR A 200 25.66 -32.45 -21.39
CA THR A 200 26.37 -31.49 -20.57
C THR A 200 25.74 -30.10 -20.49
N PRO A 201 25.18 -29.49 -21.55
CA PRO A 201 24.57 -28.18 -21.34
C PRO A 201 23.31 -28.18 -20.49
N LEU A 202 22.44 -29.17 -20.66
CA LEU A 202 21.24 -29.22 -19.84
C LEU A 202 21.60 -29.47 -18.41
N LEU A 203 22.61 -30.31 -18.19
CA LEU A 203 23.08 -30.50 -16.84
C LEU A 203 23.63 -29.21 -16.27
N LYS A 204 24.35 -28.46 -17.11
CA LYS A 204 24.96 -27.22 -16.69
C LYS A 204 23.89 -26.21 -16.29
N GLU A 205 22.86 -26.15 -17.11
CA GLU A 205 21.76 -25.21 -16.83
C GLU A 205 21.11 -25.64 -15.52
N ILE A 206 20.98 -26.94 -15.30
CA ILE A 206 20.22 -27.37 -14.10
C ILE A 206 20.95 -26.84 -12.86
N ARG A 207 22.28 -26.92 -12.83
CA ARG A 207 23.00 -26.50 -11.60
C ARG A 207 22.73 -25.02 -11.39
N ASP A 208 22.70 -24.26 -12.48
CA ASP A 208 22.54 -22.79 -12.37
C ASP A 208 21.20 -22.49 -11.72
N ASP A 209 20.18 -23.26 -12.08
CA ASP A 209 18.84 -22.97 -11.54
C ASP A 209 18.67 -23.71 -10.20
N LYS A 210 19.71 -24.44 -9.76
CA LYS A 210 19.66 -25.14 -8.45
C LYS A 210 18.43 -26.05 -8.41
N VAL A 211 18.22 -26.80 -9.48
CA VAL A 211 17.09 -27.76 -9.48
C VAL A 211 17.62 -29.08 -8.91
N SER A 212 17.20 -29.40 -7.69
CA SER A 212 17.70 -30.60 -7.00
C SER A 212 17.28 -31.91 -7.65
N THR A 213 16.05 -32.03 -8.11
CA THR A 213 15.59 -33.36 -8.59
C THR A 213 15.53 -33.42 -10.12
N ILE A 214 16.32 -34.30 -10.72
CA ILE A 214 16.37 -34.36 -12.20
C ILE A 214 15.71 -35.65 -12.67
N ILE A 215 14.42 -35.61 -12.99
CA ILE A 215 13.76 -36.80 -13.51
C ILE A 215 14.34 -37.10 -14.87
N ILE A 216 14.88 -38.28 -15.02
CA ILE A 216 15.49 -38.68 -16.27
C ILE A 216 14.49 -39.59 -16.92
N ASP A 217 14.52 -39.70 -18.24
CA ASP A 217 13.60 -40.56 -18.97
C ASP A 217 14.20 -40.97 -20.29
N ALA A 218 14.60 -42.22 -20.41
CA ALA A 218 15.30 -42.61 -21.62
C ALA A 218 15.34 -44.12 -21.71
N ASN A 219 15.73 -44.62 -22.87
CA ASN A 219 16.25 -45.97 -22.88
C ASN A 219 17.58 -46.01 -22.15
N ALA A 220 17.95 -47.23 -21.75
CA ALA A 220 18.93 -47.44 -20.69
C ALA A 220 20.27 -46.80 -21.01
N SER A 221 20.65 -46.83 -22.27
CA SER A 221 21.93 -46.24 -22.63
C SER A 221 21.91 -44.73 -22.47
N ILE A 222 20.78 -44.09 -22.71
CA ILE A 222 20.83 -42.63 -22.66
C ILE A 222 20.65 -42.16 -21.24
N SER A 223 19.95 -42.93 -20.42
CA SER A 223 19.97 -42.64 -19.00
C SER A 223 21.38 -42.80 -18.43
N HIS A 224 22.08 -43.81 -18.89
CA HIS A 224 23.43 -44.03 -18.41
C HIS A 224 24.38 -42.93 -18.85
N LEU A 225 24.23 -42.43 -20.07
CA LEU A 225 25.02 -41.30 -20.51
C LEU A 225 24.79 -40.10 -19.67
N VAL A 226 23.54 -39.86 -19.31
CA VAL A 226 23.24 -38.62 -18.55
C VAL A 226 23.72 -38.79 -17.12
N LEU A 227 23.91 -40.02 -16.64
CA LEU A 227 24.48 -40.16 -15.27
C LEU A 227 26.02 -40.09 -15.29
N ARG A 228 26.69 -40.60 -16.33
CA ARG A 228 28.16 -40.45 -16.35
C ARG A 228 28.48 -38.97 -16.40
N LYS A 229 27.78 -38.21 -17.23
CA LYS A 229 28.07 -36.77 -17.39
C LYS A 229 27.83 -36.10 -16.05
N ALA A 230 26.82 -36.56 -15.31
CA ALA A 230 26.53 -35.97 -13.99
C ALA A 230 27.71 -36.16 -13.04
N SER A 231 28.36 -37.32 -13.10
CA SER A 231 29.57 -37.55 -12.26
C SER A 231 30.67 -36.57 -12.64
N GLU A 232 30.85 -36.34 -13.95
CA GLU A 232 31.95 -35.45 -14.39
C GLU A 232 31.66 -34.08 -13.80
N LEU A 233 30.41 -33.64 -13.85
CA LEU A 233 30.04 -32.37 -13.19
C LEU A 233 30.23 -32.57 -11.68
N GLY A 234 30.06 -33.80 -11.20
CA GLY A 234 30.22 -34.09 -9.77
C GLY A 234 28.92 -33.90 -9.01
N MET A 235 27.82 -33.68 -9.73
CA MET A 235 26.52 -33.43 -9.10
C MET A 235 25.89 -34.75 -8.64
N THR A 236 26.68 -35.80 -8.46
CA THR A 236 26.08 -37.11 -8.13
C THR A 236 26.02 -37.29 -6.62
N SER A 237 26.28 -36.22 -5.87
CA SER A 237 26.35 -36.29 -4.38
C SER A 237 24.95 -36.32 -3.78
N ALA A 238 24.87 -36.29 -2.46
CA ALA A 238 23.58 -36.38 -1.77
C ALA A 238 22.67 -35.21 -2.13
N PHE A 239 23.22 -34.10 -2.61
CA PHE A 239 22.34 -32.93 -2.81
C PHE A 239 21.40 -33.13 -4.01
N TYR A 240 21.90 -33.47 -5.20
CA TYR A 240 21.00 -33.74 -6.34
C TYR A 240 20.28 -35.08 -6.16
N LYS A 241 19.04 -35.20 -6.64
CA LYS A 241 18.27 -36.47 -6.53
C LYS A 241 17.80 -36.89 -7.92
N TYR A 242 18.13 -38.11 -8.33
CA TYR A 242 17.77 -38.62 -9.64
C TYR A 242 16.57 -39.53 -9.48
N ILE A 243 15.55 -39.36 -10.31
CA ILE A 243 14.39 -40.30 -10.27
C ILE A 243 14.31 -40.96 -11.62
N LEU A 244 15.24 -41.87 -11.94
CA LEU A 244 15.24 -42.45 -13.30
C LEU A 244 13.90 -43.17 -13.49
N THR A 245 13.21 -42.92 -14.61
CA THR A 245 11.86 -43.50 -14.78
C THR A 245 11.93 -44.77 -15.59
N THR A 246 13.07 -45.05 -16.20
CA THR A 246 13.09 -46.24 -17.07
C THR A 246 12.75 -47.41 -16.19
N MET A 247 11.90 -48.31 -16.66
CA MET A 247 11.46 -49.43 -15.78
C MET A 247 12.52 -50.51 -15.91
N ASP A 248 13.66 -50.16 -16.52
CA ASP A 248 14.78 -51.11 -16.62
C ASP A 248 15.86 -50.69 -15.61
N PHE A 249 15.49 -49.94 -14.58
CA PHE A 249 16.49 -49.43 -13.61
C PHE A 249 17.28 -50.57 -12.97
N PRO A 250 16.72 -51.75 -12.66
CA PRO A 250 17.53 -52.81 -12.10
C PRO A 250 18.67 -53.17 -13.05
N ILE A 251 18.39 -53.22 -14.35
CA ILE A 251 19.41 -53.64 -15.35
C ILE A 251 20.55 -52.63 -15.47
N LEU A 252 20.26 -51.33 -15.42
CA LEU A 252 21.36 -50.37 -15.69
C LEU A 252 22.44 -50.67 -14.68
N HIS A 253 23.67 -50.92 -15.15
CA HIS A 253 24.77 -51.11 -14.17
C HIS A 253 25.44 -49.75 -13.98
N LEU A 254 26.03 -49.52 -12.82
CA LEU A 254 26.54 -48.20 -12.54
C LEU A 254 27.88 -48.27 -11.87
N ASP A 255 28.82 -49.01 -12.45
CA ASP A 255 30.17 -49.04 -11.91
C ASP A 255 30.87 -47.70 -12.10
N GLY A 256 31.40 -47.18 -11.00
CA GLY A 256 32.24 -46.01 -11.00
C GLY A 256 31.53 -44.69 -11.09
N ILE A 257 30.24 -44.69 -11.38
CA ILE A 257 29.53 -43.45 -11.64
C ILE A 257 28.57 -43.10 -10.52
N VAL A 258 28.10 -44.11 -9.80
CA VAL A 258 27.22 -43.86 -8.62
C VAL A 258 28.10 -43.40 -7.47
N GLU A 259 27.66 -42.40 -6.72
CA GLU A 259 28.41 -41.96 -5.52
C GLU A 259 28.07 -42.94 -4.38
N ASP A 260 28.88 -42.94 -3.32
CA ASP A 260 28.66 -43.90 -2.22
C ASP A 260 27.30 -43.66 -1.58
N SER A 261 26.93 -42.39 -1.38
CA SER A 261 25.64 -42.09 -0.69
C SER A 261 24.65 -41.52 -1.69
N SER A 262 24.87 -41.75 -2.98
CA SER A 262 24.02 -41.11 -4.01
C SER A 262 22.55 -41.52 -3.93
N ASN A 263 21.67 -40.57 -4.25
CA ASN A 263 20.25 -40.96 -4.29
C ASN A 263 19.89 -41.13 -5.75
N ILE A 264 19.54 -42.35 -6.13
CA ILE A 264 19.12 -42.63 -7.53
C ILE A 264 17.86 -43.49 -7.40
N LEU A 265 16.73 -42.89 -7.04
CA LEU A 265 15.49 -43.70 -6.98
C LEU A 265 15.17 -44.21 -8.38
N GLY A 266 14.63 -45.42 -8.51
CA GLY A 266 14.25 -45.99 -9.82
C GLY A 266 13.02 -46.88 -9.66
N PHE A 267 12.43 -47.41 -10.72
CA PHE A 267 11.29 -48.35 -10.49
C PHE A 267 11.56 -49.70 -11.12
N SER A 268 11.39 -50.80 -10.42
CA SER A 268 11.55 -52.12 -11.07
C SER A 268 10.29 -52.90 -10.79
N MET A 269 9.78 -53.64 -11.77
CA MET A 269 8.47 -54.31 -11.53
C MET A 269 8.72 -55.76 -11.15
N PHE A 270 9.96 -56.17 -11.07
CA PHE A 270 10.21 -57.61 -10.84
C PHE A 270 9.81 -58.05 -9.45
N ASN A 271 9.38 -59.30 -9.30
CA ASN A 271 9.10 -59.86 -7.94
C ASN A 271 10.16 -60.92 -7.72
N THR A 272 11.21 -60.58 -6.97
CA THR A 272 12.33 -61.51 -6.80
C THR A 272 11.84 -62.77 -6.08
N SER A 273 10.81 -62.66 -5.28
CA SER A 273 10.42 -63.84 -4.48
C SER A 273 10.00 -64.97 -5.39
N HIS A 274 9.51 -64.68 -6.59
CA HIS A 274 8.93 -65.77 -7.42
C HIS A 274 9.94 -66.91 -7.52
N PRO A 275 9.50 -68.17 -7.34
CA PRO A 275 10.42 -69.28 -7.30
C PRO A 275 11.23 -69.34 -8.59
N PHE A 276 10.60 -69.02 -9.72
CA PHE A 276 11.33 -69.14 -11.02
C PHE A 276 12.36 -68.01 -11.17
N TYR A 277 12.28 -66.95 -10.38
CA TYR A 277 13.23 -65.83 -10.64
C TYR A 277 14.66 -66.32 -10.51
N PRO A 278 15.08 -67.10 -9.49
CA PRO A 278 16.47 -67.52 -9.47
C PRO A 278 16.86 -68.33 -10.71
N GLU A 279 16.06 -69.32 -11.08
CA GLU A 279 16.45 -70.19 -12.22
C GLU A 279 16.46 -69.40 -13.53
N PHE A 280 15.42 -68.60 -13.74
CA PHE A 280 15.32 -67.87 -15.02
C PHE A 280 16.49 -66.90 -15.08
N VAL A 281 16.82 -66.27 -13.96
CA VAL A 281 17.87 -65.23 -14.08
C VAL A 281 19.13 -66.02 -14.34
N ARG A 282 19.13 -67.29 -13.94
CA ARG A 282 20.31 -68.14 -14.27
C ARG A 282 20.27 -68.57 -15.74
N SER A 283 19.12 -68.99 -16.24
CA SER A 283 19.11 -69.49 -17.63
C SER A 283 19.43 -68.33 -18.57
N LEU A 284 18.82 -67.19 -18.33
CA LEU A 284 19.15 -66.01 -19.16
C LEU A 284 20.62 -65.68 -18.87
N ASN A 285 21.07 -65.87 -17.64
CA ASN A 285 22.47 -65.54 -17.28
C ASN A 285 23.44 -66.39 -18.09
N MET A 286 23.13 -67.66 -18.27
CA MET A 286 24.12 -68.54 -18.94
C MET A 286 24.03 -68.25 -20.43
N SER A 287 22.83 -68.15 -20.96
CA SER A 287 22.70 -67.79 -22.37
C SER A 287 23.51 -66.54 -22.67
N TRP A 288 23.49 -65.57 -21.78
CA TRP A 288 24.28 -64.38 -22.04
C TRP A 288 25.76 -64.68 -21.93
N ARG A 289 26.12 -65.50 -20.94
CA ARG A 289 27.52 -65.79 -20.69
C ARG A 289 28.10 -66.63 -21.81
N GLU A 290 27.26 -67.44 -22.44
CA GLU A 290 27.74 -68.28 -23.52
C GLU A 290 27.82 -67.50 -24.81
N ASN A 291 26.90 -66.61 -25.06
CA ASN A 291 26.82 -66.00 -26.36
C ASN A 291 27.56 -64.68 -26.43
N CYS A 292 27.82 -64.04 -25.30
CA CYS A 292 28.20 -62.64 -25.30
C CYS A 292 29.39 -62.40 -24.42
N GLU A 293 30.48 -63.17 -24.63
CA GLU A 293 31.62 -63.09 -23.72
C GLU A 293 32.41 -61.79 -23.84
N ALA A 294 31.98 -60.88 -24.70
CA ALA A 294 32.47 -59.51 -24.65
C ALA A 294 32.18 -58.87 -23.31
N SER A 295 30.95 -58.98 -22.83
CA SER A 295 30.52 -58.20 -21.68
C SER A 295 30.07 -59.11 -20.55
N THR A 296 29.42 -58.52 -19.53
CA THR A 296 28.91 -59.33 -18.40
C THR A 296 27.37 -59.20 -18.35
N TYR A 297 26.67 -60.22 -17.85
CA TYR A 297 25.19 -60.20 -17.80
C TYR A 297 24.78 -59.10 -16.84
N PRO A 298 23.94 -58.15 -17.26
CA PRO A 298 23.54 -57.06 -16.39
C PRO A 298 22.33 -57.52 -15.60
N GLY A 299 21.88 -58.75 -15.82
CA GLY A 299 20.68 -59.25 -15.13
C GLY A 299 19.48 -59.30 -16.04
N PRO A 300 18.30 -59.72 -15.57
CA PRO A 300 17.17 -59.86 -16.45
C PRO A 300 16.71 -58.48 -16.91
N ALA A 301 16.24 -58.41 -18.15
CA ALA A 301 15.68 -57.14 -18.65
C ALA A 301 14.17 -57.25 -18.49
N LEU A 302 13.47 -56.15 -18.32
CA LEU A 302 12.06 -56.29 -18.00
C LEU A 302 11.29 -56.93 -19.14
N SER A 303 11.72 -56.71 -20.38
CA SER A 303 11.00 -57.28 -21.48
C SER A 303 11.11 -58.78 -21.51
N ALA A 304 12.18 -59.31 -20.93
CA ALA A 304 12.28 -60.78 -21.03
C ALA A 304 11.24 -61.33 -20.08
N ALA A 305 11.07 -60.66 -18.96
CA ALA A 305 10.13 -61.17 -17.96
C ALA A 305 8.69 -61.01 -18.43
N LEU A 306 8.35 -59.85 -18.96
CA LEU A 306 6.93 -59.62 -19.30
C LEU A 306 6.55 -60.68 -20.33
N MET A 307 7.46 -60.97 -21.25
CA MET A 307 7.16 -62.05 -22.23
C MET A 307 6.99 -63.39 -21.51
N PHE A 308 7.84 -63.72 -20.54
CA PHE A 308 7.57 -64.99 -19.84
C PHE A 308 6.22 -64.87 -19.16
N ASP A 309 5.97 -63.72 -18.52
CA ASP A 309 4.70 -63.58 -17.78
C ASP A 309 3.54 -63.65 -18.76
N ALA A 310 3.70 -63.15 -19.97
CA ALA A 310 2.52 -63.11 -20.84
C ALA A 310 2.31 -64.53 -21.34
N VAL A 311 3.38 -65.23 -21.70
CA VAL A 311 3.08 -66.59 -22.23
C VAL A 311 2.28 -67.26 -21.13
N HIS A 312 2.68 -67.08 -19.89
CA HIS A 312 1.92 -67.79 -18.83
C HIS A 312 0.47 -67.30 -18.86
N VAL A 313 0.23 -66.00 -19.06
CA VAL A 313 -1.14 -65.43 -19.00
C VAL A 313 -2.00 -65.96 -20.15
N VAL A 314 -1.48 -65.94 -21.37
CA VAL A 314 -2.36 -66.32 -22.50
C VAL A 314 -2.52 -67.84 -22.49
N VAL A 315 -1.58 -68.56 -21.90
CA VAL A 315 -1.85 -70.02 -21.79
C VAL A 315 -2.99 -70.15 -20.80
N SER A 316 -2.94 -69.35 -19.74
CA SER A 316 -3.98 -69.52 -18.67
C SER A 316 -5.39 -69.15 -19.13
N ALA A 317 -5.58 -67.99 -19.75
CA ALA A 317 -6.96 -67.61 -20.07
C ALA A 317 -7.53 -68.59 -21.09
N VAL A 318 -6.74 -68.93 -22.09
CA VAL A 318 -7.27 -69.81 -23.16
C VAL A 318 -7.64 -71.16 -22.54
N ARG A 319 -6.82 -71.66 -21.62
CA ARG A 319 -7.20 -72.93 -20.94
C ARG A 319 -8.53 -72.74 -20.21
N GLU A 320 -8.71 -71.62 -19.51
CA GLU A 320 -10.03 -71.34 -18.86
C GLU A 320 -11.15 -71.30 -19.90
N LEU A 321 -10.87 -70.78 -21.10
CA LEU A 321 -11.96 -70.62 -22.09
C LEU A 321 -12.18 -71.99 -22.72
N ASN A 322 -11.09 -72.78 -22.84
CA ASN A 322 -11.23 -74.13 -23.34
C ASN A 322 -11.93 -75.04 -22.35
N ARG A 323 -11.89 -74.72 -21.06
CA ARG A 323 -12.68 -75.51 -20.14
C ARG A 323 -14.18 -75.25 -20.24
N SER A 324 -14.62 -74.19 -20.94
CA SER A 324 -16.06 -73.94 -21.04
C SER A 324 -16.59 -73.92 -22.44
N GLN A 325 -16.06 -73.08 -23.33
CA GLN A 325 -16.56 -73.01 -24.69
C GLN A 325 -15.72 -73.91 -25.55
N GLU A 326 -15.97 -73.86 -26.84
CA GLU A 326 -15.21 -74.66 -27.76
C GLU A 326 -14.35 -73.75 -28.63
N ILE A 327 -13.04 -73.91 -28.53
CA ILE A 327 -12.07 -73.02 -29.18
C ILE A 327 -11.70 -73.61 -30.52
N GLY A 328 -12.14 -72.94 -31.57
CA GLY A 328 -11.79 -73.30 -32.92
C GLY A 328 -10.85 -72.25 -33.48
N VAL A 329 -9.79 -72.70 -34.12
CA VAL A 329 -8.94 -71.80 -34.86
C VAL A 329 -8.80 -72.30 -36.29
N LYS A 330 -9.06 -71.41 -37.22
CA LYS A 330 -9.04 -71.68 -38.64
C LYS A 330 -8.17 -70.63 -39.29
N PRO A 331 -7.40 -71.01 -40.31
CA PRO A 331 -6.35 -70.13 -40.81
C PRO A 331 -6.93 -68.92 -41.50
N LEU A 332 -6.28 -67.79 -41.30
CA LEU A 332 -6.73 -66.53 -41.83
C LEU A 332 -5.73 -66.05 -42.85
N ALA A 333 -6.02 -64.91 -43.44
CA ALA A 333 -5.07 -64.20 -44.26
C ALA A 333 -5.43 -62.74 -44.21
N CYS A 334 -4.52 -61.90 -44.65
CA CYS A 334 -4.81 -60.47 -44.62
C CYS A 334 -5.87 -60.12 -45.65
N THR A 335 -5.95 -60.90 -46.73
CA THR A 335 -6.88 -60.57 -47.80
C THR A 335 -8.33 -60.76 -47.39
N SER A 336 -8.61 -61.75 -46.57
CA SER A 336 -9.99 -62.08 -46.27
C SER A 336 -10.49 -61.21 -45.14
N ALA A 337 -11.78 -61.30 -44.88
CA ALA A 337 -12.42 -60.80 -43.69
C ALA A 337 -12.79 -61.85 -42.79
N ASN A 338 -12.20 -63.02 -42.98
CA ASN A 338 -12.37 -64.08 -42.01
C ASN A 338 -11.83 -63.64 -40.68
N ILE A 339 -12.73 -63.32 -39.77
CA ILE A 339 -12.35 -62.96 -38.42
C ILE A 339 -12.47 -64.22 -37.57
N TRP A 340 -11.47 -64.39 -36.72
CA TRP A 340 -11.46 -65.51 -35.80
C TRP A 340 -12.64 -65.30 -34.86
N PRO A 341 -13.59 -66.22 -34.82
CA PRO A 341 -14.88 -65.90 -34.20
C PRO A 341 -14.80 -65.72 -32.71
N HIS A 342 -13.92 -66.44 -32.02
CA HIS A 342 -13.91 -66.48 -30.57
C HIS A 342 -13.22 -65.30 -29.93
N GLY A 343 -13.09 -64.19 -30.63
CA GLY A 343 -12.19 -63.14 -30.19
C GLY A 343 -12.61 -62.47 -28.91
N THR A 344 -13.76 -61.81 -28.91
CA THR A 344 -14.12 -61.00 -27.75
C THR A 344 -14.40 -61.88 -26.56
N SER A 345 -14.79 -63.13 -26.80
CA SER A 345 -14.86 -64.08 -25.71
C SER A 345 -13.47 -64.32 -25.13
N LEU A 346 -12.46 -64.44 -26.00
CA LEU A 346 -11.11 -64.60 -25.49
C LEU A 346 -10.65 -63.32 -24.79
N MET A 347 -11.09 -62.18 -25.32
CA MET A 347 -10.54 -60.92 -24.76
C MET A 347 -11.25 -60.71 -23.44
N ASN A 348 -12.54 -61.03 -23.39
CA ASN A 348 -13.23 -60.91 -22.08
C ASN A 348 -12.48 -61.85 -21.13
N TYR A 349 -12.16 -63.05 -21.61
CA TYR A 349 -11.49 -64.03 -20.72
C TYR A 349 -10.10 -63.51 -20.33
N LEU A 350 -9.37 -62.92 -21.28
CA LEU A 350 -7.98 -62.50 -20.97
C LEU A 350 -8.02 -61.41 -19.89
N ARG A 351 -8.96 -60.47 -20.00
CA ARG A 351 -8.97 -59.36 -19.04
C ARG A 351 -9.22 -59.92 -17.65
N MET A 352 -9.94 -61.04 -17.56
CA MET A 352 -10.31 -61.57 -16.23
C MET A 352 -9.13 -62.25 -15.54
N VAL A 353 -8.20 -62.85 -16.29
CA VAL A 353 -7.13 -63.70 -15.68
C VAL A 353 -6.22 -62.96 -14.70
N GLU A 354 -5.87 -63.65 -13.61
CA GLU A 354 -4.89 -63.08 -12.66
C GLU A 354 -3.76 -64.09 -12.51
N TYR A 355 -2.53 -63.73 -12.88
CA TYR A 355 -1.41 -64.66 -12.68
C TYR A 355 -0.31 -63.97 -11.91
N ASP A 356 0.16 -64.56 -10.82
CA ASP A 356 1.32 -63.94 -10.15
C ASP A 356 2.55 -64.59 -10.76
N GLY A 357 3.54 -63.80 -11.18
CA GLY A 357 4.69 -64.38 -11.90
C GLY A 357 5.93 -63.55 -11.78
N LEU A 358 6.89 -63.74 -12.68
CA LEU A 358 8.18 -63.04 -12.59
C LEU A 358 7.92 -61.54 -12.60
N THR A 359 6.87 -61.06 -13.27
CA THR A 359 6.67 -59.59 -13.20
C THR A 359 5.69 -59.21 -12.10
N GLY A 360 5.31 -60.14 -11.24
CA GLY A 360 4.43 -59.76 -10.11
C GLY A 360 2.99 -60.12 -10.38
N ARG A 361 2.06 -59.43 -9.73
CA ARG A 361 0.62 -59.70 -9.94
C ARG A 361 0.27 -59.22 -11.34
N VAL A 362 -0.42 -60.04 -12.13
CA VAL A 362 -0.82 -59.55 -13.47
C VAL A 362 -2.34 -59.59 -13.54
N GLU A 363 -3.02 -58.45 -13.47
CA GLU A 363 -4.50 -58.38 -13.56
C GLU A 363 -4.79 -57.28 -14.57
N PHE A 364 -6.05 -57.01 -14.90
CA PHE A 364 -6.30 -56.04 -15.95
C PHE A 364 -7.67 -55.42 -15.73
N ASN A 365 -7.73 -54.10 -15.81
CA ASN A 365 -9.06 -53.53 -15.73
C ASN A 365 -9.67 -53.51 -17.11
N SER A 366 -10.76 -52.78 -17.22
CA SER A 366 -11.54 -52.84 -18.44
C SER A 366 -10.87 -52.11 -19.58
N LYS A 367 -9.92 -51.25 -19.29
CA LYS A 367 -9.27 -50.56 -20.37
C LYS A 367 -8.12 -51.34 -20.98
N GLY A 368 -7.93 -52.59 -20.54
CA GLY A 368 -6.81 -53.37 -21.06
C GLY A 368 -5.50 -53.10 -20.33
N GLN A 369 -5.44 -52.08 -19.46
CA GLN A 369 -4.13 -51.77 -18.82
C GLN A 369 -3.84 -52.81 -17.75
N ARG A 370 -2.73 -52.67 -17.02
CA ARG A 370 -2.45 -53.61 -15.92
C ARG A 370 -2.68 -52.87 -14.61
N THR A 371 -3.41 -53.47 -13.67
CA THR A 371 -3.75 -52.79 -12.39
C THR A 371 -3.44 -53.71 -11.22
N ASN A 372 -3.42 -53.18 -10.00
CA ASN A 372 -3.06 -53.97 -8.81
C ASN A 372 -1.63 -54.50 -8.94
N TYR A 373 -0.69 -53.65 -9.38
CA TYR A 373 0.68 -54.15 -9.62
C TYR A 373 1.67 -53.43 -8.71
N THR A 374 2.80 -54.09 -8.43
CA THR A 374 3.78 -53.51 -7.48
C THR A 374 4.99 -52.95 -8.22
N LEU A 375 5.24 -51.65 -8.11
CA LEU A 375 6.49 -51.12 -8.71
C LEU A 375 7.43 -51.00 -7.52
N ARG A 376 8.46 -51.84 -7.42
CA ARG A 376 9.34 -51.79 -6.24
C ARG A 376 10.30 -50.63 -6.48
N ILE A 377 10.25 -49.58 -5.67
CA ILE A 377 11.04 -48.33 -5.91
C ILE A 377 12.49 -48.54 -5.52
N LEU A 378 13.24 -49.29 -6.31
CA LEU A 378 14.63 -49.63 -5.94
C LEU A 378 15.46 -48.37 -5.81
N GLU A 379 16.25 -48.27 -4.75
CA GLU A 379 17.19 -47.13 -4.62
C GLU A 379 18.57 -47.68 -4.92
N LYS A 380 19.25 -47.08 -5.88
CA LYS A 380 20.53 -47.65 -6.30
C LYS A 380 21.58 -47.39 -5.25
N SER A 381 22.68 -48.13 -5.34
CA SER A 381 23.83 -47.90 -4.43
C SER A 381 25.03 -48.57 -5.06
N ARG A 382 26.23 -48.24 -4.58
CA ARG A 382 27.42 -48.90 -5.07
C ARG A 382 27.18 -50.38 -5.25
N GLN A 383 26.33 -50.95 -4.41
CA GLN A 383 26.40 -52.38 -4.11
C GLN A 383 24.99 -52.87 -3.81
N GLY A 384 24.37 -53.43 -4.84
CA GLY A 384 23.01 -53.93 -4.75
C GLY A 384 22.00 -52.81 -4.73
N HIS A 385 20.76 -53.17 -4.50
CA HIS A 385 19.79 -52.13 -4.34
C HIS A 385 18.99 -52.40 -3.09
N ARG A 386 18.76 -51.35 -2.35
CA ARG A 386 17.84 -51.44 -1.25
C ARG A 386 16.46 -51.14 -1.79
N GLU A 387 15.58 -52.09 -1.68
CA GLU A 387 14.20 -51.84 -1.99
C GLU A 387 13.65 -50.90 -0.94
N ILE A 388 13.53 -49.63 -1.28
CA ILE A 388 13.10 -48.66 -0.30
C ILE A 388 11.63 -48.38 -0.40
N GLY A 389 10.87 -49.28 -1.00
CA GLY A 389 9.45 -49.20 -0.82
C GLY A 389 8.59 -49.69 -1.95
N VAL A 390 7.44 -50.25 -1.62
CA VAL A 390 6.46 -50.68 -2.66
C VAL A 390 5.73 -49.45 -3.17
N TRP A 391 5.12 -49.52 -4.35
CA TRP A 391 4.21 -48.44 -4.83
C TRP A 391 2.98 -49.21 -5.26
N TYR A 392 2.19 -49.68 -4.32
CA TYR A 392 1.03 -50.52 -4.74
C TYR A 392 0.28 -49.64 -5.74
N SER A 393 -0.20 -50.19 -6.85
CA SER A 393 -0.78 -49.34 -7.93
C SER A 393 -1.98 -48.52 -7.48
N ASN A 394 -2.90 -49.13 -6.74
CA ASN A 394 -4.12 -48.37 -6.38
C ASN A 394 -3.70 -47.30 -5.37
N ARG A 395 -2.95 -47.71 -4.34
CA ARG A 395 -2.53 -46.76 -3.29
C ARG A 395 -1.60 -45.76 -3.93
N THR A 396 -1.57 -44.54 -3.44
CA THR A 396 -0.55 -43.63 -4.02
C THR A 396 0.85 -44.05 -3.59
N LEU A 397 1.11 -44.45 -2.34
CA LEU A 397 2.48 -44.92 -2.00
C LEU A 397 2.46 -45.73 -0.71
N ALA A 398 3.50 -46.53 -0.45
CA ALA A 398 3.61 -47.25 0.84
C ALA A 398 5.07 -47.20 1.30
N MET A 399 5.88 -46.35 0.67
CA MET A 399 7.33 -46.27 1.00
C MET A 399 7.55 -46.59 2.48
N THR A 416 37.10 -36.94 3.79
CA THR A 416 37.27 -35.83 4.71
C THR A 416 36.10 -34.86 4.60
N LEU A 417 35.67 -34.36 5.75
CA LEU A 417 34.66 -33.32 5.82
C LEU A 417 35.26 -32.04 5.29
N VAL A 418 34.51 -31.33 4.45
CA VAL A 418 34.98 -30.05 3.95
C VAL A 418 34.86 -29.04 5.07
N VAL A 419 35.98 -28.78 5.74
CA VAL A 419 36.03 -27.90 6.90
C VAL A 419 36.52 -26.55 6.42
N THR A 420 35.58 -25.68 6.09
CA THR A 420 35.90 -24.38 5.52
C THR A 420 36.07 -23.37 6.64
N THR A 421 36.95 -22.40 6.42
CA THR A 421 37.25 -21.41 7.44
C THR A 421 37.79 -20.16 6.78
N ILE A 422 37.65 -19.04 7.49
CA ILE A 422 38.37 -17.81 7.20
C ILE A 422 39.13 -17.44 8.46
N LEU A 423 40.46 -17.47 8.35
CA LEU A 423 41.34 -17.46 9.51
C LEU A 423 41.28 -16.11 10.20
N GLU A 424 40.85 -16.10 11.46
CA GLU A 424 40.78 -14.89 12.25
C GLU A 424 41.55 -15.12 13.53
N ASN A 425 42.65 -14.42 13.67
CA ASN A 425 43.51 -14.53 14.83
C ASN A 425 42.78 -14.02 16.06
N PRO A 426 42.99 -14.65 17.22
CA PRO A 426 43.81 -15.85 17.41
C PRO A 426 42.95 -17.08 17.33
N TYR A 427 41.69 -16.89 16.95
CA TYR A 427 40.71 -17.96 17.02
C TYR A 427 41.07 -19.10 16.08
N VAL A 428 41.29 -18.79 14.82
CA VAL A 428 41.70 -19.79 13.83
C VAL A 428 43.03 -19.32 13.26
N MET A 429 44.13 -19.77 13.84
CA MET A 429 45.40 -19.37 13.32
C MET A 429 45.87 -20.38 12.29
N ARG A 430 46.78 -19.94 11.43
CA ARG A 430 47.54 -20.88 10.64
C ARG A 430 48.70 -21.37 11.47
N ARG A 431 49.42 -22.34 10.93
CA ARG A 431 50.73 -22.69 11.48
C ARG A 431 51.74 -21.69 10.95
N PRO A 432 53.04 -21.86 11.29
CA PRO A 432 54.05 -21.05 10.62
C PRO A 432 54.05 -21.37 9.13
N ASN A 433 53.54 -20.43 8.34
CA ASN A 433 53.06 -20.71 6.99
C ASN A 433 54.18 -20.74 5.98
N PHE A 434 55.38 -20.29 6.38
CA PHE A 434 56.56 -20.59 5.61
C PHE A 434 56.77 -22.09 5.49
N GLN A 435 56.55 -22.82 6.57
CA GLN A 435 56.28 -24.24 6.52
C GLN A 435 54.82 -24.43 6.13
N ALA A 436 54.54 -24.23 4.84
CA ALA A 436 53.19 -24.37 4.32
C ALA A 436 52.85 -25.85 4.25
N LEU A 437 52.16 -26.34 5.28
CA LEU A 437 51.78 -27.74 5.33
C LEU A 437 50.50 -27.96 4.54
N SER A 438 49.97 -29.18 4.57
CA SER A 438 48.96 -29.60 3.63
C SER A 438 47.59 -29.06 4.02
N GLY A 439 47.37 -27.77 3.76
CA GLY A 439 46.04 -27.20 3.92
C GLY A 439 45.65 -27.18 5.37
N ASN A 440 44.78 -28.15 5.70
CA ASN A 440 44.41 -28.45 7.08
C ASN A 440 45.62 -28.66 7.98
N GLU A 441 46.71 -29.24 7.46
CA GLU A 441 47.90 -29.44 8.29
C GLU A 441 48.61 -28.13 8.58
N ARG A 442 48.33 -27.09 7.79
CA ARG A 442 48.99 -25.79 7.98
C ARG A 442 48.15 -24.88 8.86
N PHE A 443 47.87 -25.35 10.07
CA PHE A 443 46.96 -24.63 10.96
C PHE A 443 47.48 -24.69 12.38
N GLU A 444 47.03 -23.77 13.23
CA GLU A 444 47.40 -23.74 14.63
C GLU A 444 46.45 -22.83 15.40
N GLY A 445 46.11 -23.25 16.61
CA GLY A 445 45.34 -22.42 17.52
C GLY A 445 44.14 -23.14 18.08
N PHE A 446 43.25 -22.34 18.66
CA PHE A 446 42.09 -22.86 19.39
C PHE A 446 41.15 -23.61 18.47
N CYS A 447 40.75 -22.99 17.36
CA CYS A 447 39.88 -23.66 16.41
C CYS A 447 40.56 -24.84 15.76
N VAL A 448 41.89 -24.78 15.59
CA VAL A 448 42.63 -25.87 14.97
C VAL A 448 42.57 -27.11 15.85
N ASP A 449 42.98 -26.98 17.11
CA ASP A 449 42.97 -28.13 17.99
C ASP A 449 41.55 -28.53 18.37
N MET A 450 40.63 -27.56 18.33
CA MET A 450 39.24 -27.85 18.60
C MET A 450 38.66 -28.76 17.53
N LEU A 451 38.93 -28.44 16.27
CA LEU A 451 38.55 -29.32 15.20
C LEU A 451 39.33 -30.61 15.24
N ARG A 452 40.55 -30.58 15.78
CA ARG A 452 41.34 -31.81 15.89
C ARG A 452 40.68 -32.79 16.85
N GLU A 453 40.26 -32.30 18.01
CA GLU A 453 39.57 -33.17 18.95
C GLU A 453 38.17 -33.50 18.46
N LEU A 454 37.57 -32.61 17.67
CA LEU A 454 36.26 -32.88 17.10
C LEU A 454 36.34 -34.02 16.10
N ALA A 455 37.40 -34.04 15.30
CA ALA A 455 37.60 -35.13 14.37
C ALA A 455 38.03 -36.39 15.10
N GLU A 456 38.72 -36.23 16.24
CA GLU A 456 39.04 -37.37 17.07
C GLU A 456 37.79 -38.01 17.64
N LEU A 457 36.77 -37.20 17.89
CA LEU A 457 35.46 -37.77 18.23
C LEU A 457 34.83 -38.42 17.02
N LEU A 458 34.70 -37.69 15.92
CA LEU A 458 33.91 -38.13 14.77
C LEU A 458 34.65 -39.12 13.87
N ARG A 459 35.93 -39.38 14.15
CA ARG A 459 36.77 -40.40 13.52
C ARG A 459 36.96 -40.21 12.01
N PHE A 460 36.69 -39.02 11.48
CA PHE A 460 36.95 -38.79 10.05
C PHE A 460 37.93 -37.64 9.87
N ARG A 461 38.56 -37.59 8.70
CA ARG A 461 39.48 -36.51 8.38
C ARG A 461 38.71 -35.25 7.99
N TYR A 462 39.43 -34.14 7.92
CA TYR A 462 38.79 -32.88 7.56
C TYR A 462 39.70 -32.09 6.66
N ARG A 463 39.23 -31.85 5.44
CA ARG A 463 39.90 -30.99 4.49
C ARG A 463 39.53 -29.57 4.87
N LEU A 464 40.31 -28.97 5.77
CA LEU A 464 40.10 -27.58 6.12
C LEU A 464 40.65 -26.72 5.01
N ARG A 465 39.77 -25.92 4.42
CA ARG A 465 40.13 -25.03 3.33
C ARG A 465 39.83 -23.59 3.71
N LEU A 466 40.45 -22.67 2.99
CA LEU A 466 40.13 -21.26 3.16
C LEU A 466 38.74 -20.98 2.62
N VAL A 467 38.02 -20.08 3.29
CA VAL A 467 36.77 -19.57 2.74
C VAL A 467 37.12 -18.80 1.48
N GLU A 468 36.32 -19.01 0.43
CA GLU A 468 36.66 -18.49 -0.89
C GLU A 468 36.56 -16.99 -0.92
N ASP A 469 35.43 -16.44 -0.49
CA ASP A 469 35.36 -15.01 -0.27
C ASP A 469 36.18 -14.63 0.95
N GLY A 470 36.13 -15.44 1.99
CA GLY A 470 36.84 -15.14 3.21
C GLY A 470 36.18 -14.12 4.11
N LEU A 471 35.02 -13.60 3.73
CA LEU A 471 34.27 -12.69 4.58
C LEU A 471 33.60 -13.51 5.66
N TYR A 472 33.10 -12.82 6.69
CA TYR A 472 32.37 -13.51 7.75
C TYR A 472 31.03 -14.00 7.25
N GLY A 473 30.55 -13.45 6.15
CA GLY A 473 29.33 -13.99 5.54
C GLY A 473 28.13 -13.23 6.08
N ALA A 474 27.28 -12.80 5.16
CA ALA A 474 26.08 -12.07 5.54
C ALA A 474 25.03 -12.31 4.47
N PRO A 475 23.77 -12.36 4.86
CA PRO A 475 22.70 -12.49 3.87
C PRO A 475 22.52 -11.21 3.08
N GLU A 476 22.96 -11.26 1.84
CA GLU A 476 22.94 -10.11 0.96
C GLU A 476 21.52 -9.85 0.47
N PRO A 477 21.29 -8.69 -0.16
CA PRO A 477 19.93 -8.38 -0.63
C PRO A 477 19.50 -9.19 -1.84
N ASN A 478 20.41 -9.92 -2.47
CA ASN A 478 20.07 -10.89 -3.50
C ASN A 478 19.60 -12.21 -2.92
N GLY A 479 19.26 -12.24 -1.64
CA GLY A 479 18.89 -13.46 -0.95
C GLY A 479 20.05 -14.31 -0.49
N SER A 480 21.22 -14.14 -1.07
CA SER A 480 22.34 -15.02 -0.79
C SER A 480 23.06 -14.58 0.48
N TRP A 481 23.35 -15.56 1.33
CA TRP A 481 24.39 -15.42 2.32
C TRP A 481 25.69 -15.20 1.59
N THR A 482 26.48 -14.25 2.05
CA THR A 482 27.79 -14.03 1.47
C THR A 482 28.78 -14.98 2.13
N GLY A 483 30.03 -14.91 1.67
CA GLY A 483 31.22 -15.51 2.26
C GLY A 483 31.10 -16.99 2.53
N MET A 484 31.62 -17.39 3.69
CA MET A 484 31.56 -18.79 4.09
C MET A 484 30.14 -19.20 4.44
N VAL A 485 29.32 -18.24 4.86
CA VAL A 485 27.88 -18.47 4.95
C VAL A 485 27.34 -18.71 3.55
N GLY A 486 27.95 -18.07 2.55
CA GLY A 486 27.69 -18.45 1.17
C GLY A 486 28.13 -19.86 0.85
N GLU A 487 29.26 -20.30 1.42
CA GLU A 487 29.77 -21.64 1.11
C GLU A 487 28.89 -22.71 1.73
N LEU A 488 28.30 -22.41 2.88
CA LEU A 488 27.37 -23.36 3.50
C LEU A 488 25.98 -23.24 2.91
N ILE A 489 25.63 -22.08 2.35
CA ILE A 489 24.38 -21.96 1.62
C ILE A 489 24.52 -22.53 0.22
N ASN A 490 25.75 -22.80 -0.21
CA ASN A 490 26.01 -23.34 -1.52
C ASN A 490 26.09 -24.84 -1.53
N ARG A 491 26.21 -25.46 -0.35
CA ARG A 491 26.87 -26.74 -0.15
C ARG A 491 28.23 -26.79 -0.83
N LYS A 492 28.95 -25.67 -0.85
CA LYS A 492 30.34 -25.68 -1.25
C LYS A 492 31.20 -26.33 -0.19
N ALA A 493 30.75 -26.31 1.05
CA ALA A 493 31.34 -27.09 2.13
C ALA A 493 30.24 -27.45 3.10
N ASP A 494 30.44 -28.55 3.82
CA ASP A 494 29.49 -29.02 4.82
C ASP A 494 29.88 -28.64 6.22
N LEU A 495 31.16 -28.76 6.54
CA LEU A 495 31.68 -28.43 7.87
C LEU A 495 32.22 -27.01 7.84
N ALA A 496 31.35 -26.04 8.03
CA ALA A 496 31.78 -24.65 8.12
C ALA A 496 32.35 -24.46 9.51
N VAL A 497 33.64 -24.75 9.64
CA VAL A 497 34.28 -24.80 10.95
C VAL A 497 35.06 -23.49 11.07
N ALA A 498 34.48 -22.54 11.78
CA ALA A 498 35.10 -21.23 11.99
C ALA A 498 34.50 -20.66 13.26
N ALA A 499 34.69 -19.36 13.47
CA ALA A 499 34.00 -18.67 14.55
C ALA A 499 32.70 -18.07 14.01
N PHE A 500 31.88 -18.94 13.42
CA PHE A 500 30.62 -18.54 12.81
C PHE A 500 29.67 -18.14 13.93
N THR A 501 29.43 -16.83 14.02
CA THR A 501 28.52 -16.30 15.01
C THR A 501 27.11 -16.75 14.73
N ILE A 502 26.58 -17.58 15.61
CA ILE A 502 25.28 -18.18 15.35
C ILE A 502 24.21 -17.13 15.63
N THR A 503 23.76 -16.46 14.58
CA THR A 503 22.76 -15.41 14.68
C THR A 503 21.48 -15.87 14.01
N ALA A 504 20.51 -14.96 13.95
CA ALA A 504 19.19 -15.29 13.42
C ALA A 504 19.26 -15.56 11.91
N GLU A 505 19.84 -14.64 11.16
CA GLU A 505 20.00 -14.86 9.73
C GLU A 505 21.06 -15.92 9.45
N ARG A 506 21.94 -16.18 10.43
CA ARG A 506 22.80 -17.34 10.32
C ARG A 506 22.03 -18.63 10.61
N GLU A 507 20.93 -18.52 11.35
CA GLU A 507 20.17 -19.73 11.69
C GLU A 507 19.30 -20.17 10.53
N LYS A 508 18.55 -19.24 9.93
CA LYS A 508 17.58 -19.60 8.91
C LYS A 508 18.23 -19.95 7.58
N VAL A 509 19.54 -19.77 7.43
CA VAL A 509 20.22 -20.10 6.19
C VAL A 509 20.99 -21.40 6.28
N ILE A 510 21.51 -21.76 7.45
CA ILE A 510 22.21 -23.02 7.62
C ILE A 510 22.08 -23.40 9.07
N ASP A 511 22.21 -24.69 9.35
CA ASP A 511 22.05 -25.16 10.71
C ASP A 511 23.27 -24.72 11.53
N PHE A 512 23.02 -24.43 12.80
CA PHE A 512 24.10 -24.12 13.72
C PHE A 512 24.01 -25.07 14.91
N SER A 513 25.12 -25.72 15.23
CA SER A 513 25.12 -26.67 16.32
C SER A 513 25.23 -25.97 17.66
N LYS A 514 25.49 -26.74 18.71
CA LYS A 514 25.71 -26.17 20.02
C LYS A 514 26.96 -25.30 20.01
N PRO A 515 26.94 -24.16 20.69
CA PRO A 515 28.04 -23.20 20.54
C PRO A 515 29.34 -23.66 21.17
N PHE A 516 30.45 -23.30 20.56
CA PHE A 516 31.76 -23.54 21.16
C PHE A 516 31.94 -22.73 22.44
N MET A 517 31.49 -21.49 22.47
CA MET A 517 31.54 -20.68 23.67
C MET A 517 30.49 -19.59 23.55
N THR A 518 30.36 -18.81 24.61
CA THR A 518 29.52 -17.63 24.60
C THR A 518 30.27 -16.51 23.91
N LEU A 519 29.55 -15.46 23.55
CA LEU A 519 30.16 -14.32 22.87
C LEU A 519 29.31 -13.09 23.08
N GLY A 520 29.94 -11.93 22.90
CA GLY A 520 29.24 -10.67 22.97
C GLY A 520 29.97 -9.64 22.13
N ILE A 521 29.26 -8.60 21.80
CA ILE A 521 29.83 -7.49 21.04
C ILE A 521 30.44 -6.50 22.02
N SER A 522 31.70 -6.14 21.81
CA SER A 522 32.40 -5.21 22.69
C SER A 522 33.05 -4.14 21.84
N ILE A 523 33.39 -3.00 22.45
CA ILE A 523 34.05 -1.95 21.70
C ILE A 523 35.51 -1.96 22.09
N LEU A 524 36.40 -2.08 21.11
CA LEU A 524 37.80 -1.90 21.40
C LEU A 524 38.20 -0.50 20.95
N TYR A 525 38.71 0.30 21.92
CA TYR A 525 39.04 1.71 21.71
C TYR A 525 40.44 1.99 22.19
N ARG A 526 40.87 3.22 21.99
CA ARG A 526 42.23 3.61 22.36
C ARG A 526 42.31 3.88 23.86
N VAL A 527 43.42 4.46 24.27
CA VAL A 527 43.63 4.78 25.67
C VAL A 527 42.79 5.99 26.08
N TYR A 535 57.11 15.40 37.57
CA TYR A 535 58.17 16.22 38.15
C TYR A 535 58.26 17.52 37.39
N PHE A 536 57.24 17.78 36.58
CA PHE A 536 57.22 19.03 35.83
C PHE A 536 55.90 19.77 36.02
N SER A 537 55.05 19.31 36.94
CA SER A 537 53.80 20.02 37.17
C SER A 537 53.95 21.09 38.23
N PHE A 538 55.19 21.42 38.60
CA PHE A 538 55.42 22.34 39.70
C PHE A 538 54.91 23.72 39.39
N LEU A 539 55.51 24.44 38.45
CA LEU A 539 54.91 25.71 38.11
C LEU A 539 53.99 25.59 36.91
N ASP A 540 53.57 24.37 36.58
CA ASP A 540 52.85 24.17 35.33
C ASP A 540 51.44 24.74 35.33
N PRO A 541 50.74 24.83 36.44
CA PRO A 541 49.42 25.46 36.37
C PRO A 541 49.52 26.94 36.20
N PHE A 542 50.65 27.54 36.57
CA PHE A 542 50.83 28.94 36.26
C PHE A 542 51.26 29.08 34.81
N SER A 543 50.89 30.20 34.22
CA SER A 543 51.32 30.53 32.86
C SER A 543 52.84 30.61 32.81
N PRO A 544 53.51 29.71 32.09
CA PRO A 544 54.90 29.35 32.43
C PRO A 544 55.94 30.42 32.18
N ALA A 545 55.54 31.62 31.79
CA ALA A 545 56.50 32.71 31.73
C ALA A 545 56.32 33.66 32.90
N VAL A 546 55.25 33.49 33.68
CA VAL A 546 55.00 34.41 34.77
C VAL A 546 55.96 34.20 35.91
N TRP A 547 56.48 32.98 36.07
CA TRP A 547 57.30 32.66 37.21
C TRP A 547 58.63 33.39 37.18
N LEU A 548 59.17 33.70 36.00
CA LEU A 548 60.41 34.46 35.94
C LEU A 548 60.19 35.88 36.41
N PHE A 549 59.08 36.48 36.00
CA PHE A 549 58.72 37.80 36.50
C PHE A 549 58.43 37.76 38.00
N MET A 550 57.95 36.62 38.50
CA MET A 550 57.68 36.49 39.94
C MET A 550 58.97 36.56 40.75
N LEU A 551 59.96 35.75 40.39
CA LEU A 551 61.21 35.76 41.12
C LEU A 551 61.94 37.08 40.97
N LEU A 552 61.79 37.71 39.80
CA LEU A 552 62.33 39.05 39.62
C LEU A 552 61.65 40.03 40.55
N ALA A 553 60.35 39.85 40.77
CA ALA A 553 59.67 40.72 41.69
C ALA A 553 60.11 40.49 43.13
N TYR A 554 60.44 39.24 43.47
CA TYR A 554 60.86 38.95 44.83
C TYR A 554 62.20 39.59 45.12
N LEU A 555 63.11 39.47 44.16
CA LEU A 555 64.40 40.15 44.29
C LEU A 555 64.22 41.66 44.33
N ALA A 556 63.25 42.17 43.59
CA ALA A 556 63.04 43.61 43.57
C ALA A 556 62.49 44.10 44.90
N VAL A 557 61.52 43.39 45.46
CA VAL A 557 60.88 43.85 46.69
C VAL A 557 61.84 43.69 47.86
N SER A 558 62.75 42.72 47.79
CA SER A 558 63.81 42.70 48.79
C SER A 558 64.79 43.83 48.56
N VAL A 559 65.03 44.18 47.29
CA VAL A 559 65.97 45.23 46.96
C VAL A 559 65.46 46.59 47.39
N VAL A 560 64.15 46.82 47.28
CA VAL A 560 63.58 48.05 47.80
C VAL A 560 63.70 48.08 49.31
N LEU A 561 63.62 46.92 49.96
CA LEU A 561 63.79 46.88 51.40
C LEU A 561 65.24 47.15 51.79
N PHE A 562 66.19 46.60 51.02
CA PHE A 562 67.60 46.84 51.34
C PHE A 562 67.98 48.29 51.06
N LEU A 563 67.32 48.91 50.09
CA LEU A 563 67.46 50.35 49.92
C LEU A 563 66.82 51.07 51.09
N ALA A 564 65.74 50.51 51.63
CA ALA A 564 65.07 51.15 52.76
C ALA A 564 65.84 50.96 54.05
N ALA A 565 66.84 50.07 54.05
CA ALA A 565 67.72 49.98 55.20
C ALA A 565 68.50 51.27 55.41
N ARG A 566 69.30 51.66 54.44
CA ARG A 566 70.03 52.91 54.53
C ARG A 566 69.15 54.08 54.12
N ALA A 614 59.17 52.73 60.95
CA ALA A 614 59.12 51.47 60.20
C ALA A 614 57.93 51.48 59.23
N LEU A 615 57.36 52.65 59.00
CA LEU A 615 56.17 52.77 58.17
C LEU A 615 56.45 52.63 56.68
N SER A 616 57.59 53.13 56.21
CA SER A 616 57.95 52.98 54.81
C SER A 616 58.14 51.53 54.45
N THR A 617 58.82 50.79 55.33
CA THR A 617 58.94 49.36 55.15
C THR A 617 57.60 48.67 55.31
N ARG A 618 56.73 49.21 56.18
CA ARG A 618 55.41 48.63 56.37
C ARG A 618 54.58 48.73 55.09
N ILE A 619 54.80 49.79 54.31
CA ILE A 619 54.10 49.96 53.05
C ILE A 619 54.42 48.82 52.10
N VAL A 620 55.71 48.55 51.89
CA VAL A 620 56.05 47.53 50.93
C VAL A 620 55.78 46.15 51.49
N SER A 621 55.74 46.04 52.82
CA SER A 621 55.34 44.78 53.43
C SER A 621 53.91 44.44 53.06
N GLY A 622 53.00 45.39 53.27
CA GLY A 622 51.61 45.15 52.95
C GLY A 622 51.40 44.93 51.47
N VAL A 623 52.15 45.62 50.64
CA VAL A 623 52.04 45.43 49.20
C VAL A 623 52.46 44.03 48.84
N TRP A 624 53.61 43.60 49.35
CA TRP A 624 54.12 42.27 49.05
C TRP A 624 53.17 41.21 49.56
N TRP A 625 52.52 41.48 50.67
CA TRP A 625 51.55 40.53 51.20
C TRP A 625 50.33 40.43 50.30
N ALA A 626 49.85 41.55 49.81
CA ALA A 626 48.67 41.50 48.93
C ALA A 626 48.98 40.73 47.67
N PHE A 627 50.15 40.99 47.11
CA PHE A 627 50.52 40.33 45.87
C PHE A 627 50.78 38.85 46.11
N THR A 628 51.29 38.50 47.28
CA THR A 628 51.56 37.11 47.53
C THR A 628 50.29 36.32 47.70
N LEU A 629 49.32 36.89 48.43
CA LEU A 629 48.03 36.26 48.60
C LEU A 629 47.34 36.04 47.29
N ILE A 630 47.35 37.06 46.43
CA ILE A 630 46.69 36.93 45.16
C ILE A 630 47.31 35.84 44.33
N ILE A 631 48.63 35.82 44.21
CA ILE A 631 49.09 34.92 43.17
C ILE A 631 49.14 33.50 43.66
N ILE A 632 49.25 33.28 44.98
CA ILE A 632 49.16 31.86 45.32
C ILE A 632 47.72 31.44 45.40
N SER A 633 46.80 32.39 45.56
CA SER A 633 45.43 31.99 45.43
C SER A 633 45.13 31.65 44.00
N SER A 634 45.75 32.36 43.09
CA SER A 634 45.54 32.08 41.69
C SER A 634 46.12 30.75 41.31
N TYR A 635 47.26 30.42 41.89
CA TYR A 635 47.86 29.14 41.58
C TYR A 635 46.98 28.01 42.09
N THR A 636 46.47 28.14 43.30
CA THR A 636 45.66 27.04 43.80
C THR A 636 44.36 26.95 43.03
N ALA A 637 43.85 28.07 42.57
CA ALA A 637 42.65 28.04 41.77
C ALA A 637 42.91 27.39 40.43
N ASN A 638 44.04 27.68 39.84
CA ASN A 638 44.23 27.23 38.48
C ASN A 638 44.58 25.76 38.47
N LEU A 639 45.29 25.30 39.49
CA LEU A 639 45.53 23.86 39.62
C LEU A 639 44.25 23.15 40.01
N ALA A 640 43.34 23.84 40.69
CA ALA A 640 42.05 23.25 40.96
C ALA A 640 41.27 23.05 39.68
N ALA A 641 41.32 24.02 38.79
CA ALA A 641 40.59 23.88 37.54
C ALA A 641 41.20 22.79 36.69
N PHE A 642 42.53 22.69 36.71
CA PHE A 642 43.20 21.71 35.88
C PHE A 642 42.90 20.30 36.35
N LEU A 643 42.99 20.06 37.66
CA LEU A 643 42.69 18.72 38.14
C LEU A 643 41.23 18.40 38.00
N THR A 644 40.37 19.42 38.03
CA THR A 644 38.95 19.15 37.88
C THR A 644 38.60 18.73 36.47
N VAL A 645 39.17 19.40 35.47
CA VAL A 645 38.76 19.06 34.08
C VAL A 645 39.24 17.64 33.78
N GLN A 646 40.45 17.29 34.20
CA GLN A 646 40.97 15.96 33.83
C GLN A 646 40.07 14.89 34.45
N ARG A 647 39.70 15.06 35.71
CA ARG A 647 38.88 14.02 36.39
C ARG A 647 37.51 13.91 35.73
N MET A 648 36.91 15.02 35.31
CA MET A 648 35.51 14.97 34.82
C MET A 648 35.37 14.42 33.40
N GLU A 649 36.38 13.76 32.83
CA GLU A 649 36.16 13.29 31.46
C GLU A 649 35.99 11.77 31.50
N VAL A 650 34.96 11.27 30.84
CA VAL A 650 34.65 9.83 30.93
C VAL A 650 35.57 8.98 30.07
N PRO A 651 35.77 9.25 28.77
CA PRO A 651 35.25 10.14 27.73
C PRO A 651 34.17 9.47 26.88
N VAL A 652 34.29 8.16 26.67
CA VAL A 652 33.23 7.40 26.00
C VAL A 652 33.24 5.99 26.56
N GLU A 653 32.21 5.65 27.32
CA GLU A 653 32.12 4.33 27.94
C GLU A 653 30.94 3.54 27.47
N SER A 654 29.74 4.09 27.51
CA SER A 654 28.58 3.44 26.94
C SER A 654 28.62 3.63 25.44
N ALA A 655 28.23 2.58 24.72
CA ALA A 655 28.36 2.59 23.27
C ALA A 655 27.38 3.56 22.64
N ASP A 656 26.30 3.88 23.35
CA ASP A 656 25.32 4.83 22.85
C ASP A 656 25.93 6.21 22.71
N ASP A 657 26.86 6.54 23.61
CA ASP A 657 27.58 7.81 23.49
C ASP A 657 28.38 7.86 22.20
N LEU A 658 29.14 6.80 21.92
CA LEU A 658 29.97 6.76 20.71
C LEU A 658 29.10 6.73 19.47
N ALA A 659 27.89 6.20 19.60
CA ALA A 659 26.92 6.33 18.51
C ALA A 659 26.52 7.78 18.32
N ASP A 660 26.31 8.51 19.41
CA ASP A 660 25.99 9.92 19.25
C ASP A 660 27.25 10.73 18.98
N GLN A 661 28.42 10.23 19.37
CA GLN A 661 29.67 10.96 19.27
C GLN A 661 30.13 10.99 17.83
N THR A 662 29.86 12.10 17.16
CA THR A 662 30.26 12.25 15.76
C THR A 662 31.76 12.43 15.58
N ASN A 663 32.51 12.62 16.65
CA ASN A 663 33.94 12.87 16.55
C ASN A 663 34.76 11.59 16.65
N ILE A 664 34.23 10.56 17.30
CA ILE A 664 34.87 9.27 17.31
C ILE A 664 34.18 8.42 16.27
N GLU A 665 34.91 7.51 15.66
CA GLU A 665 34.35 6.73 14.56
C GLU A 665 33.89 5.37 15.07
N TYR A 666 32.59 5.11 14.99
CA TYR A 666 32.06 3.80 15.28
C TYR A 666 32.43 2.91 14.10
N GLY A 667 32.99 1.75 14.38
CA GLY A 667 33.41 0.89 13.28
C GLY A 667 33.20 -0.59 13.53
N THR A 668 32.93 -1.35 12.46
CA THR A 668 32.66 -2.79 12.58
C THR A 668 33.44 -3.51 11.49
N ILE A 669 33.63 -4.81 11.69
CA ILE A 669 34.27 -5.65 10.70
C ILE A 669 33.37 -5.74 9.48
N HIS A 670 33.86 -5.25 8.34
CA HIS A 670 33.00 -4.87 7.22
C HIS A 670 32.29 -6.07 6.61
N ALA A 671 30.98 -5.91 6.44
CA ALA A 671 30.04 -7.00 6.19
C ALA A 671 30.24 -8.14 7.18
N GLY A 672 30.07 -7.86 8.47
CA GLY A 672 30.24 -8.88 9.48
C GLY A 672 28.92 -9.32 10.06
N SER A 673 29.01 -10.36 10.90
CA SER A 673 27.86 -10.77 11.68
C SER A 673 27.44 -9.67 12.64
N THR A 674 28.43 -8.92 13.15
CA THR A 674 28.11 -7.75 13.95
C THR A 674 27.46 -6.67 13.10
N MET A 675 27.81 -6.60 11.81
CA MET A 675 27.16 -5.64 10.94
C MET A 675 25.71 -6.03 10.71
N THR A 676 25.43 -7.33 10.77
CA THR A 676 24.03 -7.75 10.77
C THR A 676 23.36 -7.37 12.07
N PHE A 677 24.04 -7.62 13.19
CA PHE A 677 23.42 -7.50 14.50
C PHE A 677 23.10 -6.06 14.84
N PHE A 678 23.93 -5.12 14.35
CA PHE A 678 23.62 -3.72 14.54
C PHE A 678 22.82 -3.17 13.37
N GLN A 679 23.10 -3.64 12.15
CA GLN A 679 22.48 -3.03 10.98
C GLN A 679 21.03 -3.47 10.84
N ASN A 680 20.74 -4.73 11.14
CA ASN A 680 19.37 -5.21 11.10
C ASN A 680 18.67 -5.04 12.44
N SER A 681 19.22 -4.23 13.34
CA SER A 681 18.68 -4.14 14.68
C SER A 681 17.41 -3.30 14.71
N ARG A 682 16.84 -3.19 15.90
CA ARG A 682 15.60 -2.45 16.11
C ARG A 682 15.67 -1.47 17.25
N TYR A 683 16.57 -1.68 18.22
CA TYR A 683 16.76 -0.76 19.33
C TYR A 683 17.29 0.57 18.82
N GLN A 684 16.79 1.67 19.41
CA GLN A 684 16.82 2.97 18.74
C GLN A 684 18.23 3.51 18.63
N THR A 685 19.00 3.45 19.72
CA THR A 685 20.38 3.91 19.67
C THR A 685 21.23 3.00 18.80
N TYR A 686 20.96 1.69 18.87
CA TYR A 686 21.62 0.77 17.96
C TYR A 686 21.18 1.02 16.53
N GLN A 687 19.96 1.53 16.34
CA GLN A 687 19.51 1.87 15.00
C GLN A 687 20.24 3.10 14.46
N ARG A 688 20.44 4.10 15.33
CA ARG A 688 21.21 5.26 14.90
C ARG A 688 22.66 4.89 14.65
N MET A 689 23.14 3.90 15.39
CA MET A 689 24.48 3.37 15.14
C MET A 689 24.55 2.70 13.77
N TRP A 690 23.49 1.99 13.39
CA TRP A 690 23.45 1.39 12.05
C TRP A 690 23.42 2.46 10.98
N ASN A 691 22.69 3.55 11.24
CA ASN A 691 22.62 4.65 10.29
C ASN A 691 23.97 5.31 10.11
N TYR A 692 24.69 5.54 11.21
CA TYR A 692 26.01 6.16 11.10
C TYR A 692 27.02 5.18 10.54
N MET A 693 26.80 3.88 10.76
CA MET A 693 27.69 2.88 10.18
C MET A 693 27.46 2.79 8.69
N GLN A 694 26.26 3.12 8.23
CA GLN A 694 25.99 3.09 6.82
C GLN A 694 26.34 4.42 6.15
N SER A 695 26.41 5.50 6.93
CA SER A 695 26.38 6.84 6.36
C SER A 695 27.66 7.24 5.65
N LYS A 696 28.77 7.35 6.36
CA LYS A 696 30.03 7.75 5.76
C LYS A 696 30.93 6.54 5.62
N GLN A 697 30.32 5.43 5.21
CA GLN A 697 30.92 4.10 5.23
C GLN A 697 32.22 3.99 4.45
N PRO A 698 32.44 4.75 3.38
CA PRO A 698 33.76 4.84 2.74
C PRO A 698 34.85 5.32 3.67
N SER A 699 34.52 6.18 4.61
CA SER A 699 35.41 6.40 5.73
C SER A 699 35.22 5.39 6.86
N VAL A 700 34.06 4.73 6.98
CA VAL A 700 33.67 4.20 8.29
C VAL A 700 33.80 2.69 8.43
N PHE A 701 33.72 1.91 7.36
CA PHE A 701 33.80 0.48 7.59
C PHE A 701 35.18 -0.05 7.21
N VAL A 702 35.57 -1.15 7.87
CA VAL A 702 36.87 -1.77 7.66
C VAL A 702 36.73 -3.26 7.82
N LYS A 703 37.53 -4.00 7.06
CA LYS A 703 37.26 -5.42 6.83
C LYS A 703 38.02 -6.34 7.76
N SER A 704 39.34 -6.29 7.77
CA SER A 704 40.11 -7.34 8.40
C SER A 704 40.23 -7.06 9.89
N THR A 705 40.20 -8.13 10.68
CA THR A 705 40.15 -7.99 12.12
C THR A 705 41.48 -7.50 12.67
N GLU A 706 42.58 -8.03 12.15
CA GLU A 706 43.88 -7.47 12.49
C GLU A 706 44.00 -6.03 12.01
N GLU A 707 43.43 -5.76 10.83
CA GLU A 707 43.32 -4.37 10.39
C GLU A 707 42.36 -3.60 11.29
N GLY A 708 41.40 -4.30 11.90
CA GLY A 708 40.53 -3.64 12.87
C GLY A 708 41.28 -3.17 14.09
N ILE A 709 42.13 -4.03 14.64
CA ILE A 709 43.00 -3.63 15.74
C ILE A 709 43.97 -2.56 15.28
N ALA A 710 44.35 -2.60 14.01
CA ALA A 710 45.26 -1.59 13.46
C ALA A 710 44.61 -0.21 13.42
N ARG A 711 43.39 -0.14 12.89
CA ARG A 711 42.69 1.14 12.79
C ARG A 711 42.28 1.64 14.16
N VAL A 712 42.10 0.72 15.11
CA VAL A 712 41.89 1.15 16.49
C VAL A 712 43.18 1.71 17.06
N LEU A 713 44.31 1.15 16.63
CA LEU A 713 45.62 1.65 17.04
C LEU A 713 46.09 2.80 16.20
N ASN A 714 45.26 3.29 15.28
CA ASN A 714 45.65 4.35 14.37
C ASN A 714 44.98 5.68 14.65
N SER A 715 43.66 5.75 14.69
CA SER A 715 42.96 7.00 14.92
C SER A 715 41.75 6.71 15.78
N ARG A 716 40.82 7.67 15.85
CA ARG A 716 39.71 7.59 16.80
C ARG A 716 38.56 6.76 16.25
N TYR A 717 38.91 5.56 15.79
CA TYR A 717 37.95 4.57 15.33
C TYR A 717 38.00 3.37 16.26
N ALA A 718 36.84 2.85 16.61
CA ALA A 718 36.73 1.73 17.52
C ALA A 718 36.29 0.51 16.72
N PHE A 719 36.90 -0.63 17.00
CA PHE A 719 36.50 -1.87 16.33
C PHE A 719 35.41 -2.51 17.17
N LEU A 720 34.21 -2.61 16.61
CA LEU A 720 33.15 -3.27 17.34
C LEU A 720 33.34 -4.77 17.21
N LEU A 721 34.22 -5.33 18.01
CA LEU A 721 34.64 -6.70 17.74
C LEU A 721 33.90 -7.67 18.65
N GLU A 722 34.28 -8.93 18.52
CA GLU A 722 33.68 -9.95 19.36
C GLU A 722 34.27 -9.90 20.75
N SER A 723 33.61 -10.60 21.68
CA SER A 723 34.11 -10.64 23.06
C SER A 723 35.45 -11.34 23.13
N THR A 724 35.53 -12.56 22.59
CA THR A 724 36.80 -13.29 22.62
C THR A 724 37.83 -12.64 21.73
N MET A 725 37.39 -11.92 20.70
CA MET A 725 38.29 -11.10 19.90
C MET A 725 38.94 -10.03 20.76
N ASN A 726 38.13 -9.30 21.53
CA ASN A 726 38.67 -8.29 22.44
C ASN A 726 39.53 -8.93 23.51
N GLU A 727 39.21 -10.16 23.88
CA GLU A 727 40.02 -10.89 24.86
C GLU A 727 41.41 -11.18 24.34
N TYR A 728 41.52 -11.86 23.20
CA TYR A 728 42.82 -12.24 22.66
C TYR A 728 43.62 -11.02 22.27
N HIS A 729 42.94 -9.98 21.77
CA HIS A 729 43.67 -8.78 21.38
C HIS A 729 44.16 -7.98 22.58
N ARG A 730 43.29 -7.65 23.53
CA ARG A 730 43.68 -6.86 24.68
C ARG A 730 44.63 -7.61 25.61
N ARG A 731 44.59 -8.94 25.62
CA ARG A 731 45.65 -9.64 26.31
C ARG A 731 46.94 -9.60 25.51
N LEU A 732 46.86 -9.54 24.18
CA LEU A 732 48.07 -9.45 23.40
C LEU A 732 48.65 -8.04 23.43
N ASN A 733 47.79 -7.03 23.40
CA ASN A 733 48.24 -5.63 23.29
C ASN A 733 47.67 -4.81 24.42
N CYS A 734 48.51 -3.95 25.00
CA CYS A 734 48.15 -3.30 26.26
C CYS A 734 47.44 -1.98 26.04
N ASN A 735 47.72 -1.28 24.94
CA ASN A 735 47.24 0.09 24.81
C ASN A 735 45.77 0.18 24.40
N LEU A 736 45.10 -0.94 24.15
CA LEU A 736 43.72 -0.93 23.69
C LEU A 736 42.79 -1.29 24.83
N THR A 737 41.81 -0.43 25.08
CA THR A 737 40.88 -0.60 26.19
C THR A 737 39.58 -1.22 25.71
N GLN A 738 39.04 -2.10 26.56
CA GLN A 738 37.83 -2.85 26.27
C GLN A 738 36.62 -2.04 26.72
N ILE A 739 36.31 -1.00 25.96
CA ILE A 739 35.28 -0.05 26.34
C ILE A 739 33.91 -0.70 26.16
N GLY A 740 32.99 -0.34 27.05
CA GLY A 740 31.65 -0.86 27.02
C GLY A 740 31.55 -2.21 27.70
N GLY A 741 30.32 -2.59 27.99
CA GLY A 741 30.01 -3.93 28.42
C GLY A 741 29.62 -4.76 27.21
N LEU A 742 29.11 -5.95 27.48
CA LEU A 742 28.63 -6.83 26.42
C LEU A 742 27.39 -6.22 25.80
N LEU A 743 27.45 -5.91 24.50
CA LEU A 743 26.33 -5.25 23.85
C LEU A 743 25.16 -6.20 23.67
N ASP A 744 25.43 -7.50 23.51
CA ASP A 744 24.40 -8.51 23.42
C ASP A 744 25.01 -9.87 23.72
N THR A 745 24.22 -10.90 23.53
CA THR A 745 24.66 -12.29 23.69
C THR A 745 24.90 -12.88 22.32
N LYS A 746 25.91 -13.74 22.22
CA LYS A 746 26.22 -14.41 20.96
C LYS A 746 26.99 -15.68 21.29
N GLY A 747 27.27 -16.46 20.26
CA GLY A 747 28.13 -17.62 20.39
C GLY A 747 28.56 -18.13 19.03
N TYR A 748 29.88 -18.28 18.89
CA TYR A 748 30.46 -18.89 17.71
C TYR A 748 30.16 -20.38 17.74
N GLY A 749 29.14 -20.78 16.98
CA GLY A 749 28.67 -22.15 17.00
C GLY A 749 29.12 -22.90 15.76
N ILE A 750 29.04 -24.23 15.84
CA ILE A 750 29.44 -25.11 14.75
C ILE A 750 28.37 -25.03 13.69
N GLY A 751 28.62 -24.26 12.64
CA GLY A 751 27.72 -24.23 11.53
C GLY A 751 27.82 -25.51 10.71
N MET A 752 26.73 -25.85 10.06
CA MET A 752 26.64 -26.98 9.16
C MET A 752 25.48 -26.73 8.21
N PRO A 753 25.34 -27.55 7.19
CA PRO A 753 24.12 -27.49 6.37
C PRO A 753 22.93 -27.96 7.17
N LEU A 754 21.74 -27.66 6.66
CA LEU A 754 20.52 -28.09 7.33
C LEU A 754 20.39 -29.61 7.23
N GLY A 755 20.21 -30.25 8.38
CA GLY A 755 20.16 -31.70 8.43
C GLY A 755 21.48 -32.37 8.14
N SER A 756 22.51 -32.05 8.89
CA SER A 756 23.85 -32.51 8.55
C SER A 756 24.01 -33.98 8.90
N PRO A 757 25.09 -34.63 8.45
CA PRO A 757 25.27 -36.06 8.76
C PRO A 757 25.53 -36.35 10.22
N PHE A 758 26.06 -35.38 10.97
CA PHE A 758 26.30 -35.56 12.39
C PHE A 758 26.02 -34.32 13.22
N ARG A 759 25.04 -33.49 12.82
CA ARG A 759 24.81 -32.20 13.49
C ARG A 759 24.37 -32.39 14.93
N ASP A 760 23.40 -33.28 15.14
CA ASP A 760 23.03 -33.68 16.49
C ASP A 760 24.19 -34.37 17.19
N GLU A 761 24.94 -35.19 16.44
CA GLU A 761 26.14 -35.80 17.01
C GLU A 761 27.22 -34.77 17.27
N ILE A 762 27.24 -33.70 16.48
CA ILE A 762 28.19 -32.62 16.72
C ILE A 762 27.88 -31.92 18.03
N THR A 763 26.61 -31.60 18.27
CA THR A 763 26.22 -30.98 19.53
C THR A 763 26.44 -31.96 20.70
N LEU A 764 26.25 -33.24 20.43
CA LEU A 764 26.42 -34.26 21.46
C LEU A 764 27.87 -34.38 21.89
N ALA A 765 28.77 -34.59 20.93
CA ALA A 765 30.18 -34.68 21.27
C ALA A 765 30.73 -33.32 21.68
N ILE A 766 30.06 -32.24 21.29
CA ILE A 766 30.42 -30.92 21.77
C ILE A 766 30.16 -30.80 23.26
N LEU A 767 28.99 -31.27 23.68
CA LEU A 767 28.69 -31.29 25.11
C LEU A 767 29.57 -32.30 25.82
N GLN A 768 30.01 -33.34 25.11
CA GLN A 768 30.96 -34.28 25.69
C GLN A 768 32.32 -33.63 25.91
N LEU A 769 32.75 -32.80 24.96
CA LEU A 769 34.05 -32.15 25.06
C LEU A 769 34.05 -31.05 26.10
N GLN A 770 32.94 -30.32 26.20
CA GLN A 770 32.77 -29.39 27.30
C GLN A 770 32.71 -30.14 28.63
N GLU A 771 32.09 -31.32 28.61
CA GLU A 771 32.17 -32.21 29.75
C GLU A 771 33.57 -32.78 29.90
N ASN A 772 34.26 -33.04 28.79
CA ASN A 772 35.67 -33.39 28.87
C ASN A 772 36.52 -32.21 29.27
N ASN A 773 36.03 -30.98 29.07
CA ASN A 773 36.58 -29.71 29.55
C ASN A 773 37.95 -29.38 28.97
N ARG A 774 38.46 -30.19 28.04
CA ARG A 774 39.70 -29.84 27.37
C ARG A 774 39.49 -28.69 26.41
N LEU A 775 38.23 -28.38 26.09
CA LEU A 775 37.92 -27.15 25.36
C LEU A 775 38.32 -25.92 26.16
N GLU A 776 38.01 -25.92 27.45
CA GLU A 776 38.45 -24.81 28.29
C GLU A 776 39.96 -24.83 28.50
N ILE A 777 40.54 -26.03 28.51
CA ILE A 777 41.99 -26.16 28.54
C ILE A 777 42.59 -25.55 27.30
N LEU A 778 41.92 -25.74 26.17
CA LEU A 778 42.36 -25.12 24.93
C LEU A 778 42.11 -23.63 24.95
N LYS A 779 41.07 -23.20 25.67
CA LYS A 779 40.79 -21.78 25.79
C LYS A 779 41.90 -21.07 26.53
N ARG A 780 42.42 -21.72 27.56
CA ARG A 780 43.62 -21.20 28.21
C ARG A 780 44.82 -21.30 27.29
N LYS A 781 44.96 -22.43 26.58
CA LYS A 781 46.21 -22.73 25.89
C LYS A 781 46.35 -21.96 24.60
N TRP A 782 45.26 -21.43 24.08
CA TRP A 782 45.34 -20.68 22.84
C TRP A 782 44.69 -19.31 22.93
N TRP A 783 43.66 -19.15 23.74
CA TRP A 783 43.03 -17.86 23.96
C TRP A 783 43.59 -17.17 25.19
N GLU A 784 44.87 -17.39 25.51
CA GLU A 784 45.53 -16.81 26.67
C GLU A 784 45.62 -15.29 26.63
N GLY A 800 48.24 13.37 43.56
CA GLY A 800 48.94 12.18 43.14
C GLY A 800 50.18 11.88 43.95
N MET A 801 51.13 11.17 43.35
CA MET A 801 52.39 10.88 44.04
C MET A 801 53.59 11.21 43.18
N GLU A 802 53.49 11.00 41.88
CA GLU A 802 54.52 11.42 40.95
C GLU A 802 54.14 12.69 40.24
N ASN A 803 52.95 13.21 40.51
CA ASN A 803 52.50 14.42 39.84
C ASN A 803 53.23 15.64 40.37
N ILE A 804 53.66 15.59 41.64
CA ILE A 804 54.33 16.76 42.29
C ILE A 804 55.58 16.31 43.04
N GLY A 805 56.21 15.20 42.63
CA GLY A 805 57.47 14.78 43.28
C GLY A 805 58.60 15.74 42.94
N GLY A 806 58.35 16.70 42.04
CA GLY A 806 59.36 17.69 41.62
C GLY A 806 59.55 18.74 42.68
N ILE A 807 58.55 18.85 43.55
CA ILE A 807 58.73 19.81 44.66
C ILE A 807 59.87 19.24 45.50
N PHE A 808 59.93 17.91 45.61
CA PHE A 808 60.98 17.34 46.48
C PHE A 808 62.33 17.71 45.88
N VAL A 809 62.40 17.65 44.55
CA VAL A 809 63.65 18.06 43.86
C VAL A 809 63.97 19.49 44.27
N VAL A 810 63.07 20.43 43.98
CA VAL A 810 63.43 21.85 44.31
C VAL A 810 63.93 21.89 45.75
N LEU A 811 63.25 21.21 46.67
CA LEU A 811 63.62 21.23 48.11
C LEU A 811 65.08 20.81 48.28
N ILE A 812 65.38 19.57 47.96
CA ILE A 812 66.77 19.06 48.16
C ILE A 812 67.75 20.04 47.52
N ALA A 813 67.44 20.53 46.32
CA ALA A 813 68.41 21.38 45.61
C ALA A 813 68.71 22.63 46.41
N GLY A 814 67.67 23.36 46.79
CA GLY A 814 67.90 24.62 47.51
C GLY A 814 68.54 24.35 48.84
N LEU A 815 68.24 23.19 49.43
CA LEU A 815 68.84 22.83 50.72
C LEU A 815 70.34 22.76 50.52
N ILE A 816 70.78 21.99 49.53
CA ILE A 816 72.23 21.89 49.24
C ILE A 816 72.80 23.28 48.98
N ILE A 817 72.05 24.10 48.25
CA ILE A 817 72.58 25.45 47.87
C ILE A 817 72.85 26.25 49.14
N ALA A 818 71.90 26.26 50.06
CA ALA A 818 72.08 27.10 51.26
C ALA A 818 73.14 26.47 52.15
N VAL A 819 73.29 25.15 52.07
CA VAL A 819 74.38 24.49 52.85
C VAL A 819 75.67 25.09 52.33
N PHE A 820 75.84 25.09 51.02
CA PHE A 820 77.06 25.68 50.42
C PHE A 820 77.20 27.12 50.91
N VAL A 821 76.12 27.88 50.90
CA VAL A 821 76.22 29.32 51.28
C VAL A 821 76.74 29.43 52.71
N ALA A 822 76.16 28.67 53.62
CA ALA A 822 76.55 28.72 55.04
C ALA A 822 78.01 28.32 55.20
N VAL A 823 78.43 27.30 54.46
CA VAL A 823 79.84 26.82 54.58
C VAL A 823 80.75 27.97 54.13
N MET A 824 80.40 28.60 53.01
CA MET A 824 81.22 29.74 52.50
C MET A 824 81.28 30.80 53.59
N GLU A 825 80.15 31.08 54.26
CA GLU A 825 80.11 32.13 55.30
C GLU A 825 81.01 31.76 56.47
N PHE A 826 80.95 30.51 56.94
CA PHE A 826 81.82 30.04 58.04
C PHE A 826 83.28 30.28 57.62
N ILE A 827 83.60 29.93 56.37
CA ILE A 827 85.00 30.09 55.90
C ILE A 827 85.35 31.58 55.99
N TYR A 828 84.51 32.42 55.40
CA TYR A 828 84.74 33.90 55.42
C TYR A 828 85.04 34.33 56.85
N LYS A 829 84.28 33.84 57.82
CA LYS A 829 84.58 34.15 59.23
C LYS A 829 86.00 33.65 59.54
N THR B 33 -2.14 -37.91 -74.46
CA THR B 33 -0.69 -38.01 -74.44
C THR B 33 -0.25 -38.68 -73.14
N HIS B 34 0.57 -38.00 -72.36
CA HIS B 34 0.95 -38.56 -71.08
C HIS B 34 -0.17 -38.34 -70.09
N VAL B 35 -0.53 -39.42 -69.43
CA VAL B 35 -1.48 -39.38 -68.35
C VAL B 35 -0.75 -39.79 -67.11
N LEU B 36 -0.78 -38.94 -66.11
CA LEU B 36 -0.24 -39.23 -64.81
C LEU B 36 -1.43 -39.63 -63.98
N ARG B 37 -1.20 -40.35 -62.87
CA ARG B 37 -2.37 -40.65 -61.99
C ARG B 37 -2.01 -40.44 -60.53
N PHE B 38 -2.39 -39.30 -59.94
CA PHE B 38 -2.18 -39.11 -58.49
C PHE B 38 -3.25 -39.95 -57.79
N GLY B 39 -3.04 -40.28 -56.52
CA GLY B 39 -4.01 -41.09 -55.77
C GLY B 39 -4.31 -40.47 -54.43
N GLY B 40 -5.53 -40.64 -53.93
CA GLY B 40 -5.84 -40.00 -52.70
C GLY B 40 -6.34 -41.08 -51.81
N ILE B 41 -6.09 -40.99 -50.53
CA ILE B 41 -6.65 -41.92 -49.59
C ILE B 41 -7.33 -41.09 -48.54
N PHE B 42 -8.61 -40.87 -48.68
CA PHE B 42 -9.22 -39.88 -47.81
C PHE B 42 -10.14 -40.52 -46.79
N GLU B 43 -10.20 -39.88 -45.63
CA GLU B 43 -11.14 -40.32 -44.62
C GLU B 43 -12.55 -39.95 -45.02
N TYR B 44 -13.53 -40.63 -44.42
CA TYR B 44 -14.93 -40.28 -44.63
C TYR B 44 -15.30 -39.00 -43.92
N VAL B 45 -16.55 -38.62 -44.10
CA VAL B 45 -17.23 -37.65 -43.27
C VAL B 45 -18.71 -37.99 -43.31
N GLU B 46 -19.43 -37.69 -42.23
CA GLU B 46 -20.87 -37.89 -42.27
C GLU B 46 -21.59 -36.61 -42.64
N SER B 47 -20.82 -35.57 -42.99
CA SER B 47 -21.42 -34.35 -43.54
C SER B 47 -22.01 -34.62 -44.92
N GLY B 48 -21.46 -35.59 -45.62
CA GLY B 48 -22.00 -36.00 -46.89
C GLY B 48 -21.11 -37.02 -47.54
N PRO B 49 -21.29 -37.36 -48.83
CA PRO B 49 -20.40 -38.30 -49.50
C PRO B 49 -19.11 -37.61 -49.93
N MET B 50 -19.00 -36.30 -49.73
CA MET B 50 -17.71 -35.66 -50.07
C MET B 50 -17.19 -34.85 -48.88
N GLY B 51 -15.98 -35.16 -48.42
CA GLY B 51 -15.34 -34.37 -47.36
C GLY B 51 -14.67 -33.16 -47.96
N ALA B 52 -14.41 -32.13 -47.17
CA ALA B 52 -13.85 -30.90 -47.77
C ALA B 52 -12.52 -31.25 -48.42
N GLU B 53 -11.72 -32.07 -47.76
CA GLU B 53 -10.38 -32.35 -48.33
C GLU B 53 -10.60 -33.02 -49.67
N GLU B 54 -11.53 -33.95 -49.75
CA GLU B 54 -11.70 -34.70 -51.02
C GLU B 54 -12.12 -33.72 -52.12
N LEU B 55 -13.06 -32.83 -51.79
CA LEU B 55 -13.56 -31.92 -52.84
C LEU B 55 -12.37 -31.09 -53.28
N ALA B 56 -11.55 -30.67 -52.33
CA ALA B 56 -10.44 -29.78 -52.70
C ALA B 56 -9.52 -30.52 -53.65
N PHE B 57 -9.26 -31.78 -53.38
CA PHE B 57 -8.28 -32.45 -54.26
C PHE B 57 -8.86 -32.42 -55.66
N ARG B 58 -10.13 -32.76 -55.79
CA ARG B 58 -10.67 -32.81 -57.15
C ARG B 58 -10.60 -31.40 -57.71
N PHE B 59 -10.90 -30.41 -56.88
CA PHE B 59 -10.97 -29.02 -57.39
C PHE B 59 -9.60 -28.66 -57.94
N ALA B 60 -8.55 -29.14 -57.29
CA ALA B 60 -7.22 -28.70 -57.74
C ALA B 60 -6.87 -29.50 -58.98
N VAL B 61 -7.13 -30.80 -58.95
CA VAL B 61 -6.69 -31.58 -60.15
C VAL B 61 -7.43 -30.98 -61.35
N ASN B 62 -8.69 -30.63 -61.16
CA ASN B 62 -9.46 -30.04 -62.28
C ASN B 62 -8.80 -28.71 -62.68
N THR B 63 -8.46 -27.85 -61.72
CA THR B 63 -7.94 -26.52 -62.12
C THR B 63 -6.64 -26.68 -62.88
N ILE B 64 -5.73 -27.50 -62.36
CA ILE B 64 -4.42 -27.66 -63.03
C ILE B 64 -4.69 -28.30 -64.39
N ASN B 65 -5.66 -29.20 -64.43
CA ASN B 65 -6.00 -29.84 -65.74
C ASN B 65 -6.53 -28.76 -66.70
N ARG B 66 -7.16 -27.69 -66.20
CA ARG B 66 -7.69 -26.66 -67.07
C ARG B 66 -6.73 -25.53 -67.34
N ASN B 67 -5.83 -25.25 -66.42
CA ASN B 67 -4.74 -24.33 -66.69
C ASN B 67 -3.87 -24.95 -67.76
N ARG B 68 -3.21 -24.12 -68.52
CA ARG B 68 -2.42 -24.66 -69.59
C ARG B 68 -0.94 -24.56 -69.34
N THR B 69 -0.52 -23.63 -68.48
CA THR B 69 0.90 -23.45 -68.21
C THR B 69 1.47 -24.67 -67.49
N LEU B 70 0.91 -25.00 -66.34
CA LEU B 70 1.29 -26.24 -65.71
C LEU B 70 0.75 -27.40 -66.51
N LEU B 71 1.53 -28.48 -66.57
CA LEU B 71 1.15 -29.76 -67.14
C LEU B 71 0.73 -29.66 -68.60
N PRO B 72 1.65 -29.30 -69.50
CA PRO B 72 1.23 -28.90 -70.83
C PRO B 72 0.77 -30.08 -71.65
N ASN B 73 1.54 -31.15 -71.62
CA ASN B 73 1.29 -32.31 -72.45
C ASN B 73 0.80 -33.47 -71.62
N THR B 74 0.41 -33.23 -70.37
CA THR B 74 0.02 -34.27 -69.44
C THR B 74 -1.31 -33.89 -68.83
N THR B 75 -2.03 -34.89 -68.30
CA THR B 75 -3.29 -34.63 -67.55
C THR B 75 -3.21 -35.43 -66.25
N LEU B 76 -3.72 -34.91 -65.14
CA LEU B 76 -3.56 -35.64 -63.85
C LEU B 76 -4.87 -36.32 -63.49
N THR B 77 -5.03 -37.60 -63.77
CA THR B 77 -6.24 -38.33 -63.29
C THR B 77 -6.15 -38.47 -61.78
N TYR B 78 -7.20 -38.98 -61.13
CA TYR B 78 -7.09 -39.23 -59.72
C TYR B 78 -7.93 -40.41 -59.30
N ASP B 79 -7.35 -41.23 -58.45
CA ASP B 79 -8.00 -42.39 -57.88
C ASP B 79 -8.13 -42.20 -56.37
N THR B 80 -9.29 -41.82 -55.91
CA THR B 80 -9.49 -41.59 -54.50
C THR B 80 -10.13 -42.81 -53.88
N GLN B 81 -9.38 -43.52 -53.06
CA GLN B 81 -9.99 -44.51 -52.20
C GLN B 81 -10.42 -43.81 -50.94
N LYS B 82 -11.46 -44.31 -50.33
CA LYS B 82 -12.00 -43.70 -49.14
C LYS B 82 -12.04 -44.75 -48.05
N ILE B 83 -11.55 -44.40 -46.87
CA ILE B 83 -11.61 -45.36 -45.80
C ILE B 83 -12.31 -44.75 -44.62
N ASN B 84 -12.51 -45.58 -43.61
CA ASN B 84 -13.01 -45.11 -42.34
C ASN B 84 -11.96 -44.24 -41.70
N LEU B 85 -12.43 -43.42 -40.80
CA LEU B 85 -11.53 -42.75 -39.89
C LEU B 85 -10.83 -43.80 -39.05
N TYR B 86 -9.54 -43.61 -38.84
CA TYR B 86 -8.69 -44.41 -37.99
C TYR B 86 -8.60 -45.86 -38.38
N ASP B 87 -8.80 -46.20 -39.64
CA ASP B 87 -8.84 -47.61 -39.99
C ASP B 87 -7.49 -47.98 -40.58
N SER B 88 -6.43 -47.87 -39.79
CA SER B 88 -5.08 -47.81 -40.35
C SER B 88 -4.68 -49.10 -41.03
N PHE B 89 -5.28 -50.21 -40.63
CA PHE B 89 -5.14 -51.41 -41.42
C PHE B 89 -5.78 -51.24 -42.78
N GLU B 90 -6.94 -50.60 -42.82
CA GLU B 90 -7.55 -50.39 -44.12
C GLU B 90 -6.76 -49.41 -44.95
N ALA B 91 -6.14 -48.44 -44.30
CA ALA B 91 -5.30 -47.47 -45.00
C ALA B 91 -4.15 -48.18 -45.67
N SER B 92 -3.54 -49.11 -44.94
CA SER B 92 -2.46 -49.91 -45.51
C SER B 92 -2.96 -50.73 -46.68
N LYS B 93 -4.16 -51.26 -46.53
CA LYS B 93 -4.72 -52.13 -47.55
C LYS B 93 -5.02 -51.35 -48.83
N LYS B 94 -5.56 -50.15 -48.70
CA LYS B 94 -5.87 -49.38 -49.88
C LYS B 94 -4.62 -48.86 -50.55
N ALA B 95 -3.59 -48.57 -49.77
CA ALA B 95 -2.36 -48.11 -50.40
C ALA B 95 -1.74 -49.21 -51.20
N CYS B 96 -1.90 -50.44 -50.74
CA CYS B 96 -1.50 -51.57 -51.56
C CYS B 96 -2.32 -51.64 -52.83
N ASP B 97 -3.62 -51.39 -52.73
CA ASP B 97 -4.51 -51.47 -53.89
C ASP B 97 -4.14 -50.44 -54.93
N GLN B 98 -3.94 -49.21 -54.49
CA GLN B 98 -3.58 -48.14 -55.41
C GLN B 98 -2.24 -48.38 -56.04
N LEU B 99 -1.23 -48.77 -55.24
CA LEU B 99 0.09 -48.94 -55.81
C LEU B 99 0.13 -50.13 -56.74
N SER B 100 -0.77 -51.07 -56.56
CA SER B 100 -0.92 -52.11 -57.57
C SER B 100 -1.46 -51.52 -58.85
N LEU B 101 -2.35 -50.54 -58.75
CA LEU B 101 -2.81 -49.86 -59.97
C LEU B 101 -1.68 -49.07 -60.61
N GLY B 102 -0.89 -48.35 -59.81
CA GLY B 102 0.23 -47.54 -60.33
C GLY B 102 0.00 -46.06 -60.08
N VAL B 103 0.55 -45.51 -58.99
CA VAL B 103 0.25 -44.10 -58.64
C VAL B 103 1.54 -43.34 -58.40
N ALA B 104 1.63 -42.10 -58.87
CA ALA B 104 2.83 -41.28 -58.62
C ALA B 104 2.95 -40.94 -57.14
N ALA B 105 1.84 -40.61 -56.49
CA ALA B 105 1.93 -40.20 -55.08
C ALA B 105 0.77 -40.79 -54.31
N ILE B 106 0.72 -40.55 -53.01
CA ILE B 106 -0.47 -41.01 -52.28
C ILE B 106 -0.80 -39.89 -51.31
N PHE B 107 -1.71 -39.00 -51.70
CA PHE B 107 -2.01 -37.82 -50.86
C PHE B 107 -2.82 -38.27 -49.67
N GLY B 108 -2.87 -37.43 -48.64
CA GLY B 108 -3.61 -37.77 -47.42
C GLY B 108 -3.06 -39.03 -46.78
N PRO B 109 -3.77 -39.82 -45.94
CA PRO B 109 -4.90 -39.40 -45.17
C PRO B 109 -4.50 -38.43 -44.15
N SER B 110 -5.41 -38.13 -43.22
CA SER B 110 -5.13 -37.05 -42.25
C SER B 110 -4.81 -37.60 -40.87
N HIS B 111 -5.68 -38.46 -40.32
CA HIS B 111 -5.45 -38.93 -38.93
C HIS B 111 -4.08 -39.58 -38.86
N SER B 112 -3.32 -39.29 -37.80
CA SER B 112 -1.93 -39.78 -37.74
C SER B 112 -1.86 -41.30 -37.83
N SER B 113 -2.79 -42.02 -37.20
CA SER B 113 -2.63 -43.48 -37.17
C SER B 113 -2.62 -44.04 -38.59
N SER B 114 -3.45 -43.49 -39.46
CA SER B 114 -3.51 -44.07 -40.82
C SER B 114 -2.32 -43.52 -41.57
N ALA B 115 -2.06 -42.24 -41.36
CA ALA B 115 -1.00 -41.58 -42.08
C ALA B 115 0.26 -42.35 -41.98
N ASN B 116 0.56 -42.85 -40.80
CA ASN B 116 1.82 -43.50 -40.59
C ASN B 116 1.87 -44.80 -41.34
N ALA B 117 0.74 -45.46 -41.51
CA ALA B 117 0.88 -46.71 -42.26
C ALA B 117 1.27 -46.35 -43.69
N VAL B 118 0.63 -45.32 -44.24
CA VAL B 118 0.90 -45.02 -45.66
C VAL B 118 2.35 -44.54 -45.79
N GLN B 119 2.86 -43.77 -44.83
CA GLN B 119 4.22 -43.21 -44.96
C GLN B 119 5.17 -44.39 -45.02
N SER B 120 4.95 -45.38 -44.17
CA SER B 120 5.79 -46.57 -44.24
C SER B 120 5.55 -47.33 -45.54
N ILE B 121 4.30 -47.49 -45.96
CA ILE B 121 4.11 -48.32 -47.19
C ILE B 121 4.86 -47.64 -48.31
N CYS B 122 4.73 -46.31 -48.40
CA CYS B 122 5.38 -45.54 -49.49
C CYS B 122 6.90 -45.59 -49.37
N ASN B 123 7.44 -45.44 -48.18
CA ASN B 123 8.91 -45.33 -48.10
C ASN B 123 9.47 -46.59 -48.72
N ALA B 124 8.83 -47.72 -48.49
CA ALA B 124 9.41 -48.97 -48.99
C ALA B 124 9.30 -49.04 -50.51
N LEU B 125 8.11 -48.82 -51.04
CA LEU B 125 7.93 -48.97 -52.51
C LEU B 125 8.46 -47.73 -53.24
N GLY B 126 8.82 -46.68 -52.51
CA GLY B 126 9.46 -45.51 -53.15
C GLY B 126 8.52 -44.57 -53.87
N VAL B 127 7.22 -44.68 -53.67
CA VAL B 127 6.32 -43.68 -54.30
C VAL B 127 6.12 -42.55 -53.31
N PRO B 128 6.42 -41.29 -53.65
CA PRO B 128 6.38 -40.22 -52.67
C PRO B 128 5.03 -39.99 -52.01
N HIS B 129 4.99 -39.87 -50.69
CA HIS B 129 3.73 -39.60 -49.97
C HIS B 129 3.69 -38.13 -49.62
N ILE B 130 2.73 -37.36 -50.13
CA ILE B 130 2.59 -35.93 -49.74
C ILE B 130 1.45 -35.81 -48.75
N GLN B 131 1.77 -35.62 -47.47
CA GLN B 131 0.73 -35.56 -46.41
C GLN B 131 0.05 -34.22 -46.52
N THR B 132 -1.03 -34.01 -45.78
CA THR B 132 -1.64 -32.66 -45.79
C THR B 132 -1.83 -32.14 -44.37
N ARG B 133 -2.09 -33.03 -43.41
CA ARG B 133 -2.39 -32.53 -42.04
C ARG B 133 -1.25 -32.92 -41.13
N TRP B 134 -1.01 -32.15 -40.07
CA TRP B 134 0.13 -32.43 -39.23
C TRP B 134 -0.04 -33.81 -38.64
N LYS B 135 0.77 -34.74 -39.11
CA LYS B 135 0.78 -36.01 -38.44
C LYS B 135 1.71 -35.85 -37.28
N HIS B 136 1.47 -36.60 -36.24
CA HIS B 136 2.47 -36.60 -35.21
C HIS B 136 3.65 -37.38 -35.72
N GLN B 137 4.80 -36.74 -35.77
CA GLN B 137 5.98 -37.42 -36.25
C GLN B 137 6.45 -38.37 -35.17
N VAL B 138 6.54 -39.66 -35.51
CA VAL B 138 7.29 -40.56 -34.64
C VAL B 138 8.75 -40.24 -34.84
N SER B 139 9.50 -40.17 -33.74
CA SER B 139 10.76 -39.44 -33.75
C SER B 139 11.87 -40.16 -34.48
N ASP B 140 11.91 -41.48 -34.37
CA ASP B 140 12.98 -42.22 -35.02
C ASP B 140 12.55 -42.74 -36.36
N ASN B 141 11.49 -42.19 -36.92
CA ASN B 141 10.97 -42.71 -38.16
C ASN B 141 11.88 -42.33 -39.31
N LYS B 142 12.56 -43.33 -39.85
CA LYS B 142 13.66 -43.14 -40.77
C LYS B 142 13.23 -42.89 -42.20
N ASP B 143 12.01 -42.42 -42.44
CA ASP B 143 11.49 -42.47 -43.78
C ASP B 143 11.76 -41.17 -44.50
N SER B 144 12.45 -41.28 -45.62
CA SER B 144 12.76 -40.11 -46.38
C SER B 144 11.79 -39.81 -47.47
N PHE B 145 10.86 -40.70 -47.77
CA PHE B 145 10.00 -40.46 -48.90
C PHE B 145 8.69 -39.84 -48.48
N TYR B 146 8.74 -38.78 -47.69
CA TYR B 146 7.48 -38.07 -47.34
C TYR B 146 7.68 -36.56 -47.41
N VAL B 147 6.59 -35.81 -47.55
CA VAL B 147 6.67 -34.34 -47.57
C VAL B 147 5.40 -33.83 -46.92
N SER B 148 5.52 -32.93 -45.94
CA SER B 148 4.35 -32.41 -45.21
C SER B 148 4.06 -31.05 -45.80
N LEU B 149 2.85 -30.57 -45.67
CA LEU B 149 2.61 -29.20 -46.16
C LEU B 149 2.03 -28.39 -45.02
N TYR B 150 1.56 -29.03 -43.96
CA TYR B 150 1.08 -28.22 -42.81
C TYR B 150 2.31 -27.51 -42.28
N PRO B 151 2.26 -26.24 -41.84
CA PRO B 151 3.44 -25.63 -41.27
C PRO B 151 3.82 -26.51 -40.08
N ASP B 152 5.11 -26.69 -39.82
CA ASP B 152 5.46 -27.69 -38.78
C ASP B 152 5.06 -27.11 -37.45
N PHE B 153 4.35 -27.90 -36.64
CA PHE B 153 3.80 -27.38 -35.36
C PHE B 153 4.93 -26.85 -34.47
N SER B 154 6.15 -27.39 -34.58
CA SER B 154 7.24 -26.79 -33.79
C SER B 154 7.51 -25.36 -34.26
N SER B 155 7.63 -25.13 -35.57
CA SER B 155 7.98 -23.77 -36.03
C SER B 155 6.86 -22.81 -35.67
N LEU B 156 5.62 -23.19 -35.94
CA LEU B 156 4.49 -22.33 -35.55
C LEU B 156 4.59 -22.13 -34.04
N SER B 157 4.99 -23.16 -33.29
CA SER B 157 4.97 -22.98 -31.83
C SER B 157 5.96 -21.89 -31.45
N ARG B 158 7.11 -21.85 -32.11
CA ARG B 158 8.12 -20.86 -31.68
C ARG B 158 7.46 -19.50 -31.91
N ALA B 159 6.69 -19.37 -32.98
CA ALA B 159 6.01 -18.09 -33.22
C ALA B 159 5.04 -17.78 -32.08
N ILE B 160 4.34 -18.77 -31.55
CA ILE B 160 3.48 -18.47 -30.37
C ILE B 160 4.38 -18.00 -29.23
N LEU B 161 5.54 -18.61 -29.07
CA LEU B 161 6.48 -18.19 -28.01
C LEU B 161 6.94 -16.76 -28.29
N ASP B 162 6.89 -16.32 -29.55
CA ASP B 162 7.38 -14.96 -29.92
C ASP B 162 6.22 -13.98 -29.76
N LEU B 163 5.00 -14.43 -30.02
CA LEU B 163 3.82 -13.57 -29.77
C LEU B 163 3.67 -13.35 -28.27
N VAL B 164 3.97 -14.36 -27.47
CA VAL B 164 3.77 -14.22 -26.00
C VAL B 164 4.67 -13.10 -25.51
N GLN B 165 5.90 -13.05 -26.00
CA GLN B 165 6.85 -12.02 -25.53
C GLN B 165 6.32 -10.64 -25.90
N PHE B 166 5.74 -10.50 -27.08
CA PHE B 166 5.27 -9.16 -27.52
C PHE B 166 4.21 -8.66 -26.55
N PHE B 167 3.34 -9.55 -26.09
CA PHE B 167 2.25 -9.13 -25.19
C PHE B 167 2.81 -9.07 -23.76
N LYS B 168 4.11 -9.29 -23.61
CA LYS B 168 4.77 -9.22 -22.28
C LYS B 168 4.04 -10.09 -21.27
N TRP B 169 3.55 -11.24 -21.70
CA TRP B 169 2.84 -12.17 -20.78
C TRP B 169 3.85 -12.76 -19.80
N LYS B 170 3.42 -12.99 -18.57
CA LYS B 170 4.30 -13.65 -17.57
C LYS B 170 3.63 -14.94 -17.11
N THR B 171 2.31 -15.03 -17.24
CA THR B 171 1.57 -16.26 -16.88
C THR B 171 0.69 -16.69 -18.03
N VAL B 172 0.85 -17.93 -18.53
CA VAL B 172 -0.05 -18.41 -19.61
C VAL B 172 -0.78 -19.65 -19.11
N THR B 173 -1.72 -20.18 -19.89
CA THR B 173 -2.43 -21.43 -19.51
C THR B 173 -2.77 -22.25 -20.75
N VAL B 174 -1.81 -22.99 -21.30
CA VAL B 174 -2.09 -23.71 -22.57
C VAL B 174 -3.22 -24.68 -22.30
N VAL B 175 -4.17 -24.76 -23.21
CA VAL B 175 -5.32 -25.69 -23.07
C VAL B 175 -5.32 -26.50 -24.35
N TYR B 176 -4.84 -27.73 -24.29
CA TYR B 176 -4.68 -28.52 -25.53
C TYR B 176 -5.76 -29.59 -25.56
N ASP B 177 -6.22 -29.99 -26.75
CA ASP B 177 -7.14 -31.10 -26.78
C ASP B 177 -6.35 -32.38 -26.66
N ASP B 178 -6.99 -33.39 -26.13
CA ASP B 178 -6.23 -34.59 -25.83
C ASP B 178 -6.07 -35.45 -27.04
N SER B 179 -6.78 -35.15 -28.12
CA SER B 179 -6.73 -36.01 -29.29
C SER B 179 -5.40 -35.82 -30.01
N THR B 180 -4.73 -34.72 -29.77
CA THR B 180 -3.36 -34.58 -30.20
C THR B 180 -2.47 -34.69 -28.98
N GLY B 181 -1.19 -34.82 -29.21
CA GLY B 181 -0.31 -34.94 -28.09
C GLY B 181 -0.06 -33.60 -27.47
N LEU B 182 0.80 -33.62 -26.47
CA LEU B 182 1.50 -32.43 -26.10
C LEU B 182 2.66 -32.17 -27.02
N ILE B 183 3.07 -33.19 -27.77
CA ILE B 183 4.34 -33.20 -28.50
C ILE B 183 4.41 -32.05 -29.47
N ARG B 184 3.23 -31.67 -29.97
CA ARG B 184 3.16 -30.58 -30.96
C ARG B 184 3.38 -29.26 -30.26
N LEU B 185 3.72 -29.30 -28.99
CA LEU B 185 3.86 -28.02 -28.25
C LEU B 185 5.20 -28.08 -27.54
N GLN B 186 6.13 -28.86 -28.06
CA GLN B 186 7.39 -29.03 -27.30
C GLN B 186 8.01 -27.66 -27.08
N GLU B 187 8.03 -26.79 -28.09
CA GLU B 187 8.73 -25.51 -27.86
C GLU B 187 8.04 -24.68 -26.78
N LEU B 188 6.71 -24.63 -26.78
CA LEU B 188 6.03 -23.89 -25.68
C LEU B 188 6.29 -24.59 -24.35
N ILE B 189 6.24 -25.91 -24.29
CA ILE B 189 6.40 -26.57 -22.97
C ILE B 189 7.81 -26.27 -22.46
N LYS B 190 8.80 -26.20 -23.36
CA LYS B 190 10.22 -26.00 -22.95
C LYS B 190 10.48 -24.51 -22.73
N ALA B 191 9.48 -23.67 -22.93
CA ALA B 191 9.67 -22.20 -22.82
C ALA B 191 10.12 -21.75 -21.43
N PRO B 192 9.58 -22.26 -20.31
CA PRO B 192 9.97 -21.74 -19.00
C PRO B 192 11.44 -22.00 -18.67
N SER B 193 12.14 -22.76 -19.50
CA SER B 193 13.55 -23.09 -19.22
C SER B 193 14.46 -21.96 -19.69
N ARG B 194 13.97 -21.05 -20.53
CA ARG B 194 14.77 -19.92 -20.96
C ARG B 194 14.27 -18.59 -20.48
N TYR B 195 12.97 -18.48 -20.23
CA TYR B 195 12.41 -17.15 -19.89
C TYR B 195 11.77 -17.24 -18.50
N ASN B 196 10.79 -16.40 -18.23
CA ASN B 196 10.08 -16.52 -16.94
C ASN B 196 8.58 -16.57 -17.21
N LEU B 197 8.11 -17.70 -17.71
CA LEU B 197 6.65 -17.87 -17.98
C LEU B 197 6.15 -18.90 -16.99
N ARG B 198 5.06 -18.64 -16.29
CA ARG B 198 4.52 -19.70 -15.41
C ARG B 198 3.47 -20.51 -16.17
N LEU B 199 3.85 -21.25 -17.21
CA LEU B 199 2.85 -21.96 -18.05
C LEU B 199 2.11 -23.00 -17.22
N LYS B 200 0.78 -23.02 -17.26
CA LYS B 200 0.00 -24.09 -16.58
C LYS B 200 -0.78 -24.82 -17.66
N ILE B 201 -0.71 -26.14 -17.71
CA ILE B 201 -1.35 -26.91 -18.76
C ILE B 201 -2.64 -27.49 -18.26
N ARG B 202 -3.73 -27.31 -18.99
CA ARG B 202 -4.99 -27.93 -18.68
C ARG B 202 -5.51 -28.60 -19.92
N GLN B 203 -6.07 -29.77 -19.74
CA GLN B 203 -6.58 -30.55 -20.85
C GLN B 203 -8.00 -30.16 -21.10
N LEU B 204 -8.37 -30.10 -22.37
CA LEU B 204 -9.76 -29.96 -22.71
C LEU B 204 -10.51 -31.21 -22.29
N PRO B 205 -11.80 -31.13 -22.11
CA PRO B 205 -12.56 -32.37 -21.95
C PRO B 205 -12.54 -33.15 -23.24
N ALA B 206 -11.96 -34.34 -23.17
CA ALA B 206 -12.04 -35.25 -24.28
C ALA B 206 -13.37 -35.99 -24.28
N ASP B 207 -14.12 -35.88 -23.18
CA ASP B 207 -15.45 -36.47 -23.11
C ASP B 207 -16.46 -35.67 -23.92
N THR B 208 -16.31 -34.35 -24.00
CA THR B 208 -17.34 -33.53 -24.60
C THR B 208 -16.72 -32.26 -25.16
N LYS B 209 -17.59 -31.31 -25.46
CA LYS B 209 -17.18 -29.94 -25.68
C LYS B 209 -17.62 -29.05 -24.55
N ASP B 210 -18.42 -29.58 -23.64
CA ASP B 210 -18.93 -28.80 -22.53
C ASP B 210 -17.82 -28.52 -21.55
N ALA B 211 -17.04 -27.52 -21.87
CA ALA B 211 -15.86 -27.22 -21.09
C ALA B 211 -16.18 -26.35 -19.90
N LYS B 212 -17.41 -26.36 -19.43
CA LYS B 212 -17.77 -25.48 -18.33
C LYS B 212 -17.01 -25.73 -17.04
N PRO B 213 -16.70 -26.96 -16.62
CA PRO B 213 -15.86 -27.07 -15.43
C PRO B 213 -14.49 -26.51 -15.63
N LEU B 214 -13.87 -26.80 -16.77
CA LEU B 214 -12.52 -26.34 -17.03
C LEU B 214 -12.48 -24.83 -17.09
N LEU B 215 -13.46 -24.23 -17.73
CA LEU B 215 -13.48 -22.78 -17.81
C LEU B 215 -13.73 -22.19 -16.44
N LYS B 216 -14.48 -22.89 -15.60
CA LYS B 216 -14.71 -22.35 -14.28
C LYS B 216 -13.46 -22.37 -13.45
N GLU B 217 -12.64 -23.41 -13.62
CA GLU B 217 -11.34 -23.41 -12.89
C GLU B 217 -10.48 -22.31 -13.48
N MET B 218 -10.52 -22.14 -14.80
CA MET B 218 -9.61 -21.15 -15.42
C MET B 218 -9.91 -19.79 -14.86
N LYS B 219 -11.19 -19.52 -14.57
CA LYS B 219 -11.55 -18.17 -14.10
C LYS B 219 -11.21 -18.12 -12.61
N ARG B 220 -11.54 -19.18 -11.88
CA ARG B 220 -11.25 -19.13 -10.46
C ARG B 220 -9.78 -18.87 -10.22
N GLY B 221 -8.93 -19.47 -11.02
CA GLY B 221 -7.52 -19.26 -10.78
C GLY B 221 -6.97 -17.99 -11.30
N LYS B 222 -7.85 -17.08 -11.72
CA LYS B 222 -7.43 -15.75 -12.21
C LYS B 222 -6.56 -15.92 -13.45
N GLU B 223 -6.53 -17.10 -14.05
CA GLU B 223 -5.75 -17.24 -15.30
C GLU B 223 -6.44 -16.36 -16.34
N PHE B 224 -5.71 -15.41 -16.91
CA PHE B 224 -6.36 -14.45 -17.83
C PHE B 224 -5.79 -14.62 -19.24
N HIS B 225 -4.62 -15.22 -19.37
CA HIS B 225 -4.07 -15.30 -20.73
C HIS B 225 -4.07 -16.78 -21.12
N VAL B 226 -4.75 -17.17 -22.18
CA VAL B 226 -4.85 -18.62 -22.46
C VAL B 226 -4.39 -18.92 -23.87
N ILE B 227 -3.47 -19.86 -24.05
CA ILE B 227 -3.08 -20.24 -25.44
C ILE B 227 -3.92 -21.47 -25.76
N PHE B 228 -4.92 -21.33 -26.62
CA PHE B 228 -5.79 -22.49 -26.89
C PHE B 228 -5.24 -23.20 -28.10
N ASP B 229 -5.04 -24.51 -28.03
CA ASP B 229 -4.61 -25.30 -29.21
C ASP B 229 -5.68 -26.34 -29.48
N CYS B 230 -6.52 -26.11 -30.48
CA CYS B 230 -7.61 -27.01 -30.77
C CYS B 230 -8.02 -26.73 -32.19
N SER B 231 -8.58 -27.72 -32.84
CA SER B 231 -9.10 -27.47 -34.17
C SER B 231 -10.30 -26.53 -34.09
N HIS B 232 -10.53 -25.82 -35.19
CA HIS B 232 -11.27 -24.57 -35.07
C HIS B 232 -12.74 -24.79 -34.79
N GLU B 233 -13.27 -25.98 -35.07
CA GLU B 233 -14.61 -26.30 -34.61
C GLU B 233 -14.66 -26.31 -33.10
N MET B 234 -13.62 -26.86 -32.48
CA MET B 234 -13.56 -26.80 -31.05
C MET B 234 -13.28 -25.39 -30.59
N ALA B 235 -12.63 -24.59 -31.43
CA ALA B 235 -12.40 -23.22 -31.01
C ALA B 235 -13.69 -22.46 -30.95
N ALA B 236 -14.58 -22.66 -31.91
CA ALA B 236 -15.86 -21.98 -31.88
C ALA B 236 -16.71 -22.47 -30.71
N GLY B 237 -16.67 -23.76 -30.45
CA GLY B 237 -17.40 -24.27 -29.30
C GLY B 237 -16.91 -23.69 -28.00
N ILE B 238 -15.60 -23.59 -27.85
CA ILE B 238 -15.08 -23.08 -26.60
C ILE B 238 -15.31 -21.61 -26.50
N LEU B 239 -15.39 -20.92 -27.62
CA LEU B 239 -15.66 -19.51 -27.48
C LEU B 239 -17.11 -19.22 -27.12
N LYS B 240 -18.06 -19.99 -27.65
CA LYS B 240 -19.43 -19.81 -27.18
C LYS B 240 -19.55 -20.13 -25.72
N GLN B 241 -18.88 -21.21 -25.28
CA GLN B 241 -18.99 -21.53 -23.87
C GLN B 241 -18.07 -20.68 -23.04
N ALA B 242 -17.26 -19.86 -23.66
CA ALA B 242 -16.52 -18.91 -22.86
C ALA B 242 -17.33 -17.65 -22.70
N LEU B 243 -18.13 -17.33 -23.71
CA LEU B 243 -18.98 -16.16 -23.62
C LEU B 243 -20.05 -16.35 -22.58
N ALA B 244 -20.76 -17.45 -22.66
CA ALA B 244 -21.75 -17.67 -21.64
C ALA B 244 -21.15 -18.10 -20.32
N MET B 245 -19.86 -17.88 -20.16
CA MET B 245 -19.20 -18.17 -18.86
C MET B 245 -18.57 -16.86 -18.41
N GLY B 246 -18.88 -15.79 -19.12
CA GLY B 246 -18.38 -14.48 -18.67
C GLY B 246 -16.88 -14.43 -18.61
N MET B 247 -16.23 -15.07 -19.57
CA MET B 247 -14.75 -15.01 -19.64
C MET B 247 -14.38 -14.15 -20.86
N MET B 248 -15.37 -13.72 -21.64
CA MET B 248 -15.07 -12.94 -22.86
C MET B 248 -15.24 -11.48 -22.50
N THR B 249 -14.36 -10.94 -21.67
CA THR B 249 -14.47 -9.59 -21.20
C THR B 249 -13.23 -8.87 -21.61
N GLU B 250 -13.02 -7.72 -21.00
CA GLU B 250 -11.86 -6.94 -21.34
C GLU B 250 -10.59 -7.52 -20.79
N TYR B 251 -10.64 -8.24 -19.68
CA TYR B 251 -9.39 -8.62 -19.05
C TYR B 251 -8.73 -9.78 -19.76
N TYR B 252 -9.51 -10.69 -20.34
CA TYR B 252 -8.88 -11.90 -20.93
C TYR B 252 -8.25 -11.66 -22.29
N HIS B 253 -7.16 -12.37 -22.61
CA HIS B 253 -6.54 -12.31 -23.96
C HIS B 253 -6.31 -13.76 -24.37
N TYR B 254 -6.84 -14.20 -25.51
CA TYR B 254 -6.77 -15.64 -25.87
C TYR B 254 -6.01 -15.82 -27.18
N ILE B 255 -4.82 -16.42 -27.13
CA ILE B 255 -4.02 -16.66 -28.36
C ILE B 255 -4.42 -18.04 -28.87
N PHE B 256 -5.19 -18.08 -29.94
CA PHE B 256 -5.64 -19.38 -30.50
C PHE B 256 -4.64 -19.80 -31.56
N THR B 257 -4.17 -21.05 -31.53
CA THR B 257 -3.13 -21.46 -32.49
C THR B 257 -3.77 -22.03 -33.74
N THR B 258 -5.10 -22.16 -33.74
CA THR B 258 -5.69 -22.82 -34.91
C THR B 258 -5.33 -21.95 -36.10
N LEU B 259 -4.83 -22.53 -37.18
CA LEU B 259 -4.39 -21.73 -38.33
C LEU B 259 -5.65 -21.30 -39.09
N ASP B 260 -6.80 -21.77 -38.64
CA ASP B 260 -8.09 -21.47 -39.32
C ASP B 260 -8.85 -20.40 -38.53
N LEU B 261 -8.17 -19.59 -37.72
CA LEU B 261 -8.94 -18.65 -36.86
C LEU B 261 -9.83 -17.74 -37.69
N PHE B 262 -9.41 -17.34 -38.88
CA PHE B 262 -10.20 -16.34 -39.64
C PHE B 262 -11.63 -16.85 -39.85
N ALA B 263 -11.79 -18.14 -40.13
CA ALA B 263 -13.14 -18.66 -40.42
C ALA B 263 -14.03 -18.56 -39.18
N LEU B 264 -13.47 -18.54 -37.98
CA LEU B 264 -14.35 -18.55 -36.78
C LEU B 264 -15.23 -17.31 -36.85
N ASP B 265 -16.52 -17.45 -36.46
CA ASP B 265 -17.43 -16.26 -36.46
C ASP B 265 -17.18 -15.50 -35.17
N VAL B 266 -16.95 -14.20 -35.25
CA VAL B 266 -16.56 -13.43 -34.09
C VAL B 266 -17.63 -12.43 -33.69
N GLU B 267 -18.77 -12.44 -34.35
CA GLU B 267 -19.70 -11.34 -34.20
C GLU B 267 -20.37 -11.21 -32.83
N PRO B 268 -20.66 -12.26 -32.08
CA PRO B 268 -21.08 -12.02 -30.70
C PRO B 268 -20.00 -11.45 -29.84
N TYR B 269 -18.76 -11.66 -30.15
CA TYR B 269 -17.72 -11.32 -29.23
C TYR B 269 -17.15 -9.94 -29.46
N ARG B 270 -17.12 -9.49 -30.70
CA ARG B 270 -16.18 -8.46 -31.10
C ARG B 270 -16.48 -7.08 -30.56
N TYR B 271 -17.49 -6.89 -29.77
CA TYR B 271 -17.64 -5.63 -29.12
C TYR B 271 -17.09 -5.64 -27.73
N SER B 272 -16.89 -6.81 -27.16
CA SER B 272 -16.50 -6.84 -25.77
C SER B 272 -15.04 -6.49 -25.57
N GLY B 273 -14.27 -6.47 -26.62
CA GLY B 273 -12.92 -6.00 -26.53
C GLY B 273 -11.91 -7.01 -26.05
N VAL B 274 -12.27 -8.29 -26.00
CA VAL B 274 -11.28 -9.30 -25.67
C VAL B 274 -10.26 -9.42 -26.78
N ASN B 275 -8.99 -9.29 -26.43
CA ASN B 275 -7.96 -9.23 -27.44
C ASN B 275 -7.59 -10.63 -27.88
N MET B 276 -8.39 -11.24 -28.75
CA MET B 276 -8.06 -12.54 -29.31
C MET B 276 -7.02 -12.36 -30.38
N THR B 277 -6.12 -13.32 -30.50
CA THR B 277 -5.03 -13.23 -31.49
C THR B 277 -4.76 -14.61 -32.02
N GLY B 278 -4.47 -14.74 -33.31
CA GLY B 278 -4.31 -16.08 -33.88
C GLY B 278 -3.49 -16.01 -35.14
N PHE B 279 -2.98 -17.13 -35.64
CA PHE B 279 -2.14 -16.97 -36.84
C PHE B 279 -2.94 -17.44 -38.05
N ARG B 280 -3.02 -16.64 -39.10
CA ARG B 280 -3.71 -17.03 -40.36
C ARG B 280 -2.67 -17.21 -41.45
N ILE B 281 -2.62 -18.36 -42.11
CA ILE B 281 -1.61 -18.61 -43.11
C ILE B 281 -2.12 -18.29 -44.47
N LEU B 282 -3.43 -18.13 -44.65
CA LEU B 282 -3.96 -17.99 -45.99
C LEU B 282 -3.67 -16.61 -46.55
N ASN B 283 -3.29 -16.56 -47.80
CA ASN B 283 -2.84 -15.33 -48.44
C ASN B 283 -4.04 -14.52 -48.90
N THR B 284 -5.01 -14.35 -47.99
CA THR B 284 -6.35 -13.88 -48.27
C THR B 284 -6.37 -12.43 -48.72
N GLU B 285 -5.28 -11.73 -48.52
CA GLU B 285 -5.15 -10.41 -49.09
C GLU B 285 -5.03 -10.45 -50.60
N ASN B 286 -4.24 -11.37 -51.13
CA ASN B 286 -3.91 -11.31 -52.54
C ASN B 286 -5.11 -11.66 -53.38
N THR B 287 -5.25 -10.96 -54.52
CA THR B 287 -6.51 -11.02 -55.24
C THR B 287 -6.64 -12.31 -56.01
N GLN B 288 -5.52 -12.83 -56.53
CA GLN B 288 -5.50 -14.15 -57.14
C GLN B 288 -5.99 -15.21 -56.16
N VAL B 289 -5.54 -15.09 -54.91
CA VAL B 289 -5.93 -16.00 -53.86
C VAL B 289 -7.41 -15.89 -53.57
N SER B 290 -7.90 -14.66 -53.46
CA SER B 290 -9.31 -14.46 -53.14
C SER B 290 -10.20 -14.93 -54.28
N SER B 291 -9.64 -14.96 -55.48
CA SER B 291 -10.44 -15.46 -56.63
C SER B 291 -10.53 -16.99 -56.58
N ILE B 292 -9.46 -17.68 -56.16
CA ILE B 292 -9.57 -19.16 -56.04
C ILE B 292 -10.58 -19.49 -54.94
N ILE B 293 -10.53 -18.76 -53.83
CA ILE B 293 -11.44 -19.03 -52.70
C ILE B 293 -12.86 -18.79 -53.24
N GLU B 294 -13.04 -17.75 -54.04
CA GLU B 294 -14.37 -17.53 -54.56
C GLU B 294 -14.81 -18.66 -55.47
N LYS B 295 -13.90 -19.14 -56.31
CA LYS B 295 -14.24 -20.29 -57.18
C LYS B 295 -14.71 -21.45 -56.30
N TRP B 296 -13.94 -21.79 -55.27
CA TRP B 296 -14.27 -22.98 -54.44
C TRP B 296 -15.60 -22.78 -53.73
N SER B 297 -15.87 -21.59 -53.24
CA SER B 297 -17.11 -21.47 -52.45
C SER B 297 -18.26 -21.37 -53.44
N MET B 298 -18.01 -20.88 -54.65
CA MET B 298 -19.08 -20.83 -55.63
C MET B 298 -19.45 -22.21 -56.15
N GLU B 299 -18.56 -23.19 -56.01
CA GLU B 299 -19.02 -24.53 -56.34
C GLU B 299 -19.70 -25.24 -55.18
N ARG B 300 -19.93 -24.50 -54.10
CA ARG B 300 -20.68 -25.04 -52.92
C ARG B 300 -20.19 -26.42 -52.53
N LEU B 301 -18.93 -26.74 -52.85
CA LEU B 301 -18.38 -28.04 -52.39
C LEU B 301 -18.42 -28.03 -50.86
N GLN B 302 -18.03 -26.91 -50.24
CA GLN B 302 -18.06 -26.80 -48.76
C GLN B 302 -19.51 -26.89 -48.31
N ALA B 303 -19.83 -27.83 -47.41
CA ALA B 303 -21.19 -28.01 -46.93
C ALA B 303 -21.50 -26.94 -45.90
N PRO B 304 -22.67 -26.29 -45.96
CA PRO B 304 -22.91 -25.09 -45.15
C PRO B 304 -23.08 -25.44 -43.68
N PRO B 305 -22.29 -24.81 -42.81
CA PRO B 305 -22.42 -25.10 -41.37
C PRO B 305 -23.64 -24.43 -40.79
N LYS B 306 -24.23 -25.04 -39.77
CA LYS B 306 -25.37 -24.44 -39.12
C LYS B 306 -24.91 -23.23 -38.31
N PRO B 307 -25.77 -22.23 -38.13
CA PRO B 307 -25.36 -21.04 -37.37
C PRO B 307 -25.12 -21.32 -35.90
N ASP B 308 -25.70 -22.42 -35.40
CA ASP B 308 -25.55 -22.80 -34.01
C ASP B 308 -24.11 -23.15 -33.68
N SER B 309 -23.38 -23.67 -34.67
CA SER B 309 -21.98 -23.99 -34.49
C SER B 309 -21.13 -22.75 -34.38
N GLY B 310 -21.63 -21.60 -34.82
CA GLY B 310 -20.83 -20.41 -34.75
C GLY B 310 -19.71 -20.36 -35.74
N LEU B 311 -19.86 -20.99 -36.89
CA LEU B 311 -18.88 -20.87 -37.95
C LEU B 311 -19.44 -20.03 -39.09
N LEU B 312 -18.54 -19.44 -39.84
CA LEU B 312 -18.95 -18.71 -41.03
C LEU B 312 -19.10 -19.68 -42.18
N ASP B 313 -19.45 -19.14 -43.33
CA ASP B 313 -19.51 -19.90 -44.55
C ASP B 313 -18.56 -19.31 -45.57
N GLY B 314 -18.24 -20.09 -46.59
CA GLY B 314 -17.55 -19.57 -47.75
C GLY B 314 -16.08 -19.30 -47.57
N PHE B 315 -15.51 -19.70 -46.44
CA PHE B 315 -14.08 -19.60 -46.23
C PHE B 315 -13.47 -20.97 -46.38
N MET B 316 -12.60 -21.11 -47.37
CA MET B 316 -11.91 -22.35 -47.60
C MET B 316 -11.02 -22.57 -46.40
N THR B 317 -11.29 -23.66 -45.69
CA THR B 317 -10.53 -24.06 -44.47
C THR B 317 -9.10 -24.47 -44.80
N THR B 318 -8.17 -24.19 -43.90
CA THR B 318 -6.74 -24.41 -44.19
C THR B 318 -6.55 -25.87 -44.57
N ASP B 319 -7.25 -26.82 -43.93
CA ASP B 319 -6.96 -28.22 -44.27
C ASP B 319 -7.22 -28.40 -45.77
N ALA B 320 -8.32 -27.85 -46.24
CA ALA B 320 -8.59 -27.92 -47.69
C ALA B 320 -7.57 -27.11 -48.47
N ALA B 321 -7.22 -25.94 -47.97
CA ALA B 321 -6.32 -25.09 -48.78
C ALA B 321 -4.99 -25.79 -48.96
N LEU B 322 -4.46 -26.38 -47.90
CA LEU B 322 -3.12 -26.98 -48.03
C LEU B 322 -3.26 -28.09 -49.06
N MET B 323 -4.38 -28.84 -49.01
CA MET B 323 -4.46 -29.97 -49.95
C MET B 323 -4.42 -29.39 -51.36
N TYR B 324 -5.13 -28.29 -51.57
CA TYR B 324 -5.15 -27.68 -52.91
C TYR B 324 -3.71 -27.27 -53.25
N ASP B 325 -3.01 -26.69 -52.29
CA ASP B 325 -1.66 -26.21 -52.63
C ASP B 325 -0.82 -27.42 -53.01
N ALA B 326 -0.98 -28.51 -52.29
CA ALA B 326 -0.09 -29.65 -52.54
C ALA B 326 -0.26 -30.15 -53.96
N VAL B 327 -1.48 -30.20 -54.45
CA VAL B 327 -1.63 -30.81 -55.79
C VAL B 327 -0.76 -29.99 -56.72
N HIS B 328 -0.67 -28.69 -56.47
CA HIS B 328 0.23 -27.82 -57.27
C HIS B 328 1.70 -28.10 -56.98
N VAL B 329 2.09 -28.28 -55.71
CA VAL B 329 3.54 -28.40 -55.37
C VAL B 329 4.09 -29.61 -56.08
N VAL B 330 3.33 -30.69 -56.12
CA VAL B 330 3.86 -31.96 -56.69
C VAL B 330 3.64 -31.80 -58.18
N SER B 331 2.65 -31.00 -58.54
CA SER B 331 2.42 -30.76 -59.98
C SER B 331 3.62 -30.03 -60.55
N VAL B 332 4.14 -29.03 -59.85
CA VAL B 332 5.26 -28.27 -60.46
C VAL B 332 6.41 -29.25 -60.63
N ALA B 333 6.58 -30.13 -59.67
CA ALA B 333 7.68 -31.10 -59.77
C ALA B 333 7.43 -31.98 -60.98
N VAL B 334 6.18 -32.35 -61.20
CA VAL B 334 5.94 -33.30 -62.31
C VAL B 334 6.37 -32.56 -63.57
N GLN B 335 6.18 -31.24 -63.59
CA GLN B 335 6.49 -30.50 -64.80
C GLN B 335 7.96 -30.29 -64.99
N GLN B 336 8.76 -30.40 -63.95
CA GLN B 336 10.18 -30.41 -64.18
C GLN B 336 10.66 -31.76 -64.67
N PHE B 337 9.82 -32.79 -64.66
CA PHE B 337 10.27 -34.17 -64.76
C PHE B 337 9.46 -34.90 -65.81
N PRO B 338 9.97 -35.00 -67.04
CA PRO B 338 9.13 -35.46 -68.13
C PRO B 338 8.96 -36.96 -68.20
N GLN B 339 9.95 -37.73 -67.77
CA GLN B 339 9.88 -39.20 -67.96
C GLN B 339 9.48 -39.95 -66.68
N MET B 340 8.55 -39.41 -65.88
CA MET B 340 8.05 -40.16 -64.70
C MET B 340 6.79 -40.88 -65.15
N THR B 341 6.89 -42.20 -65.35
CA THR B 341 5.69 -42.99 -65.74
C THR B 341 5.38 -43.97 -64.62
N VAL B 342 4.13 -44.03 -64.17
CA VAL B 342 3.79 -44.91 -63.02
C VAL B 342 4.02 -46.36 -63.42
N SER B 343 4.40 -47.20 -62.46
CA SER B 343 4.59 -48.64 -62.72
C SER B 343 3.75 -49.39 -61.70
N SER B 344 3.36 -50.63 -61.98
CA SER B 344 2.45 -51.36 -61.05
C SER B 344 3.29 -52.00 -59.94
N LEU B 345 3.54 -51.27 -58.86
CA LEU B 345 4.43 -51.81 -57.82
C LEU B 345 3.58 -52.54 -56.79
N GLN B 346 3.53 -53.87 -56.86
CA GLN B 346 2.71 -54.66 -55.91
C GLN B 346 3.33 -54.62 -54.51
N CYS B 347 2.52 -54.30 -53.50
CA CYS B 347 3.00 -54.24 -52.13
C CYS B 347 3.76 -55.49 -51.75
N ASN B 348 4.68 -55.35 -50.80
CA ASN B 348 5.37 -56.46 -50.15
C ASN B 348 6.15 -57.35 -51.07
N ARG B 349 6.36 -56.96 -52.30
CA ARG B 349 7.17 -57.78 -53.17
C ARG B 349 8.29 -56.96 -53.76
N HIS B 350 7.95 -55.88 -54.46
CA HIS B 350 8.96 -55.17 -55.30
C HIS B 350 9.89 -54.21 -54.60
N LYS B 351 10.72 -53.54 -55.41
CA LYS B 351 11.73 -52.60 -54.89
C LYS B 351 11.27 -51.19 -55.23
N PRO B 352 11.86 -50.11 -54.69
CA PRO B 352 11.37 -48.77 -54.95
C PRO B 352 11.32 -48.43 -56.43
N TRP B 353 10.29 -47.69 -56.85
CA TRP B 353 10.15 -47.28 -58.27
C TRP B 353 11.43 -46.56 -58.63
N ARG B 354 12.08 -46.96 -59.73
CA ARG B 354 13.40 -46.35 -60.05
C ARG B 354 13.27 -44.86 -60.36
N PHE B 355 12.24 -44.45 -61.08
CA PHE B 355 12.01 -43.02 -61.36
C PHE B 355 11.65 -42.30 -60.06
N GLY B 356 11.10 -43.00 -59.08
CA GLY B 356 10.61 -42.33 -57.85
C GLY B 356 11.66 -41.60 -57.03
N THR B 357 12.88 -42.12 -56.90
CA THR B 357 13.86 -41.47 -55.99
C THR B 357 14.17 -40.04 -56.44
N ARG B 358 14.37 -39.85 -57.73
CA ARG B 358 14.63 -38.50 -58.26
C ARG B 358 13.41 -37.67 -57.91
N PHE B 359 12.23 -38.27 -58.00
CA PHE B 359 11.01 -37.48 -57.75
C PHE B 359 11.05 -36.95 -56.33
N MET B 360 11.47 -37.75 -55.35
CA MET B 360 11.42 -37.17 -53.99
C MET B 360 12.32 -35.94 -53.94
N SER B 361 13.49 -35.97 -54.58
CA SER B 361 14.31 -34.75 -54.62
C SER B 361 13.55 -33.62 -55.27
N LEU B 362 12.83 -33.93 -56.34
CA LEU B 362 12.17 -32.89 -57.08
C LEU B 362 10.97 -32.34 -56.35
N ILE B 363 10.39 -33.08 -55.44
CA ILE B 363 9.36 -32.46 -54.63
C ILE B 363 10.01 -31.60 -53.58
N LYS B 364 11.06 -32.10 -52.96
CA LYS B 364 11.65 -31.40 -51.83
C LYS B 364 12.31 -30.09 -52.22
N GLU B 365 12.70 -29.96 -53.49
CA GLU B 365 13.40 -28.74 -53.98
C GLU B 365 12.40 -27.97 -54.84
N ALA B 366 11.21 -27.72 -54.33
CA ALA B 366 10.22 -27.06 -55.21
C ALA B 366 9.71 -25.78 -54.54
N HIS B 367 9.70 -24.69 -55.29
CA HIS B 367 9.24 -23.41 -54.73
C HIS B 367 7.90 -23.12 -55.38
N TRP B 368 6.92 -22.73 -54.58
CA TRP B 368 5.65 -22.38 -55.20
C TRP B 368 4.87 -21.40 -54.38
N GLU B 369 4.36 -20.40 -55.03
CA GLU B 369 3.45 -19.45 -54.41
C GLU B 369 2.06 -20.04 -54.52
N GLY B 370 1.57 -20.57 -53.41
CA GLY B 370 0.21 -21.12 -53.39
C GLY B 370 -0.68 -20.34 -52.46
N LEU B 371 -1.91 -20.80 -52.29
CA LEU B 371 -2.88 -20.07 -51.45
C LEU B 371 -2.34 -19.98 -50.03
N THR B 372 -1.43 -20.85 -49.64
CA THR B 372 -1.01 -20.77 -48.22
C THR B 372 0.29 -19.99 -48.11
N GLY B 373 0.87 -19.57 -49.22
CA GLY B 373 2.08 -18.75 -49.13
C GLY B 373 3.18 -19.28 -50.01
N ARG B 374 4.43 -19.01 -49.65
CA ARG B 374 5.51 -19.65 -50.43
C ARG B 374 5.67 -21.05 -49.87
N ILE B 375 5.89 -22.06 -50.72
CA ILE B 375 5.97 -23.45 -50.17
C ILE B 375 7.41 -23.93 -50.27
N THR B 376 8.08 -24.11 -49.12
CA THR B 376 9.48 -24.60 -49.12
C THR B 376 9.64 -25.60 -47.99
N PHE B 377 10.51 -26.61 -48.13
CA PHE B 377 10.60 -27.68 -47.11
C PHE B 377 11.98 -27.69 -46.46
N ASN B 378 12.09 -27.73 -45.12
CA ASN B 378 13.45 -27.81 -44.54
C ASN B 378 13.98 -29.08 -45.16
N LYS B 379 14.93 -28.93 -46.06
CA LYS B 379 15.33 -30.03 -46.89
C LYS B 379 15.87 -31.22 -46.12
N THR B 380 16.12 -31.06 -44.83
CA THR B 380 16.52 -32.20 -44.03
C THR B 380 15.44 -33.24 -43.92
N ASN B 381 14.28 -32.88 -43.41
CA ASN B 381 13.31 -33.92 -43.11
C ASN B 381 12.04 -33.86 -43.93
N GLY B 382 11.94 -33.05 -44.95
CA GLY B 382 10.72 -33.08 -45.69
C GLY B 382 9.58 -32.33 -45.07
N LEU B 383 9.75 -31.80 -43.86
CA LEU B 383 8.67 -31.01 -43.25
C LEU B 383 8.83 -29.51 -43.49
N ARG B 384 7.77 -28.88 -43.97
CA ARG B 384 7.78 -27.42 -44.25
C ARG B 384 8.03 -26.70 -42.93
N THR B 385 8.84 -25.65 -42.95
CA THR B 385 9.09 -24.84 -41.73
C THR B 385 9.62 -23.49 -42.17
N ASP B 386 9.27 -23.06 -43.38
CA ASP B 386 9.87 -21.84 -43.87
C ASP B 386 8.81 -21.04 -44.58
N PHE B 387 8.04 -20.27 -43.84
CA PHE B 387 6.77 -19.81 -44.38
C PHE B 387 6.49 -18.41 -43.90
N ASP B 388 5.31 -17.89 -44.24
CA ASP B 388 4.92 -16.54 -43.82
C ASP B 388 3.64 -16.68 -43.01
N LEU B 389 3.51 -16.02 -41.87
CA LEU B 389 2.23 -16.13 -41.16
C LEU B 389 1.68 -14.73 -40.97
N ASP B 390 0.35 -14.58 -41.03
CA ASP B 390 -0.29 -13.27 -40.81
C ASP B 390 -0.96 -13.27 -39.44
N VAL B 391 -0.45 -12.52 -38.48
CA VAL B 391 -1.07 -12.57 -37.14
C VAL B 391 -2.36 -11.77 -37.21
N ILE B 392 -3.52 -12.41 -37.08
CA ILE B 392 -4.83 -11.72 -37.19
C ILE B 392 -5.36 -11.54 -35.78
N SER B 393 -5.76 -10.32 -35.45
CA SER B 393 -6.23 -10.05 -34.08
C SER B 393 -7.70 -9.66 -34.11
N LEU B 394 -8.31 -9.44 -32.95
CA LEU B 394 -9.68 -8.97 -32.89
C LEU B 394 -9.72 -7.50 -32.55
N LYS B 395 -9.74 -6.66 -33.57
CA LYS B 395 -10.04 -5.26 -33.39
C LYS B 395 -11.54 -5.14 -33.42
N GLU B 396 -12.04 -3.94 -33.16
CA GLU B 396 -13.48 -3.76 -32.98
C GLU B 396 -14.25 -3.96 -34.28
N GLU B 397 -13.61 -3.79 -35.42
CA GLU B 397 -14.29 -4.12 -36.66
C GLU B 397 -14.22 -5.59 -37.00
N GLY B 398 -13.49 -6.37 -36.22
CA GLY B 398 -13.45 -7.82 -36.47
C GLY B 398 -12.03 -8.33 -36.58
N LEU B 399 -11.82 -9.37 -37.39
CA LEU B 399 -10.47 -9.97 -37.46
C LEU B 399 -9.64 -9.13 -38.42
N GLU B 400 -8.58 -8.51 -37.92
CA GLU B 400 -7.76 -7.62 -38.75
C GLU B 400 -6.29 -8.03 -38.65
N LYS B 401 -5.58 -7.96 -39.75
CA LYS B 401 -4.18 -8.33 -39.76
C LYS B 401 -3.35 -7.28 -39.04
N ILE B 402 -2.55 -7.70 -38.08
CA ILE B 402 -1.76 -6.72 -37.35
C ILE B 402 -0.27 -6.95 -37.52
N GLY B 403 0.13 -7.87 -38.38
CA GLY B 403 1.53 -7.91 -38.76
C GLY B 403 2.00 -9.31 -39.01
N THR B 404 3.19 -9.42 -39.59
CA THR B 404 3.54 -10.70 -40.12
C THR B 404 4.57 -11.37 -39.23
N TRP B 405 4.67 -12.68 -39.40
CA TRP B 405 5.67 -13.51 -38.76
C TRP B 405 6.31 -14.31 -39.85
N ASP B 406 7.61 -14.48 -39.76
CA ASP B 406 8.33 -15.35 -40.67
C ASP B 406 9.61 -15.72 -39.95
N PRO B 407 10.14 -16.93 -40.18
CA PRO B 407 11.14 -17.47 -39.26
C PRO B 407 12.44 -16.72 -39.26
N ALA B 408 12.82 -16.15 -40.38
CA ALA B 408 14.02 -15.34 -40.37
C ALA B 408 13.79 -14.08 -39.55
N SER B 409 12.73 -13.35 -39.85
CA SER B 409 12.59 -12.02 -39.32
C SER B 409 11.80 -11.98 -38.04
N GLY B 410 11.53 -13.13 -37.44
CA GLY B 410 10.83 -13.11 -36.19
C GLY B 410 9.41 -12.64 -36.35
N LEU B 411 9.07 -11.62 -35.58
CA LEU B 411 7.74 -11.09 -35.53
C LEU B 411 7.75 -9.62 -35.88
N ASN B 412 7.49 -9.30 -37.16
CA ASN B 412 7.50 -7.93 -37.60
C ASN B 412 6.07 -7.48 -37.45
N MET B 413 5.82 -6.79 -36.35
CA MET B 413 4.49 -6.30 -36.08
C MET B 413 4.26 -4.98 -36.81
N THR B 414 3.20 -4.30 -36.43
CA THR B 414 2.83 -3.06 -37.06
C THR B 414 2.41 -2.06 -36.00
N SER B 432 29.90 24.35 -31.06
CA SER B 432 30.62 24.39 -29.80
C SER B 432 29.72 23.92 -28.67
N LEU B 433 30.28 23.24 -27.68
CA LEU B 433 29.47 22.70 -26.61
C LEU B 433 29.05 23.79 -25.66
N ILE B 434 27.76 23.86 -25.36
CA ILE B 434 27.24 24.81 -24.38
C ILE B 434 27.62 24.27 -23.00
N VAL B 435 28.58 24.91 -22.36
CA VAL B 435 29.05 24.50 -21.04
C VAL B 435 28.43 25.46 -20.04
N THR B 436 27.36 25.03 -19.41
CA THR B 436 26.75 25.81 -18.36
C THR B 436 27.48 25.58 -17.05
N THR B 437 27.67 26.65 -16.30
CA THR B 437 28.44 26.57 -15.07
C THR B 437 27.91 27.62 -14.09
N ILE B 438 28.54 27.68 -12.93
CA ILE B 438 28.24 28.70 -11.93
C ILE B 438 29.44 29.61 -11.82
N LEU B 439 29.20 30.85 -11.44
CA LEU B 439 30.28 31.77 -11.12
C LEU B 439 30.63 31.52 -9.66
N GLU B 440 31.77 30.90 -9.41
CA GLU B 440 32.21 30.60 -8.05
C GLU B 440 33.72 30.48 -8.03
N GLU B 441 34.35 31.32 -7.23
CA GLU B 441 35.78 31.24 -7.04
C GLU B 441 36.11 29.96 -6.27
N PRO B 442 37.28 29.35 -6.51
CA PRO B 442 38.30 29.74 -7.49
C PRO B 442 38.21 28.87 -8.71
N TYR B 443 37.20 28.00 -8.74
CA TYR B 443 37.01 27.15 -9.90
C TYR B 443 36.64 27.97 -11.12
N VAL B 444 35.62 28.82 -10.99
CA VAL B 444 35.19 29.69 -12.08
C VAL B 444 34.91 31.08 -11.53
N LEU B 445 35.87 31.97 -11.66
CA LEU B 445 35.66 33.37 -11.31
C LEU B 445 35.67 34.16 -12.60
N PHE B 446 35.11 35.36 -12.54
CA PHE B 446 35.10 36.22 -13.71
C PHE B 446 36.49 36.76 -13.93
N LYS B 447 37.04 36.54 -15.11
CA LYS B 447 38.35 37.06 -15.45
C LYS B 447 38.26 38.56 -15.63
N LYS B 448 38.52 39.29 -14.55
CA LYS B 448 38.31 40.73 -14.51
C LYS B 448 39.51 41.46 -15.06
N SER B 449 39.28 42.38 -15.98
CA SER B 449 40.36 43.09 -16.64
C SER B 449 39.84 44.39 -17.25
N ASP B 450 40.71 45.02 -18.04
CA ASP B 450 40.44 46.39 -18.49
C ASP B 450 39.84 46.44 -19.89
N LYS B 451 39.20 45.38 -20.34
CA LYS B 451 38.60 45.37 -21.66
C LYS B 451 37.29 44.60 -21.67
N PRO B 452 36.59 44.58 -22.80
CA PRO B 452 35.40 43.72 -22.92
C PRO B 452 35.71 42.34 -23.49
N LEU B 453 35.48 41.31 -22.67
CA LEU B 453 35.37 39.94 -23.14
C LEU B 453 33.98 39.44 -22.79
N TYR B 454 33.70 38.19 -23.18
CA TYR B 454 32.36 37.64 -22.99
C TYR B 454 32.41 36.12 -23.12
N GLY B 455 31.39 35.49 -22.53
CA GLY B 455 30.99 34.14 -22.93
C GLY B 455 32.03 33.09 -22.62
N ASN B 456 32.69 32.63 -23.68
CA ASN B 456 33.82 31.72 -23.57
C ASN B 456 35.15 32.46 -23.43
N ASP B 457 35.12 33.73 -23.03
CA ASP B 457 36.35 34.46 -22.73
C ASP B 457 36.28 35.23 -21.42
N ARG B 458 35.09 35.30 -20.82
CA ARG B 458 34.90 36.15 -19.65
C ARG B 458 35.17 35.44 -18.34
N PHE B 459 35.88 34.32 -18.34
CA PHE B 459 36.03 33.55 -17.12
C PHE B 459 37.47 33.10 -16.96
N GLU B 460 37.82 32.67 -15.75
CA GLU B 460 39.13 32.16 -15.42
C GLU B 460 39.04 31.40 -14.11
N GLY B 461 40.07 30.61 -13.81
CA GLY B 461 40.09 29.84 -12.58
C GLY B 461 40.87 28.58 -12.79
N TYR B 462 40.41 27.52 -12.12
CA TYR B 462 40.93 26.19 -12.42
C TYR B 462 39.99 25.44 -13.35
N CYS B 463 38.68 25.66 -13.20
CA CYS B 463 37.73 24.94 -14.03
C CYS B 463 37.74 25.49 -15.46
N ILE B 464 38.12 26.75 -15.63
CA ILE B 464 38.33 27.28 -16.97
C ILE B 464 39.48 26.55 -17.63
N ASP B 465 40.54 26.28 -16.86
CA ASP B 465 41.64 25.49 -17.39
C ASP B 465 41.21 24.06 -17.64
N LEU B 466 40.26 23.57 -16.84
CA LEU B 466 39.73 22.24 -17.05
C LEU B 466 38.99 22.15 -18.36
N LEU B 467 38.18 23.17 -18.66
CA LEU B 467 37.53 23.28 -19.95
C LEU B 467 38.54 23.38 -21.08
N ARG B 468 39.61 24.16 -20.88
CA ARG B 468 40.62 24.34 -21.92
C ARG B 468 41.34 23.04 -22.23
N GLU B 469 41.80 22.35 -21.20
CA GLU B 469 42.59 21.14 -21.43
C GLU B 469 41.70 19.98 -21.83
N LEU B 470 40.49 19.92 -21.30
CA LEU B 470 39.55 18.91 -21.75
C LEU B 470 39.18 19.14 -23.20
N SER B 471 39.17 20.40 -23.63
CA SER B 471 38.96 20.72 -25.03
C SER B 471 40.13 20.27 -25.86
N THR B 472 41.35 20.48 -25.35
CA THR B 472 42.55 20.11 -26.11
C THR B 472 42.70 18.61 -26.19
N ILE B 473 42.12 17.89 -25.25
CA ILE B 473 42.07 16.44 -25.35
C ILE B 473 40.98 16.00 -26.31
N LEU B 474 39.72 16.32 -25.99
CA LEU B 474 38.59 15.72 -26.70
C LEU B 474 38.33 16.39 -28.04
N GLY B 475 39.01 17.49 -28.32
CA GLY B 475 38.76 18.22 -29.55
C GLY B 475 37.44 18.96 -29.51
N PHE B 476 36.89 19.14 -28.32
CA PHE B 476 35.60 19.78 -28.16
C PHE B 476 35.78 21.29 -28.27
N THR B 477 34.79 21.93 -28.88
CA THR B 477 34.66 23.38 -28.82
C THR B 477 33.53 23.70 -27.88
N TYR B 478 33.57 24.88 -27.29
CA TYR B 478 32.67 25.17 -26.20
C TYR B 478 32.51 26.66 -25.97
N GLU B 479 31.33 27.04 -25.51
CA GLU B 479 31.04 28.37 -25.04
C GLU B 479 30.55 28.24 -23.60
N ILE B 480 31.13 29.03 -22.71
CA ILE B 480 30.76 28.97 -21.30
C ILE B 480 29.61 29.92 -21.05
N ARG B 481 28.54 29.41 -20.47
CA ARG B 481 27.39 30.19 -20.08
C ARG B 481 27.11 29.94 -18.61
N LEU B 482 26.75 30.99 -17.88
CA LEU B 482 26.56 30.88 -16.45
C LEU B 482 25.23 30.21 -16.13
N VAL B 483 24.95 30.11 -14.83
CA VAL B 483 23.67 29.55 -14.40
C VAL B 483 22.64 30.67 -14.27
N GLU B 484 21.50 30.48 -14.91
CA GLU B 484 20.46 31.51 -14.92
C GLU B 484 19.83 31.66 -13.54
N ASP B 485 19.65 30.54 -12.84
CA ASP B 485 19.09 30.60 -11.49
C ASP B 485 20.10 31.11 -10.47
N GLY B 486 21.38 31.17 -10.83
CA GLY B 486 22.38 31.70 -9.93
C GLY B 486 22.71 30.83 -8.76
N LYS B 487 22.37 29.55 -8.82
CA LYS B 487 22.68 28.62 -7.76
C LYS B 487 23.18 27.32 -8.37
N TYR B 488 23.78 26.48 -7.53
CA TYR B 488 24.15 25.13 -7.97
C TYR B 488 22.91 24.30 -8.25
N GLY B 489 21.83 24.61 -7.56
CA GLY B 489 20.58 23.97 -7.94
C GLY B 489 20.42 22.66 -7.20
N ALA B 490 19.17 22.25 -7.04
CA ALA B 490 18.83 20.98 -6.42
C ALA B 490 17.50 20.52 -6.98
N GLN B 491 17.23 19.23 -6.83
CA GLN B 491 15.88 18.71 -6.99
C GLN B 491 14.98 19.44 -5.99
N ASP B 492 13.81 19.85 -6.47
CA ASP B 492 13.02 20.84 -5.74
C ASP B 492 12.44 20.26 -4.45
N ASP B 493 11.96 21.16 -3.60
CA ASP B 493 11.42 20.77 -2.31
C ASP B 493 10.08 20.05 -2.47
N VAL B 494 9.23 20.55 -3.36
CA VAL B 494 7.97 19.88 -3.65
C VAL B 494 7.78 19.58 -5.13
N ASN B 495 8.36 20.35 -6.04
CA ASN B 495 8.20 20.07 -7.46
C ASN B 495 8.99 18.86 -7.91
N GLY B 496 10.04 18.49 -7.19
CA GLY B 496 10.86 17.35 -7.54
C GLY B 496 11.87 17.60 -8.64
N GLN B 497 11.58 18.50 -9.57
CA GLN B 497 12.49 18.85 -10.65
C GLN B 497 13.73 19.53 -10.09
N TRP B 498 14.82 19.37 -10.82
CA TRP B 498 16.08 20.00 -10.46
C TRP B 498 15.97 21.51 -10.61
N ASN B 499 16.87 22.22 -9.97
CA ASN B 499 16.96 23.66 -10.11
C ASN B 499 18.33 23.96 -10.71
N GLY B 500 18.55 25.20 -11.11
CA GLY B 500 19.80 25.77 -11.56
C GLY B 500 20.41 25.04 -12.73
N MET B 501 21.73 24.82 -12.63
CA MET B 501 22.44 24.08 -13.66
C MET B 501 22.03 22.63 -13.69
N VAL B 502 21.57 22.10 -12.57
CA VAL B 502 21.03 20.74 -12.56
C VAL B 502 19.72 20.70 -13.34
N ARG B 503 18.94 21.77 -13.28
CA ARG B 503 17.76 21.85 -14.15
C ARG B 503 18.15 22.00 -15.61
N GLU B 504 19.21 22.78 -15.87
CA GLU B 504 19.59 23.09 -17.24
C GLU B 504 20.11 21.86 -17.95
N LEU B 505 21.06 21.15 -17.34
CA LEU B 505 21.49 19.88 -17.90
C LEU B 505 20.40 18.83 -17.77
N ILE B 506 19.50 18.98 -16.80
CA ILE B 506 18.33 18.12 -16.73
C ILE B 506 17.40 18.45 -17.88
N ASP B 507 17.36 19.71 -18.30
CA ASP B 507 16.59 20.06 -19.49
C ASP B 507 17.36 19.78 -20.77
N HIS B 508 18.62 19.31 -20.67
CA HIS B 508 19.54 19.09 -21.79
C HIS B 508 19.75 20.38 -22.59
N LYS B 509 19.58 21.53 -21.94
CA LYS B 509 19.68 22.81 -22.61
C LYS B 509 21.12 23.23 -22.80
N ALA B 510 22.06 22.56 -22.14
CA ALA B 510 23.47 22.80 -22.35
C ALA B 510 24.21 21.47 -22.22
N ASP B 511 25.23 21.32 -23.05
CA ASP B 511 25.93 20.05 -23.13
C ASP B 511 26.84 19.78 -21.94
N LEU B 512 27.87 20.59 -21.75
CA LEU B 512 28.88 20.33 -20.74
C LEU B 512 28.55 21.11 -19.49
N ALA B 513 28.89 20.54 -18.34
CA ALA B 513 28.80 21.23 -17.05
C ALA B 513 30.12 20.98 -16.32
N VAL B 514 31.14 21.77 -16.68
CA VAL B 514 32.40 21.73 -15.95
C VAL B 514 32.39 22.82 -14.90
N ALA B 515 31.78 22.53 -13.76
CA ALA B 515 31.79 23.45 -12.63
C ALA B 515 32.30 22.69 -11.43
N PRO B 516 32.53 23.36 -10.34
CA PRO B 516 32.76 22.61 -9.10
C PRO B 516 31.46 21.99 -8.63
N LEU B 517 31.01 20.92 -9.29
CA LEU B 517 29.68 20.37 -9.09
C LEU B 517 29.84 19.01 -8.44
N ALA B 518 29.06 18.78 -7.39
CA ALA B 518 29.24 17.61 -6.55
C ALA B 518 28.64 16.39 -7.19
N ILE B 519 29.37 15.27 -7.13
CA ILE B 519 28.88 14.01 -7.67
C ILE B 519 28.10 13.33 -6.56
N THR B 520 26.84 13.72 -6.40
CA THR B 520 25.97 13.16 -5.36
C THR B 520 25.17 12.00 -5.93
N TYR B 521 24.90 11.00 -5.08
CA TYR B 521 24.17 9.83 -5.54
C TYR B 521 22.73 10.18 -5.86
N VAL B 522 22.17 11.14 -5.14
CA VAL B 522 20.87 11.68 -5.54
C VAL B 522 21.01 12.45 -6.84
N ARG B 523 22.11 13.19 -6.99
CA ARG B 523 22.34 13.90 -8.24
C ARG B 523 22.73 12.94 -9.35
N GLU B 524 23.24 11.76 -8.99
CA GLU B 524 23.59 10.76 -10.00
C GLU B 524 22.37 10.23 -10.71
N LYS B 525 21.21 10.23 -10.05
CA LYS B 525 20.00 9.81 -10.72
C LYS B 525 19.48 10.85 -11.70
N VAL B 526 19.74 12.13 -11.46
CA VAL B 526 19.16 13.16 -12.30
C VAL B 526 19.98 13.30 -13.56
N ILE B 527 21.28 13.03 -13.45
CA ILE B 527 22.21 13.20 -14.56
C ILE B 527 23.46 12.41 -14.23
N ASP B 528 24.22 12.07 -15.25
CA ASP B 528 25.44 11.32 -15.06
C ASP B 528 26.64 12.26 -14.93
N PHE B 529 27.73 11.72 -14.42
CA PHE B 529 28.94 12.51 -14.24
C PHE B 529 30.13 11.72 -14.77
N SER B 530 31.24 12.42 -14.93
CA SER B 530 32.51 11.77 -15.24
C SER B 530 33.17 11.29 -13.96
N LYS B 531 34.44 10.93 -14.05
CA LYS B 531 35.18 10.56 -12.86
C LYS B 531 35.42 11.81 -12.01
N PRO B 532 35.86 11.65 -10.76
CA PRO B 532 35.97 12.81 -9.87
C PRO B 532 37.11 13.73 -10.30
N PHE B 533 36.78 15.00 -10.55
CA PHE B 533 37.81 15.97 -10.92
C PHE B 533 38.73 16.27 -9.75
N MET B 534 38.19 16.75 -8.64
CA MET B 534 38.98 17.03 -7.45
C MET B 534 38.24 16.46 -6.25
N THR B 535 38.95 15.70 -5.42
CA THR B 535 38.34 15.08 -4.25
C THR B 535 37.93 16.14 -3.24
N LEU B 536 36.82 15.89 -2.56
CA LEU B 536 36.28 16.99 -1.77
C LEU B 536 35.55 16.46 -0.56
N GLY B 537 35.16 17.38 0.31
CA GLY B 537 34.38 17.05 1.47
C GLY B 537 33.87 18.31 2.15
N ILE B 538 32.78 18.14 2.90
CA ILE B 538 32.28 19.27 3.65
C ILE B 538 33.16 19.49 4.87
N SER B 539 33.42 20.76 5.18
CA SER B 539 34.14 21.12 6.39
C SER B 539 33.60 22.45 6.89
N ILE B 540 33.92 22.78 8.14
CA ILE B 540 33.35 23.94 8.80
C ILE B 540 34.37 25.06 8.80
N LEU B 541 33.95 26.25 8.41
CA LEU B 541 34.81 27.42 8.42
C LEU B 541 34.25 28.47 9.37
N TYR B 542 35.11 28.96 10.27
CA TYR B 542 34.75 29.94 11.28
C TYR B 542 35.98 30.75 11.64
N ARG B 543 35.76 31.91 12.27
CA ARG B 543 36.90 32.71 12.69
C ARG B 543 37.54 32.07 13.93
N LYS B 544 38.75 32.52 14.24
CA LYS B 544 39.51 31.93 15.34
C LYS B 544 39.19 32.57 16.69
N GLY B 551 42.31 42.44 32.03
CA GLY B 551 43.32 43.46 32.22
C GLY B 551 43.62 43.73 33.67
N VAL B 552 43.92 44.99 34.01
CA VAL B 552 44.31 45.33 35.37
C VAL B 552 43.11 45.41 36.29
N PHE B 553 41.92 45.05 35.80
CA PHE B 553 40.84 44.70 36.68
C PHE B 553 40.72 43.18 36.86
N SER B 554 41.32 42.41 35.94
CA SER B 554 41.08 40.96 35.94
C SER B 554 41.81 40.26 37.07
N PHE B 555 42.72 40.95 37.73
CA PHE B 555 43.15 40.53 39.04
C PHE B 555 41.97 40.43 39.96
N LEU B 556 41.29 41.53 40.20
CA LEU B 556 40.18 41.56 41.14
C LEU B 556 38.89 41.05 40.55
N ASN B 557 38.95 40.26 39.49
CA ASN B 557 37.76 39.95 38.72
C ASN B 557 36.76 39.08 39.46
N PRO B 558 37.15 37.95 40.04
CA PRO B 558 36.11 37.03 40.50
C PRO B 558 35.44 37.46 41.78
N LEU B 559 35.92 38.51 42.41
CA LEU B 559 35.18 39.16 43.49
C LEU B 559 34.50 40.39 42.91
N SER B 560 33.20 40.52 43.18
CA SER B 560 32.40 41.63 42.67
C SER B 560 32.82 42.94 43.30
N PRO B 561 32.88 44.03 42.53
CA PRO B 561 33.78 45.13 42.89
C PRO B 561 33.40 45.89 44.14
N ASP B 562 32.11 45.89 44.50
CA ASP B 562 31.70 46.58 45.71
C ASP B 562 32.25 45.89 46.94
N ILE B 563 32.40 44.57 46.87
CA ILE B 563 32.94 43.82 48.00
C ILE B 563 34.39 44.19 48.22
N TRP B 564 35.16 44.26 47.13
CA TRP B 564 36.58 44.57 47.28
C TRP B 564 36.78 46.02 47.65
N MET B 565 35.80 46.87 47.36
CA MET B 565 35.87 48.24 47.88
C MET B 565 35.63 48.25 49.38
N TYR B 566 34.58 47.56 49.83
CA TYR B 566 34.26 47.55 51.25
C TYR B 566 35.32 46.83 52.06
N VAL B 567 36.09 45.96 51.40
CA VAL B 567 37.21 45.30 52.05
C VAL B 567 38.25 46.31 52.49
N LEU B 568 38.67 47.18 51.59
CA LEU B 568 39.67 48.17 51.92
C LEU B 568 39.14 49.15 52.94
N LEU B 569 37.82 49.43 52.85
CA LEU B 569 37.17 50.23 53.87
C LEU B 569 37.28 49.57 55.24
N ALA B 570 37.12 48.26 55.29
CA ALA B 570 37.21 47.56 56.56
C ALA B 570 38.64 47.51 57.04
N TYR B 571 39.60 47.48 56.12
CA TYR B 571 41.00 47.46 56.53
C TYR B 571 41.36 48.76 57.22
N LEU B 572 40.89 49.87 56.64
CA LEU B 572 41.07 51.15 57.30
C LEU B 572 40.31 51.22 58.62
N GLY B 573 39.15 50.58 58.68
CA GLY B 573 38.36 50.65 59.90
C GLY B 573 38.98 49.87 61.05
N VAL B 574 39.50 48.68 60.75
CA VAL B 574 40.16 47.90 61.77
C VAL B 574 41.46 48.55 62.18
N SER B 575 42.13 49.21 61.22
CA SER B 575 43.31 49.98 61.57
C SER B 575 42.95 51.15 62.48
N VAL B 576 41.77 51.74 62.27
CA VAL B 576 41.31 52.81 63.13
C VAL B 576 41.01 52.31 64.52
N VAL B 577 40.40 51.13 64.63
CA VAL B 577 40.09 50.58 65.94
C VAL B 577 41.36 50.22 66.68
N LEU B 578 42.37 49.76 65.94
CA LEU B 578 43.65 49.47 66.55
C LEU B 578 44.34 50.74 67.02
N PHE B 579 44.22 51.83 66.27
CA PHE B 579 44.79 53.10 66.71
C PHE B 579 44.05 53.62 67.93
N VAL B 580 42.75 53.43 67.97
CA VAL B 580 41.95 53.84 69.11
C VAL B 580 42.17 52.93 70.32
N ILE B 581 42.75 51.74 70.12
CA ILE B 581 43.11 50.91 71.26
C ILE B 581 44.21 51.58 72.07
N ALA B 582 45.05 52.36 71.41
CA ALA B 582 45.89 53.29 72.16
C ALA B 582 45.02 54.40 72.72
N ARG B 583 44.60 54.25 73.96
CA ARG B 583 43.70 55.21 74.58
C ARG B 583 44.47 56.44 75.02
N ALA B 630 46.80 43.64 76.36
CA ALA B 630 46.80 43.48 74.89
C ALA B 630 45.85 42.34 74.52
N LEU B 631 45.00 41.91 75.44
CA LEU B 631 44.01 40.85 75.13
C LEU B 631 43.05 41.41 74.09
N SER B 632 42.74 42.70 74.20
CA SER B 632 41.85 43.35 73.23
C SER B 632 42.55 43.35 71.87
N THR B 633 43.82 43.73 71.87
CA THR B 633 44.58 43.70 70.61
C THR B 633 44.44 42.31 70.02
N ARG B 634 44.62 41.28 70.85
CA ARG B 634 44.59 39.88 70.36
C ARG B 634 43.23 39.56 69.73
N ILE B 635 42.15 39.87 70.44
CA ILE B 635 40.78 39.55 69.92
C ILE B 635 40.60 40.26 68.58
N VAL B 636 41.05 41.50 68.50
CA VAL B 636 40.80 42.27 67.24
C VAL B 636 41.61 41.60 66.13
N GLY B 637 42.86 41.25 66.44
CA GLY B 637 43.73 40.63 65.42
C GLY B 637 43.10 39.36 64.94
N GLY B 638 42.45 38.64 65.84
CA GLY B 638 41.83 37.36 65.49
C GLY B 638 40.61 37.55 64.63
N ILE B 639 39.79 38.55 64.95
CA ILE B 639 38.65 38.71 64.02
C ILE B 639 39.24 39.13 62.68
N TRP B 640 40.35 39.85 62.67
CA TRP B 640 40.85 40.32 61.36
C TRP B 640 41.33 39.09 60.62
N TRP B 641 41.92 38.15 61.35
CA TRP B 641 42.38 36.88 60.76
C TRP B 641 41.16 36.22 60.11
N PHE B 642 40.11 36.03 60.88
CA PHE B 642 38.96 35.30 60.30
C PHE B 642 38.53 36.03 59.04
N PHE B 643 38.51 37.36 59.10
CA PHE B 643 38.04 38.13 57.95
C PHE B 643 38.89 37.81 56.73
N THR B 644 40.18 38.10 56.81
CA THR B 644 40.97 37.87 55.57
C THR B 644 40.76 36.44 55.14
N LEU B 645 40.69 35.49 56.08
CA LEU B 645 40.59 34.07 55.68
C LEU B 645 39.34 33.85 54.85
N ILE B 646 38.17 34.14 55.39
CA ILE B 646 36.98 34.00 54.52
C ILE B 646 37.17 34.74 53.21
N ILE B 647 37.69 35.98 53.23
CA ILE B 647 37.71 36.69 51.96
C ILE B 647 38.65 36.03 50.97
N ILE B 648 39.89 35.78 51.37
CA ILE B 648 40.84 35.20 50.45
C ILE B 648 40.45 33.79 50.07
N SER B 649 39.83 33.06 50.99
CA SER B 649 39.40 31.72 50.63
C SER B 649 38.28 31.73 49.62
N SER B 650 37.28 32.56 49.85
CA SER B 650 36.16 32.62 48.91
C SER B 650 36.62 33.18 47.60
N TYR B 651 37.63 34.04 47.64
CA TYR B 651 38.25 34.51 46.41
C TYR B 651 38.78 33.36 45.62
N THR B 652 39.51 32.46 46.27
CA THR B 652 40.06 31.36 45.55
C THR B 652 38.98 30.45 45.05
N ALA B 653 37.86 30.41 45.75
CA ALA B 653 36.74 29.61 45.25
C ALA B 653 36.17 30.22 43.98
N ASN B 654 35.97 31.53 43.97
CA ASN B 654 35.35 32.13 42.81
C ASN B 654 36.26 32.08 41.61
N LEU B 655 37.55 32.35 41.82
CA LEU B 655 38.48 32.28 40.72
C LEU B 655 38.69 30.85 40.28
N ALA B 656 38.56 29.93 41.21
CA ALA B 656 38.60 28.52 40.89
C ALA B 656 37.47 28.14 39.97
N ALA B 657 36.24 28.43 40.36
CA ALA B 657 35.11 27.97 39.58
C ALA B 657 35.06 28.67 38.24
N PHE B 658 35.27 29.98 38.24
CA PHE B 658 35.14 30.74 37.02
C PHE B 658 36.32 30.45 36.08
N LEU B 659 37.42 29.92 36.60
CA LEU B 659 38.42 29.38 35.70
C LEU B 659 38.06 27.99 35.25
N THR B 660 37.33 27.25 36.07
CA THR B 660 37.06 25.87 35.73
C THR B 660 36.03 25.78 34.62
N VAL B 661 35.12 26.73 34.56
CA VAL B 661 34.07 26.63 33.58
C VAL B 661 34.60 27.05 32.21
N GLU B 662 35.38 28.13 32.15
CA GLU B 662 35.90 28.60 30.89
C GLU B 662 36.99 27.71 30.35
N ARG B 663 37.70 27.00 31.21
CA ARG B 663 38.58 25.94 30.74
C ARG B 663 37.84 24.67 30.42
N MET B 664 36.53 24.63 30.62
CA MET B 664 35.74 23.49 30.20
C MET B 664 34.96 23.77 28.94
N GLU B 665 34.85 25.03 28.53
CA GLU B 665 33.93 25.35 27.43
C GLU B 665 34.63 25.30 26.08
N SER B 666 35.66 26.10 25.90
CA SER B 666 36.29 26.37 24.62
C SER B 666 37.05 25.15 24.12
N PRO B 667 37.25 25.04 22.80
CA PRO B 667 36.70 25.77 21.66
C PRO B 667 35.56 24.98 21.07
N ILE B 668 35.19 25.28 19.83
CA ILE B 668 34.33 24.41 19.05
C ILE B 668 35.16 23.86 17.91
N ASP B 669 35.65 22.65 18.09
CA ASP B 669 36.67 22.12 17.18
C ASP B 669 36.24 20.77 16.62
N SER B 670 34.93 20.56 16.53
CA SER B 670 34.41 19.32 15.98
C SER B 670 33.03 19.60 15.40
N ALA B 671 32.54 18.63 14.65
CA ALA B 671 31.19 18.76 14.10
C ALA B 671 30.15 18.73 15.20
N ASP B 672 30.32 17.82 16.16
CA ASP B 672 29.42 17.77 17.29
C ASP B 672 29.56 19.01 18.16
N ASP B 673 30.76 19.61 18.14
CA ASP B 673 30.98 20.84 18.89
C ASP B 673 30.15 21.98 18.31
N LEU B 674 30.04 22.05 17.00
CA LEU B 674 29.16 23.05 16.40
C LEU B 674 27.71 22.61 16.53
N ALA B 675 27.48 21.32 16.69
CA ALA B 675 26.12 20.81 16.74
C ALA B 675 25.42 21.10 18.07
N LYS B 676 26.04 20.76 19.19
CA LYS B 676 25.40 20.97 20.48
C LYS B 676 25.30 22.44 20.83
N GLN B 677 26.17 23.27 20.28
CA GLN B 677 26.14 24.70 20.55
C GLN B 677 25.01 25.31 19.74
N THR B 678 24.60 26.50 20.15
CA THR B 678 23.62 27.27 19.41
C THR B 678 24.05 28.73 19.28
N LYS B 679 25.34 28.99 19.21
CA LYS B 679 25.83 30.37 19.23
C LYS B 679 26.26 30.86 17.86
N ILE B 680 27.19 30.19 17.20
CA ILE B 680 27.62 30.59 15.88
C ILE B 680 26.62 30.02 14.89
N GLU B 681 26.15 30.85 13.97
CA GLU B 681 25.19 30.38 12.99
C GLU B 681 25.88 29.46 11.99
N TYR B 682 25.21 28.35 11.68
CA TYR B 682 25.83 27.30 10.89
C TYR B 682 24.96 27.03 9.67
N GLY B 683 25.54 27.20 8.50
CA GLY B 683 24.81 26.94 7.27
C GLY B 683 25.70 26.91 6.05
N ALA B 684 25.08 27.17 4.90
CA ALA B 684 25.75 27.16 3.60
C ALA B 684 24.97 28.03 2.63
N VAL B 685 25.41 28.05 1.39
CA VAL B 685 24.73 28.83 0.37
C VAL B 685 23.46 28.10 -0.06
N GLU B 686 22.59 28.78 -0.79
CA GLU B 686 21.31 28.21 -1.16
C GLU B 686 21.49 27.13 -2.21
N ASP B 687 20.49 26.24 -2.28
CA ASP B 687 20.37 25.16 -3.26
C ASP B 687 21.59 24.25 -3.25
N GLY B 688 22.11 23.98 -2.07
CA GLY B 688 23.39 23.32 -1.97
C GLY B 688 23.32 21.81 -2.00
N ALA B 689 24.13 21.22 -2.88
CA ALA B 689 24.44 19.81 -2.74
C ALA B 689 25.14 19.55 -1.43
N THR B 690 25.99 20.48 -1.00
CA THR B 690 26.46 20.51 0.38
C THR B 690 25.28 20.62 1.33
N MET B 691 24.36 21.53 1.05
CA MET B 691 23.21 21.69 1.92
C MET B 691 22.28 20.50 1.84
N THR B 692 22.35 19.76 0.74
CA THR B 692 21.63 18.48 0.69
C THR B 692 22.31 17.44 1.55
N PHE B 693 23.64 17.35 1.43
CA PHE B 693 24.39 16.30 2.11
C PHE B 693 24.38 16.49 3.61
N PHE B 694 24.18 17.73 4.05
CA PHE B 694 23.72 17.94 5.41
C PHE B 694 22.24 17.62 5.52
N LYS B 695 21.43 18.10 4.58
CA LYS B 695 19.99 18.13 4.78
C LYS B 695 19.37 16.75 4.58
N LYS B 696 19.80 16.02 3.57
CA LYS B 696 19.27 14.70 3.34
C LYS B 696 20.06 13.63 4.05
N SER B 697 20.84 14.00 5.06
CA SER B 697 21.64 13.01 5.74
C SER B 697 20.80 12.24 6.75
N LYS B 698 21.41 11.22 7.32
CA LYS B 698 20.76 10.48 8.40
C LYS B 698 21.61 10.47 9.67
N ILE B 699 22.82 11.00 9.62
CA ILE B 699 23.66 11.17 10.80
C ILE B 699 23.04 12.30 11.62
N SER B 700 22.52 11.94 12.80
CA SER B 700 21.51 12.78 13.46
C SER B 700 22.08 14.11 13.92
N THR B 701 23.39 14.18 14.13
CA THR B 701 24.05 15.44 14.40
C THR B 701 23.90 16.38 13.21
N TYR B 702 24.24 15.88 12.03
CA TYR B 702 24.05 16.66 10.82
C TYR B 702 22.58 16.93 10.54
N ASP B 703 21.71 16.03 10.99
CA ASP B 703 20.27 16.24 10.81
C ASP B 703 19.79 17.42 11.65
N LYS B 704 20.23 17.48 12.89
CA LYS B 704 19.82 18.60 13.73
C LYS B 704 20.47 19.89 13.28
N MET B 705 21.66 19.79 12.68
CA MET B 705 22.27 20.98 12.09
C MET B 705 21.44 21.48 10.91
N TRP B 706 20.89 20.56 10.13
CA TRP B 706 19.96 20.94 9.08
C TRP B 706 18.69 21.52 9.68
N ALA B 707 18.30 21.03 10.85
CA ALA B 707 17.09 21.53 11.49
C ALA B 707 17.26 22.96 11.95
N PHE B 708 18.42 23.27 12.51
CA PHE B 708 18.70 24.64 12.93
C PHE B 708 18.87 25.55 11.71
N MET B 709 19.46 25.02 10.64
CA MET B 709 19.69 25.85 9.46
C MET B 709 18.38 26.15 8.75
N SER B 710 17.68 25.12 8.30
CA SER B 710 16.39 25.26 7.64
C SER B 710 15.31 25.80 8.55
N SER B 711 15.52 25.74 9.86
CA SER B 711 14.66 26.45 10.80
C SER B 711 14.70 27.94 10.54
N ARG B 712 15.89 28.53 10.53
CA ARG B 712 16.07 29.95 10.33
C ARG B 712 16.49 30.23 8.91
N ARG B 713 15.88 29.50 7.97
CA ARG B 713 16.40 29.37 6.60
C ARG B 713 16.43 30.70 5.85
N GLN B 714 15.66 31.68 6.31
CA GLN B 714 15.79 33.03 5.76
C GLN B 714 17.14 33.65 6.07
N SER B 715 17.59 33.56 7.32
CA SER B 715 18.83 34.23 7.69
C SER B 715 20.00 33.27 7.83
N VAL B 716 19.73 32.01 8.11
CA VAL B 716 20.81 31.05 8.33
C VAL B 716 21.52 30.71 7.03
N LEU B 717 20.78 30.22 6.04
CA LEU B 717 21.39 29.84 4.77
C LEU B 717 21.81 31.08 4.02
N VAL B 718 22.77 30.90 3.11
CA VAL B 718 23.34 31.99 2.34
C VAL B 718 22.91 31.80 0.89
N LYS B 719 23.34 32.72 0.04
CA LYS B 719 23.09 32.58 -1.38
C LYS B 719 24.33 32.18 -2.15
N SER B 720 25.51 32.57 -1.69
CA SER B 720 26.72 32.34 -2.45
C SER B 720 27.83 32.01 -1.47
N ASN B 721 28.86 31.32 -1.99
CA ASN B 721 29.98 30.96 -1.14
C ASN B 721 30.77 32.20 -0.73
N GLU B 722 30.90 33.17 -1.63
CA GLU B 722 31.49 34.44 -1.25
C GLU B 722 30.59 35.17 -0.27
N GLU B 723 29.28 35.02 -0.44
CA GLU B 723 28.35 35.61 0.50
C GLU B 723 28.46 34.95 1.87
N GLY B 724 28.64 33.63 1.89
CA GLY B 724 28.88 32.95 3.15
C GLY B 724 30.19 33.33 3.79
N ILE B 725 31.19 33.62 2.95
CA ILE B 725 32.48 34.09 3.45
C ILE B 725 32.32 35.45 4.10
N GLN B 726 31.50 36.32 3.51
CA GLN B 726 31.25 37.61 4.12
C GLN B 726 30.44 37.46 5.39
N ARG B 727 29.54 36.48 5.42
CA ARG B 727 28.72 36.25 6.61
C ARG B 727 29.55 35.68 7.75
N VAL B 728 30.63 34.98 7.43
CA VAL B 728 31.47 34.44 8.48
C VAL B 728 32.52 35.45 8.92
N LEU B 729 33.04 36.23 7.98
CA LEU B 729 34.02 37.25 8.33
C LEU B 729 33.39 38.45 9.01
N THR B 730 32.09 38.64 8.85
CA THR B 730 31.41 39.73 9.50
C THR B 730 30.88 39.37 10.87
N SER B 731 30.23 38.22 11.01
CA SER B 731 29.67 37.81 12.29
C SER B 731 29.81 36.30 12.40
N ASP B 732 29.20 35.72 13.42
CA ASP B 732 29.31 34.29 13.68
C ASP B 732 28.28 33.54 12.85
N TYR B 733 28.27 33.79 11.55
CA TYR B 733 27.53 32.94 10.63
C TYR B 733 28.56 32.04 9.97
N ALA B 734 28.94 30.99 10.69
CA ALA B 734 29.96 30.08 10.23
C ALA B 734 29.38 29.22 9.11
N PHE B 735 30.22 28.87 8.15
CA PHE B 735 29.67 28.22 6.97
C PHE B 735 30.15 26.79 6.92
N LEU B 736 29.23 25.89 6.67
CA LEU B 736 29.58 24.59 6.12
C LEU B 736 29.95 24.87 4.68
N MET B 737 31.01 24.25 4.19
CA MET B 737 31.47 24.57 2.85
C MET B 737 32.27 23.43 2.29
N GLU B 738 32.69 23.59 1.04
CA GLU B 738 33.39 22.53 0.35
C GLU B 738 34.86 22.56 0.73
N SER B 739 35.55 21.46 0.44
CA SER B 739 36.93 21.31 0.89
C SER B 739 37.86 22.27 0.18
N THR B 740 37.97 22.14 -1.14
CA THR B 740 38.94 22.93 -1.88
C THR B 740 38.58 24.39 -1.87
N THR B 741 37.29 24.70 -1.73
CA THR B 741 36.89 26.06 -1.50
C THR B 741 37.37 26.56 -0.15
N ILE B 742 37.32 25.72 0.88
CA ILE B 742 37.77 26.14 2.20
C ILE B 742 39.26 26.39 2.20
N GLU B 743 39.98 25.59 1.42
CA GLU B 743 41.43 25.79 1.31
C GLU B 743 41.76 27.11 0.62
N PHE B 744 41.20 27.34 -0.56
CA PHE B 744 41.56 28.53 -1.32
C PHE B 744 40.86 29.77 -0.78
N VAL B 745 39.97 29.59 0.18
CA VAL B 745 39.53 30.73 0.97
C VAL B 745 40.52 30.98 2.10
N THR B 746 40.92 29.92 2.81
CA THR B 746 41.65 30.08 4.05
C THR B 746 43.09 30.51 3.79
N GLN B 747 43.61 30.20 2.60
CA GLN B 747 44.99 30.58 2.30
C GLN B 747 45.13 32.08 2.11
N ARG B 748 44.04 32.78 1.84
CA ARG B 748 44.08 34.21 1.63
C ARG B 748 43.20 34.99 2.60
N ASN B 749 42.86 34.43 3.75
CA ASN B 749 42.11 35.18 4.75
C ASN B 749 42.53 34.64 6.13
N CYS B 750 43.51 35.29 6.74
CA CYS B 750 44.11 34.79 7.96
C CYS B 750 43.20 34.89 9.15
N ASN B 751 42.28 35.84 9.16
CA ASN B 751 41.32 35.98 10.25
C ASN B 751 40.32 34.83 10.30
N LEU B 752 40.21 34.04 9.24
CA LEU B 752 39.38 32.86 9.20
C LEU B 752 40.15 31.66 9.73
N THR B 753 39.47 30.51 9.79
CA THR B 753 40.07 29.27 10.26
C THR B 753 39.19 28.12 9.79
N GLN B 754 39.85 27.00 9.51
CA GLN B 754 39.18 25.80 9.04
C GLN B 754 39.06 24.79 10.16
N ILE B 755 37.95 24.83 10.89
CA ILE B 755 37.80 24.04 12.09
C ILE B 755 37.39 22.65 11.67
N GLY B 756 37.52 21.71 12.58
CA GLY B 756 37.01 20.36 12.37
C GLY B 756 37.73 19.57 11.30
N GLY B 757 37.23 18.36 11.09
CA GLY B 757 37.83 17.43 10.15
C GLY B 757 37.14 17.37 8.80
N LEU B 758 36.75 16.19 8.37
CA LEU B 758 36.06 15.98 7.10
C LEU B 758 34.68 15.39 7.37
N ILE B 759 33.63 16.11 6.99
CA ILE B 759 32.28 15.69 7.33
C ILE B 759 31.87 14.50 6.49
N ASP B 760 31.98 14.62 5.17
CA ASP B 760 31.72 13.50 4.28
C ASP B 760 32.82 13.50 3.22
N SER B 761 32.69 12.60 2.26
CA SER B 761 33.72 12.44 1.24
C SER B 761 33.04 12.54 -0.12
N LYS B 762 33.43 13.53 -0.90
CA LYS B 762 32.79 13.74 -2.18
C LYS B 762 33.83 14.13 -3.23
N GLY B 763 33.37 14.49 -4.41
CA GLY B 763 34.28 14.99 -5.43
C GLY B 763 33.51 15.64 -6.55
N TYR B 764 33.88 16.88 -6.83
CA TYR B 764 33.29 17.62 -7.92
C TYR B 764 33.83 17.09 -9.24
N GLY B 765 33.09 17.37 -10.30
CA GLY B 765 33.52 16.87 -11.60
C GLY B 765 32.60 17.28 -12.72
N VAL B 766 32.96 16.85 -13.92
CA VAL B 766 32.24 17.17 -15.15
C VAL B 766 30.90 16.45 -15.12
N GLY B 767 29.82 17.20 -15.31
CA GLY B 767 28.50 16.61 -15.31
C GLY B 767 27.88 16.71 -16.70
N THR B 768 27.04 15.73 -17.04
CA THR B 768 26.39 15.71 -18.34
C THR B 768 25.01 15.11 -18.19
N PRO B 769 24.10 15.39 -19.13
CA PRO B 769 22.80 14.73 -19.11
C PRO B 769 22.94 13.26 -19.46
N MET B 770 21.94 12.50 -19.06
CA MET B 770 21.95 11.06 -19.27
C MET B 770 21.84 10.74 -20.75
N GLY B 771 22.96 10.28 -21.32
CA GLY B 771 23.00 10.03 -22.73
C GLY B 771 23.81 11.02 -23.54
N SER B 772 24.57 11.88 -22.87
CA SER B 772 25.55 12.66 -23.59
C SER B 772 26.73 11.76 -23.91
N PRO B 773 26.97 11.46 -25.18
CA PRO B 773 27.98 10.45 -25.55
C PRO B 773 29.41 10.80 -25.20
N TYR B 774 29.70 12.08 -25.02
CA TYR B 774 31.06 12.46 -24.69
C TYR B 774 31.36 12.27 -23.20
N ARG B 775 30.39 11.78 -22.43
CA ARG B 775 30.59 11.59 -20.99
C ARG B 775 31.69 10.58 -20.71
N ASP B 776 31.62 9.43 -21.38
CA ASP B 776 32.57 8.36 -21.09
C ASP B 776 33.96 8.71 -21.63
N LYS B 777 34.03 9.19 -22.87
CA LYS B 777 35.32 9.57 -23.44
C LYS B 777 35.91 10.75 -22.70
N ILE B 778 35.06 11.63 -22.20
CA ILE B 778 35.50 12.75 -21.38
C ILE B 778 36.07 12.24 -20.08
N THR B 779 35.44 11.23 -19.48
CA THR B 779 35.97 10.64 -18.25
C THR B 779 37.29 9.94 -18.51
N ILE B 780 37.42 9.36 -19.70
CA ILE B 780 38.66 8.67 -20.07
C ILE B 780 39.79 9.66 -20.24
N ALA B 781 39.53 10.76 -20.93
CA ALA B 781 40.55 11.77 -21.08
C ALA B 781 40.79 12.51 -19.78
N ILE B 782 39.80 12.50 -18.89
CA ILE B 782 39.99 13.08 -17.56
C ILE B 782 40.95 12.22 -16.76
N LEU B 783 40.83 10.90 -16.91
CA LEU B 783 41.82 10.02 -16.34
C LEU B 783 43.17 10.21 -17.00
N GLN B 784 43.16 10.55 -18.29
CA GLN B 784 44.41 10.83 -18.98
C GLN B 784 45.05 12.11 -18.46
N LEU B 785 44.23 13.07 -18.07
CA LEU B 785 44.76 14.32 -17.55
C LEU B 785 45.17 14.17 -16.08
N GLN B 786 44.50 13.26 -15.37
CA GLN B 786 44.94 12.90 -14.04
C GLN B 786 46.27 12.16 -14.08
N GLU B 787 46.47 11.35 -15.12
CA GLU B 787 47.77 10.76 -15.36
C GLU B 787 48.77 11.81 -15.81
N GLU B 788 48.28 12.88 -16.45
CA GLU B 788 49.17 13.96 -16.86
C GLU B 788 49.68 14.73 -15.65
N GLY B 789 48.77 15.29 -14.85
CA GLY B 789 49.18 16.07 -13.70
C GLY B 789 48.82 17.53 -13.84
N LYS B 790 48.24 17.86 -14.99
CA LYS B 790 47.76 19.22 -15.23
C LYS B 790 46.58 19.54 -14.33
N LEU B 791 45.90 18.51 -13.82
CA LEU B 791 44.98 18.71 -12.72
C LEU B 791 45.71 19.25 -11.50
N HIS B 792 46.80 18.60 -11.09
CA HIS B 792 47.54 19.07 -9.93
C HIS B 792 48.27 20.37 -10.23
N MET B 793 48.75 20.51 -11.46
CA MET B 793 49.38 21.76 -11.87
C MET B 793 48.38 22.90 -11.84
N MET B 794 47.14 22.61 -12.21
CA MET B 794 46.10 23.62 -12.16
C MET B 794 45.71 23.93 -10.73
N LYS B 795 45.75 22.91 -9.86
CA LYS B 795 45.46 23.12 -8.45
C LYS B 795 46.50 24.04 -7.83
N GLU B 796 47.75 23.89 -8.26
CA GLU B 796 48.76 24.85 -7.87
C GLU B 796 48.48 26.22 -8.47
N LYS B 797 48.12 26.26 -9.75
CA LYS B 797 48.08 27.54 -10.46
C LYS B 797 46.89 28.37 -10.06
N TRP B 798 45.84 27.72 -9.55
CA TRP B 798 44.65 28.47 -9.21
C TRP B 798 44.20 28.24 -7.77
N TRP B 799 44.25 27.01 -7.25
CA TRP B 799 43.71 26.69 -5.93
C TRP B 799 44.66 27.07 -4.81
N ARG B 800 45.73 27.80 -5.13
CA ARG B 800 46.65 28.31 -4.14
C ARG B 800 46.00 29.43 -3.34
N VAL B 817 50.37 35.60 31.73
CA VAL B 817 50.28 36.99 32.14
C VAL B 817 48.93 37.54 31.75
N GLN B 818 47.91 36.70 31.81
CA GLN B 818 46.53 37.08 31.55
C GLN B 818 46.13 38.08 32.62
N ASN B 819 46.04 37.67 33.88
CA ASN B 819 45.57 38.59 34.91
C ASN B 819 46.60 38.78 35.99
N ILE B 820 47.40 37.73 36.23
CA ILE B 820 48.47 37.80 37.21
C ILE B 820 49.48 38.86 36.80
N GLY B 821 49.63 39.10 35.50
CA GLY B 821 50.34 40.29 35.04
C GLY B 821 49.67 41.55 35.53
N GLY B 822 48.35 41.58 35.65
CA GLY B 822 47.77 42.81 36.20
C GLY B 822 48.24 43.09 37.62
N ILE B 823 48.22 42.07 38.47
CA ILE B 823 48.56 42.35 39.89
C ILE B 823 50.06 42.55 40.00
N PHE B 824 50.83 42.06 39.03
CA PHE B 824 52.29 42.33 39.07
C PHE B 824 52.44 43.84 38.92
N ILE B 825 51.75 44.40 37.94
CA ILE B 825 51.79 45.88 37.77
C ILE B 825 51.34 46.51 39.08
N VAL B 826 50.26 46.01 39.67
CA VAL B 826 49.76 46.70 40.90
C VAL B 826 50.88 46.73 41.94
N LEU B 827 51.50 45.59 42.19
CA LEU B 827 52.54 45.51 43.24
C LEU B 827 53.69 46.44 42.92
N ALA B 828 54.13 46.46 41.65
CA ALA B 828 55.30 47.31 41.28
C ALA B 828 54.94 48.78 41.49
N ALA B 829 53.71 49.15 41.19
CA ALA B 829 53.25 50.53 41.43
C ALA B 829 53.35 50.82 42.93
N GLY B 830 52.80 49.93 43.74
CA GLY B 830 52.95 50.12 45.19
C GLY B 830 54.40 50.32 45.57
N LEU B 831 55.29 49.48 45.03
CA LEU B 831 56.74 49.54 45.33
C LEU B 831 57.25 50.96 45.06
N VAL B 832 57.02 51.44 43.83
CA VAL B 832 57.58 52.77 43.48
C VAL B 832 56.99 53.83 44.43
N LEU B 833 55.69 53.74 44.70
CA LEU B 833 55.04 54.77 45.54
C LEU B 833 55.72 54.78 46.91
N SER B 834 56.00 53.61 47.46
CA SER B 834 56.55 53.60 48.84
C SER B 834 58.03 53.96 48.82
N VAL B 835 58.70 53.74 47.70
CA VAL B 835 60.12 54.18 47.62
C VAL B 835 60.10 55.71 47.60
N PHE B 836 59.07 56.28 46.98
CA PHE B 836 58.95 57.75 47.00
C PHE B 836 58.63 58.20 48.42
N VAL B 837 57.85 57.38 49.12
CA VAL B 837 57.50 57.72 50.53
C VAL B 837 58.79 57.69 51.36
N ALA B 838 59.70 56.79 51.00
CA ALA B 838 60.98 56.65 51.74
C ALA B 838 61.86 57.85 51.42
N VAL B 839 61.79 58.33 50.17
CA VAL B 839 62.54 59.58 49.84
C VAL B 839 61.96 60.69 50.72
N GLY B 840 60.63 60.73 50.87
CA GLY B 840 59.98 61.72 51.75
C GLY B 840 60.49 61.62 53.17
N GLU B 841 60.63 60.38 53.66
CA GLU B 841 61.17 60.16 55.03
C GLU B 841 62.60 60.72 55.13
N PHE B 842 63.45 60.39 54.16
CA PHE B 842 64.84 60.92 54.15
C PHE B 842 64.79 62.44 54.23
N LEU B 843 63.86 63.05 53.48
CA LEU B 843 63.71 64.53 53.54
C LEU B 843 63.38 64.95 54.98
N TYR B 844 62.26 64.46 55.51
CA TYR B 844 61.89 64.76 56.93
C TYR B 844 63.16 64.71 57.78
N LYS B 845 63.98 63.67 57.61
CA LYS B 845 65.24 63.56 58.39
C LYS B 845 66.11 64.79 58.10
N LEU C 21 -62.60 32.06 -45.25
CA LEU C 21 -63.58 32.47 -46.25
C LEU C 21 -63.76 33.97 -46.18
N SER C 22 -64.86 34.41 -45.56
CA SER C 22 -65.14 35.85 -45.46
C SER C 22 -64.78 36.38 -44.07
N SER C 23 -64.49 35.46 -43.16
CA SER C 23 -64.03 35.86 -41.80
C SER C 23 -63.15 34.74 -41.29
N LEU C 24 -61.90 35.06 -40.94
CA LEU C 24 -60.97 34.03 -40.42
C LEU C 24 -61.32 33.86 -38.96
N ARG C 25 -62.41 33.16 -38.68
CA ARG C 25 -62.82 33.10 -37.27
C ARG C 25 -62.07 31.98 -36.57
N MET C 26 -61.58 32.25 -35.38
CA MET C 26 -60.85 31.27 -34.59
C MET C 26 -61.42 31.24 -33.18
N ALA C 27 -60.96 30.30 -32.39
CA ALA C 27 -61.61 29.99 -31.15
C ALA C 27 -60.63 30.11 -30.01
N ALA C 28 -60.92 30.96 -29.07
CA ALA C 28 -60.11 30.99 -27.87
C ALA C 28 -60.49 29.81 -27.02
N ILE C 29 -59.64 29.46 -26.08
CA ILE C 29 -60.05 28.72 -24.89
C ILE C 29 -59.31 29.34 -23.74
N LEU C 30 -60.01 29.89 -22.79
CA LEU C 30 -59.33 30.56 -21.70
C LEU C 30 -59.63 29.80 -20.45
N ASP C 31 -58.63 29.19 -19.83
CA ASP C 31 -58.90 28.65 -18.51
C ASP C 31 -58.98 29.73 -17.47
N ASP C 32 -58.47 30.92 -17.80
CA ASP C 32 -58.35 31.98 -16.83
C ASP C 32 -59.71 32.56 -16.50
N GLN C 33 -59.80 33.17 -15.33
CA GLN C 33 -61.08 33.81 -14.89
C GLN C 33 -61.22 35.17 -15.59
N THR C 34 -62.38 35.79 -15.50
CA THR C 34 -62.60 37.13 -16.11
C THR C 34 -62.28 38.22 -15.09
N VAL C 35 -62.04 37.85 -13.83
CA VAL C 35 -61.82 38.89 -12.79
C VAL C 35 -60.41 38.78 -12.22
N CYS C 36 -59.63 39.87 -12.26
CA CYS C 36 -58.28 39.88 -11.64
C CYS C 36 -57.45 38.72 -12.16
N GLY C 37 -57.51 38.45 -13.47
CA GLY C 37 -56.79 37.31 -14.04
C GLY C 37 -55.56 37.74 -14.80
N ARG C 38 -55.09 36.89 -15.72
CA ARG C 38 -53.96 37.28 -16.57
C ARG C 38 -54.58 38.16 -17.65
N GLY C 39 -55.90 38.31 -17.61
CA GLY C 39 -56.57 39.23 -18.50
C GLY C 39 -56.64 38.78 -19.92
N GLU C 40 -56.50 37.48 -20.18
CA GLU C 40 -56.32 36.97 -21.52
C GLU C 40 -57.46 37.30 -22.42
N ARG C 41 -58.65 37.36 -21.83
CA ARG C 41 -59.82 37.77 -22.64
C ARG C 41 -59.48 39.15 -23.17
N LEU C 42 -59.06 40.03 -22.27
CA LEU C 42 -58.82 41.41 -22.76
C LEU C 42 -57.70 41.37 -23.79
N ALA C 43 -56.63 40.63 -23.53
CA ALA C 43 -55.51 40.71 -24.51
C ALA C 43 -55.98 40.16 -25.85
N LEU C 44 -56.72 39.05 -25.88
CA LEU C 44 -57.08 38.49 -27.21
C LEU C 44 -57.95 39.53 -27.89
N ALA C 45 -58.83 40.16 -27.13
CA ALA C 45 -59.69 41.22 -27.71
C ALA C 45 -58.81 42.37 -28.20
N LEU C 46 -57.77 42.75 -27.45
CA LEU C 46 -56.97 43.93 -27.86
C LEU C 46 -56.35 43.58 -29.20
N ALA C 47 -55.84 42.37 -29.30
CA ALA C 47 -55.15 42.00 -30.55
C ALA C 47 -56.16 42.05 -31.67
N ARG C 48 -57.36 41.56 -31.39
CA ARG C 48 -58.41 41.58 -32.44
C ARG C 48 -58.65 43.04 -32.78
N GLU C 49 -58.74 43.90 -31.78
CA GLU C 49 -59.07 45.32 -32.06
C GLU C 49 -57.95 45.91 -32.91
N GLN C 50 -56.71 45.59 -32.57
CA GLN C 50 -55.55 46.14 -33.31
C GLN C 50 -55.54 45.64 -34.75
N ILE C 51 -55.91 44.39 -34.99
CA ILE C 51 -55.74 43.86 -36.39
C ILE C 51 -56.92 44.33 -37.22
N ASN C 52 -58.15 44.02 -36.80
CA ASN C 52 -59.24 44.57 -37.58
C ASN C 52 -59.27 46.08 -37.57
N GLY C 53 -58.41 46.73 -36.79
CA GLY C 53 -58.31 48.16 -36.91
C GLY C 53 -57.27 48.67 -37.87
N ILE C 54 -56.20 47.92 -38.11
CA ILE C 54 -55.16 48.35 -39.02
C ILE C 54 -55.71 48.19 -40.42
N ILE C 55 -56.15 49.29 -41.01
CA ILE C 55 -56.82 49.23 -42.29
C ILE C 55 -55.78 49.06 -43.38
N GLU C 56 -55.91 47.99 -44.16
CA GLU C 56 -55.10 47.73 -45.33
C GLU C 56 -55.97 47.71 -46.58
N VAL C 57 -55.32 47.80 -47.73
CA VAL C 57 -55.97 47.74 -49.03
C VAL C 57 -55.44 46.51 -49.76
N PRO C 58 -56.30 45.66 -50.34
CA PRO C 58 -57.77 45.64 -50.37
C PRO C 58 -58.39 45.28 -49.02
N ALA C 59 -59.66 45.63 -48.80
CA ALA C 59 -60.31 45.36 -47.53
C ALA C 59 -60.47 43.86 -47.32
N LYS C 60 -59.81 43.34 -46.30
CA LYS C 60 -59.51 41.93 -46.27
C LYS C 60 -60.63 41.15 -45.60
N ALA C 61 -60.35 39.88 -45.37
CA ALA C 61 -61.18 39.10 -44.48
C ALA C 61 -60.94 39.56 -43.06
N ARG C 62 -62.00 39.75 -42.32
CA ARG C 62 -61.91 40.23 -40.96
C ARG C 62 -61.26 39.20 -40.06
N VAL C 63 -60.96 39.59 -38.85
CA VAL C 63 -60.56 38.65 -37.84
C VAL C 63 -61.55 38.72 -36.72
N GLU C 64 -62.19 37.61 -36.43
CA GLU C 64 -63.05 37.51 -35.26
C GLU C 64 -62.47 36.44 -34.37
N VAL C 65 -62.47 36.69 -33.08
CA VAL C 65 -61.92 35.75 -32.12
C VAL C 65 -63.03 35.33 -31.19
N ASP C 66 -63.45 34.08 -31.34
CA ASP C 66 -64.50 33.57 -30.50
C ASP C 66 -63.89 32.97 -29.25
N ILE C 67 -64.54 33.22 -28.12
CA ILE C 67 -63.94 33.04 -26.81
C ILE C 67 -64.83 32.13 -26.00
N PHE C 68 -64.24 31.20 -25.28
CA PHE C 68 -64.94 30.10 -24.65
C PHE C 68 -64.37 29.89 -23.28
N GLU C 69 -65.08 30.27 -22.25
CA GLU C 69 -64.48 30.15 -20.94
C GLU C 69 -64.69 28.74 -20.43
N LEU C 70 -63.61 28.17 -19.95
CA LEU C 70 -63.56 26.80 -19.51
C LEU C 70 -63.45 26.79 -18.00
N GLN C 71 -64.26 25.98 -17.33
CA GLN C 71 -64.30 26.03 -15.88
C GLN C 71 -63.10 25.33 -15.26
N ARG C 72 -63.00 24.03 -15.46
CA ARG C 72 -62.06 23.23 -14.72
C ARG C 72 -60.98 22.75 -15.66
N ASP C 73 -59.99 22.07 -15.08
CA ASP C 73 -58.93 21.44 -15.91
C ASP C 73 -59.31 19.97 -16.03
N SER C 74 -60.51 19.71 -16.55
CA SER C 74 -60.98 18.31 -16.72
C SER C 74 -61.11 18.03 -18.21
N GLN C 75 -60.53 16.93 -18.67
CA GLN C 75 -60.55 16.63 -20.12
C GLN C 75 -62.00 16.52 -20.56
N TYR C 76 -62.85 15.99 -19.69
CA TYR C 76 -64.26 15.78 -20.09
C TYR C 76 -64.85 17.14 -20.45
N GLU C 77 -64.59 18.17 -19.64
CA GLU C 77 -65.25 19.46 -19.97
C GLU C 77 -64.71 19.92 -21.32
N THR C 78 -63.41 19.74 -21.54
CA THR C 78 -62.80 20.27 -22.78
C THR C 78 -63.45 19.57 -23.98
N THR C 79 -63.70 18.28 -23.89
CA THR C 79 -64.26 17.58 -25.07
C THR C 79 -65.61 18.22 -25.35
N ASP C 80 -66.32 18.58 -24.29
CA ASP C 80 -67.60 19.27 -24.50
C ASP C 80 -67.34 20.60 -25.22
N THR C 81 -66.34 21.37 -24.78
CA THR C 81 -66.11 22.71 -25.38
C THR C 81 -65.71 22.55 -26.84
N MET C 82 -64.81 21.62 -27.13
CA MET C 82 -64.35 21.48 -28.50
C MET C 82 -65.47 20.99 -29.40
N CYS C 83 -66.36 20.17 -28.86
CA CYS C 83 -67.52 19.82 -29.63
C CYS C 83 -68.48 21.00 -29.73
N GLN C 84 -68.36 21.96 -28.82
CA GLN C 84 -69.15 23.16 -29.02
C GLN C 84 -68.44 24.14 -29.93
N ILE C 85 -67.17 23.85 -30.26
CA ILE C 85 -66.37 24.83 -31.04
C ILE C 85 -66.26 24.42 -32.51
N LEU C 86 -66.12 23.13 -32.78
CA LEU C 86 -65.87 22.72 -34.17
C LEU C 86 -67.00 23.16 -35.10
N PRO C 87 -68.29 23.21 -34.73
CA PRO C 87 -69.31 23.72 -35.63
C PRO C 87 -69.01 25.15 -36.11
N LYS C 88 -68.45 25.99 -35.24
CA LYS C 88 -68.18 27.42 -35.58
C LYS C 88 -67.18 27.51 -36.74
N GLY C 89 -66.61 26.39 -37.18
CA GLY C 89 -65.74 26.42 -38.32
C GLY C 89 -64.57 27.34 -38.07
N VAL C 90 -63.72 26.96 -37.13
CA VAL C 90 -62.63 27.89 -36.72
C VAL C 90 -61.26 27.45 -37.26
N VAL C 91 -60.44 28.43 -37.65
CA VAL C 91 -59.08 28.12 -38.19
C VAL C 91 -58.18 27.56 -37.09
N SER C 92 -58.27 28.04 -35.86
CA SER C 92 -57.41 27.41 -34.82
C SER C 92 -57.99 27.53 -33.43
N VAL C 93 -57.35 26.93 -32.44
CA VAL C 93 -57.88 26.88 -31.09
C VAL C 93 -56.79 27.26 -30.13
N LEU C 94 -56.80 28.53 -29.76
CA LEU C 94 -55.77 29.12 -28.95
C LEU C 94 -55.90 28.55 -27.58
N GLY C 95 -54.81 28.46 -26.89
CA GLY C 95 -54.91 28.03 -25.54
C GLY C 95 -55.06 26.54 -25.47
N PRO C 96 -55.33 26.03 -24.30
CA PRO C 96 -55.68 26.65 -23.05
C PRO C 96 -54.48 27.05 -22.29
N SER C 97 -54.55 28.19 -21.64
CA SER C 97 -53.38 28.85 -21.09
C SER C 97 -52.65 28.07 -20.04
N SER C 98 -53.24 27.84 -18.88
CA SER C 98 -52.54 27.13 -17.84
C SER C 98 -53.21 25.83 -17.46
N SER C 99 -53.70 25.08 -18.40
CA SER C 99 -54.30 23.83 -18.00
C SER C 99 -53.61 22.69 -18.73
N PRO C 100 -52.54 22.16 -18.13
CA PRO C 100 -51.74 21.18 -18.83
C PRO C 100 -52.41 19.84 -18.96
N ALA C 101 -53.50 19.61 -18.25
CA ALA C 101 -54.26 18.42 -18.51
C ALA C 101 -55.13 18.60 -19.72
N SER C 102 -55.79 19.74 -19.81
CA SER C 102 -56.75 19.95 -20.89
C SER C 102 -56.05 20.10 -22.21
N ALA C 103 -54.78 20.46 -22.16
CA ALA C 103 -54.03 20.69 -23.38
C ALA C 103 -53.90 19.45 -24.22
N SER C 104 -53.75 18.29 -23.60
CA SER C 104 -53.55 17.11 -24.41
C SER C 104 -54.84 16.68 -25.09
N THR C 105 -55.97 16.98 -24.49
CA THR C 105 -57.22 16.65 -25.15
C THR C 105 -57.48 17.58 -26.30
N VAL C 106 -57.30 18.89 -26.10
CA VAL C 106 -57.49 19.78 -27.29
C VAL C 106 -56.53 19.31 -28.38
N SER C 107 -55.23 19.23 -28.08
CA SER C 107 -54.28 18.84 -29.11
C SER C 107 -54.67 17.54 -29.77
N HIS C 108 -55.30 16.66 -29.01
CA HIS C 108 -55.62 15.33 -29.60
C HIS C 108 -56.80 15.51 -30.55
N ILE C 109 -57.78 16.31 -30.15
CA ILE C 109 -58.95 16.50 -30.98
C ILE C 109 -58.55 17.21 -32.26
N CYS C 110 -57.74 18.23 -32.15
CA CYS C 110 -57.48 18.99 -33.34
C CYS C 110 -56.44 18.31 -34.22
N GLY C 111 -55.58 17.49 -33.63
CA GLY C 111 -54.72 16.66 -34.47
C GLY C 111 -55.50 15.55 -35.13
N GLU C 112 -56.62 15.17 -34.54
CA GLU C 112 -57.54 14.32 -35.28
C GLU C 112 -58.16 15.08 -36.43
N LYS C 113 -58.66 16.27 -36.18
CA LYS C 113 -59.46 16.97 -37.17
C LYS C 113 -58.63 17.73 -38.19
N GLU C 114 -57.32 17.72 -38.05
CA GLU C 114 -56.43 18.48 -38.96
C GLU C 114 -56.73 19.97 -38.84
N ILE C 115 -56.78 20.52 -37.63
CA ILE C 115 -56.96 22.00 -37.43
C ILE C 115 -55.86 22.38 -36.45
N PRO C 116 -55.02 23.39 -36.73
CA PRO C 116 -53.89 23.66 -35.85
C PRO C 116 -54.24 24.09 -34.42
N HIS C 117 -53.53 23.60 -33.40
CA HIS C 117 -53.76 24.08 -32.02
C HIS C 117 -52.55 24.94 -31.63
N ILE C 118 -52.71 26.25 -31.52
CA ILE C 118 -51.54 27.13 -31.24
C ILE C 118 -51.38 27.18 -29.72
N LYS C 119 -50.70 26.20 -29.14
CA LYS C 119 -50.62 26.12 -27.66
C LYS C 119 -49.94 27.35 -27.10
N VAL C 120 -50.40 27.84 -25.96
CA VAL C 120 -49.80 29.02 -25.32
C VAL C 120 -49.31 28.68 -23.90
N GLY C 121 -49.53 27.48 -23.40
CA GLY C 121 -48.98 27.17 -22.11
C GLY C 121 -47.92 26.14 -22.29
N PRO C 122 -47.25 25.72 -21.24
CA PRO C 122 -46.23 24.68 -21.38
C PRO C 122 -46.89 23.35 -21.62
N GLU C 123 -46.08 22.33 -21.82
CA GLU C 123 -46.63 20.99 -21.87
C GLU C 123 -45.89 20.12 -20.89
N GLU C 124 -46.62 19.67 -19.86
CA GLU C 124 -46.15 18.78 -18.83
C GLU C 124 -46.63 17.36 -19.03
N THR C 125 -47.24 17.11 -20.12
CA THR C 125 -47.42 15.73 -20.51
C THR C 125 -46.10 15.21 -21.01
N PRO C 126 -45.91 13.90 -21.04
CA PRO C 126 -44.67 13.37 -21.62
C PRO C 126 -44.47 13.73 -23.06
N ARG C 127 -45.56 13.87 -23.82
CA ARG C 127 -45.55 14.33 -25.20
C ARG C 127 -44.66 13.45 -26.06
N LEU C 128 -45.13 12.23 -26.24
CA LEU C 128 -44.49 11.30 -27.17
C LEU C 128 -44.41 11.92 -28.55
N GLN C 129 -43.25 11.80 -29.18
CA GLN C 129 -43.07 12.41 -30.49
C GLN C 129 -43.86 11.67 -31.56
N TYR C 130 -44.10 10.39 -31.36
CA TYR C 130 -44.90 9.59 -32.27
C TYR C 130 -46.38 9.93 -32.17
N LEU C 131 -46.76 10.68 -31.14
CA LEU C 131 -48.11 11.19 -31.05
C LEU C 131 -48.38 12.07 -32.24
N ARG C 132 -49.66 12.14 -32.58
CA ARG C 132 -50.12 12.96 -33.67
C ARG C 132 -49.75 14.40 -33.42
N PHE C 133 -48.83 14.92 -34.24
CA PHE C 133 -48.30 16.29 -33.95
C PHE C 133 -48.64 17.30 -35.04
N ALA C 134 -49.48 18.27 -34.67
CA ALA C 134 -49.83 19.38 -35.58
C ALA C 134 -49.98 20.59 -34.66
N SER C 135 -49.20 20.62 -33.60
CA SER C 135 -49.35 21.69 -32.58
C SER C 135 -48.15 22.62 -32.62
N VAL C 136 -48.38 23.93 -32.69
CA VAL C 136 -47.25 24.89 -32.62
C VAL C 136 -47.31 25.51 -31.23
N SER C 137 -46.23 25.45 -30.45
CA SER C 137 -46.28 25.94 -29.05
C SER C 137 -45.54 27.24 -28.91
N LEU C 138 -46.25 28.34 -28.77
CA LEU C 138 -45.60 29.66 -28.62
C LEU C 138 -44.90 29.71 -27.27
N TYR C 139 -45.05 28.69 -26.43
CA TYR C 139 -44.44 28.76 -25.08
C TYR C 139 -43.10 28.06 -25.09
N PRO C 140 -42.03 28.67 -24.57
CA PRO C 140 -40.73 28.05 -24.49
C PRO C 140 -40.79 26.57 -24.13
N SER C 141 -40.01 25.76 -24.83
CA SER C 141 -40.11 24.29 -24.64
C SER C 141 -39.41 23.90 -23.36
N ASN C 142 -39.77 22.75 -22.81
CA ASN C 142 -39.26 22.39 -21.51
C ASN C 142 -37.80 22.02 -21.61
N GLU C 143 -37.42 21.41 -22.72
CA GLU C 143 -35.97 21.15 -22.89
C GLU C 143 -35.29 22.51 -22.94
N ASP C 144 -35.81 23.46 -23.71
CA ASP C 144 -35.12 24.75 -23.89
C ASP C 144 -34.95 25.51 -22.57
N VAL C 145 -35.93 25.51 -21.67
CA VAL C 145 -35.68 26.21 -20.38
C VAL C 145 -34.66 25.36 -19.64
N SER C 146 -34.76 24.04 -19.70
CA SER C 146 -33.77 23.24 -19.02
C SER C 146 -32.37 23.57 -19.47
N LEU C 147 -32.18 23.80 -20.74
CA LEU C 147 -30.84 24.16 -21.17
C LEU C 147 -30.49 25.54 -20.70
N ALA C 148 -31.46 26.41 -20.52
CA ALA C 148 -31.13 27.72 -19.99
C ALA C 148 -30.71 27.63 -18.55
N VAL C 149 -31.32 26.75 -17.79
CA VAL C 149 -30.86 26.65 -16.42
C VAL C 149 -29.52 25.95 -16.39
N SER C 150 -29.29 25.07 -17.35
CA SER C 150 -28.00 24.40 -17.41
C SER C 150 -26.91 25.38 -17.72
N ARG C 151 -27.20 26.37 -18.53
CA ARG C 151 -26.13 27.22 -18.99
C ARG C 151 -25.98 28.45 -18.12
N ILE C 152 -27.02 28.81 -17.38
CA ILE C 152 -26.76 29.72 -16.29
C ILE C 152 -25.92 29.05 -15.23
N LEU C 153 -26.16 27.76 -14.93
CA LEU C 153 -25.29 27.11 -13.95
C LEU C 153 -23.89 26.88 -14.48
N LYS C 154 -23.72 26.79 -15.79
CA LYS C 154 -22.37 26.75 -16.29
C LYS C 154 -21.74 28.11 -16.19
N SER C 155 -22.52 29.17 -16.16
CA SER C 155 -21.90 30.45 -15.86
C SER C 155 -21.56 30.57 -14.40
N PHE C 156 -22.31 29.93 -13.53
CA PHE C 156 -21.93 30.09 -12.13
C PHE C 156 -20.99 29.04 -11.65
N ASN C 157 -20.30 28.36 -12.56
CA ASN C 157 -19.20 27.45 -12.24
C ASN C 157 -19.69 26.22 -11.48
N TYR C 158 -20.90 25.78 -11.81
CA TYR C 158 -21.49 24.55 -11.31
C TYR C 158 -21.48 24.37 -9.79
N PRO C 159 -22.13 25.24 -9.04
CA PRO C 159 -22.15 25.06 -7.61
C PRO C 159 -23.07 23.91 -7.28
N SER C 160 -22.88 23.38 -6.08
CA SER C 160 -23.70 22.27 -5.66
C SER C 160 -25.12 22.72 -5.46
N ALA C 161 -25.92 22.62 -6.49
CA ALA C 161 -27.23 23.22 -6.52
C ALA C 161 -28.19 22.34 -5.74
N SER C 162 -29.41 22.81 -5.56
CA SER C 162 -30.47 21.90 -5.16
C SER C 162 -31.80 22.41 -5.62
N LEU C 163 -32.48 21.58 -6.35
CA LEU C 163 -33.64 21.95 -7.12
C LEU C 163 -34.85 21.78 -6.25
N ILE C 164 -35.76 22.75 -6.25
CA ILE C 164 -36.95 22.66 -5.44
C ILE C 164 -38.15 22.61 -6.35
N CYS C 165 -38.63 21.42 -6.61
CA CYS C 165 -39.74 21.23 -7.52
C CYS C 165 -41.04 21.42 -6.77
N ALA C 166 -42.01 22.06 -7.40
CA ALA C 166 -43.31 22.19 -6.77
C ALA C 166 -44.04 20.88 -6.75
N LYS C 167 -44.46 20.41 -7.91
CA LYS C 167 -45.10 19.12 -8.02
C LYS C 167 -44.05 18.11 -8.43
N ALA C 168 -44.50 16.93 -8.83
CA ALA C 168 -43.53 16.05 -9.45
C ALA C 168 -43.39 16.35 -10.92
N GLU C 169 -44.30 17.11 -11.51
CA GLU C 169 -44.20 17.44 -12.92
C GLU C 169 -43.07 18.42 -13.21
N CYS C 170 -42.49 18.96 -12.16
CA CYS C 170 -41.18 19.59 -12.29
C CYS C 170 -40.20 18.69 -12.99
N LEU C 171 -40.13 17.43 -12.58
CA LEU C 171 -39.12 16.54 -13.11
C LEU C 171 -39.35 16.21 -14.56
N LEU C 172 -40.56 16.31 -15.03
CA LEU C 172 -40.73 16.13 -16.45
C LEU C 172 -40.51 17.44 -17.16
N ARG C 173 -40.71 18.56 -16.49
CA ARG C 173 -40.43 19.83 -17.15
C ARG C 173 -38.95 20.09 -17.24
N LEU C 174 -38.21 19.82 -16.18
CA LEU C 174 -36.76 20.15 -16.18
C LEU C 174 -35.99 18.85 -16.38
N GLU C 175 -36.46 18.00 -17.29
CA GLU C 175 -35.86 16.66 -17.45
C GLU C 175 -34.40 16.69 -17.89
N GLU C 176 -34.02 17.54 -18.84
CA GLU C 176 -32.64 17.41 -19.34
C GLU C 176 -31.70 18.05 -18.34
N LEU C 177 -32.17 19.05 -17.61
CA LEU C 177 -31.34 19.57 -16.54
C LEU C 177 -30.92 18.46 -15.62
N VAL C 178 -31.86 17.64 -15.15
CA VAL C 178 -31.55 16.57 -14.16
C VAL C 178 -30.56 15.58 -14.76
N ARG C 179 -30.81 15.07 -15.96
CA ARG C 179 -29.96 14.00 -16.53
C ARG C 179 -28.53 14.51 -16.61
N GLY C 180 -28.36 15.78 -16.91
CA GLY C 180 -26.98 16.27 -17.12
C GLY C 180 -26.28 16.59 -15.82
N PHE C 181 -26.51 15.82 -14.76
CA PHE C 181 -25.79 16.05 -13.51
C PHE C 181 -25.71 14.81 -12.67
N LEU C 182 -24.55 14.58 -12.11
CA LEU C 182 -24.41 13.53 -11.13
C LEU C 182 -25.17 13.90 -9.88
N ILE C 183 -26.35 13.34 -9.74
CA ILE C 183 -27.28 13.71 -8.69
C ILE C 183 -26.70 13.27 -7.36
N SER C 184 -26.28 14.23 -6.53
CA SER C 184 -25.88 13.95 -5.17
C SER C 184 -26.03 15.21 -4.35
N LYS C 185 -25.45 15.20 -3.16
CA LYS C 185 -25.42 16.40 -2.37
C LYS C 185 -24.41 17.39 -2.91
N GLU C 186 -23.59 16.96 -3.87
CA GLU C 186 -22.40 17.73 -4.20
C GLU C 186 -22.49 18.35 -5.58
N THR C 187 -23.42 17.90 -6.41
CA THR C 187 -23.61 18.56 -7.68
C THR C 187 -25.03 19.06 -7.74
N LEU C 188 -26.03 18.24 -7.53
CA LEU C 188 -27.41 18.65 -7.72
C LEU C 188 -28.28 17.63 -7.03
N SER C 189 -29.10 18.06 -6.11
CA SER C 189 -30.01 17.14 -5.47
C SER C 189 -31.42 17.70 -5.56
N VAL C 190 -32.39 16.84 -5.68
CA VAL C 190 -33.75 17.29 -5.85
C VAL C 190 -34.45 17.22 -4.53
N ARG C 191 -35.10 18.27 -4.12
CA ARG C 191 -36.08 18.17 -3.07
C ARG C 191 -37.38 18.59 -3.66
N MET C 192 -38.48 18.16 -3.09
CA MET C 192 -39.75 18.56 -3.63
C MET C 192 -40.61 19.05 -2.49
N LEU C 193 -41.55 19.92 -2.81
CA LEU C 193 -42.42 20.39 -1.77
C LEU C 193 -43.32 19.27 -1.33
N ASP C 194 -43.55 19.24 -0.04
CA ASP C 194 -44.43 18.25 0.54
C ASP C 194 -45.87 18.68 0.35
N ASP C 195 -46.78 17.88 0.91
CA ASP C 195 -48.19 18.21 0.80
C ASP C 195 -48.54 19.35 1.73
N SER C 196 -47.67 19.62 2.72
CA SER C 196 -47.95 20.68 3.67
C SER C 196 -47.79 22.06 3.06
N ARG C 197 -47.10 22.17 1.93
CA ARG C 197 -46.74 23.43 1.30
C ARG C 197 -45.94 24.34 2.22
N ASP C 198 -45.16 23.75 3.12
CA ASP C 198 -44.34 24.55 4.00
C ASP C 198 -42.88 24.26 3.75
N PRO C 199 -42.18 25.11 3.01
CA PRO C 199 -40.83 24.81 2.54
C PRO C 199 -39.74 24.95 3.58
N THR C 200 -40.09 25.39 4.76
CA THR C 200 -39.08 25.66 5.79
C THR C 200 -38.22 24.47 6.18
N PRO C 201 -38.71 23.23 6.29
CA PRO C 201 -37.77 22.12 6.51
C PRO C 201 -36.82 21.91 5.36
N LEU C 202 -37.28 22.17 4.14
CA LEU C 202 -36.41 21.99 2.99
C LEU C 202 -35.31 23.01 2.98
N LEU C 203 -35.64 24.27 3.25
CA LEU C 203 -34.58 25.26 3.29
C LEU C 203 -33.65 25.00 4.44
N LYS C 204 -34.15 24.36 5.50
CA LYS C 204 -33.25 24.00 6.59
C LYS C 204 -32.30 22.90 6.16
N GLU C 205 -32.76 21.96 5.33
CA GLU C 205 -31.80 21.00 4.80
C GLU C 205 -30.81 21.65 3.85
N ILE C 206 -31.29 22.60 3.06
CA ILE C 206 -30.41 23.25 2.09
C ILE C 206 -29.36 24.05 2.79
N ARG C 207 -29.74 24.76 3.84
CA ARG C 207 -28.78 25.49 4.64
C ARG C 207 -27.85 24.55 5.35
N ASP C 208 -28.34 23.36 5.70
CA ASP C 208 -27.46 22.36 6.31
C ASP C 208 -26.34 21.98 5.37
N ASP C 209 -26.67 21.59 4.17
CA ASP C 209 -25.64 20.96 3.38
C ASP C 209 -24.75 21.95 2.65
N LYS C 210 -24.85 23.23 3.00
CA LYS C 210 -24.12 24.32 2.37
C LYS C 210 -24.38 24.33 0.88
N VAL C 211 -25.62 24.64 0.55
CA VAL C 211 -26.06 24.55 -0.82
C VAL C 211 -26.24 25.94 -1.36
N SER C 212 -25.41 26.32 -2.29
CA SER C 212 -25.30 27.73 -2.58
C SER C 212 -26.43 28.20 -3.47
N THR C 213 -26.68 27.51 -4.57
CA THR C 213 -27.73 27.93 -5.48
C THR C 213 -28.96 27.07 -5.31
N ILE C 214 -30.09 27.72 -5.22
CA ILE C 214 -31.35 27.03 -5.16
C ILE C 214 -32.09 27.32 -6.43
N ILE C 215 -32.56 26.29 -7.16
CA ILE C 215 -33.30 26.50 -8.45
C ILE C 215 -34.80 26.34 -8.23
N ILE C 216 -35.47 27.33 -7.63
CA ILE C 216 -36.93 27.19 -7.30
C ILE C 216 -37.71 27.02 -8.59
N ASP C 217 -38.69 26.11 -8.61
CA ASP C 217 -39.59 25.95 -9.80
C ASP C 217 -41.02 25.74 -9.31
N ALA C 218 -41.95 26.59 -9.73
CA ALA C 218 -43.34 26.45 -9.39
C ALA C 218 -44.15 27.39 -10.24
N ASN C 219 -45.44 27.44 -9.97
CA ASN C 219 -46.14 28.64 -10.41
C ASN C 219 -45.72 29.81 -9.53
N ALA C 220 -46.14 30.99 -9.94
CA ALA C 220 -45.59 32.23 -9.38
C ALA C 220 -45.91 32.38 -7.90
N SER C 221 -47.07 31.90 -7.46
CA SER C 221 -47.41 32.08 -6.06
C SER C 221 -46.61 31.17 -5.17
N ILE C 222 -46.43 29.91 -5.56
CA ILE C 222 -45.58 29.08 -4.66
C ILE C 222 -44.16 29.62 -4.73
N SER C 223 -43.83 30.32 -5.81
CA SER C 223 -42.48 30.92 -5.82
C SER C 223 -42.37 31.95 -4.69
N HIS C 224 -43.39 32.79 -4.52
CA HIS C 224 -43.32 33.84 -3.48
C HIS C 224 -43.19 33.15 -2.13
N LEU C 225 -43.97 32.09 -1.91
CA LEU C 225 -43.97 31.41 -0.60
C LEU C 225 -42.58 30.84 -0.34
N VAL C 226 -41.94 30.21 -1.32
CA VAL C 226 -40.60 29.66 -0.97
C VAL C 226 -39.71 30.85 -0.61
N LEU C 227 -39.75 31.93 -1.40
CA LEU C 227 -38.85 33.08 -1.14
C LEU C 227 -39.18 33.76 0.20
N ARG C 228 -40.45 34.00 0.52
CA ARG C 228 -40.75 34.74 1.76
C ARG C 228 -40.29 33.89 2.94
N LYS C 229 -40.58 32.59 2.90
CA LYS C 229 -40.17 31.69 3.99
C LYS C 229 -38.64 31.68 4.03
N ALA C 230 -38.02 31.68 2.85
CA ALA C 230 -36.55 31.74 2.81
C ALA C 230 -36.03 33.06 3.39
N SER C 231 -36.69 34.16 3.07
CA SER C 231 -36.20 35.49 3.54
C SER C 231 -36.24 35.52 5.07
N GLU C 232 -37.14 34.73 5.67
CA GLU C 232 -37.32 34.78 7.13
C GLU C 232 -36.33 33.80 7.74
N LEU C 233 -36.17 32.64 7.12
CA LEU C 233 -35.16 31.68 7.62
C LEU C 233 -33.80 32.31 7.38
N GLY C 234 -33.77 33.58 6.97
CA GLY C 234 -32.49 34.28 6.77
C GLY C 234 -31.68 33.61 5.69
N MET C 235 -32.34 33.17 4.62
CA MET C 235 -31.60 32.57 3.49
C MET C 235 -31.86 33.39 2.24
N THR C 236 -31.77 34.72 2.31
CA THR C 236 -31.86 35.50 1.10
C THR C 236 -30.67 36.43 0.93
N SER C 237 -29.61 36.17 1.66
CA SER C 237 -28.48 37.06 1.78
C SER C 237 -27.54 36.94 0.61
N ALA C 238 -26.33 37.45 0.83
CA ALA C 238 -25.36 37.67 -0.23
C ALA C 238 -24.89 36.39 -0.83
N PHE C 239 -25.00 35.30 -0.11
CA PHE C 239 -24.36 34.10 -0.61
C PHE C 239 -25.26 33.36 -1.59
N TYR C 240 -26.58 33.42 -1.39
CA TYR C 240 -27.50 32.51 -2.06
C TYR C 240 -27.86 32.98 -3.44
N LYS C 241 -27.76 32.11 -4.44
CA LYS C 241 -28.24 32.53 -5.77
C LYS C 241 -29.51 31.72 -6.07
N TYR C 242 -30.60 32.37 -6.44
CA TYR C 242 -31.87 31.63 -6.63
C TYR C 242 -32.28 31.73 -8.09
N ILE C 243 -32.07 30.69 -8.90
CA ILE C 243 -32.37 30.79 -10.36
C ILE C 243 -33.83 30.39 -10.55
N LEU C 244 -34.76 31.27 -10.27
CA LEU C 244 -36.19 30.94 -10.40
C LEU C 244 -36.45 30.63 -11.87
N THR C 245 -37.31 29.66 -12.17
CA THR C 245 -37.56 29.26 -13.56
C THR C 245 -38.97 29.68 -13.94
N THR C 246 -39.78 29.96 -12.93
CA THR C 246 -41.15 30.34 -13.20
C THR C 246 -41.14 31.46 -14.21
N MET C 247 -41.45 31.13 -15.45
CA MET C 247 -41.30 32.08 -16.53
C MET C 247 -42.33 33.19 -16.51
N ASP C 248 -43.08 33.33 -15.45
CA ASP C 248 -43.94 34.47 -15.27
C ASP C 248 -43.24 35.60 -14.55
N PHE C 249 -41.93 35.53 -14.46
CA PHE C 249 -41.14 36.37 -13.56
C PHE C 249 -41.33 37.88 -13.59
N PRO C 250 -41.78 38.52 -14.66
CA PRO C 250 -42.11 39.94 -14.54
C PRO C 250 -43.23 40.27 -13.60
N ILE C 251 -44.13 39.35 -13.30
CA ILE C 251 -45.18 39.74 -12.40
C ILE C 251 -44.89 39.42 -10.99
N LEU C 252 -43.74 38.88 -10.69
CA LEU C 252 -43.45 38.64 -9.30
C LEU C 252 -42.87 39.93 -8.75
N HIS C 253 -43.50 40.48 -7.71
CA HIS C 253 -42.93 41.69 -7.08
C HIS C 253 -42.64 41.34 -5.63
N LEU C 254 -41.40 41.56 -5.18
CA LEU C 254 -41.04 41.10 -3.82
C LEU C 254 -40.76 42.28 -2.90
N ASP C 255 -41.38 42.28 -1.72
CA ASP C 255 -41.08 43.33 -0.72
C ASP C 255 -40.55 42.63 0.55
N GLY C 256 -39.37 43.03 1.00
CA GLY C 256 -38.77 42.41 2.21
C GLY C 256 -38.10 41.10 1.85
N ILE C 257 -38.09 40.75 0.57
CA ILE C 257 -37.39 39.51 0.14
C ILE C 257 -36.23 39.93 -0.76
N VAL C 258 -36.27 41.16 -1.26
CA VAL C 258 -35.22 41.59 -2.25
C VAL C 258 -34.28 42.62 -1.62
N GLU C 259 -33.00 42.28 -1.55
CA GLU C 259 -31.98 43.17 -1.05
C GLU C 259 -30.99 43.35 -2.19
N ASP C 260 -30.11 44.33 -2.10
CA ASP C 260 -29.06 44.37 -3.11
C ASP C 260 -28.09 43.23 -2.95
N SER C 261 -28.02 42.67 -1.76
CA SER C 261 -27.27 41.43 -1.58
C SER C 261 -27.94 40.29 -2.31
N SER C 262 -29.27 40.31 -2.39
CA SER C 262 -30.04 39.16 -2.83
C SER C 262 -29.84 38.88 -4.31
N ASN C 263 -29.73 37.61 -4.68
CA ASN C 263 -29.43 37.32 -6.10
C ASN C 263 -30.52 36.42 -6.70
N ILE C 264 -31.77 36.85 -6.69
CA ILE C 264 -32.85 36.07 -7.37
C ILE C 264 -32.76 36.38 -8.87
N LEU C 265 -32.84 35.39 -9.75
CA LEU C 265 -32.84 35.61 -11.23
C LEU C 265 -33.96 34.81 -11.91
N GLY C 266 -34.84 35.44 -12.71
CA GLY C 266 -35.83 34.70 -13.45
C GLY C 266 -35.58 34.84 -14.92
N PHE C 267 -36.44 34.27 -15.72
CA PHE C 267 -36.39 34.60 -17.11
C PHE C 267 -37.67 35.28 -17.48
N SER C 268 -37.62 36.15 -18.49
CA SER C 268 -38.86 36.78 -18.98
C SER C 268 -38.69 37.02 -20.47
N MET C 269 -39.69 36.73 -21.30
CA MET C 269 -39.44 36.85 -22.77
C MET C 269 -40.00 38.15 -23.33
N PHE C 270 -40.58 39.00 -22.51
CA PHE C 270 -41.24 40.17 -23.11
C PHE C 270 -40.24 41.07 -23.81
N ASN C 271 -40.51 41.44 -25.04
CA ASN C 271 -39.65 42.42 -25.77
C ASN C 271 -40.24 43.76 -25.43
N THR C 272 -39.87 44.31 -24.29
CA THR C 272 -40.51 45.56 -23.85
C THR C 272 -40.32 46.61 -24.95
N SER C 273 -39.20 46.55 -25.67
CA SER C 273 -38.93 47.62 -26.66
C SER C 273 -39.94 47.60 -27.81
N HIS C 274 -40.62 46.48 -28.05
CA HIS C 274 -41.64 46.49 -29.12
C HIS C 274 -42.60 47.62 -28.82
N PRO C 275 -43.06 48.41 -29.82
CA PRO C 275 -43.87 49.58 -29.53
C PRO C 275 -45.15 49.29 -28.75
N PHE C 276 -45.82 48.18 -29.02
CA PHE C 276 -47.13 47.95 -28.36
C PHE C 276 -46.99 47.62 -26.87
N TYR C 277 -45.82 47.17 -26.40
CA TYR C 277 -45.76 46.72 -24.99
C TYR C 277 -46.17 47.84 -24.05
N PRO C 278 -45.72 49.10 -24.19
CA PRO C 278 -46.19 50.10 -23.26
C PRO C 278 -47.72 50.24 -23.32
N GLU C 279 -48.30 50.35 -24.50
CA GLU C 279 -49.76 50.59 -24.58
C GLU C 279 -50.53 49.39 -24.04
N PHE C 280 -50.09 48.18 -24.38
CA PHE C 280 -50.81 46.96 -23.96
C PHE C 280 -50.75 46.91 -22.44
N VAL C 281 -49.61 47.32 -21.89
CA VAL C 281 -49.52 47.14 -20.42
C VAL C 281 -50.43 48.21 -19.84
N ARG C 282 -50.66 49.29 -20.58
CA ARG C 282 -51.60 50.31 -20.06
C ARG C 282 -53.03 49.75 -20.11
N SER C 283 -53.38 49.06 -21.20
CA SER C 283 -54.75 48.50 -21.32
C SER C 283 -54.96 47.43 -20.25
N LEU C 284 -53.94 46.64 -19.97
CA LEU C 284 -54.10 45.54 -18.99
C LEU C 284 -53.98 46.17 -17.62
N ASN C 285 -53.48 47.40 -17.58
CA ASN C 285 -53.46 48.09 -16.31
C ASN C 285 -54.83 48.64 -15.98
N MET C 286 -55.51 49.18 -17.00
CA MET C 286 -56.86 49.69 -16.83
C MET C 286 -57.84 48.59 -16.44
N SER C 287 -57.90 47.51 -17.21
CA SER C 287 -58.90 46.46 -16.89
C SER C 287 -58.40 45.53 -15.79
N TRP C 288 -57.58 46.03 -14.86
CA TRP C 288 -57.21 45.16 -13.71
C TRP C 288 -57.95 45.74 -12.52
N ARG C 289 -57.78 47.05 -12.32
CA ARG C 289 -58.42 47.72 -11.15
C ARG C 289 -59.94 47.63 -11.29
N GLU C 290 -60.46 47.80 -12.50
CA GLU C 290 -61.94 47.84 -12.64
C GLU C 290 -62.51 46.51 -12.16
N ASN C 291 -61.94 45.38 -12.57
CA ASN C 291 -62.46 44.10 -12.04
C ASN C 291 -62.16 44.08 -10.55
N CYS C 292 -60.92 44.37 -10.17
CA CYS C 292 -60.59 44.49 -8.73
C CYS C 292 -59.23 45.16 -8.55
N GLU C 293 -59.11 46.07 -7.60
CA GLU C 293 -57.78 46.64 -7.31
C GLU C 293 -57.42 46.06 -5.95
N ALA C 294 -58.04 44.92 -5.60
CA ALA C 294 -57.77 44.45 -4.25
C ALA C 294 -56.29 44.27 -3.96
N SER C 295 -55.56 43.71 -4.92
CA SER C 295 -54.12 43.89 -4.90
C SER C 295 -53.71 44.84 -6.01
N THR C 296 -52.55 45.46 -5.86
CA THR C 296 -52.02 46.26 -6.94
C THR C 296 -51.61 45.36 -8.09
N TYR C 297 -51.67 45.90 -9.25
CA TYR C 297 -51.54 45.12 -10.46
C TYR C 297 -50.09 44.78 -10.72
N PRO C 298 -49.71 43.54 -10.68
CA PRO C 298 -48.28 43.23 -10.71
C PRO C 298 -47.72 43.16 -12.11
N GLY C 299 -48.38 43.70 -13.12
CA GLY C 299 -47.78 43.68 -14.44
C GLY C 299 -48.41 42.62 -15.30
N PRO C 300 -48.11 42.62 -16.60
CA PRO C 300 -48.78 41.70 -17.50
C PRO C 300 -48.18 40.31 -17.41
N ALA C 301 -48.98 39.35 -16.98
CA ALA C 301 -48.44 38.02 -16.92
C ALA C 301 -48.36 37.43 -18.30
N LEU C 302 -47.54 36.39 -18.44
CA LEU C 302 -46.96 36.08 -19.74
C LEU C 302 -48.01 35.63 -20.72
N SER C 303 -48.99 34.90 -20.23
CA SER C 303 -49.96 34.29 -21.12
C SER C 303 -50.83 35.32 -21.78
N ALA C 304 -50.84 36.53 -21.24
CA ALA C 304 -51.63 37.52 -21.98
C ALA C 304 -50.87 37.77 -23.25
N ALA C 305 -49.57 37.95 -23.12
CA ALA C 305 -48.82 38.30 -24.33
C ALA C 305 -48.82 37.13 -25.30
N LEU C 306 -48.59 35.92 -24.80
CA LEU C 306 -48.45 34.82 -25.78
C LEU C 306 -49.75 34.73 -26.55
N MET C 307 -50.88 34.88 -25.89
CA MET C 307 -52.14 34.91 -26.65
C MET C 307 -52.15 36.12 -27.58
N PHE C 308 -51.74 37.30 -27.11
CA PHE C 308 -51.85 38.48 -28.02
C PHE C 308 -50.97 38.18 -29.21
N ASP C 309 -49.77 37.69 -28.93
CA ASP C 309 -48.83 37.39 -30.02
C ASP C 309 -49.37 36.29 -30.91
N ALA C 310 -50.01 35.29 -30.30
CA ALA C 310 -50.38 34.14 -31.15
C ALA C 310 -51.49 34.59 -32.06
N VAL C 311 -52.42 35.41 -31.59
CA VAL C 311 -53.45 35.77 -32.58
C VAL C 311 -52.71 36.36 -33.76
N HIS C 312 -51.66 37.13 -33.54
CA HIS C 312 -50.96 37.61 -34.76
C HIS C 312 -50.39 36.42 -35.55
N VAL C 313 -49.82 35.42 -34.89
CA VAL C 313 -49.21 34.25 -35.60
C VAL C 313 -50.24 33.66 -36.54
N VAL C 314 -51.34 33.16 -35.99
CA VAL C 314 -52.35 32.46 -36.82
C VAL C 314 -52.93 33.42 -37.85
N VAL C 315 -53.16 34.68 -37.53
CA VAL C 315 -53.73 35.53 -38.60
C VAL C 315 -52.71 35.60 -39.73
N SER C 316 -51.42 35.74 -39.41
CA SER C 316 -50.43 35.91 -40.51
C SER C 316 -50.34 34.67 -41.40
N ALA C 317 -50.24 33.48 -40.82
CA ALA C 317 -50.12 32.25 -41.63
C ALA C 317 -51.41 32.04 -42.42
N VAL C 318 -52.55 32.21 -41.77
CA VAL C 318 -53.85 31.97 -42.46
C VAL C 318 -53.89 32.95 -43.62
N ARG C 319 -53.46 34.19 -43.38
CA ARG C 319 -53.56 35.22 -44.46
C ARG C 319 -52.69 34.80 -45.64
N GLU C 320 -51.51 34.24 -45.37
CA GLU C 320 -50.65 33.77 -46.49
C GLU C 320 -51.33 32.62 -47.25
N LEU C 321 -51.88 31.65 -46.53
CA LEU C 321 -52.56 30.51 -47.20
C LEU C 321 -53.75 31.07 -47.96
N ASN C 322 -54.42 32.07 -47.40
CA ASN C 322 -55.63 32.66 -48.04
C ASN C 322 -55.19 33.26 -49.36
N ARG C 323 -53.90 33.51 -49.50
CA ARG C 323 -53.41 34.02 -50.79
C ARG C 323 -53.10 32.87 -51.74
N SER C 324 -52.12 32.01 -51.44
CA SER C 324 -51.73 31.04 -52.45
C SER C 324 -52.77 29.97 -52.67
N GLN C 325 -53.70 29.80 -51.75
CA GLN C 325 -54.85 28.96 -52.02
C GLN C 325 -56.07 29.78 -51.66
N GLU C 326 -57.20 29.11 -51.52
CA GLU C 326 -58.44 29.74 -50.97
C GLU C 326 -58.91 28.75 -49.91
N ILE C 327 -59.17 29.18 -48.68
CA ILE C 327 -59.48 28.19 -47.60
C ILE C 327 -60.94 28.27 -47.20
N GLY C 328 -61.66 27.14 -47.24
CA GLY C 328 -63.05 27.14 -46.75
C GLY C 328 -63.13 26.42 -45.43
N VAL C 329 -63.94 26.97 -44.53
CA VAL C 329 -64.15 26.31 -43.21
C VAL C 329 -65.42 25.47 -43.38
N LYS C 330 -65.49 24.32 -42.72
CA LYS C 330 -66.66 23.44 -42.90
C LYS C 330 -67.27 23.18 -41.52
N PRO C 331 -68.60 23.22 -41.36
CA PRO C 331 -69.20 22.87 -40.08
C PRO C 331 -68.64 21.48 -39.76
N LEU C 332 -67.74 21.38 -38.78
CA LEU C 332 -67.08 20.08 -38.51
C LEU C 332 -67.74 19.56 -37.24
N ALA C 333 -68.16 18.30 -37.27
CA ALA C 333 -68.85 17.73 -36.10
C ALA C 333 -67.92 16.68 -35.48
N CYS C 334 -67.76 16.68 -34.17
CA CYS C 334 -66.79 15.72 -33.56
C CYS C 334 -67.30 14.33 -33.83
N THR C 335 -68.58 14.18 -34.16
CA THR C 335 -69.14 12.84 -34.47
C THR C 335 -68.52 12.35 -35.78
N SER C 336 -68.88 12.96 -36.89
CA SER C 336 -68.38 12.60 -38.21
C SER C 336 -66.90 12.94 -38.30
N ALA C 337 -66.18 12.08 -39.03
CA ALA C 337 -64.71 12.27 -39.12
C ALA C 337 -64.35 13.29 -40.18
N ASN C 338 -65.31 14.13 -40.60
CA ASN C 338 -64.97 15.05 -41.71
C ASN C 338 -63.76 15.87 -41.28
N ILE C 339 -62.75 15.99 -42.14
CA ILE C 339 -61.49 16.67 -41.71
C ILE C 339 -61.42 18.02 -42.42
N TRP C 340 -60.96 19.06 -41.73
CA TRP C 340 -60.80 20.36 -42.42
C TRP C 340 -59.89 20.07 -43.61
N PRO C 341 -60.27 20.49 -44.81
CA PRO C 341 -59.52 20.09 -45.99
C PRO C 341 -58.11 20.68 -46.12
N HIS C 342 -57.86 21.85 -45.52
CA HIS C 342 -56.59 22.50 -45.80
C HIS C 342 -55.65 22.48 -44.64
N GLY C 343 -55.87 21.60 -43.69
CA GLY C 343 -55.25 21.76 -42.39
C GLY C 343 -53.75 21.55 -42.42
N THR C 344 -53.30 20.50 -43.07
CA THR C 344 -51.88 20.22 -43.04
C THR C 344 -51.11 21.24 -43.84
N SER C 345 -51.84 21.88 -44.76
CA SER C 345 -51.21 22.98 -45.52
C SER C 345 -51.05 24.14 -44.53
N LEU C 346 -52.11 24.46 -43.79
CA LEU C 346 -51.97 25.63 -42.89
C LEU C 346 -50.84 25.29 -41.93
N MET C 347 -50.80 24.04 -41.47
CA MET C 347 -49.71 23.61 -40.57
C MET C 347 -48.39 24.02 -41.21
N ASN C 348 -48.14 23.57 -42.44
CA ASN C 348 -46.85 23.89 -43.09
C ASN C 348 -46.66 25.41 -43.06
N TYR C 349 -47.73 26.17 -43.35
CA TYR C 349 -47.49 27.64 -43.44
C TYR C 349 -47.26 28.21 -42.04
N LEU C 350 -47.83 27.57 -41.03
CA LEU C 350 -47.65 28.06 -39.65
C LEU C 350 -46.21 27.83 -39.23
N ARG C 351 -45.64 26.69 -39.61
CA ARG C 351 -44.28 26.35 -39.12
C ARG C 351 -43.21 27.26 -39.74
N MET C 352 -43.52 27.99 -40.81
CA MET C 352 -42.50 28.93 -41.34
C MET C 352 -42.82 30.38 -40.97
N VAL C 353 -43.92 30.65 -40.25
CA VAL C 353 -44.27 32.08 -40.00
C VAL C 353 -43.28 32.73 -39.05
N GLU C 354 -43.05 34.03 -39.23
CA GLU C 354 -42.21 34.73 -38.23
C GLU C 354 -42.90 36.06 -37.90
N TYR C 355 -43.11 36.30 -36.60
CA TYR C 355 -43.73 37.58 -36.16
C TYR C 355 -42.82 38.09 -35.06
N ASP C 356 -42.42 39.35 -35.14
CA ASP C 356 -41.64 39.90 -33.99
C ASP C 356 -42.68 40.66 -33.17
N GLY C 357 -42.92 40.24 -31.92
CA GLY C 357 -44.03 40.85 -31.18
C GLY C 357 -43.76 40.88 -29.70
N LEU C 358 -44.80 41.08 -28.91
CA LEU C 358 -44.59 41.25 -27.47
C LEU C 358 -43.85 40.03 -26.93
N THR C 359 -43.99 38.86 -27.52
CA THR C 359 -43.28 37.73 -26.89
C THR C 359 -41.92 37.56 -27.54
N GLY C 360 -41.51 38.52 -28.35
CA GLY C 360 -40.17 38.45 -28.96
C GLY C 360 -40.27 37.93 -30.38
N ARG C 361 -39.25 37.24 -30.86
CA ARG C 361 -39.35 36.63 -32.20
C ARG C 361 -40.27 35.41 -32.06
N VAL C 362 -41.09 35.12 -33.07
CA VAL C 362 -41.93 33.91 -32.99
C VAL C 362 -41.66 33.13 -34.27
N GLU C 363 -40.72 32.18 -34.23
CA GLU C 363 -40.36 31.38 -35.42
C GLU C 363 -40.43 29.94 -34.94
N PHE C 364 -40.86 29.00 -35.77
CA PHE C 364 -41.05 27.62 -35.25
C PHE C 364 -40.20 26.60 -36.01
N ASN C 365 -39.68 25.60 -35.30
CA ASN C 365 -38.84 24.54 -35.92
C ASN C 365 -39.74 23.49 -36.55
N SER C 366 -39.18 22.40 -37.09
CA SER C 366 -40.07 21.46 -37.74
C SER C 366 -40.91 20.70 -36.74
N LYS C 367 -40.39 20.57 -35.52
CA LYS C 367 -41.08 19.74 -34.49
C LYS C 367 -42.33 20.44 -33.97
N GLY C 368 -42.61 21.65 -34.46
CA GLY C 368 -43.77 22.40 -33.95
C GLY C 368 -43.48 23.11 -32.63
N GLN C 369 -42.20 23.23 -32.21
CA GLN C 369 -41.86 24.02 -30.99
C GLN C 369 -41.48 25.45 -31.37
N ARG C 370 -40.79 26.19 -30.50
CA ARG C 370 -40.35 27.57 -30.85
C ARG C 370 -38.82 27.69 -30.76
N THR C 371 -38.18 28.27 -31.77
CA THR C 371 -36.69 28.40 -31.79
C THR C 371 -36.33 29.83 -32.18
N ASN C 372 -35.06 30.22 -31.98
CA ASN C 372 -34.66 31.63 -32.23
C ASN C 372 -35.43 32.53 -31.28
N TYR C 373 -35.61 32.09 -30.03
CA TYR C 373 -36.40 32.85 -29.05
C TYR C 373 -35.48 33.41 -27.98
N THR C 374 -35.74 34.63 -27.55
CA THR C 374 -34.83 35.28 -26.59
C THR C 374 -35.42 35.29 -25.19
N LEU C 375 -34.86 34.50 -24.26
CA LEU C 375 -35.35 34.60 -22.87
C LEU C 375 -34.47 35.69 -22.25
N ARG C 376 -34.98 36.91 -22.11
CA ARG C 376 -34.17 37.95 -21.43
C ARG C 376 -34.14 37.64 -19.94
N ILE C 377 -32.96 37.41 -19.37
CA ILE C 377 -32.84 37.06 -17.97
C ILE C 377 -33.14 38.32 -17.20
N LEU C 378 -33.64 38.19 -15.99
CA LEU C 378 -33.66 39.30 -15.07
C LEU C 378 -33.03 38.87 -13.79
N GLU C 379 -32.20 39.71 -13.23
CA GLU C 379 -31.78 39.61 -11.84
C GLU C 379 -32.56 40.67 -11.11
N LYS C 380 -33.27 40.30 -10.08
CA LYS C 380 -34.13 41.29 -9.48
C LYS C 380 -33.29 42.29 -8.72
N SER C 381 -33.79 43.51 -8.60
CA SER C 381 -33.22 44.55 -7.76
C SER C 381 -34.26 44.96 -6.73
N ARG C 382 -33.92 45.94 -5.90
CA ARG C 382 -34.78 46.32 -4.78
C ARG C 382 -36.10 46.88 -5.25
N GLN C 383 -36.11 47.53 -6.40
CA GLN C 383 -37.34 47.77 -7.12
C GLN C 383 -37.10 47.23 -8.52
N GLY C 384 -37.43 45.96 -8.72
CA GLY C 384 -37.56 45.48 -10.07
C GLY C 384 -36.34 44.94 -10.76
N HIS C 385 -36.17 45.31 -12.03
CA HIS C 385 -35.42 44.52 -12.98
C HIS C 385 -34.12 45.13 -13.35
N ARG C 386 -33.16 44.28 -13.47
CA ARG C 386 -31.90 44.61 -14.05
C ARG C 386 -31.62 43.55 -15.09
N GLU C 387 -31.75 43.91 -16.37
CA GLU C 387 -31.46 42.97 -17.44
C GLU C 387 -30.00 42.63 -17.39
N ILE C 388 -29.69 41.46 -16.90
CA ILE C 388 -28.32 41.03 -16.93
C ILE C 388 -28.04 40.20 -18.14
N GLY C 389 -28.91 40.23 -19.13
CA GLY C 389 -28.51 39.78 -20.44
C GLY C 389 -29.42 38.69 -20.95
N VAL C 390 -29.10 38.18 -22.15
CA VAL C 390 -30.05 37.25 -22.82
C VAL C 390 -29.49 35.85 -22.97
N TRP C 391 -30.36 34.85 -22.84
CA TRP C 391 -29.96 33.47 -23.17
C TRP C 391 -30.62 33.18 -24.51
N TYR C 392 -29.87 33.19 -25.59
CA TYR C 392 -30.53 33.02 -26.91
C TYR C 392 -30.89 31.54 -27.04
N SER C 393 -31.82 31.20 -27.92
CA SER C 393 -32.22 29.79 -28.14
C SER C 393 -31.09 28.99 -28.77
N ASN C 394 -30.40 29.56 -29.75
CA ASN C 394 -29.37 28.81 -30.49
C ASN C 394 -28.00 29.18 -29.95
N ARG C 395 -27.52 30.38 -30.27
CA ARG C 395 -26.26 30.84 -29.71
C ARG C 395 -26.43 30.99 -28.22
N THR C 396 -26.28 29.89 -27.51
CA THR C 396 -26.64 29.80 -26.11
C THR C 396 -25.80 30.73 -25.24
N LEU C 397 -26.49 31.60 -24.51
CA LEU C 397 -25.95 32.46 -23.45
C LEU C 397 -24.88 33.42 -23.92
N ALA C 398 -25.32 34.46 -24.61
CA ALA C 398 -24.48 35.63 -24.87
C ALA C 398 -24.83 36.74 -23.88
N MET C 399 -24.62 36.51 -22.59
CA MET C 399 -25.32 37.31 -21.57
C MET C 399 -24.78 38.72 -21.32
N THR C 416 -21.66 43.67 7.79
CA THR C 416 -22.29 42.57 8.51
C THR C 416 -21.59 41.25 8.19
N LEU C 417 -20.33 41.16 8.58
CA LEU C 417 -19.51 40.00 8.29
C LEU C 417 -19.29 39.22 9.57
N VAL C 418 -19.42 37.90 9.46
CA VAL C 418 -19.29 37.04 10.62
C VAL C 418 -17.82 36.93 10.96
N VAL C 419 -17.38 37.76 11.90
CA VAL C 419 -15.98 37.82 12.33
C VAL C 419 -15.90 37.12 13.67
N THR C 420 -15.39 35.90 13.65
CA THR C 420 -15.41 35.06 14.84
C THR C 420 -14.00 34.75 15.28
N THR C 421 -13.89 34.31 16.54
CA THR C 421 -12.61 34.06 17.17
C THR C 421 -12.81 33.22 18.41
N ILE C 422 -11.70 32.66 18.91
CA ILE C 422 -11.62 32.12 20.26
C ILE C 422 -10.65 33.01 21.02
N LEU C 423 -11.18 33.54 22.15
CA LEU C 423 -10.43 34.51 22.96
C LEU C 423 -9.12 33.92 23.46
N GLU C 424 -8.04 34.68 23.29
CA GLU C 424 -6.73 34.26 23.79
C GLU C 424 -5.99 35.51 24.24
N ASN C 425 -5.59 35.53 25.49
CA ASN C 425 -4.90 36.68 26.04
C ASN C 425 -3.52 36.79 25.40
N PRO C 426 -3.04 38.00 25.11
CA PRO C 426 -3.78 39.24 25.28
C PRO C 426 -4.33 39.67 23.95
N TYR C 427 -4.17 38.83 22.92
CA TYR C 427 -4.63 39.16 21.55
C TYR C 427 -5.98 39.86 21.70
N VAL C 428 -6.98 39.13 22.22
CA VAL C 428 -8.25 39.81 22.57
C VAL C 428 -8.11 40.00 24.08
N MET C 429 -8.19 41.24 24.57
CA MET C 429 -7.91 41.47 26.01
C MET C 429 -8.91 40.68 26.85
N ARG C 430 -10.13 40.46 26.33
CA ARG C 430 -11.17 39.77 27.12
C ARG C 430 -11.33 40.56 28.42
N ARG C 431 -11.44 41.88 28.31
CA ARG C 431 -11.55 42.75 29.50
C ARG C 431 -12.78 42.30 30.29
N PRO C 432 -12.75 42.33 31.64
CA PRO C 432 -13.88 41.78 32.39
C PRO C 432 -15.04 42.77 32.46
N ASN C 433 -15.80 42.88 31.36
CA ASN C 433 -17.00 43.73 31.34
C ASN C 433 -18.14 42.78 31.69
N PHE C 434 -18.40 42.60 32.98
CA PHE C 434 -19.39 41.60 33.40
C PHE C 434 -20.74 41.91 32.79
N GLN C 435 -21.05 43.19 32.63
CA GLN C 435 -22.08 43.62 31.70
C GLN C 435 -21.55 43.46 30.30
N ALA C 436 -21.66 42.24 29.80
CA ALA C 436 -21.17 41.94 28.47
C ALA C 436 -22.20 42.40 27.44
N LEU C 437 -21.77 43.30 26.55
CA LEU C 437 -22.60 43.78 25.46
C LEU C 437 -22.58 42.78 24.31
N SER C 438 -23.05 43.22 23.16
CA SER C 438 -23.20 42.33 22.02
C SER C 438 -22.03 42.43 21.08
N GLY C 439 -21.52 41.25 20.70
CA GLY C 439 -20.63 41.15 19.54
C GLY C 439 -19.32 41.84 19.77
N ASN C 440 -19.12 42.94 19.07
CA ASN C 440 -17.93 43.76 19.18
C ASN C 440 -17.85 44.50 20.51
N GLU C 441 -18.96 45.07 20.97
CA GLU C 441 -18.96 45.78 22.24
C GLU C 441 -18.88 44.85 23.44
N ARG C 442 -18.86 43.53 23.16
CA ARG C 442 -18.79 42.52 24.25
C ARG C 442 -17.37 42.53 24.86
N PHE C 443 -16.33 42.61 24.02
CA PHE C 443 -14.93 42.54 24.51
C PHE C 443 -14.01 43.43 23.65
N GLU C 444 -12.85 43.83 24.19
CA GLU C 444 -11.92 44.72 23.45
C GLU C 444 -10.49 44.18 23.59
N GLY C 445 -9.55 44.63 22.74
CA GLY C 445 -8.14 44.19 22.82
C GLY C 445 -7.31 44.58 21.61
N PHE C 446 -6.11 44.00 21.45
CA PHE C 446 -5.23 44.29 20.34
C PHE C 446 -5.80 43.78 19.03
N CYS C 447 -6.14 42.50 18.98
CA CYS C 447 -6.83 41.98 17.81
C CYS C 447 -8.21 42.58 17.65
N VAL C 448 -8.86 42.96 18.75
CA VAL C 448 -10.17 43.56 18.64
C VAL C 448 -10.08 44.95 18.05
N ASP C 449 -9.13 45.76 18.51
CA ASP C 449 -8.96 47.08 17.92
C ASP C 449 -8.40 46.98 16.51
N MET C 450 -7.65 45.91 16.23
CA MET C 450 -7.17 45.66 14.89
C MET C 450 -8.32 45.39 13.95
N LEU C 451 -9.29 44.59 14.40
CA LEU C 451 -10.48 44.38 13.62
C LEU C 451 -11.31 45.65 13.53
N ARG C 452 -11.25 46.50 14.56
CA ARG C 452 -11.98 47.77 14.54
C ARG C 452 -11.44 48.66 13.44
N GLU C 453 -10.12 48.79 13.36
CA GLU C 453 -9.52 49.59 12.29
C GLU C 453 -9.67 48.89 10.95
N LEU C 454 -9.74 47.56 10.95
CA LEU C 454 -9.92 46.82 9.71
C LEU C 454 -11.29 47.08 9.13
N ALA C 455 -12.30 47.11 9.99
CA ALA C 455 -13.65 47.44 9.53
C ALA C 455 -13.76 48.92 9.22
N GLU C 456 -12.95 49.75 9.88
CA GLU C 456 -12.89 51.16 9.52
C GLU C 456 -12.32 51.35 8.13
N LEU C 457 -11.38 50.49 7.75
CA LEU C 457 -10.84 50.53 6.40
C LEU C 457 -11.87 50.01 5.41
N LEU C 458 -12.33 48.78 5.59
CA LEU C 458 -13.20 48.13 4.62
C LEU C 458 -14.63 48.62 4.67
N ARG C 459 -14.96 49.49 5.62
CA ARG C 459 -16.24 50.19 5.75
C ARG C 459 -17.42 49.25 5.97
N PHE C 460 -17.19 48.00 6.33
CA PHE C 460 -18.30 47.08 6.55
C PHE C 460 -18.45 46.77 8.04
N ARG C 461 -19.68 46.56 8.48
CA ARG C 461 -19.94 46.18 9.86
C ARG C 461 -19.61 44.71 10.07
N TYR C 462 -19.33 44.34 11.31
CA TYR C 462 -18.94 42.98 11.60
C TYR C 462 -19.67 42.49 12.84
N ARG C 463 -19.94 41.19 12.85
CA ARG C 463 -20.51 40.50 13.99
C ARG C 463 -19.40 39.68 14.61
N LEU C 464 -18.81 40.21 15.68
CA LEU C 464 -17.79 39.49 16.42
C LEU C 464 -18.46 38.34 17.15
N ARG C 465 -17.95 37.14 16.94
CA ARG C 465 -18.55 35.94 17.49
C ARG C 465 -17.51 35.11 18.21
N LEU C 466 -17.95 34.37 19.21
CA LEU C 466 -17.08 33.39 19.85
C LEU C 466 -16.96 32.17 18.97
N VAL C 467 -15.80 31.53 18.99
CA VAL C 467 -15.65 30.26 18.29
C VAL C 467 -16.47 29.22 19.03
N GLU C 468 -17.08 28.31 18.26
CA GLU C 468 -17.98 27.34 18.86
C GLU C 468 -17.22 26.32 19.68
N ASP C 469 -16.32 25.59 19.04
CA ASP C 469 -15.43 24.72 19.79
C ASP C 469 -14.45 25.53 20.62
N GLY C 470 -13.94 26.62 20.07
CA GLY C 470 -12.98 27.44 20.76
C GLY C 470 -11.57 26.90 20.79
N LEU C 471 -11.31 25.76 20.17
CA LEU C 471 -9.96 25.26 20.03
C LEU C 471 -9.23 26.10 19.00
N TYR C 472 -7.91 25.98 18.97
CA TYR C 472 -7.12 26.72 18.00
C TYR C 472 -7.33 26.16 16.59
N GLY C 473 -7.85 24.95 16.50
CA GLY C 473 -8.21 24.39 15.22
C GLY C 473 -7.07 23.60 14.62
N ALA C 474 -7.32 22.34 14.31
CA ALA C 474 -6.30 21.50 13.69
C ALA C 474 -7.00 20.60 12.69
N PRO C 475 -6.31 20.20 11.64
CA PRO C 475 -6.93 19.31 10.66
C PRO C 475 -7.12 17.92 11.24
N GLU C 476 -8.38 17.64 11.57
CA GLU C 476 -8.78 16.44 12.25
C GLU C 476 -8.64 15.25 11.33
N PRO C 477 -8.40 14.05 11.89
CA PRO C 477 -8.24 12.87 11.04
C PRO C 477 -9.54 12.35 10.45
N ASN C 478 -10.68 12.96 10.78
CA ASN C 478 -11.96 12.69 10.13
C ASN C 478 -12.13 13.48 8.85
N GLY C 479 -11.04 13.93 8.25
CA GLY C 479 -11.08 14.75 7.07
C GLY C 479 -11.22 16.22 7.32
N SER C 480 -11.90 16.62 8.39
CA SER C 480 -12.17 18.03 8.60
C SER C 480 -11.03 18.69 9.36
N TRP C 481 -11.19 19.99 9.58
CA TRP C 481 -10.39 20.72 10.53
C TRP C 481 -11.19 20.78 11.82
N THR C 482 -10.49 20.87 12.94
CA THR C 482 -11.17 21.07 14.21
C THR C 482 -11.34 22.56 14.44
N GLY C 483 -12.01 22.88 15.54
CA GLY C 483 -12.16 24.19 16.15
C GLY C 483 -12.62 25.27 15.19
N MET C 484 -12.02 26.45 15.34
CA MET C 484 -12.37 27.57 14.46
C MET C 484 -11.86 27.34 13.05
N VAL C 485 -10.79 26.55 12.92
CA VAL C 485 -10.39 26.07 11.59
C VAL C 485 -11.49 25.19 11.03
N GLY C 486 -12.17 24.45 11.91
CA GLY C 486 -13.40 23.78 11.50
C GLY C 486 -14.50 24.76 11.12
N GLU C 487 -14.58 25.89 11.82
CA GLU C 487 -15.66 26.84 11.55
C GLU C 487 -15.47 27.53 10.21
N LEU C 488 -14.21 27.72 9.81
CA LEU C 488 -13.94 28.33 8.52
C LEU C 488 -13.90 27.29 7.41
N ILE C 489 -13.53 26.06 7.74
CA ILE C 489 -13.53 25.00 6.74
C ILE C 489 -14.95 24.58 6.40
N ASN C 490 -15.80 24.49 7.41
CA ASN C 490 -17.20 24.20 7.19
C ASN C 490 -18.04 25.45 7.05
N ARG C 491 -17.42 26.61 6.85
CA ARG C 491 -18.09 27.88 6.56
C ARG C 491 -19.11 28.26 7.61
N LYS C 492 -18.82 27.96 8.88
CA LYS C 492 -19.70 28.39 9.95
C LYS C 492 -19.67 29.90 10.08
N ALA C 493 -18.52 30.50 9.80
CA ALA C 493 -18.40 31.95 9.68
C ALA C 493 -17.51 32.27 8.49
N ASP C 494 -17.52 33.53 8.10
CA ASP C 494 -16.76 34.00 6.95
C ASP C 494 -15.37 34.48 7.32
N LEU C 495 -15.28 35.43 8.24
CA LEU C 495 -14.01 36.01 8.64
C LEU C 495 -13.62 35.46 10.01
N ALA C 496 -12.75 34.46 10.00
CA ALA C 496 -12.18 33.93 11.23
C ALA C 496 -11.05 34.86 11.62
N VAL C 497 -11.37 35.89 12.37
CA VAL C 497 -10.42 36.95 12.68
C VAL C 497 -9.90 36.65 14.09
N ALA C 498 -8.75 35.99 14.15
CA ALA C 498 -8.12 35.67 15.42
C ALA C 498 -6.63 35.65 15.19
N ALA C 499 -5.89 35.04 16.11
CA ALA C 499 -4.46 34.84 15.91
C ALA C 499 -4.22 33.48 15.27
N PHE C 500 -4.89 33.27 14.14
CA PHE C 500 -4.80 32.01 13.40
C PHE C 500 -3.42 31.92 12.78
N THR C 501 -2.63 30.97 13.27
CA THR C 501 -1.27 30.76 12.79
C THR C 501 -1.34 30.23 11.36
N ILE C 502 -0.92 31.06 10.41
CA ILE C 502 -1.05 30.69 9.01
C ILE C 502 -0.01 29.64 8.69
N THR C 503 -0.43 28.38 8.70
CA THR C 503 0.46 27.26 8.42
C THR C 503 -0.07 26.48 7.22
N ALA C 504 0.58 25.34 6.94
CA ALA C 504 0.25 24.57 5.76
C ALA C 504 -1.12 23.95 5.84
N GLU C 505 -1.45 23.35 6.98
CA GLU C 505 -2.80 22.82 7.15
C GLU C 505 -3.80 23.94 7.37
N ARG C 506 -3.31 25.13 7.74
CA ARG C 506 -4.18 26.30 7.69
C ARG C 506 -4.28 26.84 6.27
N GLU C 507 -3.30 26.49 5.42
CA GLU C 507 -3.33 27.01 4.05
C GLU C 507 -4.28 26.21 3.18
N LYS C 508 -4.13 24.89 3.13
CA LYS C 508 -4.90 24.07 2.21
C LYS C 508 -6.35 23.87 2.62
N VAL C 509 -6.76 24.42 3.76
CA VAL C 509 -8.14 24.30 4.20
C VAL C 509 -8.91 25.59 4.13
N ILE C 510 -8.24 26.74 4.20
CA ILE C 510 -8.90 28.02 4.15
C ILE C 510 -7.89 29.05 3.68
N ASP C 511 -8.38 30.13 3.10
CA ASP C 511 -7.49 31.18 2.68
C ASP C 511 -6.91 31.88 3.90
N PHE C 512 -5.63 32.19 3.83
CA PHE C 512 -4.99 33.00 4.86
C PHE C 512 -4.40 34.23 4.19
N SER C 513 -4.79 35.40 4.66
CA SER C 513 -4.32 36.63 4.04
C SER C 513 -2.92 36.97 4.53
N LYS C 514 -2.51 38.20 4.23
CA LYS C 514 -1.20 38.69 4.68
C LYS C 514 -1.16 38.74 6.20
N PRO C 515 -0.04 38.35 6.80
CA PRO C 515 -0.02 38.17 8.26
C PRO C 515 -0.05 39.51 8.99
N PHE C 516 -0.77 39.52 10.11
CA PHE C 516 -0.79 40.69 10.97
C PHE C 516 0.57 40.95 11.59
N MET C 517 1.33 39.91 11.91
CA MET C 517 2.67 40.06 12.44
C MET C 517 3.44 38.78 12.17
N THR C 518 4.70 38.78 12.55
CA THR C 518 5.53 37.59 12.50
C THR C 518 5.31 36.82 13.78
N LEU C 519 5.77 35.56 13.80
CA LEU C 519 5.57 34.72 14.96
C LEU C 519 6.59 33.60 14.95
N GLY C 520 6.82 33.04 16.13
CA GLY C 520 7.70 31.89 16.28
C GLY C 520 7.29 31.10 17.50
N ILE C 521 7.79 29.90 17.57
CA ILE C 521 7.49 29.02 18.69
C ILE C 521 8.58 29.18 19.74
N SER C 522 8.19 29.59 20.95
CA SER C 522 9.14 29.83 22.03
C SER C 522 8.78 28.93 23.19
N ILE C 523 9.72 28.68 24.11
CA ILE C 523 9.45 27.80 25.22
C ILE C 523 9.37 28.65 26.49
N LEU C 524 8.17 28.87 26.99
CA LEU C 524 8.02 29.54 28.27
C LEU C 524 8.27 28.52 29.36
N TYR C 525 9.31 28.76 30.18
CA TYR C 525 9.73 27.82 31.22
C TYR C 525 9.86 28.55 32.54
N ARG C 526 10.09 27.77 33.60
CA ARG C 526 10.30 28.35 34.91
C ARG C 526 11.71 28.95 35.00
N VAL C 527 11.99 29.57 36.12
CA VAL C 527 13.29 30.18 36.34
C VAL C 527 14.34 29.12 36.60
N TYR C 535 24.40 36.81 55.19
CA TYR C 535 25.05 35.90 56.12
C TYR C 535 24.69 34.47 55.78
N PHE C 536 24.78 34.15 54.49
CA PHE C 536 24.44 32.80 54.06
C PHE C 536 25.68 31.92 54.01
N SER C 537 26.66 32.28 53.18
CA SER C 537 27.71 31.34 52.84
C SER C 537 28.75 31.21 53.94
N PHE C 538 28.77 32.15 54.88
CA PHE C 538 29.98 32.43 55.65
C PHE C 538 30.32 31.36 56.66
N LEU C 539 29.54 30.29 56.71
CA LEU C 539 30.08 29.00 57.15
C LEU C 539 29.47 27.86 56.36
N ASP C 540 28.66 28.20 55.36
CA ASP C 540 27.78 27.25 54.71
C ASP C 540 28.52 26.18 53.92
N PRO C 541 29.69 26.43 53.44
CA PRO C 541 30.36 25.38 52.70
C PRO C 541 30.93 24.37 53.65
N PHE C 542 31.21 24.79 54.87
CA PHE C 542 31.63 23.86 55.90
C PHE C 542 30.34 23.21 56.36
N SER C 543 30.42 21.93 56.72
CA SER C 543 29.32 21.16 57.29
C SER C 543 28.90 21.80 58.60
N PRO C 544 27.66 22.30 58.71
CA PRO C 544 27.35 23.34 59.69
C PRO C 544 27.35 22.90 61.13
N ALA C 545 27.78 21.68 61.44
CA ALA C 545 27.97 21.31 62.83
C ALA C 545 29.44 21.30 63.21
N VAL C 546 30.34 21.34 62.24
CA VAL C 546 31.75 21.21 62.58
C VAL C 546 32.30 22.47 63.19
N TRP C 547 31.66 23.60 62.95
CA TRP C 547 32.23 24.87 63.36
C TRP C 547 32.20 25.02 64.88
N LEU C 548 31.22 24.42 65.54
CA LEU C 548 31.18 24.47 67.00
C LEU C 548 32.34 23.68 67.59
N PHE C 549 32.63 22.52 67.01
CA PHE C 549 33.79 21.77 67.44
C PHE C 549 35.08 22.51 67.11
N MET C 550 35.07 23.34 66.05
CA MET C 550 36.25 24.11 65.70
C MET C 550 36.59 25.14 66.79
N LEU C 551 35.59 25.93 67.18
CA LEU C 551 35.83 26.94 68.21
C LEU C 551 36.14 26.29 69.55
N LEU C 552 35.55 25.12 69.79
CA LEU C 552 35.91 24.33 70.97
C LEU C 552 37.38 23.94 70.91
N ALA C 553 37.86 23.61 69.72
CA ALA C 553 39.26 23.24 69.60
C ALA C 553 40.16 24.45 69.80
N TYR C 554 39.70 25.62 69.38
CA TYR C 554 40.52 26.83 69.54
C TYR C 554 40.68 27.16 71.00
N LEU C 555 39.59 27.05 71.75
CA LEU C 555 39.66 27.21 73.20
C LEU C 555 40.53 26.13 73.82
N ALA C 556 40.50 24.93 73.25
CA ALA C 556 41.31 23.85 73.80
C ALA C 556 42.79 24.09 73.60
N VAL C 557 43.18 24.55 72.41
CA VAL C 557 44.59 24.75 72.15
C VAL C 557 45.09 26.00 72.88
N SER C 558 44.19 26.93 73.18
CA SER C 558 44.57 28.00 74.09
C SER C 558 44.72 27.48 75.50
N VAL C 559 43.91 26.50 75.89
CA VAL C 559 43.91 25.99 77.25
C VAL C 559 45.18 25.24 77.58
N VAL C 560 45.71 24.47 76.62
CA VAL C 560 46.98 23.79 76.89
C VAL C 560 48.11 24.79 76.94
N LEU C 561 47.96 25.93 76.26
CA LEU C 561 48.98 26.96 76.34
C LEU C 561 49.02 27.59 77.72
N PHE C 562 47.85 27.94 78.27
CA PHE C 562 47.82 28.51 79.61
C PHE C 562 48.19 27.47 80.65
N LEU C 563 47.95 26.20 80.35
CA LEU C 563 48.47 25.14 81.21
C LEU C 563 49.98 25.11 81.15
N ALA C 564 50.55 25.36 79.98
CA ALA C 564 52.00 25.37 79.85
C ALA C 564 52.61 26.60 80.50
N ALA C 565 51.83 27.67 80.63
CA ALA C 565 52.38 28.90 81.16
C ALA C 565 52.61 28.80 82.65
N ARG C 566 51.55 28.58 83.43
CA ARG C 566 51.71 28.44 84.87
C ARG C 566 52.03 26.99 85.23
N ALA C 614 61.37 25.34 75.52
CA ALA C 614 60.16 25.84 74.88
C ALA C 614 59.68 24.88 73.81
N LEU C 615 59.94 23.58 74.00
CA LEU C 615 59.58 22.58 73.03
C LEU C 615 58.19 22.01 73.26
N SER C 616 57.69 22.06 74.50
CA SER C 616 56.36 21.57 74.80
C SER C 616 55.31 22.39 74.09
N THR C 617 55.37 23.71 74.26
CA THR C 617 54.56 24.62 73.48
C THR C 617 54.85 24.56 72.00
N ARG C 618 56.10 24.22 71.62
CA ARG C 618 56.42 24.08 70.18
C ARG C 618 55.66 22.87 69.61
N ILE C 619 55.45 21.83 70.43
CA ILE C 619 54.67 20.65 69.97
C ILE C 619 53.23 21.09 69.68
N VAL C 620 52.66 21.96 70.53
CA VAL C 620 51.23 22.38 70.36
C VAL C 620 51.13 23.41 69.22
N SER C 621 52.15 24.24 69.03
CA SER C 621 52.14 25.18 67.91
C SER C 621 52.16 24.45 66.58
N GLY C 622 53.02 23.43 66.48
CA GLY C 622 53.11 22.70 65.25
C GLY C 622 51.84 21.96 64.89
N VAL C 623 51.25 21.28 65.87
CA VAL C 623 50.04 20.54 65.56
C VAL C 623 48.91 21.50 65.28
N TRP C 624 48.93 22.66 65.91
CA TRP C 624 47.87 23.60 65.69
C TRP C 624 47.95 24.18 64.30
N TRP C 625 49.16 24.43 63.81
CA TRP C 625 49.30 24.92 62.45
C TRP C 625 48.84 23.88 61.47
N ALA C 626 49.21 22.62 61.69
CA ALA C 626 48.79 21.56 60.80
C ALA C 626 47.28 21.47 60.74
N PHE C 627 46.65 21.65 61.89
CA PHE C 627 45.21 21.54 61.93
C PHE C 627 44.55 22.73 61.25
N THR C 628 45.00 23.94 61.54
CA THR C 628 44.28 25.08 60.98
C THR C 628 44.48 25.17 59.49
N LEU C 629 45.60 24.65 59.02
CA LEU C 629 45.86 24.66 57.60
C LEU C 629 45.00 23.66 56.89
N ILE C 630 44.86 22.46 57.47
CA ILE C 630 44.00 21.46 56.84
C ILE C 630 42.57 21.93 56.79
N ILE C 631 42.08 22.50 57.88
CA ILE C 631 40.68 22.90 57.87
C ILE C 631 40.46 24.06 56.90
N ILE C 632 41.43 24.97 56.76
CA ILE C 632 41.24 26.07 55.82
C ILE C 632 41.30 25.59 54.40
N SER C 633 42.20 24.67 54.12
CA SER C 633 42.29 24.17 52.77
C SER C 633 41.07 23.38 52.41
N SER C 634 40.52 22.66 53.37
CA SER C 634 39.29 21.93 53.11
C SER C 634 38.15 22.87 52.82
N TYR C 635 38.07 23.96 53.58
CA TYR C 635 36.94 24.87 53.42
C TYR C 635 37.01 25.56 52.06
N THR C 636 38.19 25.96 51.66
CA THR C 636 38.30 26.59 50.36
C THR C 636 38.03 25.58 49.26
N ALA C 637 38.37 24.33 49.49
CA ALA C 637 38.04 23.31 48.51
C ALA C 637 36.55 23.14 48.39
N ASN C 638 35.85 23.09 49.52
CA ASN C 638 34.44 22.79 49.46
C ASN C 638 33.67 23.93 48.85
N LEU C 639 34.08 25.16 49.15
CA LEU C 639 33.43 26.30 48.54
C LEU C 639 33.76 26.39 47.07
N ALA C 640 34.93 25.92 46.69
CA ALA C 640 35.28 25.86 45.28
C ALA C 640 34.37 24.89 44.54
N ALA C 641 34.12 23.73 45.12
CA ALA C 641 33.28 22.77 44.45
C ALA C 641 31.84 23.26 44.39
N PHE C 642 31.38 23.95 45.43
CA PHE C 642 29.95 24.35 45.42
C PHE C 642 29.73 25.39 44.32
N LEU C 643 30.57 26.42 44.32
CA LEU C 643 30.37 27.49 43.32
C LEU C 643 30.52 26.87 41.94
N THR C 644 31.47 25.95 41.78
CA THR C 644 31.69 25.39 40.43
C THR C 644 30.42 24.70 39.97
N VAL C 645 29.82 23.87 40.81
CA VAL C 645 28.61 23.11 40.36
C VAL C 645 27.50 24.14 40.09
N GLN C 646 27.37 25.15 40.93
CA GLN C 646 26.24 26.09 40.72
C GLN C 646 26.42 26.74 39.35
N ARG C 647 27.64 27.15 39.02
CA ARG C 647 27.89 27.82 37.72
C ARG C 647 27.70 26.87 36.54
N MET C 648 28.13 25.61 36.66
CA MET C 648 28.12 24.71 35.46
C MET C 648 26.73 24.17 35.08
N GLU C 649 25.64 24.77 35.55
CA GLU C 649 24.36 24.17 35.20
C GLU C 649 23.65 25.12 34.25
N VAL C 650 23.23 24.60 33.10
CA VAL C 650 22.69 25.47 32.05
C VAL C 650 21.25 25.91 32.34
N PRO C 651 20.30 25.02 32.68
CA PRO C 651 20.08 23.57 32.73
C PRO C 651 19.35 23.03 31.50
N VAL C 652 18.45 23.83 30.93
CA VAL C 652 17.79 23.47 29.68
C VAL C 652 17.54 24.73 28.89
N GLU C 653 18.34 24.94 27.84
CA GLU C 653 18.25 26.15 27.06
C GLU C 653 17.80 25.92 25.64
N SER C 654 18.45 25.05 24.88
CA SER C 654 17.97 24.65 23.59
C SER C 654 16.85 23.65 23.79
N ALA C 655 15.88 23.69 22.88
CA ALA C 655 14.66 22.92 23.07
C ALA C 655 14.93 21.43 22.90
N ASP C 656 15.99 21.09 22.16
CA ASP C 656 16.28 19.70 21.88
C ASP C 656 16.65 18.94 23.15
N ASP C 657 17.33 19.63 24.06
CA ASP C 657 17.62 19.03 25.35
C ASP C 657 16.34 18.75 26.12
N LEU C 658 15.39 19.69 26.07
CA LEU C 658 14.11 19.51 26.76
C LEU C 658 13.34 18.36 26.15
N ALA C 659 13.51 18.15 24.85
CA ALA C 659 12.93 16.98 24.22
C ALA C 659 13.60 15.72 24.72
N ASP C 660 14.91 15.77 24.97
CA ASP C 660 15.56 14.60 25.56
C ASP C 660 15.34 14.56 27.07
N GLN C 661 15.01 15.70 27.67
CA GLN C 661 14.88 15.80 29.13
C GLN C 661 13.63 15.11 29.59
N THR C 662 13.74 13.85 29.97
CA THR C 662 12.60 13.09 30.44
C THR C 662 12.09 13.55 31.81
N ASN C 663 12.88 14.34 32.52
CA ASN C 663 12.48 14.85 33.83
C ASN C 663 11.76 16.17 33.75
N ILE C 664 11.91 16.89 32.64
CA ILE C 664 11.13 18.09 32.40
C ILE C 664 9.97 17.68 31.52
N GLU C 665 8.90 18.46 31.54
CA GLU C 665 7.73 18.10 30.75
C GLU C 665 7.59 19.05 29.57
N TYR C 666 7.81 18.54 28.37
CA TYR C 666 7.54 19.30 27.16
C TYR C 666 6.04 19.40 27.02
N GLY C 667 5.54 20.60 26.71
CA GLY C 667 4.10 20.77 26.62
C GLY C 667 3.68 21.78 25.57
N THR C 668 2.46 21.61 25.04
CA THR C 668 1.96 22.47 23.98
C THR C 668 0.48 22.78 24.23
N ILE C 669 0.01 23.86 23.62
CA ILE C 669 -1.40 24.22 23.72
C ILE C 669 -2.22 23.18 22.99
N HIS C 670 -2.94 22.36 23.75
CA HIS C 670 -3.36 21.03 23.30
C HIS C 670 -4.33 21.09 22.13
N ALA C 671 -4.08 20.25 21.14
CA ALA C 671 -4.62 20.35 19.80
C ALA C 671 -4.45 21.75 19.24
N GLY C 672 -3.21 22.19 19.05
CA GLY C 672 -2.96 23.52 18.56
C GLY C 672 -2.18 23.55 17.27
N SER C 673 -2.00 24.76 16.75
CA SER C 673 -1.18 24.96 15.58
C SER C 673 0.27 24.59 15.85
N THR C 674 0.71 24.80 17.09
CA THR C 674 2.02 24.31 17.50
C THR C 674 2.05 22.79 17.52
N MET C 675 0.92 22.16 17.90
CA MET C 675 0.86 20.71 17.84
C MET C 675 0.83 20.26 16.40
N THR C 676 0.28 21.07 15.52
CA THR C 676 0.35 20.77 14.10
C THR C 676 1.78 20.86 13.59
N PHE C 677 2.54 21.84 14.09
CA PHE C 677 3.91 22.01 13.63
C PHE C 677 4.79 20.88 14.13
N PHE C 678 4.89 20.72 15.45
CA PHE C 678 5.81 19.74 15.99
C PHE C 678 5.29 18.31 15.80
N GLN C 679 3.97 18.11 15.87
CA GLN C 679 3.44 16.75 15.82
C GLN C 679 3.51 16.21 14.40
N ASN C 680 3.31 17.06 13.40
CA ASN C 680 3.44 16.63 12.02
C ASN C 680 4.79 17.00 11.45
N SER C 681 5.82 17.10 12.28
CA SER C 681 7.09 17.60 11.81
C SER C 681 7.88 16.52 11.07
N ARG C 682 9.09 16.88 10.65
CA ARG C 682 9.97 15.97 9.95
C ARG C 682 11.38 15.97 10.52
N TYR C 683 11.82 17.06 11.13
CA TYR C 683 13.15 17.13 11.73
C TYR C 683 13.21 16.24 12.96
N GLN C 684 14.38 15.65 13.20
CA GLN C 684 14.48 14.44 14.02
C GLN C 684 14.21 14.72 15.48
N THR C 685 14.81 15.78 16.02
CA THR C 685 14.58 16.12 17.41
C THR C 685 13.16 16.63 17.61
N TYR C 686 12.64 17.38 16.63
CA TYR C 686 11.24 17.74 16.65
C TYR C 686 10.35 16.51 16.52
N GLN C 687 10.85 15.47 15.84
CA GLN C 687 10.07 14.24 15.74
C GLN C 687 10.04 13.51 17.07
N ARG C 688 11.16 13.50 17.80
CA ARG C 688 11.15 12.90 19.12
C ARG C 688 10.29 13.72 20.07
N MET C 689 10.22 15.03 19.83
CA MET C 689 9.32 15.88 20.60
C MET C 689 7.87 15.52 20.31
N TRP C 690 7.55 15.19 19.05
CA TRP C 690 6.20 14.76 18.72
C TRP C 690 5.88 13.44 19.40
N ASN C 691 6.85 12.54 19.45
CA ASN C 691 6.66 11.25 20.10
C ASN C 691 6.43 11.41 21.58
N TYR C 692 7.22 12.25 22.25
CA TYR C 692 7.02 12.44 23.68
C TYR C 692 5.79 13.26 23.96
N MET C 693 5.42 14.14 23.03
CA MET C 693 4.20 14.91 23.21
C MET C 693 2.98 14.03 23.02
N GLN C 694 3.13 12.95 22.26
CA GLN C 694 2.01 12.04 22.09
C GLN C 694 1.99 10.97 23.17
N SER C 695 3.15 10.70 23.77
CA SER C 695 3.34 9.46 24.52
C SER C 695 2.56 9.41 25.84
N LYS C 696 2.81 10.34 26.74
CA LYS C 696 2.07 10.40 28.00
C LYS C 696 1.16 11.62 27.98
N GLN C 697 0.48 11.80 26.85
CA GLN C 697 -0.15 13.07 26.48
C GLN C 697 -1.21 13.57 27.44
N PRO C 698 -2.06 12.72 28.03
CA PRO C 698 -2.96 13.15 29.10
C PRO C 698 -2.24 13.71 30.32
N SER C 699 -1.10 13.15 30.66
CA SER C 699 -0.20 13.82 31.57
C SER C 699 0.58 14.95 30.92
N VAL C 700 0.57 15.08 29.58
CA VAL C 700 1.52 15.99 28.93
C VAL C 700 0.90 17.14 28.14
N PHE C 701 -0.36 17.04 27.73
CA PHE C 701 -0.89 18.14 26.95
C PHE C 701 -1.90 18.95 27.76
N VAL C 702 -2.00 20.24 27.43
CA VAL C 702 -2.84 21.17 28.18
C VAL C 702 -3.39 22.21 27.22
N LYS C 703 -4.66 22.55 27.42
CA LYS C 703 -5.43 23.24 26.39
C LYS C 703 -5.38 24.74 26.49
N SER C 704 -5.60 25.32 27.66
CA SER C 704 -5.84 26.75 27.71
C SER C 704 -4.51 27.45 27.90
N THR C 705 -4.40 28.62 27.26
CA THR C 705 -3.14 29.35 27.25
C THR C 705 -2.83 29.91 28.64
N GLU C 706 -3.85 30.44 29.31
CA GLU C 706 -3.67 30.83 30.70
C GLU C 706 -3.38 29.63 31.57
N GLU C 707 -3.99 28.49 31.24
CA GLU C 707 -3.60 27.24 31.90
C GLU C 707 -2.20 26.84 31.49
N GLY C 708 -1.76 27.25 30.31
CA GLY C 708 -0.38 27.03 29.92
C GLY C 708 0.59 27.79 30.80
N ILE C 709 0.28 29.05 31.06
CA ILE C 709 1.06 29.83 32.00
C ILE C 709 0.96 29.24 33.40
N ALA C 710 -0.19 28.65 33.71
CA ALA C 710 -0.39 28.05 35.03
C ALA C 710 0.49 26.82 35.23
N ARG C 711 0.49 25.91 34.25
CA ARG C 711 1.33 24.73 34.36
C ARG C 711 2.80 25.08 34.23
N VAL C 712 3.10 26.22 33.60
CA VAL C 712 4.47 26.71 33.66
C VAL C 712 4.80 27.17 35.06
N LEU C 713 3.88 27.89 35.71
CA LEU C 713 4.10 28.40 37.04
C LEU C 713 3.74 27.40 38.12
N ASN C 714 3.53 26.14 37.76
CA ASN C 714 3.13 25.13 38.73
C ASN C 714 4.14 24.02 38.92
N SER C 715 4.66 23.45 37.84
CA SER C 715 5.62 22.36 37.94
C SER C 715 6.57 22.46 36.77
N ARG C 716 7.33 21.40 36.52
CA ARG C 716 8.41 21.43 35.54
C ARG C 716 7.86 21.11 34.14
N TYR C 717 6.79 21.82 33.77
CA TYR C 717 6.20 21.73 32.45
C TYR C 717 6.37 23.07 31.75
N ALA C 718 6.78 23.03 30.50
CA ALA C 718 7.02 24.23 29.71
C ALA C 718 5.90 24.37 28.70
N PHE C 719 5.39 25.59 28.54
CA PHE C 719 4.37 25.83 27.54
C PHE C 719 5.04 26.25 26.26
N LEU C 720 4.90 25.45 25.21
CA LEU C 720 5.47 25.84 23.93
C LEU C 720 4.54 26.85 23.30
N LEU C 721 4.70 28.11 23.66
CA LEU C 721 3.71 29.08 23.24
C LEU C 721 4.20 29.83 22.02
N GLU C 722 3.36 30.73 21.54
CA GLU C 722 3.75 31.57 20.43
C GLU C 722 4.76 32.61 20.89
N SER C 723 5.40 33.26 19.93
CA SER C 723 6.36 34.30 20.25
C SER C 723 5.69 35.48 20.92
N THR C 724 4.61 35.99 20.33
CA THR C 724 3.90 37.10 20.95
C THR C 724 3.19 36.66 22.22
N MET C 725 2.83 35.39 22.30
CA MET C 725 2.29 34.84 23.54
C MET C 725 3.32 34.91 24.65
N ASN C 726 4.54 34.46 24.37
CA ASN C 726 5.62 34.55 25.35
C ASN C 726 5.96 35.99 25.65
N GLU C 727 5.76 36.88 24.68
CA GLU C 727 5.99 38.30 24.88
C GLU C 727 5.04 38.89 25.89
N TYR C 728 3.73 38.76 25.65
CA TYR C 728 2.74 39.35 26.54
C TYR C 728 2.79 38.70 27.92
N HIS C 729 3.08 37.41 27.96
CA HIS C 729 3.15 36.72 29.25
C HIS C 729 4.38 37.14 30.04
N ARG C 730 5.57 37.06 29.44
CA ARG C 730 6.79 37.38 30.17
C ARG C 730 6.90 38.86 30.49
N ARG C 731 6.24 39.72 29.72
CA ARG C 731 6.14 41.10 30.15
C ARG C 731 5.17 41.22 31.30
N LEU C 732 4.13 40.38 31.33
CA LEU C 732 3.18 40.47 32.41
C LEU C 732 3.71 39.80 33.67
N ASN C 733 4.49 38.73 33.54
CA ASN C 733 4.89 37.92 34.69
C ASN C 733 6.42 37.82 34.75
N CYS C 734 6.97 37.92 35.95
CA CYS C 734 8.40 38.06 36.09
C CYS C 734 9.12 36.72 36.14
N ASN C 735 8.54 35.73 36.81
CA ASN C 735 9.30 34.52 37.11
C ASN C 735 9.34 33.52 35.97
N LEU C 736 8.82 33.85 34.79
CA LEU C 736 8.82 32.94 33.67
C LEU C 736 9.83 33.39 32.63
N THR C 737 10.73 32.48 32.25
CA THR C 737 11.81 32.81 31.34
C THR C 737 11.48 32.30 29.95
N GLN C 738 11.82 33.14 28.96
CA GLN C 738 11.56 32.87 27.56
C GLN C 738 12.69 32.02 27.00
N ILE C 739 12.75 30.76 27.42
CA ILE C 739 13.85 29.88 27.12
C ILE C 739 13.77 29.49 25.65
N GLY C 740 14.95 29.26 25.08
CA GLY C 740 15.09 28.91 23.68
C GLY C 740 14.99 30.14 22.79
N GLY C 741 15.39 29.94 21.54
CA GLY C 741 15.14 30.90 20.50
C GLY C 741 13.87 30.55 19.78
N LEU C 742 13.61 31.26 18.69
CA LEU C 742 12.45 30.98 17.84
C LEU C 742 12.64 29.63 17.18
N LEU C 743 11.74 28.69 17.48
CA LEU C 743 11.89 27.33 16.96
C LEU C 743 11.61 27.27 15.47
N ASP C 744 10.76 28.17 14.98
CA ASP C 744 10.49 28.29 13.56
C ASP C 744 9.92 29.68 13.28
N THR C 745 9.45 29.88 12.06
CA THR C 745 8.81 31.12 11.66
C THR C 745 7.32 30.87 11.49
N LYS C 746 6.52 31.87 11.82
CA LYS C 746 5.07 31.78 11.68
C LYS C 746 4.51 33.18 11.62
N GLY C 747 3.20 33.28 11.43
CA GLY C 747 2.52 34.55 11.47
C GLY C 747 1.01 34.35 11.59
N TYR C 748 0.44 35.06 12.56
CA TYR C 748 -1.00 35.09 12.72
C TYR C 748 -1.61 35.91 11.59
N GLY C 749 -2.22 35.20 10.64
CA GLY C 749 -2.72 35.81 9.43
C GLY C 749 -4.24 35.87 9.42
N ILE C 750 -4.77 36.77 8.59
CA ILE C 750 -6.20 36.98 8.47
C ILE C 750 -6.78 35.81 7.71
N GLY C 751 -7.34 34.86 8.43
CA GLY C 751 -7.98 33.74 7.78
C GLY C 751 -9.33 34.14 7.22
N MET C 752 -9.72 33.45 6.17
CA MET C 752 -11.02 33.60 5.53
C MET C 752 -11.30 32.32 4.76
N PRO C 753 -12.50 32.18 4.21
CA PRO C 753 -12.77 31.08 3.30
C PRO C 753 -11.97 31.25 2.02
N LEU C 754 -11.78 30.14 1.31
CA LEU C 754 -11.03 30.17 0.06
C LEU C 754 -11.81 30.96 -0.99
N GLY C 755 -11.10 31.86 -1.68
CA GLY C 755 -11.76 32.76 -2.60
C GLY C 755 -12.66 33.76 -1.91
N SER C 756 -12.13 34.51 -0.96
CA SER C 756 -12.98 35.30 -0.08
C SER C 756 -13.49 36.53 -0.81
N PRO C 757 -14.53 37.19 -0.29
CA PRO C 757 -15.04 38.39 -0.94
C PRO C 757 -14.09 39.57 -0.87
N PHE C 758 -13.17 39.59 0.10
CA PHE C 758 -12.22 40.69 0.21
C PHE C 758 -10.82 40.24 0.62
N ARG C 759 -10.40 39.02 0.25
CA ARG C 759 -9.09 38.51 0.67
C ARG C 759 -7.95 39.34 0.09
N ASP C 760 -8.06 39.66 -1.21
CA ASP C 760 -7.15 40.62 -1.81
C ASP C 760 -7.29 41.98 -1.15
N GLU C 761 -8.53 42.39 -0.86
CA GLU C 761 -8.73 43.65 -0.15
C GLU C 761 -8.24 43.57 1.27
N ILE C 762 -8.28 42.37 1.86
CA ILE C 762 -7.73 42.18 3.20
C ILE C 762 -6.23 42.40 3.20
N THR C 763 -5.51 41.78 2.27
CA THR C 763 -4.07 41.98 2.19
C THR C 763 -3.75 43.42 1.80
N LEU C 764 -4.61 44.04 1.00
CA LEU C 764 -4.40 45.41 0.56
C LEU C 764 -4.51 46.38 1.72
N ALA C 765 -5.62 46.34 2.45
CA ALA C 765 -5.77 47.21 3.59
C ALA C 765 -4.86 46.79 4.73
N ILE C 766 -4.39 45.54 4.71
CA ILE C 766 -3.40 45.10 5.68
C ILE C 766 -2.09 45.82 5.44
N LEU C 767 -1.66 45.86 4.18
CA LEU C 767 -0.46 46.62 3.84
C LEU C 767 -0.68 48.10 4.03
N GLN C 768 -1.93 48.56 3.90
CA GLN C 768 -2.24 49.95 4.18
C GLN C 768 -2.11 50.27 5.66
N LEU C 769 -2.54 49.35 6.51
CA LEU C 769 -2.50 49.57 7.95
C LEU C 769 -1.08 49.45 8.48
N GLN C 770 -0.31 48.52 7.94
CA GLN C 770 1.12 48.49 8.24
C GLN C 770 1.80 49.74 7.72
N GLU C 771 1.35 50.22 6.56
CA GLU C 771 1.79 51.53 6.09
C GLU C 771 1.21 52.64 6.97
N ASN C 772 -0.01 52.46 7.48
CA ASN C 772 -0.52 53.39 8.47
C ASN C 772 0.21 53.24 9.79
N ASN C 773 0.77 52.05 10.05
CA ASN C 773 1.66 51.73 11.17
C ASN C 773 0.99 51.86 12.54
N ARG C 774 -0.30 52.13 12.59
CA ARG C 774 -1.00 52.16 13.86
C ARG C 774 -1.20 50.77 14.42
N LEU C 775 -0.98 49.74 13.59
CA LEU C 775 -0.92 48.37 14.08
C LEU C 775 0.23 48.19 15.05
N GLU C 776 1.41 48.74 14.72
CA GLU C 776 2.52 48.69 15.66
C GLU C 776 2.26 49.57 16.87
N ILE C 777 1.53 50.67 16.66
CA ILE C 777 1.08 51.49 17.78
C ILE C 777 0.18 50.69 18.69
N LEU C 778 -0.66 49.86 18.10
CA LEU C 778 -1.52 48.99 18.88
C LEU C 778 -0.72 47.88 19.53
N LYS C 779 0.38 47.48 18.89
CA LYS C 779 1.25 46.47 19.49
C LYS C 779 1.88 46.98 20.76
N ARG C 780 2.33 48.23 20.72
CA ARG C 780 2.81 48.88 21.93
C ARG C 780 1.67 49.12 22.92
N LYS C 781 0.47 49.36 22.42
CA LYS C 781 -0.63 49.75 23.30
C LYS C 781 -1.16 48.55 24.07
N TRP C 782 -1.57 47.52 23.38
CA TRP C 782 -2.17 46.37 24.04
C TRP C 782 -1.23 45.20 24.15
N TRP C 783 -0.24 45.09 23.25
CA TRP C 783 0.79 44.08 23.37
C TRP C 783 1.99 44.60 24.14
N GLU C 784 1.79 45.48 25.11
CA GLU C 784 2.86 46.07 25.90
C GLU C 784 3.56 45.05 26.79
N GLY C 800 30.67 36.67 44.59
CA GLY C 800 29.64 37.69 44.42
C GLY C 800 29.89 38.90 45.29
N MET C 801 28.81 39.54 45.77
CA MET C 801 28.97 40.66 46.70
C MET C 801 27.92 40.61 47.80
N GLU C 802 26.80 39.93 47.56
CA GLU C 802 25.80 39.75 48.60
C GLU C 802 25.84 38.33 49.12
N ASN C 803 26.59 37.46 48.45
CA ASN C 803 26.75 36.10 48.92
C ASN C 803 27.57 36.06 50.21
N ILE C 804 28.81 36.54 50.16
CA ILE C 804 29.71 36.39 51.29
C ILE C 804 29.60 37.53 52.28
N GLY C 805 28.56 38.37 52.18
CA GLY C 805 28.55 39.64 52.89
C GLY C 805 28.46 39.52 54.39
N GLY C 806 28.07 38.36 54.90
CA GLY C 806 27.91 38.19 56.37
C GLY C 806 29.25 38.27 57.08
N ILE C 807 30.30 38.21 56.28
CA ILE C 807 31.65 38.32 56.89
C ILE C 807 31.71 39.72 57.49
N PHE C 808 31.15 40.70 56.80
CA PHE C 808 31.27 42.09 57.30
C PHE C 808 30.57 42.16 58.65
N VAL C 809 29.42 41.50 58.74
CA VAL C 809 28.68 41.44 60.04
C VAL C 809 29.63 40.87 61.09
N VAL C 810 30.10 39.64 60.89
CA VAL C 810 30.95 39.06 61.97
C VAL C 810 32.01 40.09 62.35
N LEU C 811 32.66 40.71 61.35
CA LEU C 811 33.74 41.70 61.60
C LEU C 811 33.25 42.78 62.56
N ILE C 812 32.31 43.61 62.12
CA ILE C 812 31.81 44.72 62.97
C ILE C 812 31.50 44.19 64.36
N ALA C 813 30.79 43.06 64.43
CA ALA C 813 30.34 42.55 65.75
C ALA C 813 31.53 42.34 66.67
N GLY C 814 32.48 41.51 66.23
CA GLY C 814 33.60 41.20 67.13
C GLY C 814 34.40 42.44 67.43
N LEU C 815 34.45 43.37 66.47
CA LEU C 815 35.18 44.63 66.69
C LEU C 815 34.56 45.31 67.91
N ILE C 816 33.25 45.53 67.86
CA ILE C 816 32.54 46.18 68.99
C ILE C 816 32.79 45.38 70.27
N ILE C 817 32.76 44.05 70.17
CA ILE C 817 32.89 43.21 71.38
C ILE C 817 34.24 43.48 72.04
N ALA C 818 35.30 43.50 71.24
CA ALA C 818 36.64 43.67 71.85
C ALA C 818 36.82 45.11 72.27
N VAL C 819 36.10 46.03 71.64
CA VAL C 819 36.14 47.44 72.08
C VAL C 819 35.61 47.45 73.51
N PHE C 820 34.47 46.79 73.71
CA PHE C 820 33.89 46.70 75.07
C PHE C 820 34.92 46.06 76.01
N VAL C 821 35.60 45.00 75.54
CA VAL C 821 36.55 44.29 76.43
C VAL C 821 37.66 45.25 76.86
N ALA C 822 38.17 46.02 75.93
CA ALA C 822 39.29 46.94 76.22
C ALA C 822 38.81 48.06 77.14
N VAL C 823 37.56 48.49 76.96
CA VAL C 823 37.00 49.54 77.85
C VAL C 823 36.95 48.96 79.26
N MET C 824 36.52 47.70 79.37
CA MET C 824 36.46 47.04 80.70
C MET C 824 37.88 46.99 81.29
N GLU C 825 38.87 46.72 80.45
CA GLU C 825 40.28 46.66 80.92
C GLU C 825 40.73 48.03 81.43
N PHE C 826 40.38 49.10 80.70
CA PHE C 826 40.73 50.48 81.15
C PHE C 826 40.06 50.72 82.50
N ILE C 827 38.82 50.25 82.65
CA ILE C 827 38.12 50.40 83.96
C ILE C 827 38.97 49.69 85.01
N TYR C 828 39.31 48.43 84.78
CA TYR C 828 40.16 47.65 85.71
C TYR C 828 41.33 48.53 86.12
N LYS C 829 42.03 49.09 85.14
CA LYS C 829 43.14 50.03 85.47
C LYS C 829 42.61 51.06 86.46
N THR D 33 -79.59 -14.74 -13.96
CA THR D 33 -80.75 -13.88 -14.06
C THR D 33 -80.31 -12.46 -14.28
N HIS D 34 -79.61 -11.91 -13.30
CA HIS D 34 -79.01 -10.60 -13.42
C HIS D 34 -77.96 -10.64 -14.50
N VAL D 35 -78.04 -9.68 -15.41
CA VAL D 35 -76.96 -9.45 -16.35
C VAL D 35 -76.25 -8.21 -15.86
N LEU D 36 -74.96 -8.15 -16.07
CA LEU D 36 -74.19 -7.02 -15.65
C LEU D 36 -73.03 -6.97 -16.60
N ARG D 37 -72.73 -5.82 -17.14
CA ARG D 37 -71.75 -5.86 -18.20
C ARG D 37 -70.62 -4.95 -17.85
N PHE D 38 -69.46 -5.31 -18.29
CA PHE D 38 -68.30 -4.48 -18.15
C PHE D 38 -67.90 -4.06 -19.52
N GLY D 39 -67.05 -3.08 -19.57
CA GLY D 39 -66.59 -2.55 -20.81
C GLY D 39 -65.09 -2.71 -20.81
N GLY D 40 -64.53 -2.72 -21.98
CA GLY D 40 -63.11 -2.77 -21.98
C GLY D 40 -62.70 -1.95 -23.15
N ILE D 41 -61.60 -1.24 -23.03
CA ILE D 41 -61.13 -0.41 -24.11
C ILE D 41 -59.68 -0.77 -24.32
N PHE D 42 -59.42 -1.68 -25.22
CA PHE D 42 -58.09 -2.25 -25.28
C PHE D 42 -57.42 -1.86 -26.57
N GLU D 43 -56.15 -2.13 -26.64
CA GLU D 43 -55.37 -1.60 -27.75
C GLU D 43 -55.49 -2.45 -28.98
N TYR D 44 -55.02 -1.88 -30.09
CA TYR D 44 -54.92 -2.67 -31.33
C TYR D 44 -53.56 -3.34 -31.22
N VAL D 45 -53.51 -4.65 -31.40
CA VAL D 45 -52.34 -5.49 -31.25
C VAL D 45 -52.04 -6.12 -32.60
N GLU D 46 -50.82 -5.92 -33.06
CA GLU D 46 -50.40 -6.59 -34.28
C GLU D 46 -49.90 -7.98 -33.97
N SER D 47 -49.80 -8.30 -32.67
CA SER D 47 -49.46 -9.65 -32.23
C SER D 47 -50.53 -10.66 -32.58
N GLY D 48 -51.76 -10.22 -32.81
CA GLY D 48 -52.78 -11.13 -33.28
C GLY D 48 -54.16 -10.56 -33.25
N PRO D 49 -55.21 -11.41 -33.08
CA PRO D 49 -56.60 -10.94 -33.00
C PRO D 49 -56.92 -10.43 -31.60
N MET D 50 -56.27 -11.00 -30.58
CA MET D 50 -56.54 -10.57 -29.20
C MET D 50 -55.22 -10.20 -28.52
N GLY D 51 -55.19 -9.07 -27.83
CA GLY D 51 -53.96 -8.66 -27.09
C GLY D 51 -53.81 -9.51 -25.85
N ALA D 52 -52.63 -9.52 -25.24
CA ALA D 52 -52.53 -10.31 -23.99
C ALA D 52 -53.54 -9.77 -22.98
N GLU D 53 -53.63 -8.45 -22.83
CA GLU D 53 -54.56 -7.95 -21.80
C GLU D 53 -55.96 -8.37 -22.21
N GLU D 54 -56.27 -8.20 -23.49
CA GLU D 54 -57.66 -8.49 -23.93
C GLU D 54 -57.94 -9.96 -23.70
N LEU D 55 -56.98 -10.81 -24.02
CA LEU D 55 -57.26 -12.26 -23.90
C LEU D 55 -57.59 -12.50 -22.44
N ALA D 56 -56.81 -11.88 -21.55
CA ALA D 56 -57.04 -12.14 -20.12
C ALA D 56 -58.43 -11.66 -19.77
N PHE D 57 -58.83 -10.50 -20.29
CA PHE D 57 -60.15 -9.99 -19.86
C PHE D 57 -61.19 -11.01 -20.34
N ARG D 58 -61.06 -11.46 -21.58
CA ARG D 58 -62.09 -12.39 -22.09
C ARG D 58 -62.02 -13.66 -21.26
N PHE D 59 -60.81 -14.13 -20.97
CA PHE D 59 -60.61 -15.39 -20.21
C PHE D 59 -61.09 -15.17 -18.78
N ALA D 60 -61.03 -13.92 -18.34
CA ALA D 60 -61.34 -13.69 -16.92
C ALA D 60 -62.84 -13.76 -16.77
N VAL D 61 -63.56 -13.05 -17.61
CA VAL D 61 -65.03 -13.04 -17.39
C VAL D 61 -65.50 -14.49 -17.43
N ASN D 62 -64.98 -15.28 -18.37
CA ASN D 62 -65.48 -16.66 -18.48
C ASN D 62 -65.13 -17.42 -17.21
N THR D 63 -63.90 -17.28 -16.74
CA THR D 63 -63.46 -18.03 -15.54
C THR D 63 -64.28 -17.57 -14.35
N ILE D 64 -64.62 -16.29 -14.29
CA ILE D 64 -65.34 -15.83 -13.07
C ILE D 64 -66.80 -16.23 -13.25
N ASN D 65 -67.26 -16.43 -14.48
CA ASN D 65 -68.60 -16.94 -14.54
C ASN D 65 -68.66 -18.41 -14.19
N ARG D 66 -67.73 -19.20 -14.68
CA ARG D 66 -67.84 -20.62 -14.43
C ARG D 66 -67.54 -21.01 -12.99
N ASN D 67 -66.86 -20.17 -12.22
CA ASN D 67 -66.81 -20.39 -10.79
C ASN D 67 -68.21 -20.25 -10.24
N ARG D 68 -68.53 -21.05 -9.24
CA ARG D 68 -69.83 -20.95 -8.62
C ARG D 68 -69.80 -20.24 -7.28
N THR D 69 -68.62 -20.00 -6.76
CA THR D 69 -68.53 -19.35 -5.47
C THR D 69 -68.81 -17.88 -5.57
N LEU D 70 -68.70 -17.31 -6.75
CA LEU D 70 -68.67 -15.87 -6.92
C LEU D 70 -69.60 -15.46 -8.05
N LEU D 71 -70.34 -14.38 -7.85
CA LEU D 71 -71.44 -13.97 -8.73
C LEU D 71 -72.39 -15.12 -9.03
N PRO D 72 -73.07 -15.67 -8.04
CA PRO D 72 -73.90 -16.84 -8.32
C PRO D 72 -75.18 -16.50 -9.05
N ASN D 73 -75.89 -15.47 -8.63
CA ASN D 73 -77.18 -15.18 -9.21
C ASN D 73 -77.08 -14.33 -10.45
N THR D 74 -75.91 -13.79 -10.75
CA THR D 74 -75.73 -12.83 -11.84
C THR D 74 -74.89 -13.47 -12.93
N THR D 75 -74.52 -12.68 -13.93
CA THR D 75 -73.43 -13.04 -14.82
C THR D 75 -72.80 -11.81 -15.45
N LEU D 76 -71.67 -12.03 -16.10
CA LEU D 76 -71.01 -10.93 -16.74
C LEU D 76 -71.17 -11.02 -18.23
N THR D 77 -71.32 -9.87 -18.86
CA THR D 77 -71.18 -9.72 -20.30
C THR D 77 -70.13 -8.68 -20.52
N TYR D 78 -69.35 -8.80 -21.57
CA TYR D 78 -68.30 -7.81 -21.66
C TYR D 78 -68.25 -7.26 -23.07
N ASP D 79 -68.36 -5.94 -23.15
CA ASP D 79 -68.29 -5.24 -24.41
C ASP D 79 -66.89 -4.70 -24.57
N THR D 80 -66.06 -5.38 -25.32
CA THR D 80 -64.71 -4.91 -25.46
C THR D 80 -64.48 -4.28 -26.82
N GLN D 81 -64.13 -3.01 -26.80
CA GLN D 81 -63.74 -2.34 -28.02
C GLN D 81 -62.24 -2.32 -28.10
N LYS D 82 -61.74 -1.99 -29.26
CA LYS D 82 -60.34 -1.69 -29.40
C LYS D 82 -60.22 -0.25 -29.84
N ILE D 83 -59.04 0.30 -29.69
CA ILE D 83 -58.68 1.59 -30.21
C ILE D 83 -57.36 1.41 -30.92
N ASN D 84 -56.95 2.44 -31.63
CA ASN D 84 -55.57 2.47 -32.07
C ASN D 84 -54.73 2.96 -30.92
N LEU D 85 -53.43 2.88 -31.06
CA LEU D 85 -52.61 3.38 -29.99
C LEU D 85 -52.59 4.89 -30.07
N TYR D 86 -52.52 5.54 -28.91
CA TYR D 86 -52.45 6.98 -28.71
C TYR D 86 -53.65 7.69 -29.29
N ASP D 87 -54.86 7.22 -29.05
CA ASP D 87 -56.01 7.78 -29.72
C ASP D 87 -57.02 8.23 -28.68
N SER D 88 -56.79 9.40 -28.09
CA SER D 88 -57.59 9.79 -26.95
C SER D 88 -58.97 10.25 -27.37
N PHE D 89 -59.10 10.83 -28.56
CA PHE D 89 -60.43 11.22 -28.98
C PHE D 89 -61.25 10.00 -29.34
N GLU D 90 -60.63 9.01 -29.94
CA GLU D 90 -61.36 7.79 -30.25
C GLU D 90 -61.66 7.02 -28.98
N ALA D 91 -60.77 7.09 -28.01
CA ALA D 91 -61.00 6.42 -26.74
C ALA D 91 -62.15 7.07 -26.01
N SER D 92 -62.22 8.39 -26.03
CA SER D 92 -63.34 9.06 -25.39
C SER D 92 -64.63 8.82 -26.13
N LYS D 93 -64.57 8.69 -27.45
CA LYS D 93 -65.75 8.30 -28.20
C LYS D 93 -66.24 6.91 -27.83
N LYS D 94 -65.29 5.98 -27.69
CA LYS D 94 -65.61 4.62 -27.28
C LYS D 94 -66.23 4.58 -25.91
N ALA D 95 -65.69 5.36 -24.98
CA ALA D 95 -66.22 5.34 -23.64
C ALA D 95 -67.60 5.95 -23.61
N CYS D 96 -67.84 6.96 -24.43
CA CYS D 96 -69.19 7.48 -24.54
C CYS D 96 -70.13 6.44 -25.10
N ASP D 97 -69.65 5.65 -26.07
CA ASP D 97 -70.49 4.62 -26.68
C ASP D 97 -70.85 3.54 -25.67
N GLN D 98 -69.84 3.05 -24.97
CA GLN D 98 -70.07 1.94 -24.00
C GLN D 98 -70.97 2.45 -22.89
N LEU D 99 -70.69 3.64 -22.37
CA LEU D 99 -71.49 4.13 -21.22
C LEU D 99 -72.90 4.46 -21.70
N SER D 100 -73.06 4.64 -23.01
CA SER D 100 -74.41 4.93 -23.56
C SER D 100 -75.12 3.60 -23.71
N LEU D 101 -74.36 2.52 -23.84
CA LEU D 101 -74.95 1.18 -23.86
C LEU D 101 -75.40 0.75 -22.47
N GLY D 102 -74.61 1.10 -21.45
CA GLY D 102 -74.96 0.76 -20.06
C GLY D 102 -73.91 -0.14 -19.43
N VAL D 103 -72.92 0.43 -18.75
CA VAL D 103 -71.84 -0.42 -18.19
C VAL D 103 -71.80 -0.15 -16.70
N ALA D 104 -71.00 -0.90 -15.95
CA ALA D 104 -70.84 -0.62 -14.52
C ALA D 104 -69.37 -0.37 -14.25
N ALA D 105 -68.53 -0.58 -15.26
CA ALA D 105 -67.11 -0.27 -15.09
C ALA D 105 -66.48 -0.12 -16.46
N ILE D 106 -65.31 0.49 -16.55
CA ILE D 106 -64.65 0.53 -17.86
C ILE D 106 -63.21 0.15 -17.60
N PHE D 107 -62.80 -1.04 -18.03
CA PHE D 107 -61.42 -1.52 -17.75
C PHE D 107 -60.51 -1.04 -18.85
N GLY D 108 -59.22 -1.25 -18.70
CA GLY D 108 -58.25 -0.74 -19.62
C GLY D 108 -58.39 0.74 -19.69
N PRO D 109 -57.65 1.38 -20.56
CA PRO D 109 -56.64 0.94 -21.48
C PRO D 109 -55.35 1.02 -20.82
N SER D 110 -54.30 1.01 -21.61
CA SER D 110 -52.99 0.95 -21.02
C SER D 110 -52.18 2.21 -21.24
N HIS D 111 -52.16 2.72 -22.46
CA HIS D 111 -51.34 3.88 -22.73
C HIS D 111 -51.90 5.11 -22.04
N SER D 112 -50.99 5.90 -21.48
CA SER D 112 -51.31 6.90 -20.48
C SER D 112 -52.32 7.94 -20.96
N SER D 113 -52.24 8.36 -22.21
CA SER D 113 -53.14 9.42 -22.63
C SER D 113 -54.56 8.93 -22.79
N SER D 114 -54.71 7.76 -23.41
CA SER D 114 -56.03 7.17 -23.51
C SER D 114 -56.58 6.81 -22.14
N ALA D 115 -55.67 6.42 -21.23
CA ALA D 115 -56.07 6.14 -19.88
C ALA D 115 -56.67 7.36 -19.24
N ASN D 116 -55.99 8.48 -19.35
CA ASN D 116 -56.47 9.66 -18.68
C ASN D 116 -57.75 10.16 -19.30
N ALA D 117 -57.93 9.94 -20.58
CA ALA D 117 -59.15 10.41 -21.20
C ALA D 117 -60.34 9.65 -20.67
N VAL D 118 -60.22 8.32 -20.61
CA VAL D 118 -61.35 7.54 -20.11
C VAL D 118 -61.61 7.85 -18.66
N GLN D 119 -60.54 8.11 -17.91
CA GLN D 119 -60.67 8.41 -16.46
C GLN D 119 -61.62 9.58 -16.31
N SER D 120 -61.36 10.65 -17.04
CA SER D 120 -62.18 11.87 -16.89
C SER D 120 -63.61 11.62 -17.34
N ILE D 121 -63.82 10.90 -18.45
CA ILE D 121 -65.23 10.61 -18.81
C ILE D 121 -65.87 9.94 -17.61
N CYS D 122 -65.23 8.88 -17.14
CA CYS D 122 -65.85 8.09 -16.05
C CYS D 122 -66.02 8.94 -14.80
N ASN D 123 -65.03 9.73 -14.43
CA ASN D 123 -65.18 10.43 -13.14
C ASN D 123 -66.43 11.30 -13.19
N ALA D 124 -66.65 12.04 -14.26
CA ALA D 124 -67.88 12.85 -14.24
C ALA D 124 -69.11 11.96 -14.30
N LEU D 125 -69.06 10.90 -15.11
CA LEU D 125 -70.30 10.08 -15.32
C LEU D 125 -70.51 9.11 -14.17
N GLY D 126 -69.60 9.03 -13.21
CA GLY D 126 -69.82 8.20 -12.01
C GLY D 126 -69.51 6.72 -12.13
N VAL D 127 -69.07 6.22 -13.29
CA VAL D 127 -68.89 4.75 -13.41
C VAL D 127 -67.44 4.39 -13.08
N PRO D 128 -67.18 3.46 -12.16
CA PRO D 128 -65.81 3.16 -11.74
C PRO D 128 -64.83 2.69 -12.82
N HIS D 129 -63.64 3.27 -12.86
CA HIS D 129 -62.64 2.91 -13.88
C HIS D 129 -61.58 2.07 -13.19
N ILE D 130 -61.14 0.95 -13.74
CA ILE D 130 -60.19 0.07 -13.02
C ILE D 130 -59.00 -0.16 -13.92
N GLN D 131 -58.07 0.78 -13.96
CA GLN D 131 -56.93 0.66 -14.90
C GLN D 131 -56.10 -0.57 -14.55
N THR D 132 -55.07 -0.82 -15.34
CA THR D 132 -54.19 -1.91 -15.03
C THR D 132 -52.75 -1.56 -15.13
N ARG D 133 -52.35 -0.77 -16.09
CA ARG D 133 -50.95 -0.45 -16.10
C ARG D 133 -50.78 0.90 -15.46
N TRP D 134 -49.59 1.13 -14.95
CA TRP D 134 -49.28 2.38 -14.32
C TRP D 134 -49.36 3.50 -15.31
N LYS D 135 -50.24 4.44 -15.02
CA LYS D 135 -50.29 5.65 -15.80
C LYS D 135 -49.63 6.71 -14.98
N HIS D 136 -49.23 7.75 -15.66
CA HIS D 136 -48.78 8.91 -14.92
C HIS D 136 -49.96 9.73 -14.50
N GLN D 137 -50.06 10.00 -13.22
CA GLN D 137 -51.18 10.73 -12.67
C GLN D 137 -50.81 12.20 -12.68
N VAL D 138 -51.73 13.07 -13.12
CA VAL D 138 -51.48 14.50 -12.98
C VAL D 138 -51.83 14.92 -11.58
N SER D 139 -51.00 15.75 -10.96
CA SER D 139 -51.12 15.95 -9.53
C SER D 139 -52.21 16.94 -9.19
N ASP D 140 -52.65 17.72 -10.16
CA ASP D 140 -53.88 18.49 -9.96
C ASP D 140 -55.08 17.58 -9.85
N ASN D 141 -55.12 16.55 -10.69
CA ASN D 141 -56.36 15.96 -11.18
C ASN D 141 -57.15 15.35 -10.06
N LYS D 142 -58.24 16.02 -9.70
CA LYS D 142 -58.97 15.70 -8.49
C LYS D 142 -59.85 14.49 -8.61
N ASP D 143 -59.68 13.68 -9.63
CA ASP D 143 -60.67 12.68 -9.96
C ASP D 143 -60.53 11.50 -9.05
N SER D 144 -61.67 10.98 -8.60
CA SER D 144 -61.63 9.90 -7.58
C SER D 144 -62.23 8.58 -8.05
N PHE D 145 -63.19 8.56 -8.97
CA PHE D 145 -63.79 7.26 -9.31
C PHE D 145 -62.85 6.45 -10.19
N TYR D 146 -61.58 6.28 -9.79
CA TYR D 146 -60.62 5.43 -10.53
C TYR D 146 -59.89 4.56 -9.52
N VAL D 147 -59.53 3.32 -9.85
CA VAL D 147 -58.71 2.56 -8.95
C VAL D 147 -57.64 1.94 -9.82
N SER D 148 -56.43 1.90 -9.35
CA SER D 148 -55.38 1.39 -10.18
C SER D 148 -55.01 0.05 -9.63
N LEU D 149 -54.22 -0.70 -10.34
CA LEU D 149 -53.89 -2.00 -9.82
C LEU D 149 -52.45 -2.36 -9.99
N TYR D 150 -51.75 -1.65 -10.79
CA TYR D 150 -50.32 -1.77 -10.80
C TYR D 150 -49.83 -1.29 -9.46
N PRO D 151 -48.90 -1.93 -8.88
CA PRO D 151 -48.40 -1.46 -7.60
C PRO D 151 -47.66 -0.18 -7.83
N ASP D 152 -48.01 0.85 -7.10
CA ASP D 152 -47.70 2.19 -7.53
C ASP D 152 -46.23 2.50 -7.44
N PHE D 153 -45.71 3.16 -8.46
CA PHE D 153 -44.27 3.30 -8.57
C PHE D 153 -43.62 4.17 -7.53
N SER D 154 -44.37 4.93 -6.73
CA SER D 154 -43.72 5.54 -5.58
C SER D 154 -43.26 4.48 -4.63
N SER D 155 -44.15 3.59 -4.20
CA SER D 155 -43.76 2.63 -3.20
C SER D 155 -42.84 1.58 -3.80
N LEU D 156 -43.06 1.23 -5.06
CA LEU D 156 -42.15 0.28 -5.68
C LEU D 156 -40.74 0.86 -5.79
N SER D 157 -40.63 2.15 -6.07
CA SER D 157 -39.30 2.69 -6.12
C SER D 157 -38.73 2.81 -4.73
N ARG D 158 -39.58 2.97 -3.73
CA ARG D 158 -39.06 2.96 -2.38
C ARG D 158 -38.54 1.58 -2.02
N ALA D 159 -39.12 0.54 -2.60
CA ALA D 159 -38.55 -0.79 -2.41
C ALA D 159 -37.20 -0.88 -3.04
N ILE D 160 -37.03 -0.27 -4.21
CA ILE D 160 -35.71 -0.30 -4.83
C ILE D 160 -34.72 0.50 -4.02
N LEU D 161 -35.19 1.50 -3.32
CA LEU D 161 -34.32 2.23 -2.41
C LEU D 161 -33.83 1.35 -1.28
N ASP D 162 -34.74 0.58 -0.69
CA ASP D 162 -34.35 -0.31 0.41
C ASP D 162 -33.42 -1.40 -0.10
N LEU D 163 -33.55 -1.75 -1.37
CA LEU D 163 -32.61 -2.75 -1.94
C LEU D 163 -31.23 -2.14 -2.18
N VAL D 164 -31.17 -0.89 -2.64
CA VAL D 164 -29.82 -0.33 -2.98
C VAL D 164 -29.00 -0.29 -1.68
N GLN D 165 -29.62 0.12 -0.57
CA GLN D 165 -28.90 0.20 0.73
C GLN D 165 -28.47 -1.19 1.19
N PHE D 166 -29.31 -2.20 0.97
CA PHE D 166 -28.94 -3.56 1.42
C PHE D 166 -27.67 -3.97 0.69
N PHE D 167 -27.52 -3.62 -0.59
CA PHE D 167 -26.29 -4.09 -1.29
C PHE D 167 -25.20 -3.07 -0.98
N LYS D 168 -25.53 -2.04 -0.20
CA LYS D 168 -24.55 -0.99 0.18
C LYS D 168 -23.98 -0.34 -1.07
N TRP D 169 -24.76 -0.24 -2.13
CA TRP D 169 -24.26 0.48 -3.32
C TRP D 169 -24.04 1.93 -2.92
N LYS D 170 -23.00 2.55 -3.44
CA LYS D 170 -22.81 3.99 -3.20
C LYS D 170 -23.11 4.70 -4.51
N THR D 171 -22.59 4.16 -5.61
CA THR D 171 -22.85 4.72 -6.96
C THR D 171 -23.89 3.86 -7.66
N VAL D 172 -24.97 4.46 -8.17
CA VAL D 172 -25.93 3.68 -8.99
C VAL D 172 -26.17 4.50 -10.26
N THR D 173 -26.59 3.89 -11.36
CA THR D 173 -26.95 4.68 -12.56
C THR D 173 -28.34 4.25 -13.00
N VAL D 174 -29.30 5.17 -13.13
CA VAL D 174 -30.67 4.71 -13.46
C VAL D 174 -30.81 4.88 -14.97
N VAL D 175 -31.21 3.85 -15.69
CA VAL D 175 -31.44 4.05 -17.14
C VAL D 175 -32.93 3.89 -17.38
N TYR D 176 -33.59 4.94 -17.86
CA TYR D 176 -35.06 4.88 -18.00
C TYR D 176 -35.47 5.00 -19.46
N ASP D 177 -36.45 4.21 -19.91
CA ASP D 177 -36.98 4.40 -21.28
C ASP D 177 -37.66 5.77 -21.29
N ASP D 178 -37.49 6.53 -22.36
CA ASP D 178 -38.02 7.92 -22.39
C ASP D 178 -39.54 7.91 -22.33
N SER D 179 -40.18 6.87 -22.84
CA SER D 179 -41.66 6.89 -22.91
C SER D 179 -42.18 7.08 -21.49
N THR D 180 -41.54 6.45 -20.52
CA THR D 180 -41.94 6.71 -19.11
C THR D 180 -41.09 7.86 -18.58
N GLY D 181 -41.72 8.81 -17.93
CA GLY D 181 -40.97 9.95 -17.40
C GLY D 181 -40.16 9.50 -16.22
N LEU D 182 -39.30 10.37 -15.70
CA LEU D 182 -38.52 10.04 -14.48
C LEU D 182 -39.48 10.15 -13.29
N ILE D 183 -40.76 10.47 -13.55
CA ILE D 183 -41.68 10.76 -12.42
C ILE D 183 -41.95 9.46 -11.67
N ARG D 184 -42.00 8.32 -12.35
CA ARG D 184 -42.14 7.11 -11.61
C ARG D 184 -40.89 6.74 -10.85
N LEU D 185 -39.80 7.43 -11.07
CA LEU D 185 -38.63 7.23 -10.25
C LEU D 185 -38.42 8.38 -9.29
N GLN D 186 -39.49 9.06 -8.89
CA GLN D 186 -39.30 10.30 -8.16
C GLN D 186 -38.76 10.01 -6.79
N GLU D 187 -38.97 8.81 -6.27
CA GLU D 187 -38.34 8.55 -4.99
C GLU D 187 -36.89 8.19 -5.17
N LEU D 188 -36.53 7.65 -6.31
CA LEU D 188 -35.11 7.49 -6.55
C LEU D 188 -34.41 8.80 -6.82
N ILE D 189 -35.12 9.82 -7.27
CA ILE D 189 -34.38 11.04 -7.50
C ILE D 189 -34.34 11.89 -6.26
N LYS D 190 -35.37 11.82 -5.44
CA LYS D 190 -35.26 12.44 -4.14
C LYS D 190 -34.31 11.71 -3.22
N ALA D 191 -33.98 10.47 -3.53
CA ALA D 191 -33.15 9.69 -2.63
C ALA D 191 -31.73 10.18 -2.39
N PRO D 192 -30.98 10.74 -3.35
CA PRO D 192 -29.65 11.23 -3.01
C PRO D 192 -29.61 12.34 -2.02
N SER D 193 -30.69 13.07 -1.82
CA SER D 193 -30.59 14.14 -0.87
C SER D 193 -30.71 13.66 0.55
N ARG D 194 -31.03 12.40 0.80
CA ARG D 194 -31.17 11.91 2.16
C ARG D 194 -30.22 10.80 2.51
N TYR D 195 -29.37 10.34 1.61
CA TYR D 195 -28.32 9.37 1.91
C TYR D 195 -27.08 9.81 1.18
N ASN D 196 -26.06 8.96 1.19
CA ASN D 196 -24.92 9.28 0.30
C ASN D 196 -25.03 8.33 -0.88
N LEU D 197 -25.58 8.82 -1.99
CA LEU D 197 -25.74 8.02 -3.23
C LEU D 197 -25.35 8.93 -4.39
N ARG D 198 -24.48 8.47 -5.28
CA ARG D 198 -24.01 9.35 -6.36
C ARG D 198 -24.76 8.93 -7.62
N LEU D 199 -26.06 9.23 -7.69
CA LEU D 199 -26.90 8.79 -8.77
C LEU D 199 -26.37 9.39 -10.06
N LYS D 200 -26.79 8.85 -11.19
CA LYS D 200 -26.47 9.49 -12.49
C LYS D 200 -27.51 8.92 -13.45
N ILE D 201 -28.31 9.78 -14.09
CA ILE D 201 -29.44 9.25 -14.89
C ILE D 201 -29.08 9.31 -16.36
N ARG D 202 -29.31 8.23 -17.10
CA ARG D 202 -29.03 8.20 -18.56
C ARG D 202 -30.30 7.72 -19.24
N GLN D 203 -30.48 8.03 -20.52
CA GLN D 203 -31.74 7.67 -21.20
C GLN D 203 -31.49 6.58 -22.22
N LEU D 204 -32.26 5.51 -22.17
CA LEU D 204 -32.13 4.44 -23.17
C LEU D 204 -32.52 5.08 -24.49
N PRO D 205 -31.91 4.71 -25.62
CA PRO D 205 -32.29 5.25 -26.92
C PRO D 205 -33.69 4.69 -27.10
N ALA D 206 -34.69 5.57 -27.24
CA ALA D 206 -36.04 5.07 -27.25
C ALA D 206 -36.45 4.58 -28.63
N ASP D 207 -35.94 5.24 -29.67
CA ASP D 207 -36.28 4.89 -31.05
C ASP D 207 -35.71 3.56 -31.50
N THR D 208 -34.81 2.98 -30.71
CA THR D 208 -34.04 1.84 -31.15
C THR D 208 -34.10 0.84 -30.00
N LYS D 209 -33.81 -0.41 -30.30
CA LYS D 209 -33.53 -1.36 -29.26
C LYS D 209 -32.05 -1.52 -29.03
N ASP D 210 -31.23 -0.82 -29.81
CA ASP D 210 -29.80 -1.03 -29.79
C ASP D 210 -29.10 0.10 -29.06
N ALA D 211 -28.73 -0.20 -27.84
CA ALA D 211 -28.22 0.81 -26.92
C ALA D 211 -26.73 0.72 -26.74
N LYS D 212 -26.02 0.33 -27.74
CA LYS D 212 -24.59 0.20 -27.58
C LYS D 212 -23.80 1.46 -27.28
N PRO D 213 -24.11 2.66 -27.80
CA PRO D 213 -23.31 3.80 -27.38
C PRO D 213 -23.51 4.12 -25.93
N LEU D 214 -24.74 3.99 -25.47
CA LEU D 214 -25.05 4.15 -24.07
C LEU D 214 -24.29 3.15 -23.23
N LEU D 215 -24.29 1.89 -23.66
CA LEU D 215 -23.65 0.88 -22.85
C LEU D 215 -22.15 1.09 -22.81
N LYS D 216 -21.59 1.57 -23.90
CA LYS D 216 -20.17 1.82 -23.93
C LYS D 216 -19.83 3.00 -23.05
N GLU D 217 -20.74 3.96 -22.98
CA GLU D 217 -20.48 5.09 -22.05
C GLU D 217 -20.56 4.53 -20.63
N MET D 218 -21.53 3.65 -20.40
CA MET D 218 -21.71 3.12 -19.02
C MET D 218 -20.45 2.37 -18.62
N LYS D 219 -19.81 1.68 -19.56
CA LYS D 219 -18.65 0.84 -19.18
C LYS D 219 -17.42 1.71 -19.06
N ARG D 220 -17.22 2.65 -19.97
CA ARG D 220 -16.08 3.53 -19.80
C ARG D 220 -16.20 4.31 -18.52
N GLY D 221 -17.41 4.58 -18.09
CA GLY D 221 -17.50 5.24 -16.83
C GLY D 221 -17.34 4.35 -15.64
N LYS D 222 -17.23 3.04 -15.89
CA LYS D 222 -17.11 2.09 -14.77
C LYS D 222 -18.37 2.18 -13.92
N GLU D 223 -19.51 2.43 -14.56
CA GLU D 223 -20.79 2.46 -13.79
C GLU D 223 -21.22 1.01 -13.59
N PHE D 224 -20.65 0.36 -12.57
CA PHE D 224 -20.92 -1.07 -12.32
C PHE D 224 -22.36 -1.36 -11.93
N HIS D 225 -22.99 -0.53 -11.11
CA HIS D 225 -24.36 -0.92 -10.67
C HIS D 225 -25.39 -0.10 -11.44
N VAL D 226 -26.37 -0.75 -12.07
CA VAL D 226 -27.35 -0.01 -12.91
C VAL D 226 -28.77 -0.41 -12.53
N ILE D 227 -29.67 0.56 -12.32
CA ILE D 227 -31.10 0.21 -12.07
C ILE D 227 -31.83 0.42 -13.38
N PHE D 228 -32.03 -0.62 -14.17
CA PHE D 228 -32.83 -0.46 -15.40
C PHE D 228 -34.29 -0.30 -15.01
N ASP D 229 -35.01 0.58 -15.69
CA ASP D 229 -36.45 0.78 -15.42
C ASP D 229 -37.17 0.76 -16.76
N CYS D 230 -37.37 -0.42 -17.34
CA CYS D 230 -37.97 -0.46 -18.69
C CYS D 230 -38.89 -1.65 -18.79
N SER D 231 -39.81 -1.63 -19.76
CA SER D 231 -40.59 -2.82 -19.96
C SER D 231 -39.67 -3.97 -20.33
N HIS D 232 -40.12 -5.18 -20.02
CA HIS D 232 -39.19 -6.31 -20.10
C HIS D 232 -38.84 -6.66 -21.51
N GLU D 233 -39.68 -6.26 -22.46
CA GLU D 233 -39.32 -6.42 -23.86
C GLU D 233 -38.14 -5.55 -24.20
N MET D 234 -37.99 -4.43 -23.51
CA MET D 234 -36.76 -3.69 -23.64
C MET D 234 -35.67 -4.33 -22.81
N ALA D 235 -36.04 -4.99 -21.72
CA ALA D 235 -35.01 -5.49 -20.81
C ALA D 235 -34.31 -6.69 -21.39
N ALA D 236 -35.01 -7.50 -22.18
CA ALA D 236 -34.36 -8.63 -22.81
C ALA D 236 -33.36 -8.16 -23.82
N GLY D 237 -33.71 -7.12 -24.57
CA GLY D 237 -32.78 -6.56 -25.50
C GLY D 237 -31.59 -5.95 -24.82
N ILE D 238 -31.84 -5.19 -23.77
CA ILE D 238 -30.68 -4.51 -23.12
C ILE D 238 -29.79 -5.61 -22.57
N LEU D 239 -30.33 -6.59 -21.84
CA LEU D 239 -29.40 -7.60 -21.32
C LEU D 239 -28.64 -8.26 -22.48
N LYS D 240 -29.29 -8.56 -23.61
CA LYS D 240 -28.57 -9.27 -24.71
C LYS D 240 -27.46 -8.38 -25.24
N GLN D 241 -27.74 -7.11 -25.41
CA GLN D 241 -26.70 -6.17 -25.91
C GLN D 241 -25.59 -6.16 -24.87
N ALA D 242 -25.94 -6.23 -23.60
CA ALA D 242 -24.90 -6.13 -22.56
C ALA D 242 -23.94 -7.31 -22.70
N LEU D 243 -24.46 -8.51 -22.97
CA LEU D 243 -23.57 -9.70 -23.01
C LEU D 243 -22.58 -9.46 -24.14
N ALA D 244 -23.07 -8.97 -25.26
CA ALA D 244 -22.18 -8.73 -26.40
C ALA D 244 -21.16 -7.68 -25.99
N MET D 245 -21.58 -6.69 -25.22
CA MET D 245 -20.63 -5.59 -24.91
C MET D 245 -19.82 -6.03 -23.69
N GLY D 246 -20.00 -7.27 -23.27
CA GLY D 246 -19.15 -7.78 -22.18
C GLY D 246 -19.38 -7.03 -20.90
N MET D 247 -20.59 -6.51 -20.71
CA MET D 247 -20.88 -5.91 -19.40
C MET D 247 -21.55 -6.97 -18.54
N MET D 248 -21.76 -8.16 -19.07
CA MET D 248 -22.33 -9.25 -18.23
C MET D 248 -21.18 -10.05 -17.62
N THR D 249 -20.47 -9.48 -16.65
CA THR D 249 -19.39 -10.20 -15.95
C THR D 249 -19.80 -10.33 -14.49
N GLU D 250 -18.92 -10.83 -13.64
CA GLU D 250 -19.33 -11.05 -12.23
C GLU D 250 -19.18 -9.73 -11.52
N TYR D 251 -18.73 -8.69 -12.21
CA TYR D 251 -18.68 -7.38 -11.59
C TYR D 251 -20.03 -6.73 -11.52
N TYR D 252 -20.64 -6.53 -12.68
CA TYR D 252 -21.88 -5.74 -12.72
C TYR D 252 -23.00 -6.37 -11.89
N HIS D 253 -23.87 -5.53 -11.30
CA HIS D 253 -25.07 -6.00 -10.56
C HIS D 253 -26.21 -5.16 -11.12
N TYR D 254 -27.15 -5.74 -11.85
CA TYR D 254 -28.19 -4.90 -12.50
C TYR D 254 -29.54 -5.11 -11.82
N ILE D 255 -30.05 -4.10 -11.12
CA ILE D 255 -31.40 -4.23 -10.50
C ILE D 255 -32.43 -3.81 -11.55
N PHE D 256 -33.56 -4.50 -11.66
CA PHE D 256 -34.58 -4.16 -12.67
C PHE D 256 -35.92 -3.90 -12.00
N THR D 257 -36.64 -2.85 -12.39
CA THR D 257 -37.94 -2.67 -11.78
C THR D 257 -38.99 -3.48 -12.48
N THR D 258 -38.68 -4.03 -13.62
CA THR D 258 -39.72 -4.62 -14.40
C THR D 258 -40.26 -5.87 -13.77
N LEU D 259 -41.50 -5.81 -13.33
CA LEU D 259 -42.08 -6.90 -12.57
C LEU D 259 -42.35 -8.15 -13.38
N ASP D 260 -41.84 -8.25 -14.59
CA ASP D 260 -41.88 -9.48 -15.35
C ASP D 260 -40.52 -10.15 -15.40
N LEU D 261 -39.65 -9.91 -14.42
CA LEU D 261 -38.28 -10.37 -14.56
C LEU D 261 -38.20 -11.87 -14.62
N PHE D 262 -39.01 -12.57 -13.83
CA PHE D 262 -39.03 -14.02 -13.86
C PHE D 262 -39.41 -14.57 -15.22
N ALA D 263 -40.21 -13.85 -15.97
CA ALA D 263 -40.58 -14.34 -17.29
C ALA D 263 -39.51 -14.08 -18.31
N LEU D 264 -38.47 -13.36 -17.95
CA LEU D 264 -37.33 -13.27 -18.83
C LEU D 264 -36.57 -14.58 -18.73
N ASP D 265 -35.94 -14.99 -19.84
CA ASP D 265 -35.07 -16.16 -19.88
C ASP D 265 -33.64 -15.76 -19.59
N VAL D 266 -32.94 -16.52 -18.74
CA VAL D 266 -31.63 -16.12 -18.27
C VAL D 266 -30.57 -17.17 -18.54
N GLU D 267 -30.91 -18.21 -19.29
CA GLU D 267 -29.92 -19.26 -19.54
C GLU D 267 -28.72 -18.84 -20.37
N PRO D 268 -28.76 -17.80 -21.23
CA PRO D 268 -27.54 -17.35 -21.88
C PRO D 268 -26.57 -16.82 -20.83
N TYR D 269 -27.05 -16.29 -19.71
CA TYR D 269 -26.11 -15.62 -18.78
C TYR D 269 -26.09 -16.22 -17.38
N ARG D 270 -26.76 -17.35 -17.17
CA ARG D 270 -26.85 -17.85 -15.77
C ARG D 270 -25.47 -18.10 -15.18
N TYR D 271 -24.54 -18.62 -15.97
CA TYR D 271 -23.22 -19.00 -15.39
C TYR D 271 -22.27 -17.80 -15.33
N SER D 272 -22.64 -16.69 -15.97
CA SER D 272 -21.70 -15.54 -16.03
C SER D 272 -21.39 -15.01 -14.64
N GLY D 273 -22.38 -14.99 -13.77
CA GLY D 273 -22.19 -14.40 -12.42
C GLY D 273 -22.68 -12.97 -12.34
N VAL D 274 -23.32 -12.44 -13.39
CA VAL D 274 -23.91 -11.08 -13.27
C VAL D 274 -24.98 -11.19 -12.19
N ASN D 275 -24.98 -10.30 -11.20
CA ASN D 275 -25.93 -10.48 -10.08
C ASN D 275 -27.22 -9.67 -10.32
N MET D 276 -28.03 -10.03 -11.31
CA MET D 276 -29.32 -9.34 -11.55
C MET D 276 -30.22 -9.57 -10.35
N THR D 277 -30.96 -8.55 -9.92
CA THR D 277 -31.84 -8.67 -8.74
C THR D 277 -33.06 -7.82 -9.00
N GLY D 278 -34.23 -8.42 -9.16
CA GLY D 278 -35.36 -7.66 -9.61
C GLY D 278 -36.48 -7.94 -8.72
N PHE D 279 -37.61 -7.38 -9.01
CA PHE D 279 -38.74 -7.64 -8.17
C PHE D 279 -39.72 -8.50 -8.90
N ARG D 280 -40.61 -9.13 -8.18
CA ARG D 280 -41.56 -10.01 -8.81
C ARG D 280 -42.78 -10.13 -7.94
N ILE D 281 -43.94 -9.85 -8.51
CA ILE D 281 -45.14 -9.75 -7.71
C ILE D 281 -45.99 -10.99 -7.80
N LEU D 282 -45.79 -11.83 -8.80
CA LEU D 282 -46.70 -12.95 -9.01
C LEU D 282 -46.48 -14.07 -8.02
N ASN D 283 -47.58 -14.60 -7.51
CA ASN D 283 -47.54 -15.53 -6.40
C ASN D 283 -47.32 -16.96 -6.89
N THR D 284 -46.29 -17.17 -7.71
CA THR D 284 -46.06 -18.44 -8.37
C THR D 284 -45.78 -19.60 -7.41
N GLU D 285 -45.64 -19.34 -6.13
CA GLU D 285 -45.61 -20.41 -5.16
C GLU D 285 -46.97 -21.05 -5.00
N ASN D 286 -48.05 -20.29 -5.06
CA ASN D 286 -49.34 -20.86 -4.71
C ASN D 286 -49.84 -21.76 -5.82
N THR D 287 -50.58 -22.80 -5.44
CA THR D 287 -50.95 -23.78 -6.43
C THR D 287 -52.11 -23.31 -7.28
N GLN D 288 -53.00 -22.48 -6.72
CA GLN D 288 -54.08 -21.95 -7.53
C GLN D 288 -53.54 -20.95 -8.52
N VAL D 289 -52.51 -20.22 -8.10
CA VAL D 289 -51.77 -19.38 -9.03
C VAL D 289 -51.17 -20.21 -10.14
N SER D 290 -50.43 -21.26 -9.81
CA SER D 290 -49.66 -21.96 -10.84
C SER D 290 -50.58 -22.74 -11.77
N SER D 291 -51.74 -23.15 -11.28
CA SER D 291 -52.68 -23.83 -12.20
C SER D 291 -53.40 -22.82 -13.08
N ILE D 292 -53.73 -21.64 -12.56
CA ILE D 292 -54.37 -20.62 -13.42
C ILE D 292 -53.35 -20.20 -14.49
N ILE D 293 -52.10 -20.06 -14.09
CA ILE D 293 -51.03 -19.67 -15.05
C ILE D 293 -50.98 -20.80 -16.10
N GLU D 294 -51.04 -22.04 -15.65
CA GLU D 294 -50.96 -23.15 -16.58
C GLU D 294 -52.15 -23.13 -17.54
N LYS D 295 -53.33 -22.86 -17.01
CA LYS D 295 -54.54 -22.86 -17.86
C LYS D 295 -54.32 -21.79 -18.92
N TRP D 296 -53.94 -20.58 -18.50
CA TRP D 296 -53.83 -19.45 -19.45
C TRP D 296 -52.79 -19.81 -20.51
N SER D 297 -51.73 -20.49 -20.10
CA SER D 297 -50.67 -20.73 -21.09
C SER D 297 -51.06 -21.91 -21.97
N MET D 298 -51.42 -23.05 -21.38
CA MET D 298 -51.67 -24.21 -22.20
C MET D 298 -52.97 -24.11 -22.96
N GLU D 299 -53.71 -23.03 -22.80
CA GLU D 299 -54.83 -22.84 -23.69
C GLU D 299 -54.43 -22.09 -24.96
N ARG D 300 -53.11 -21.96 -25.18
CA ARG D 300 -52.58 -21.35 -26.44
C ARG D 300 -53.14 -19.95 -26.62
N LEU D 301 -53.77 -19.41 -25.58
CA LEU D 301 -54.41 -18.09 -25.74
C LEU D 301 -53.32 -17.09 -26.13
N GLN D 302 -52.13 -17.16 -25.52
CA GLN D 302 -51.08 -16.14 -25.78
C GLN D 302 -50.47 -16.31 -27.17
N ALA D 303 -49.57 -15.41 -27.57
CA ALA D 303 -48.93 -15.48 -28.89
C ALA D 303 -47.45 -15.74 -28.71
N PRO D 304 -46.89 -16.76 -29.35
CA PRO D 304 -45.58 -17.28 -28.94
C PRO D 304 -44.46 -16.34 -29.34
N PRO D 305 -43.70 -15.82 -28.37
CA PRO D 305 -42.58 -14.95 -28.70
C PRO D 305 -41.41 -15.75 -29.25
N LYS D 306 -40.76 -15.21 -30.25
CA LYS D 306 -39.74 -15.94 -30.98
C LYS D 306 -38.43 -15.95 -30.21
N PRO D 307 -37.60 -16.98 -30.38
CA PRO D 307 -36.36 -17.08 -29.59
C PRO D 307 -35.25 -16.14 -30.02
N ASP D 308 -35.49 -15.23 -30.95
CA ASP D 308 -34.49 -14.21 -31.24
C ASP D 308 -34.37 -13.24 -30.08
N SER D 309 -35.49 -12.87 -29.47
CA SER D 309 -35.52 -11.84 -28.47
C SER D 309 -34.93 -12.29 -27.15
N GLY D 310 -34.81 -13.59 -26.94
CA GLY D 310 -34.42 -14.08 -25.65
C GLY D 310 -35.51 -14.03 -24.62
N LEU D 311 -36.74 -13.84 -25.01
CA LEU D 311 -37.85 -13.92 -24.08
C LEU D 311 -38.44 -15.31 -24.11
N LEU D 312 -39.38 -15.55 -23.21
CA LEU D 312 -39.86 -16.89 -22.94
C LEU D 312 -41.29 -17.10 -23.39
N ASP D 313 -41.73 -18.35 -23.33
CA ASP D 313 -43.07 -18.77 -23.65
C ASP D 313 -43.83 -19.08 -22.37
N GLY D 314 -45.14 -19.25 -22.53
CA GLY D 314 -45.96 -19.84 -21.47
C GLY D 314 -46.09 -19.03 -20.20
N PHE D 315 -45.63 -17.80 -20.18
CA PHE D 315 -45.71 -17.01 -18.98
C PHE D 315 -46.86 -16.06 -19.09
N MET D 316 -47.67 -16.02 -18.06
CA MET D 316 -48.60 -14.93 -17.89
C MET D 316 -47.78 -13.77 -17.38
N THR D 317 -47.67 -12.73 -18.18
CA THR D 317 -46.96 -11.56 -17.74
C THR D 317 -47.78 -10.82 -16.70
N THR D 318 -47.11 -9.90 -16.02
CA THR D 318 -47.72 -9.15 -14.93
C THR D 318 -48.92 -8.36 -15.39
N ASP D 319 -48.78 -7.72 -16.55
CA ASP D 319 -49.86 -6.88 -17.12
C ASP D 319 -51.14 -7.69 -17.13
N ALA D 320 -51.10 -8.83 -17.79
CA ALA D 320 -52.30 -9.66 -17.91
C ALA D 320 -52.70 -10.15 -16.53
N ALA D 321 -51.72 -10.52 -15.71
CA ALA D 321 -52.11 -11.10 -14.41
C ALA D 321 -52.89 -10.06 -13.64
N LEU D 322 -52.43 -8.82 -13.65
CA LEU D 322 -53.15 -7.83 -12.83
C LEU D 322 -54.56 -7.81 -13.37
N MET D 323 -54.71 -7.88 -14.68
CA MET D 323 -56.07 -7.77 -15.26
C MET D 323 -56.91 -8.94 -14.73
N TYR D 324 -56.33 -10.14 -14.64
CA TYR D 324 -57.19 -11.29 -14.20
C TYR D 324 -57.64 -10.94 -12.79
N ASP D 325 -56.72 -10.39 -12.01
CA ASP D 325 -57.13 -9.98 -10.65
C ASP D 325 -58.17 -8.87 -10.76
N ALA D 326 -57.98 -7.95 -11.70
CA ALA D 326 -58.88 -6.79 -11.71
C ALA D 326 -60.31 -7.24 -11.97
N VAL D 327 -60.50 -8.18 -12.88
CA VAL D 327 -61.92 -8.50 -13.15
C VAL D 327 -62.47 -9.00 -11.82
N HIS D 328 -61.68 -9.78 -11.10
CA HIS D 328 -62.19 -10.37 -9.84
C HIS D 328 -62.46 -9.30 -8.78
N VAL D 329 -61.55 -8.36 -8.59
CA VAL D 329 -61.75 -7.45 -7.45
C VAL D 329 -62.99 -6.64 -7.70
N VAL D 330 -63.25 -6.33 -8.95
CA VAL D 330 -64.48 -5.64 -9.28
C VAL D 330 -65.65 -6.58 -9.11
N SER D 331 -65.47 -7.84 -9.48
CA SER D 331 -66.60 -8.75 -9.37
C SER D 331 -66.86 -9.13 -7.93
N VAL D 332 -65.85 -9.08 -7.08
CA VAL D 332 -66.10 -9.23 -5.65
C VAL D 332 -66.96 -8.09 -5.16
N ALA D 333 -66.66 -6.88 -5.60
CA ALA D 333 -67.45 -5.76 -5.13
C ALA D 333 -68.85 -5.82 -5.69
N VAL D 334 -68.98 -6.38 -6.89
CA VAL D 334 -70.30 -6.56 -7.46
C VAL D 334 -71.11 -7.52 -6.62
N GLN D 335 -70.53 -8.68 -6.31
CA GLN D 335 -71.19 -9.72 -5.52
C GLN D 335 -71.59 -9.23 -4.15
N GLN D 336 -70.83 -8.32 -3.59
CA GLN D 336 -71.21 -7.72 -2.33
C GLN D 336 -72.40 -6.81 -2.49
N PHE D 337 -72.67 -6.32 -3.69
CA PHE D 337 -73.62 -5.24 -3.92
C PHE D 337 -74.72 -5.73 -4.85
N PRO D 338 -75.85 -6.16 -4.29
CA PRO D 338 -76.85 -6.87 -5.08
C PRO D 338 -77.71 -6.00 -5.95
N GLN D 339 -78.08 -4.82 -5.50
CA GLN D 339 -79.20 -4.11 -6.10
C GLN D 339 -78.79 -3.16 -7.22
N MET D 340 -77.51 -2.89 -7.42
CA MET D 340 -77.15 -2.08 -8.56
C MET D 340 -77.30 -2.90 -9.83
N THR D 341 -77.86 -2.27 -10.84
CA THR D 341 -77.79 -2.81 -12.18
C THR D 341 -77.26 -1.68 -13.02
N VAL D 342 -76.94 -1.95 -14.26
CA VAL D 342 -76.41 -0.88 -15.09
C VAL D 342 -77.55 0.04 -15.50
N SER D 343 -77.18 1.15 -16.10
CA SER D 343 -78.15 2.03 -16.73
C SER D 343 -77.47 2.76 -17.88
N SER D 344 -78.25 3.07 -18.91
CA SER D 344 -77.68 3.74 -20.09
C SER D 344 -77.32 5.15 -19.72
N LEU D 345 -76.12 5.60 -20.11
CA LEU D 345 -75.70 6.95 -19.63
C LEU D 345 -75.08 7.75 -20.77
N GLN D 346 -75.79 8.76 -21.28
CA GLN D 346 -75.26 9.63 -22.35
C GLN D 346 -74.21 10.56 -21.76
N CYS D 347 -73.22 10.95 -22.56
CA CYS D 347 -72.16 11.86 -22.07
C CYS D 347 -72.59 13.31 -22.16
N ASN D 348 -72.44 14.09 -21.08
CA ASN D 348 -72.66 15.56 -21.13
C ASN D 348 -74.15 15.91 -21.07
N ARG D 349 -75.04 14.93 -21.09
CA ARG D 349 -76.47 15.29 -20.95
C ARG D 349 -77.07 14.50 -19.79
N HIS D 350 -76.27 13.68 -19.10
CA HIS D 350 -76.82 12.81 -18.04
C HIS D 350 -76.09 13.10 -16.73
N LYS D 351 -76.70 12.74 -15.61
CA LYS D 351 -76.12 13.10 -14.31
C LYS D 351 -74.97 12.16 -13.94
N PRO D 352 -74.26 12.33 -12.80
CA PRO D 352 -73.30 11.32 -12.36
C PRO D 352 -74.14 10.04 -12.26
N TRP D 353 -73.52 8.86 -12.34
CA TRP D 353 -74.30 7.61 -12.19
C TRP D 353 -74.92 7.62 -10.80
N ARG D 354 -76.13 7.10 -10.67
CA ARG D 354 -76.84 7.22 -9.35
C ARG D 354 -76.28 6.21 -8.36
N PHE D 355 -75.43 5.30 -8.81
CA PHE D 355 -74.86 4.31 -7.94
C PHE D 355 -73.35 4.38 -7.88
N GLY D 356 -72.76 5.44 -8.43
CA GLY D 356 -71.33 5.47 -8.58
C GLY D 356 -70.59 5.55 -7.26
N THR D 357 -71.06 6.41 -6.37
CA THR D 357 -70.42 6.54 -5.08
C THR D 357 -70.49 5.25 -4.29
N ARG D 358 -71.63 4.56 -4.39
CA ARG D 358 -71.78 3.30 -3.62
C ARG D 358 -70.89 2.24 -4.26
N PHE D 359 -70.97 2.05 -5.56
CA PHE D 359 -70.17 0.96 -6.14
C PHE D 359 -68.70 1.31 -5.95
N MET D 360 -68.32 2.57 -6.14
CA MET D 360 -66.86 2.87 -6.07
C MET D 360 -66.36 2.54 -4.67
N SER D 361 -67.11 2.88 -3.62
CA SER D 361 -66.55 2.64 -2.28
C SER D 361 -66.30 1.15 -2.11
N LEU D 362 -67.23 0.33 -2.56
CA LEU D 362 -67.07 -1.13 -2.35
C LEU D 362 -65.84 -1.63 -3.11
N ILE D 363 -65.59 -1.12 -4.31
CA ILE D 363 -64.36 -1.54 -5.05
C ILE D 363 -63.15 -1.13 -4.21
N LYS D 364 -63.17 0.05 -3.60
CA LYS D 364 -61.96 0.51 -2.88
C LYS D 364 -61.76 -0.30 -1.59
N GLU D 365 -62.84 -0.80 -0.96
CA GLU D 365 -62.65 -1.60 0.23
C GLU D 365 -62.68 -3.09 -0.02
N ALA D 366 -62.05 -3.59 -1.07
CA ALA D 366 -62.07 -5.02 -1.25
C ALA D 366 -60.71 -5.63 -0.96
N HIS D 367 -60.70 -6.68 -0.16
CA HIS D 367 -59.48 -7.42 0.14
C HIS D 367 -59.57 -8.73 -0.58
N TRP D 368 -58.90 -8.85 -1.71
CA TRP D 368 -59.03 -10.12 -2.40
C TRP D 368 -57.65 -10.68 -2.67
N GLU D 369 -57.45 -11.90 -2.26
CA GLU D 369 -56.13 -12.45 -2.29
C GLU D 369 -55.89 -13.04 -3.66
N GLY D 370 -55.62 -12.16 -4.61
CA GLY D 370 -55.54 -12.64 -6.01
C GLY D 370 -54.22 -13.21 -6.46
N LEU D 371 -54.05 -13.34 -7.77
CA LEU D 371 -52.82 -13.91 -8.36
C LEU D 371 -51.62 -13.06 -7.94
N THR D 372 -51.79 -11.76 -7.89
CA THR D 372 -50.62 -10.90 -7.60
C THR D 372 -50.58 -10.54 -6.12
N GLY D 373 -50.97 -11.44 -5.22
CA GLY D 373 -50.88 -11.16 -3.82
C GLY D 373 -52.20 -10.58 -3.38
N ARG D 374 -52.17 -9.89 -2.25
CA ARG D 374 -53.39 -9.30 -1.79
C ARG D 374 -53.67 -8.10 -2.64
N ILE D 375 -54.94 -7.78 -2.80
CA ILE D 375 -55.32 -6.54 -3.44
C ILE D 375 -56.16 -5.76 -2.48
N THR D 376 -55.63 -4.60 -2.12
CA THR D 376 -56.26 -3.61 -1.28
C THR D 376 -55.68 -2.27 -1.67
N PHE D 377 -56.41 -1.21 -1.38
CA PHE D 377 -56.17 0.10 -1.97
C PHE D 377 -55.92 1.15 -0.92
N ASN D 378 -54.91 1.99 -1.12
CA ASN D 378 -54.71 3.15 -0.25
C ASN D 378 -55.89 4.07 -0.45
N LYS D 379 -56.75 4.15 0.56
CA LYS D 379 -58.06 4.74 0.40
C LYS D 379 -58.05 6.22 0.11
N THR D 380 -56.91 6.89 0.25
CA THR D 380 -56.85 8.27 -0.17
C THR D 380 -57.09 8.43 -1.63
N ASN D 381 -56.19 7.95 -2.41
CA ASN D 381 -56.25 8.24 -3.82
C ASN D 381 -56.74 7.10 -4.67
N GLY D 382 -57.25 6.03 -4.08
CA GLY D 382 -57.63 4.89 -4.86
C GLY D 382 -56.49 4.17 -5.52
N LEU D 383 -55.25 4.49 -5.20
CA LEU D 383 -54.14 3.76 -5.76
C LEU D 383 -53.93 2.45 -5.05
N ARG D 384 -52.89 1.75 -5.44
CA ARG D 384 -52.56 0.55 -4.71
C ARG D 384 -51.12 0.66 -4.31
N THR D 385 -50.89 0.71 -3.01
CA THR D 385 -49.53 0.76 -2.50
C THR D 385 -49.26 -0.21 -1.38
N ASP D 386 -50.14 -1.15 -1.11
CA ASP D 386 -49.87 -2.22 -0.17
C ASP D 386 -49.90 -3.52 -0.95
N PHE D 387 -48.81 -4.25 -0.92
CA PHE D 387 -48.63 -5.40 -1.80
C PHE D 387 -47.37 -6.10 -1.36
N ASP D 388 -47.37 -7.42 -1.44
CA ASP D 388 -46.27 -8.17 -0.88
C ASP D 388 -45.38 -8.70 -1.99
N LEU D 389 -44.26 -8.05 -2.18
CA LEU D 389 -43.33 -8.34 -3.25
C LEU D 389 -42.43 -9.50 -2.92
N ASP D 390 -41.95 -10.21 -3.93
CA ASP D 390 -40.89 -11.19 -3.79
C ASP D 390 -39.69 -10.73 -4.58
N VAL D 391 -38.60 -10.49 -3.91
CA VAL D 391 -37.37 -10.16 -4.60
C VAL D 391 -36.89 -11.43 -5.24
N ILE D 392 -36.55 -11.40 -6.51
CA ILE D 392 -35.89 -12.55 -7.07
C ILE D 392 -34.52 -12.13 -7.52
N SER D 393 -33.66 -13.12 -7.68
CA SER D 393 -32.28 -12.83 -7.99
C SER D 393 -31.74 -13.93 -8.87
N LEU D 394 -30.57 -13.69 -9.44
CA LEU D 394 -30.00 -14.66 -10.37
C LEU D 394 -28.96 -15.51 -9.65
N LYS D 395 -29.36 -16.67 -9.16
CA LYS D 395 -28.42 -17.65 -8.69
C LYS D 395 -27.96 -18.44 -9.88
N GLU D 396 -26.86 -19.16 -9.71
CA GLU D 396 -26.20 -19.88 -10.79
C GLU D 396 -27.12 -20.91 -11.43
N GLU D 397 -28.05 -21.45 -10.67
CA GLU D 397 -29.06 -22.27 -11.28
C GLU D 397 -30.05 -21.48 -12.11
N GLY D 398 -30.65 -20.46 -11.57
CA GLY D 398 -31.73 -19.79 -12.27
C GLY D 398 -32.17 -18.60 -11.49
N LEU D 399 -33.35 -18.11 -11.78
CA LEU D 399 -33.89 -17.00 -11.03
C LEU D 399 -34.62 -17.54 -9.83
N GLU D 400 -34.15 -17.22 -8.63
CA GLU D 400 -34.74 -17.77 -7.44
C GLU D 400 -35.09 -16.68 -6.44
N LYS D 401 -36.11 -16.94 -5.65
CA LYS D 401 -36.60 -15.98 -4.69
C LYS D 401 -35.61 -15.82 -3.55
N ILE D 402 -35.26 -14.58 -3.22
CA ILE D 402 -34.44 -14.39 -2.04
C ILE D 402 -35.05 -13.44 -1.03
N GLY D 403 -36.36 -13.45 -0.89
CA GLY D 403 -36.92 -12.82 0.28
C GLY D 403 -37.84 -11.70 -0.11
N THR D 404 -38.67 -11.30 0.83
CA THR D 404 -39.82 -10.53 0.46
C THR D 404 -39.62 -9.07 0.80
N TRP D 405 -40.61 -8.28 0.44
CA TRP D 405 -40.67 -6.88 0.74
C TRP D 405 -42.13 -6.56 0.90
N ASP D 406 -42.49 -5.81 1.92
CA ASP D 406 -43.84 -5.28 2.01
C ASP D 406 -43.79 -4.08 2.93
N PRO D 407 -44.48 -2.99 2.56
CA PRO D 407 -44.01 -1.64 2.98
C PRO D 407 -44.01 -1.40 4.47
N ALA D 408 -44.67 -2.23 5.26
CA ALA D 408 -44.43 -2.15 6.69
C ALA D 408 -43.04 -2.64 7.02
N SER D 409 -42.76 -3.90 6.80
CA SER D 409 -41.51 -4.48 7.27
C SER D 409 -40.37 -4.20 6.33
N GLY D 410 -40.61 -3.55 5.22
CA GLY D 410 -39.48 -3.24 4.41
C GLY D 410 -39.00 -4.44 3.64
N LEU D 411 -37.70 -4.68 3.80
CA LEU D 411 -36.99 -5.69 3.06
C LEU D 411 -36.57 -6.79 4.00
N ASN D 412 -37.05 -7.98 3.78
CA ASN D 412 -36.83 -9.07 4.69
C ASN D 412 -36.11 -10.05 3.83
N MET D 413 -34.81 -10.17 4.06
CA MET D 413 -33.99 -10.99 3.22
C MET D 413 -33.76 -12.38 3.81
N THR D 414 -32.83 -13.11 3.22
CA THR D 414 -32.58 -14.47 3.61
C THR D 414 -31.11 -14.82 3.43
N SER D 432 -19.62 -21.70 39.00
CA SER D 432 -18.85 -20.59 39.52
C SER D 432 -18.01 -19.96 38.43
N LEU D 433 -17.73 -18.67 38.56
CA LEU D 433 -16.89 -18.01 37.58
C LEU D 433 -15.44 -18.41 37.81
N ILE D 434 -14.79 -18.89 36.76
CA ILE D 434 -13.38 -19.27 36.81
C ILE D 434 -12.57 -17.98 36.78
N VAL D 435 -12.14 -17.51 37.95
CA VAL D 435 -11.31 -16.31 38.05
C VAL D 435 -9.86 -16.79 38.05
N THR D 436 -9.23 -16.67 36.89
CA THR D 436 -7.81 -16.94 36.79
C THR D 436 -7.02 -15.67 37.08
N THR D 437 -5.91 -15.84 37.77
CA THR D 437 -5.13 -14.72 38.26
C THR D 437 -3.67 -15.14 38.34
N ILE D 438 -2.85 -14.24 38.90
CA ILE D 438 -1.45 -14.51 39.13
C ILE D 438 -1.21 -14.41 40.63
N LEU D 439 -0.42 -15.33 41.16
CA LEU D 439 -0.03 -15.27 42.56
C LEU D 439 0.99 -14.15 42.69
N GLU D 440 0.54 -12.98 43.12
CA GLU D 440 1.42 -11.82 43.27
C GLU D 440 0.93 -10.98 44.43
N GLU D 441 1.76 -10.84 45.43
CA GLU D 441 1.49 -9.98 46.56
C GLU D 441 1.50 -8.52 46.09
N PRO D 442 0.71 -7.66 46.74
CA PRO D 442 -0.23 -7.90 47.84
C PRO D 442 -1.63 -7.95 47.34
N TYR D 443 -1.81 -7.87 46.03
CA TYR D 443 -3.13 -7.93 45.42
C TYR D 443 -3.73 -9.30 45.68
N VAL D 444 -3.03 -10.34 45.24
CA VAL D 444 -3.43 -11.72 45.49
C VAL D 444 -2.19 -12.51 45.88
N LEU D 445 -1.97 -12.68 47.17
CA LEU D 445 -0.93 -13.55 47.66
C LEU D 445 -1.59 -14.72 48.35
N PHE D 446 -0.89 -15.84 48.38
CA PHE D 446 -1.42 -17.07 48.97
C PHE D 446 -1.65 -16.89 50.46
N LYS D 447 -2.87 -17.18 50.89
CA LYS D 447 -3.22 -16.97 52.29
C LYS D 447 -2.56 -18.05 53.14
N LYS D 448 -1.38 -17.72 53.64
CA LYS D 448 -0.58 -18.65 54.42
C LYS D 448 -1.23 -18.89 55.77
N SER D 449 -1.33 -20.15 56.15
CA SER D 449 -2.05 -20.53 57.36
C SER D 449 -1.53 -21.86 57.85
N ASP D 450 -1.75 -22.13 59.13
CA ASP D 450 -1.18 -23.31 59.76
C ASP D 450 -2.14 -24.50 59.70
N LYS D 451 -2.99 -24.55 58.70
CA LYS D 451 -3.81 -25.74 58.48
C LYS D 451 -3.84 -26.05 57.00
N PRO D 452 -4.44 -27.19 56.62
CA PRO D 452 -4.63 -27.47 55.20
C PRO D 452 -5.97 -26.97 54.68
N LEU D 453 -5.92 -26.10 53.69
CA LEU D 453 -7.08 -25.67 52.92
C LEU D 453 -6.74 -25.85 51.45
N TYR D 454 -7.60 -25.33 50.57
CA TYR D 454 -7.37 -25.45 49.14
C TYR D 454 -8.11 -24.34 48.40
N GLY D 455 -7.54 -23.95 47.27
CA GLY D 455 -8.27 -23.26 46.22
C GLY D 455 -8.79 -21.90 46.62
N ASN D 456 -10.10 -21.81 46.82
CA ASN D 456 -10.79 -20.57 47.14
C ASN D 456 -10.36 -20.01 48.50
N ASP D 457 -10.05 -20.87 49.47
CA ASP D 457 -9.56 -20.40 50.75
C ASP D 457 -8.07 -20.11 50.71
N ARG D 458 -7.39 -20.51 49.64
CA ARG D 458 -5.94 -20.44 49.59
C ARG D 458 -5.40 -19.10 49.12
N PHE D 459 -6.23 -18.07 49.05
CA PHE D 459 -5.76 -16.77 48.57
C PHE D 459 -6.19 -15.67 49.52
N GLU D 460 -5.53 -14.51 49.39
CA GLU D 460 -5.81 -13.36 50.21
C GLU D 460 -5.21 -12.13 49.55
N GLY D 461 -5.51 -10.97 50.12
CA GLY D 461 -5.08 -9.69 49.58
C GLY D 461 -6.27 -8.82 49.25
N TYR D 462 -5.98 -7.68 48.64
CA TYR D 462 -7.05 -6.76 48.27
C TYR D 462 -7.84 -7.29 47.09
N CYS D 463 -7.15 -7.93 46.14
CA CYS D 463 -7.86 -8.43 44.96
C CYS D 463 -8.73 -9.63 45.31
N ILE D 464 -8.37 -10.37 46.35
CA ILE D 464 -9.20 -11.46 46.82
C ILE D 464 -10.51 -10.92 47.36
N ASP D 465 -10.44 -9.88 48.17
CA ASP D 465 -11.66 -9.23 48.64
C ASP D 465 -12.41 -8.57 47.50
N LEU D 466 -11.69 -8.09 46.49
CA LEU D 466 -12.32 -7.52 45.31
C LEU D 466 -13.16 -8.56 44.59
N LEU D 467 -12.62 -9.77 44.46
CA LEU D 467 -13.41 -10.90 44.00
C LEU D 467 -14.59 -11.15 44.93
N ARG D 468 -14.35 -11.10 46.25
CA ARG D 468 -15.41 -11.36 47.22
C ARG D 468 -16.49 -10.31 47.16
N GLU D 469 -16.09 -9.03 47.10
CA GLU D 469 -17.08 -7.97 47.12
C GLU D 469 -17.79 -7.86 45.78
N LEU D 470 -17.07 -8.06 44.68
CA LEU D 470 -17.70 -8.08 43.38
C LEU D 470 -18.65 -9.26 43.27
N SER D 471 -18.33 -10.36 43.98
CA SER D 471 -19.25 -11.49 44.02
C SER D 471 -20.49 -11.14 44.84
N THR D 472 -20.30 -10.39 45.92
CA THR D 472 -21.44 -10.00 46.73
C THR D 472 -22.32 -8.99 46.00
N ILE D 473 -21.74 -8.27 45.07
CA ILE D 473 -22.54 -7.40 44.22
C ILE D 473 -23.24 -8.19 43.14
N LEU D 474 -22.48 -8.83 42.25
CA LEU D 474 -23.06 -9.35 41.01
C LEU D 474 -23.65 -10.74 41.20
N GLY D 475 -23.45 -11.35 42.37
CA GLY D 475 -23.97 -12.67 42.60
C GLY D 475 -23.17 -13.73 41.89
N PHE D 476 -21.96 -13.39 41.44
CA PHE D 476 -21.09 -14.35 40.80
C PHE D 476 -20.55 -15.29 41.86
N THR D 477 -20.14 -16.48 41.43
CA THR D 477 -19.54 -17.45 42.33
C THR D 477 -18.10 -17.70 41.90
N TYR D 478 -17.24 -17.95 42.88
CA TYR D 478 -15.81 -17.79 42.71
C TYR D 478 -15.14 -19.13 42.42
N GLU D 479 -14.10 -19.09 41.60
CA GLU D 479 -13.21 -20.22 41.40
C GLU D 479 -11.81 -19.68 41.22
N ILE D 480 -11.03 -19.71 42.29
CA ILE D 480 -9.66 -19.19 42.26
C ILE D 480 -8.79 -20.15 41.47
N ARG D 481 -8.20 -19.66 40.39
CA ARG D 481 -7.28 -20.46 39.59
C ARG D 481 -6.11 -19.60 39.17
N LEU D 482 -4.91 -20.00 39.57
CA LEU D 482 -3.72 -19.21 39.27
C LEU D 482 -3.33 -19.35 37.81
N VAL D 483 -2.32 -18.59 37.41
CA VAL D 483 -1.83 -18.65 36.03
C VAL D 483 -0.92 -19.86 35.86
N GLU D 484 -1.11 -20.57 34.75
CA GLU D 484 -0.32 -21.77 34.50
C GLU D 484 1.12 -21.40 34.16
N ASP D 485 1.30 -20.40 33.30
CA ASP D 485 2.64 -19.98 32.93
C ASP D 485 3.34 -19.17 34.01
N GLY D 486 2.63 -18.79 35.06
CA GLY D 486 3.23 -18.06 36.15
C GLY D 486 3.66 -16.65 35.82
N LYS D 487 3.11 -16.08 34.76
CA LYS D 487 3.43 -14.72 34.37
C LYS D 487 2.16 -13.97 34.04
N TYR D 488 2.25 -12.64 34.02
CA TYR D 488 1.13 -11.83 33.55
C TYR D 488 0.88 -12.08 32.07
N GLY D 489 1.93 -12.41 31.33
CA GLY D 489 1.72 -12.84 29.97
C GLY D 489 1.74 -11.63 29.04
N ALA D 490 2.00 -11.91 27.76
CA ALA D 490 2.02 -10.89 26.74
C ALA D 490 1.70 -11.54 25.41
N GLN D 491 1.20 -10.74 24.48
CA GLN D 491 1.22 -11.13 23.07
C GLN D 491 2.67 -11.39 22.67
N ASP D 492 2.88 -12.54 22.03
CA ASP D 492 4.22 -13.11 21.92
C ASP D 492 5.12 -12.27 21.01
N ASP D 493 6.42 -12.56 21.09
CA ASP D 493 7.41 -11.79 20.35
C ASP D 493 7.33 -12.09 18.86
N VAL D 494 7.16 -13.37 18.51
CA VAL D 494 6.99 -13.74 17.11
C VAL D 494 5.71 -14.52 16.86
N ASN D 495 5.18 -15.26 17.84
CA ASN D 495 3.94 -15.98 17.63
C ASN D 495 2.73 -15.05 17.61
N GLY D 496 2.81 -13.90 18.26
CA GLY D 496 1.71 -12.97 18.31
C GLY D 496 0.62 -13.32 19.31
N GLN D 497 0.46 -14.59 19.64
CA GLN D 497 -0.54 -15.02 20.61
C GLN D 497 -0.16 -14.53 21.99
N TRP D 498 -1.18 -14.27 22.79
CA TRP D 498 -1.00 -13.87 24.17
C TRP D 498 -0.38 -15.00 24.97
N ASN D 499 0.24 -14.64 26.09
CA ASN D 499 0.81 -15.63 27.00
C ASN D 499 0.05 -15.48 28.32
N GLY D 500 0.27 -16.42 29.23
CA GLY D 500 -0.19 -16.45 30.60
C GLY D 500 -1.69 -16.29 30.75
N MET D 501 -2.07 -15.40 31.65
CA MET D 501 -3.49 -15.13 31.88
C MET D 501 -4.12 -14.44 30.69
N VAL D 502 -3.31 -13.68 29.94
CA VAL D 502 -3.80 -13.08 28.71
C VAL D 502 -4.08 -14.16 27.67
N ARG D 503 -3.28 -15.22 27.67
CA ARG D 503 -3.60 -16.37 26.82
C ARG D 503 -4.85 -17.07 27.31
N GLU D 504 -5.00 -17.19 28.63
CA GLU D 504 -6.09 -17.95 29.21
C GLU D 504 -7.44 -17.30 28.94
N LEU D 505 -7.55 -16.01 29.23
CA LEU D 505 -8.75 -15.28 28.84
C LEU D 505 -8.82 -15.10 27.34
N ILE D 506 -7.68 -15.11 26.65
CA ILE D 506 -7.70 -15.13 25.20
C ILE D 506 -8.19 -16.47 24.70
N ASP D 507 -7.94 -17.54 25.44
CA ASP D 507 -8.52 -18.83 25.10
C ASP D 507 -9.96 -18.96 25.57
N HIS D 508 -10.48 -17.97 26.30
CA HIS D 508 -11.79 -18.00 26.97
C HIS D 508 -11.91 -19.20 27.92
N LYS D 509 -10.77 -19.67 28.42
CA LYS D 509 -10.73 -20.86 29.27
C LYS D 509 -11.08 -20.53 30.70
N ALA D 510 -11.17 -19.25 31.05
CA ALA D 510 -11.58 -18.83 32.37
C ALA D 510 -12.32 -17.51 32.25
N ASP D 511 -13.35 -17.35 33.06
CA ASP D 511 -14.24 -16.21 32.93
C ASP D 511 -13.65 -14.92 33.48
N LEU D 512 -13.44 -14.86 34.80
CA LEU D 512 -13.06 -13.62 35.45
C LEU D 512 -11.54 -13.58 35.58
N ALA D 513 -10.99 -12.37 35.53
CA ALA D 513 -9.58 -12.14 35.83
C ALA D 513 -9.49 -10.91 36.71
N VAL D 514 -9.68 -11.10 38.02
CA VAL D 514 -9.45 -10.05 38.99
C VAL D 514 -8.03 -10.16 39.51
N ALA D 515 -7.07 -9.62 38.78
CA ALA D 515 -5.68 -9.63 39.20
C ALA D 515 -5.18 -8.20 39.11
N PRO D 516 -4.00 -7.95 39.61
CA PRO D 516 -3.44 -6.62 39.30
C PRO D 516 -2.96 -6.56 37.86
N LEU D 517 -3.92 -6.51 36.92
CA LEU D 517 -3.65 -6.64 35.50
C LEU D 517 -3.80 -5.28 34.86
N ALA D 518 -2.84 -4.91 34.04
CA ALA D 518 -2.77 -3.58 33.47
C ALA D 518 -3.78 -3.43 32.35
N ILE D 519 -4.50 -2.31 32.36
CA ILE D 519 -5.42 -2.01 31.27
C ILE D 519 -4.63 -1.30 30.19
N THR D 520 -3.95 -2.05 29.33
CA THR D 520 -3.14 -1.49 28.27
C THR D 520 -3.91 -1.49 26.96
N TYR D 521 -3.58 -0.53 26.10
CA TYR D 521 -4.29 -0.40 24.84
C TYR D 521 -3.99 -1.56 23.93
N VAL D 522 -2.77 -2.08 23.99
CA VAL D 522 -2.47 -3.32 23.30
C VAL D 522 -3.19 -4.47 23.97
N ARG D 523 -3.30 -4.43 25.29
CA ARG D 523 -4.07 -5.45 26.00
C ARG D 523 -5.55 -5.25 25.77
N GLU D 524 -5.96 -4.02 25.44
CA GLU D 524 -7.37 -3.77 25.14
C GLU D 524 -7.79 -4.42 23.83
N LYS D 525 -6.83 -4.66 22.93
CA LYS D 525 -7.15 -5.35 21.70
C LYS D 525 -7.42 -6.83 21.90
N VAL D 526 -6.73 -7.46 22.84
CA VAL D 526 -6.85 -8.91 22.98
C VAL D 526 -8.11 -9.24 23.74
N ILE D 527 -8.41 -8.44 24.77
CA ILE D 527 -9.59 -8.66 25.59
C ILE D 527 -10.03 -7.31 26.12
N ASP D 528 -11.21 -7.27 26.72
CA ASP D 528 -11.72 -6.03 27.28
C ASP D 528 -11.48 -6.00 28.79
N PHE D 529 -11.68 -4.82 29.37
CA PHE D 529 -11.52 -4.66 30.80
C PHE D 529 -12.69 -3.86 31.34
N SER D 530 -12.80 -3.84 32.65
CA SER D 530 -13.76 -2.98 33.31
C SER D 530 -13.16 -1.59 33.50
N LYS D 531 -13.77 -0.81 34.38
CA LYS D 531 -13.17 0.45 34.79
C LYS D 531 -11.93 0.16 35.61
N PRO D 532 -11.04 1.13 35.79
CA PRO D 532 -9.79 0.84 36.50
C PRO D 532 -10.03 0.58 37.98
N PHE D 533 -9.55 -0.57 38.45
CA PHE D 533 -9.71 -0.92 39.86
C PHE D 533 -8.92 -0.01 40.77
N MET D 534 -7.65 0.24 40.48
CA MET D 534 -6.84 1.18 41.26
C MET D 534 -5.87 1.86 40.30
N THR D 535 -5.71 3.17 40.45
CA THR D 535 -4.84 3.93 39.58
C THR D 535 -3.39 3.52 39.79
N LEU D 536 -2.60 3.56 38.73
CA LEU D 536 -1.29 2.95 38.81
C LEU D 536 -0.33 3.65 37.86
N GLY D 537 0.94 3.32 38.02
CA GLY D 537 1.96 3.80 37.12
C GLY D 537 3.27 3.09 37.39
N ILE D 538 4.16 3.15 36.42
CA ILE D 538 5.48 2.57 36.62
C ILE D 538 6.31 3.51 37.47
N SER D 539 7.11 2.95 38.36
CA SER D 539 8.06 3.73 39.13
C SER D 539 9.31 2.88 39.33
N ILE D 540 10.39 3.52 39.74
CA ILE D 540 11.69 2.87 39.88
C ILE D 540 11.96 2.62 41.36
N LEU D 541 12.30 1.38 41.69
CA LEU D 541 12.65 1.03 43.05
C LEU D 541 14.12 0.66 43.12
N TYR D 542 14.83 1.29 44.06
CA TYR D 542 16.27 1.05 44.29
C TYR D 542 16.57 1.28 45.75
N ARG D 543 17.74 0.81 46.19
CA ARG D 543 18.12 1.05 47.56
C ARG D 543 18.58 2.49 47.73
N LYS D 544 18.81 2.92 48.97
CA LYS D 544 19.16 4.31 49.23
C LYS D 544 20.62 4.61 48.98
N GLY D 551 36.84 8.21 56.52
CA GLY D 551 37.22 8.06 57.91
C GLY D 551 38.48 8.82 58.25
N VAL D 552 39.24 8.34 59.25
CA VAL D 552 40.42 9.05 59.73
C VAL D 552 41.58 9.03 58.76
N PHE D 553 41.41 8.43 57.58
CA PHE D 553 42.34 8.66 56.50
C PHE D 553 41.83 9.74 55.54
N SER D 554 40.54 10.11 55.62
CA SER D 554 40.00 11.05 54.63
C SER D 554 40.47 12.46 54.87
N PHE D 555 41.09 12.72 56.02
CA PHE D 555 41.96 13.87 56.12
C PHE D 555 43.02 13.80 55.04
N LEU D 556 43.86 12.78 55.08
CA LEU D 556 44.96 12.69 54.14
C LEU D 556 44.56 12.09 52.81
N ASN D 557 43.28 12.17 52.44
CA ASN D 557 42.80 11.44 51.28
C ASN D 557 43.34 11.94 49.96
N PRO D 558 43.14 13.19 49.55
CA PRO D 558 43.45 13.54 48.17
C PRO D 558 44.93 13.61 47.86
N LEU D 559 45.78 13.63 48.87
CA LEU D 559 47.19 13.41 48.66
C LEU D 559 47.45 11.91 48.74
N SER D 560 48.18 11.38 47.75
CA SER D 560 48.44 9.94 47.68
C SER D 560 49.51 9.57 48.70
N PRO D 561 49.31 8.49 49.48
CA PRO D 561 49.88 8.42 50.83
C PRO D 561 51.39 8.45 50.91
N ASP D 562 52.06 7.98 49.86
CA ASP D 562 53.51 8.00 49.85
C ASP D 562 54.05 9.42 49.83
N ILE D 563 53.29 10.34 49.23
CA ILE D 563 53.72 11.72 49.18
C ILE D 563 53.69 12.32 50.56
N TRP D 564 52.65 12.05 51.33
CA TRP D 564 52.55 12.64 52.67
C TRP D 564 53.60 12.02 53.58
N MET D 565 53.92 10.75 53.36
CA MET D 565 55.01 10.13 54.11
C MET D 565 56.34 10.81 53.81
N TYR D 566 56.61 11.04 52.53
CA TYR D 566 57.86 11.71 52.17
C TYR D 566 57.85 13.16 52.62
N VAL D 567 56.66 13.75 52.78
CA VAL D 567 56.58 15.12 53.25
C VAL D 567 57.01 15.20 54.70
N LEU D 568 56.53 14.26 55.51
CA LEU D 568 56.95 14.22 56.91
C LEU D 568 58.45 13.97 57.00
N LEU D 569 58.97 13.12 56.12
CA LEU D 569 60.41 12.90 56.05
C LEU D 569 61.14 14.17 55.70
N ALA D 570 60.55 14.99 54.84
CA ALA D 570 61.20 16.23 54.46
C ALA D 570 61.19 17.22 55.60
N TYR D 571 60.13 17.20 56.41
CA TYR D 571 60.06 18.11 57.55
C TYR D 571 61.15 17.77 58.54
N LEU D 572 61.33 16.48 58.78
CA LEU D 572 62.46 16.04 59.59
C LEU D 572 63.79 16.41 58.97
N GLY D 573 63.92 16.30 57.64
CA GLY D 573 65.20 16.55 57.01
C GLY D 573 65.57 18.02 57.03
N VAL D 574 64.59 18.89 56.80
CA VAL D 574 64.86 20.31 56.84
C VAL D 574 65.13 20.75 58.26
N SER D 575 64.47 20.12 59.23
CA SER D 575 64.81 20.37 60.63
C SER D 575 66.23 19.93 60.94
N VAL D 576 66.66 18.84 60.31
CA VAL D 576 68.02 18.36 60.51
C VAL D 576 69.02 19.32 59.91
N VAL D 577 68.70 19.88 58.75
CA VAL D 577 69.63 20.79 58.10
C VAL D 577 69.69 22.10 58.87
N LEU D 578 68.59 22.47 59.50
CA LEU D 578 68.60 23.65 60.36
C LEU D 578 69.45 23.41 61.60
N PHE D 579 69.35 22.20 62.18
CA PHE D 579 70.15 21.90 63.35
C PHE D 579 71.64 21.83 63.00
N VAL D 580 71.94 21.34 61.81
CA VAL D 580 73.31 21.33 61.32
C VAL D 580 73.79 22.72 60.97
N ILE D 581 72.88 23.66 60.69
CA ILE D 581 73.29 25.03 60.43
C ILE D 581 73.85 25.66 61.70
N ALA D 582 73.37 25.20 62.85
CA ALA D 582 74.11 25.45 64.07
C ALA D 582 75.36 24.57 64.05
N ARG D 583 76.48 25.16 63.64
CA ARG D 583 77.70 24.41 63.49
C ARG D 583 78.35 24.16 64.84
N ALA D 630 72.94 34.79 59.24
CA ALA D 630 71.67 34.01 59.24
C ALA D 630 71.05 34.06 57.85
N LEU D 631 71.81 34.50 56.84
CA LEU D 631 71.30 34.52 55.45
C LEU D 631 71.04 33.08 55.01
N SER D 632 71.87 32.17 55.49
CA SER D 632 71.68 30.74 55.16
C SER D 632 70.37 30.28 55.78
N THR D 633 70.20 30.60 57.06
CA THR D 633 68.92 30.24 57.72
C THR D 633 67.80 30.79 56.84
N ARG D 634 67.92 32.02 56.38
CA ARG D 634 66.82 32.66 55.61
C ARG D 634 66.55 31.87 54.33
N ILE D 635 67.59 31.56 53.56
CA ILE D 635 67.39 30.82 52.28
C ILE D 635 66.71 29.49 52.59
N VAL D 636 67.15 28.82 53.65
CA VAL D 636 66.58 27.48 53.94
C VAL D 636 65.11 27.67 54.26
N GLY D 637 64.80 28.65 55.11
CA GLY D 637 63.41 28.86 55.53
C GLY D 637 62.56 29.18 54.33
N GLY D 638 63.14 29.87 53.35
CA GLY D 638 62.38 30.27 52.16
C GLY D 638 62.13 29.08 51.26
N ILE D 639 63.11 28.21 51.13
CA ILE D 639 62.81 27.01 50.33
C ILE D 639 61.71 26.26 51.08
N TRP D 640 61.75 26.29 52.41
CA TRP D 640 60.75 25.48 53.12
C TRP D 640 59.39 26.10 52.86
N TRP D 641 59.36 27.43 52.80
CA TRP D 641 58.12 28.16 52.54
C TRP D 641 57.60 27.71 51.20
N PHE D 642 58.45 27.75 50.17
CA PHE D 642 57.94 27.40 48.83
C PHE D 642 57.42 25.98 48.88
N PHE D 643 58.12 25.11 49.59
CA PHE D 643 57.70 23.69 49.61
C PHE D 643 56.30 23.63 50.19
N THR D 644 56.16 24.14 51.40
CA THR D 644 54.84 24.02 52.05
C THR D 644 53.83 24.58 51.09
N LEU D 645 54.09 25.74 50.48
CA LEU D 645 53.04 26.34 49.62
C LEU D 645 52.66 25.31 48.57
N ILE D 646 53.58 24.97 47.67
CA ILE D 646 53.17 24.03 46.61
C ILE D 646 52.39 22.87 47.22
N ILE D 647 52.92 22.21 48.24
CA ILE D 647 52.23 20.99 48.75
C ILE D 647 50.81 21.27 49.25
N ILE D 648 50.62 22.18 50.21
CA ILE D 648 49.26 22.35 50.77
C ILE D 648 48.34 22.92 49.69
N SER D 649 48.92 23.58 48.70
CA SER D 649 48.03 24.21 47.70
C SER D 649 47.54 23.12 46.76
N SER D 650 48.42 22.20 46.42
CA SER D 650 47.93 21.08 45.59
C SER D 650 46.96 20.29 46.45
N TYR D 651 47.16 20.30 47.76
CA TYR D 651 46.25 19.46 48.57
C TYR D 651 44.88 20.07 48.43
N THR D 652 44.84 21.39 48.56
CA THR D 652 43.54 22.05 48.39
C THR D 652 43.01 21.65 47.02
N ALA D 653 43.84 21.77 46.00
CA ALA D 653 43.30 21.49 44.65
C ALA D 653 42.67 20.12 44.61
N ASN D 654 43.36 19.11 45.12
CA ASN D 654 42.81 17.75 44.99
C ASN D 654 41.53 17.63 45.82
N LEU D 655 41.55 18.02 47.11
CA LEU D 655 40.33 17.79 47.93
C LEU D 655 39.22 18.65 47.38
N ALA D 656 39.57 19.51 46.43
CA ALA D 656 38.54 20.31 45.75
C ALA D 656 38.01 19.46 44.59
N ALA D 657 38.83 19.29 43.58
CA ALA D 657 38.35 18.56 42.39
C ALA D 657 37.65 17.30 42.88
N PHE D 658 38.31 16.53 43.73
CA PHE D 658 37.70 15.28 44.13
C PHE D 658 36.42 15.53 44.92
N LEU D 659 36.26 16.73 45.47
CA LEU D 659 34.95 17.06 45.99
C LEU D 659 34.04 17.60 44.92
N THR D 660 34.62 18.07 43.83
CA THR D 660 33.78 18.63 42.79
C THR D 660 33.10 17.53 42.00
N VAL D 661 33.76 16.38 41.90
CA VAL D 661 33.14 15.31 41.14
C VAL D 661 32.03 14.64 41.93
N GLU D 662 32.29 14.30 43.18
CA GLU D 662 31.30 13.57 43.96
C GLU D 662 30.16 14.45 44.41
N ARG D 663 30.28 15.76 44.31
CA ARG D 663 29.13 16.63 44.41
C ARG D 663 28.53 16.93 43.06
N MET D 664 28.97 16.25 42.01
CA MET D 664 28.33 16.39 40.72
C MET D 664 27.67 15.09 40.28
N GLU D 665 28.02 13.95 40.89
CA GLU D 665 27.52 12.68 40.40
C GLU D 665 26.17 12.34 41.00
N SER D 666 26.09 12.23 42.31
CA SER D 666 24.98 11.64 43.04
C SER D 666 23.75 12.54 42.98
N PRO D 667 22.55 11.96 43.14
CA PRO D 667 22.15 10.55 43.12
C PRO D 667 21.65 10.17 41.75
N ILE D 668 20.94 9.05 41.67
CA ILE D 668 20.14 8.74 40.50
C ILE D 668 18.69 8.92 40.89
N ASP D 669 18.14 10.09 40.58
CA ASP D 669 16.85 10.44 41.14
C ASP D 669 15.85 10.82 40.06
N SER D 670 16.02 10.28 38.86
CA SER D 670 15.09 10.52 37.78
C SER D 670 15.15 9.35 36.83
N ALA D 671 14.19 9.33 35.90
CA ALA D 671 14.20 8.28 34.89
C ALA D 671 15.40 8.41 33.99
N ASP D 672 15.73 9.64 33.59
CA ASP D 672 16.90 9.85 32.77
C ASP D 672 18.17 9.58 33.55
N ASP D 673 18.10 9.73 34.87
CA ASP D 673 19.24 9.40 35.71
C ASP D 673 19.53 7.92 35.69
N LEU D 674 18.48 7.08 35.69
CA LEU D 674 18.70 5.66 35.54
C LEU D 674 19.03 5.32 34.10
N ALA D 675 18.63 6.18 33.17
CA ALA D 675 18.86 5.92 31.76
C ALA D 675 20.30 6.08 31.35
N LYS D 676 20.88 7.27 31.56
CA LYS D 676 22.25 7.52 31.12
C LYS D 676 23.26 6.71 31.91
N GLN D 677 22.92 6.32 33.12
CA GLN D 677 23.81 5.51 33.94
C GLN D 677 23.76 4.09 33.43
N THR D 678 24.84 3.35 33.67
CA THR D 678 24.89 1.93 33.38
C THR D 678 25.37 1.13 34.57
N LYS D 679 25.07 1.57 35.78
CA LYS D 679 25.61 0.94 36.97
C LYS D 679 24.64 0.00 37.65
N ILE D 680 23.47 0.47 38.06
CA ILE D 680 22.48 -0.37 38.70
C ILE D 680 21.72 -1.05 37.58
N GLU D 681 21.46 -2.35 37.72
CA GLU D 681 20.70 -3.05 36.70
C GLU D 681 19.24 -2.66 36.78
N TYR D 682 18.63 -2.51 35.62
CA TYR D 682 17.28 -1.96 35.55
C TYR D 682 16.41 -2.89 34.72
N GLY D 683 15.28 -3.29 35.30
CA GLY D 683 14.36 -4.15 34.59
C GLY D 683 13.07 -4.38 35.33
N ALA D 684 12.43 -5.50 35.01
CA ALA D 684 11.15 -5.89 35.58
C ALA D 684 11.03 -7.41 35.53
N VAL D 685 9.88 -7.91 35.96
CA VAL D 685 9.63 -9.34 35.91
C VAL D 685 9.29 -9.75 34.48
N GLU D 686 9.30 -11.04 34.21
CA GLU D 686 9.12 -11.52 32.85
C GLU D 686 7.68 -11.33 32.38
N ASP D 687 7.52 -11.28 31.05
CA ASP D 687 6.24 -11.12 30.36
C ASP D 687 5.49 -9.90 30.84
N GLY D 688 6.20 -8.81 31.03
CA GLY D 688 5.61 -7.67 31.69
C GLY D 688 4.83 -6.73 30.81
N ALA D 689 3.58 -6.47 31.20
CA ALA D 689 2.89 -5.30 30.70
C ALA D 689 3.64 -4.04 31.09
N THR D 690 4.23 -4.04 32.28
CA THR D 690 5.24 -3.06 32.63
C THR D 690 6.40 -3.12 31.64
N MET D 691 6.89 -4.32 31.37
CA MET D 691 8.01 -4.47 30.44
C MET D 691 7.57 -4.16 29.02
N THR D 692 6.29 -4.25 28.74
CA THR D 692 5.80 -3.76 27.45
C THR D 692 5.81 -2.25 27.42
N PHE D 693 5.24 -1.62 28.45
CA PHE D 693 5.05 -0.18 28.47
C PHE D 693 6.36 0.56 28.52
N PHE D 694 7.40 -0.10 29.03
CA PHE D 694 8.74 0.33 28.70
C PHE D 694 9.09 -0.08 27.28
N LYS D 695 8.90 -1.36 26.94
CA LYS D 695 9.55 -1.93 25.77
C LYS D 695 8.89 -1.49 24.49
N LYS D 696 7.57 -1.39 24.49
CA LYS D 696 6.87 -0.99 23.29
C LYS D 696 6.70 0.52 23.19
N SER D 697 7.38 1.28 24.04
CA SER D 697 7.16 2.71 24.03
C SER D 697 7.98 3.36 22.93
N LYS D 698 7.81 4.67 22.81
CA LYS D 698 8.59 5.44 21.85
C LYS D 698 9.36 6.58 22.51
N ILE D 699 9.17 6.80 23.80
CA ILE D 699 9.99 7.75 24.56
C ILE D 699 11.39 7.15 24.66
N SER D 700 12.35 7.81 24.01
CA SER D 700 13.60 7.15 23.62
C SER D 700 14.44 6.78 24.83
N THR D 701 14.25 7.48 25.94
CA THR D 701 14.89 7.10 27.20
C THR D 701 14.43 5.72 27.63
N TYR D 702 13.11 5.53 27.68
CA TYR D 702 12.55 4.22 27.97
C TYR D 702 12.92 3.20 26.90
N ASP D 703 13.13 3.65 25.66
CA ASP D 703 13.53 2.73 24.61
C ASP D 703 14.92 2.19 24.85
N LYS D 704 15.86 3.07 25.23
CA LYS D 704 17.20 2.60 25.50
C LYS D 704 17.25 1.79 26.79
N MET D 705 16.35 2.08 27.71
CA MET D 705 16.24 1.26 28.91
C MET D 705 15.77 -0.14 28.56
N TRP D 706 14.84 -0.24 27.61
CA TRP D 706 14.44 -1.54 27.10
C TRP D 706 15.58 -2.21 26.37
N ALA D 707 16.42 -1.42 25.72
CA ALA D 707 17.55 -1.98 24.99
C ALA D 707 18.57 -2.60 25.93
N PHE D 708 18.86 -1.90 27.03
CA PHE D 708 19.78 -2.44 28.02
C PHE D 708 19.17 -3.63 28.74
N MET D 709 17.85 -3.61 28.94
CA MET D 709 17.20 -4.71 29.63
C MET D 709 17.16 -5.96 28.77
N SER D 710 16.52 -5.87 27.60
CA SER D 710 16.42 -6.98 26.68
C SER D 710 17.76 -7.39 26.09
N SER D 711 18.76 -6.53 26.17
CA SER D 711 20.12 -6.92 25.86
C SER D 711 20.60 -8.02 26.78
N ARG D 712 20.53 -7.80 28.08
CA ARG D 712 21.01 -8.75 29.07
C ARG D 712 19.84 -9.53 29.65
N ARG D 713 18.88 -9.88 28.77
CA ARG D 713 17.55 -10.29 29.20
C ARG D 713 17.55 -11.59 30.00
N GLN D 714 18.64 -12.36 29.92
CA GLN D 714 18.79 -13.49 30.81
C GLN D 714 18.93 -13.05 32.27
N SER D 715 19.76 -12.05 32.53
CA SER D 715 20.00 -11.67 33.91
C SER D 715 19.31 -10.36 34.28
N VAL D 716 19.02 -9.50 33.30
CA VAL D 716 18.41 -8.22 33.60
C VAL D 716 16.96 -8.38 34.05
N LEU D 717 16.13 -8.99 33.21
CA LEU D 717 14.73 -9.15 33.54
C LEU D 717 14.57 -10.18 34.64
N VAL D 718 13.51 -10.04 35.42
CA VAL D 718 13.23 -10.91 36.54
C VAL D 718 12.13 -11.87 36.12
N LYS D 719 11.83 -12.82 36.98
CA LYS D 719 10.69 -13.67 36.75
C LYS D 719 9.46 -13.22 37.53
N SER D 720 9.64 -12.73 38.75
CA SER D 720 8.52 -12.38 39.60
C SER D 720 8.85 -11.07 40.29
N ASN D 721 7.80 -10.38 40.73
CA ASN D 721 7.98 -9.12 41.41
C ASN D 721 8.67 -9.31 42.75
N GLU D 722 8.35 -10.39 43.46
CA GLU D 722 9.08 -10.71 44.68
C GLU D 722 10.52 -11.07 44.36
N GLU D 723 10.73 -11.73 43.22
CA GLU D 723 12.09 -12.02 42.78
C GLU D 723 12.83 -10.74 42.41
N GLY D 724 12.13 -9.78 41.81
CA GLY D 724 12.75 -8.49 41.55
C GLY D 724 13.07 -7.73 42.82
N ILE D 725 12.22 -7.88 43.83
CA ILE D 725 12.49 -7.28 45.13
C ILE D 725 13.73 -7.90 45.75
N GLN D 726 13.89 -9.21 45.61
CA GLN D 726 15.09 -9.85 46.11
C GLN D 726 16.30 -9.43 45.31
N ARG D 727 16.14 -9.20 44.01
CA ARG D 727 17.27 -8.79 43.17
C ARG D 727 17.69 -7.36 43.47
N VAL D 728 16.75 -6.54 43.94
CA VAL D 728 17.11 -5.18 44.28
C VAL D 728 17.63 -5.07 45.70
N LEU D 729 17.10 -5.88 46.61
CA LEU D 729 17.58 -5.86 47.98
C LEU D 729 18.94 -6.52 48.10
N THR D 730 19.21 -7.51 47.25
CA THR D 730 20.48 -8.19 47.29
C THR D 730 21.59 -7.40 46.61
N SER D 731 21.36 -6.89 45.41
CA SER D 731 22.39 -6.18 44.68
C SER D 731 21.72 -5.05 43.91
N ASP D 732 22.50 -4.38 43.07
CA ASP D 732 22.00 -3.24 42.31
C ASP D 732 21.28 -3.71 41.07
N TYR D 733 20.24 -4.53 41.26
CA TYR D 733 19.34 -4.85 40.18
C TYR D 733 18.04 -4.14 40.50
N ALA D 734 18.00 -2.86 40.21
CA ALA D 734 16.85 -2.01 40.51
C ALA D 734 15.72 -2.40 39.58
N PHE D 735 14.50 -2.22 40.06
CA PHE D 735 13.39 -2.74 39.28
C PHE D 735 12.46 -1.60 38.88
N LEU D 736 12.05 -1.61 37.61
CA LEU D 736 10.84 -0.93 37.22
C LEU D 736 9.72 -1.77 37.80
N MET D 737 8.69 -1.11 38.35
CA MET D 737 7.61 -1.87 38.96
C MET D 737 6.36 -1.03 39.01
N GLU D 738 5.29 -1.63 39.50
CA GLU D 738 3.99 -0.98 39.51
C GLU D 738 3.87 -0.08 40.72
N SER D 739 2.93 0.87 40.65
CA SER D 739 2.81 1.89 41.68
C SER D 739 2.41 1.32 43.02
N THR D 740 1.22 0.73 43.10
CA THR D 740 0.70 0.24 44.36
C THR D 740 1.54 -0.91 44.88
N THR D 741 2.16 -1.66 43.98
CA THR D 741 3.15 -2.63 44.40
C THR D 741 4.36 -1.97 45.02
N ILE D 742 4.81 -0.84 44.45
CA ILE D 742 5.99 -0.18 45.00
C ILE D 742 5.68 0.36 46.38
N GLU D 743 4.45 0.81 46.59
CA GLU D 743 4.07 1.32 47.89
C GLU D 743 4.03 0.20 48.94
N PHE D 744 3.34 -0.89 48.63
CA PHE D 744 3.17 -1.95 49.63
C PHE D 744 4.41 -2.82 49.74
N VAL D 745 5.37 -2.62 48.85
CA VAL D 745 6.70 -3.15 49.12
C VAL D 745 7.47 -2.18 49.99
N THR D 746 7.35 -0.88 49.70
CA THR D 746 8.24 0.10 50.32
C THR D 746 7.87 0.36 51.76
N GLN D 747 6.63 0.06 52.14
CA GLN D 747 6.23 0.21 53.53
C GLN D 747 6.95 -0.81 54.41
N ARG D 748 7.27 -1.98 53.86
CA ARG D 748 8.03 -2.96 54.63
C ARG D 748 9.52 -2.70 54.55
N ASN D 749 10.11 -2.76 53.36
CA ASN D 749 11.56 -2.77 53.18
C ASN D 749 12.10 -1.37 53.42
N CYS D 750 12.65 -1.14 54.60
CA CYS D 750 13.16 0.18 54.93
C CYS D 750 14.41 0.50 54.15
N ASN D 751 15.22 -0.51 53.85
CA ASN D 751 16.44 -0.28 53.09
C ASN D 751 16.14 0.05 51.64
N LEU D 752 14.93 -0.26 51.18
CA LEU D 752 14.51 0.10 49.83
C LEU D 752 14.13 1.57 49.78
N THR D 753 13.84 2.05 48.56
CA THR D 753 13.43 3.41 48.33
C THR D 753 12.77 3.51 46.96
N GLN D 754 11.81 4.42 46.86
CA GLN D 754 11.03 4.61 45.64
C GLN D 754 11.52 5.86 44.92
N ILE D 755 12.55 5.70 44.09
CA ILE D 755 13.19 6.83 43.44
C ILE D 755 12.28 7.29 42.32
N GLY D 756 12.51 8.50 41.83
CA GLY D 756 11.80 9.00 40.67
C GLY D 756 10.33 9.30 40.92
N GLY D 757 9.68 9.73 39.84
CA GLY D 757 8.28 10.11 39.89
C GLY D 757 7.34 9.07 39.32
N LEU D 758 6.43 9.50 38.46
CA LEU D 758 5.46 8.62 37.81
C LEU D 758 5.79 8.51 36.33
N ILE D 759 6.18 7.31 35.90
CA ILE D 759 6.73 7.14 34.56
C ILE D 759 5.63 7.24 33.52
N ASP D 760 4.57 6.45 33.66
CA ASP D 760 3.40 6.56 32.81
C ASP D 760 2.18 6.42 33.71
N SER D 761 0.99 6.52 33.12
CA SER D 761 -0.24 6.45 33.91
C SER D 761 -1.00 5.22 33.45
N LYS D 762 -1.54 4.46 34.40
CA LYS D 762 -2.22 3.22 34.06
C LYS D 762 -3.17 2.88 35.20
N GLY D 763 -3.89 1.77 35.04
CA GLY D 763 -4.74 1.26 36.09
C GLY D 763 -5.03 -0.21 35.90
N TYR D 764 -4.70 -0.98 36.93
CA TYR D 764 -5.04 -2.39 36.95
C TYR D 764 -6.53 -2.53 37.18
N GLY D 765 -7.08 -3.63 36.69
CA GLY D 765 -8.52 -3.84 36.81
C GLY D 765 -8.95 -5.22 36.35
N VAL D 766 -10.25 -5.47 36.42
CA VAL D 766 -10.84 -6.77 36.10
C VAL D 766 -10.85 -6.88 34.59
N GLY D 767 -10.29 -7.99 34.10
CA GLY D 767 -10.28 -8.21 32.66
C GLY D 767 -11.16 -9.40 32.28
N THR D 768 -11.68 -9.36 31.07
CA THR D 768 -12.55 -10.42 30.57
C THR D 768 -12.44 -10.48 29.06
N PRO D 769 -12.70 -11.64 28.46
CA PRO D 769 -12.67 -11.73 27.00
C PRO D 769 -13.84 -10.98 26.39
N MET D 770 -13.68 -10.67 25.11
CA MET D 770 -14.67 -9.90 24.38
C MET D 770 -15.95 -10.70 24.23
N GLY D 771 -17.02 -10.20 24.82
CA GLY D 771 -18.27 -10.94 24.83
C GLY D 771 -18.60 -11.59 26.15
N SER D 772 -17.80 -11.34 27.18
CA SER D 772 -18.22 -11.75 28.50
C SER D 772 -19.26 -10.77 29.01
N PRO D 773 -20.52 -11.18 29.16
CA PRO D 773 -21.62 -10.24 29.44
C PRO D 773 -21.53 -9.55 30.78
N TYR D 774 -20.79 -10.12 31.73
CA TYR D 774 -20.68 -9.49 33.03
C TYR D 774 -19.64 -8.39 33.03
N ARG D 775 -19.03 -8.09 31.88
CA ARG D 775 -18.03 -7.03 31.82
C ARG D 775 -18.62 -5.68 32.21
N ASP D 776 -19.74 -5.33 31.58
CA ASP D 776 -20.34 -4.03 31.83
C ASP D 776 -20.94 -3.95 33.23
N LYS D 777 -21.77 -4.91 33.60
CA LYS D 777 -22.39 -4.94 34.92
C LYS D 777 -21.37 -5.04 36.03
N ILE D 778 -20.27 -5.74 35.78
CA ILE D 778 -19.15 -5.76 36.70
C ILE D 778 -18.55 -4.38 36.80
N THR D 779 -18.40 -3.69 35.66
CA THR D 779 -17.85 -2.34 35.68
C THR D 779 -18.86 -1.38 36.31
N ILE D 780 -20.14 -1.71 36.21
CA ILE D 780 -21.19 -0.91 36.83
C ILE D 780 -21.12 -0.99 38.34
N ALA D 781 -21.03 -2.21 38.86
CA ALA D 781 -20.90 -2.36 40.30
C ALA D 781 -19.53 -1.91 40.77
N ILE D 782 -18.54 -1.92 39.88
CA ILE D 782 -17.23 -1.39 40.20
C ILE D 782 -17.31 0.09 40.41
N LEU D 783 -18.13 0.77 39.62
CA LEU D 783 -18.45 2.16 39.92
C LEU D 783 -19.23 2.24 41.22
N GLN D 784 -20.11 1.26 41.46
CA GLN D 784 -20.84 1.24 42.72
C GLN D 784 -19.92 0.88 43.87
N LEU D 785 -18.86 0.12 43.60
CA LEU D 785 -17.89 -0.18 44.65
C LEU D 785 -16.97 1.00 44.91
N GLN D 786 -16.70 1.79 43.87
CA GLN D 786 -15.95 3.02 44.04
C GLN D 786 -16.75 4.05 44.79
N GLU D 787 -18.06 4.07 44.57
CA GLU D 787 -18.94 4.89 45.39
C GLU D 787 -19.03 4.32 46.80
N GLU D 788 -18.88 2.99 46.93
CA GLU D 788 -18.82 2.39 48.25
C GLU D 788 -17.55 2.79 48.98
N GLY D 789 -16.41 2.66 48.32
CA GLY D 789 -15.15 3.05 48.93
C GLY D 789 -14.48 1.88 49.63
N LYS D 790 -15.10 0.71 49.52
CA LYS D 790 -14.54 -0.51 50.08
C LYS D 790 -13.25 -0.90 49.36
N LEU D 791 -13.08 -0.43 48.13
CA LEU D 791 -11.78 -0.49 47.48
C LEU D 791 -10.73 0.26 48.29
N HIS D 792 -11.04 1.48 48.72
CA HIS D 792 -10.09 2.25 49.51
C HIS D 792 -9.93 1.65 50.89
N MET D 793 -11.03 1.09 51.42
CA MET D 793 -10.98 0.41 52.70
C MET D 793 -10.07 -0.80 52.63
N MET D 794 -10.11 -1.52 51.53
CA MET D 794 -9.21 -2.64 51.33
C MET D 794 -7.78 -2.19 51.12
N LYS D 795 -7.58 -1.10 50.39
CA LYS D 795 -6.27 -0.53 50.14
C LYS D 795 -5.59 -0.16 51.45
N GLU D 796 -6.38 0.34 52.39
CA GLU D 796 -5.90 0.40 53.76
C GLU D 796 -5.66 -1.00 54.30
N LYS D 797 -6.63 -1.89 54.15
CA LYS D 797 -6.61 -3.15 54.88
C LYS D 797 -5.66 -4.14 54.25
N TRP D 798 -5.20 -3.89 53.03
CA TRP D 798 -4.30 -4.84 52.41
C TRP D 798 -3.10 -4.19 51.74
N TRP D 799 -3.21 -2.94 51.28
CA TRP D 799 -2.10 -2.26 50.62
C TRP D 799 -1.26 -1.49 51.62
N ARG D 800 -1.36 -1.83 52.89
CA ARG D 800 -0.64 -1.15 53.96
C ARG D 800 0.85 -1.43 53.92
N VAL D 817 31.22 16.76 58.45
CA VAL D 817 31.77 16.31 59.71
C VAL D 817 32.40 14.94 59.55
N GLN D 818 32.67 14.55 58.31
CA GLN D 818 33.27 13.25 58.08
C GLN D 818 34.78 13.34 58.06
N ASN D 819 35.33 14.07 57.09
CA ASN D 819 36.77 14.02 56.91
C ASN D 819 37.47 14.99 57.85
N ILE D 820 36.96 16.22 57.93
CA ILE D 820 37.40 17.14 58.95
C ILE D 820 37.10 16.59 60.33
N GLY D 821 36.24 15.57 60.41
CA GLY D 821 36.10 14.92 61.73
C GLY D 821 37.43 14.28 62.08
N GLY D 822 38.02 13.62 61.10
CA GLY D 822 39.28 12.90 61.38
C GLY D 822 40.42 13.83 61.74
N ILE D 823 40.55 14.99 61.10
CA ILE D 823 41.75 15.80 61.41
C ILE D 823 41.59 16.36 62.82
N PHE D 824 40.35 16.48 63.28
CA PHE D 824 40.13 16.96 64.66
C PHE D 824 40.72 15.91 65.59
N ILE D 825 40.58 14.65 65.20
CA ILE D 825 41.11 13.56 66.06
C ILE D 825 42.61 13.75 66.17
N VAL D 826 43.27 13.96 65.02
CA VAL D 826 44.75 14.11 65.02
C VAL D 826 45.11 15.29 65.93
N LEU D 827 44.37 16.40 65.80
CA LEU D 827 44.73 17.59 66.61
C LEU D 827 44.65 17.24 68.08
N ALA D 828 43.57 16.59 68.50
CA ALA D 828 43.40 16.28 69.95
C ALA D 828 44.47 15.30 70.40
N ALA D 829 44.86 14.38 69.53
CA ALA D 829 45.94 13.43 69.86
C ALA D 829 47.20 14.23 70.16
N GLY D 830 47.55 15.13 69.23
CA GLY D 830 48.71 15.99 69.47
C GLY D 830 48.58 16.70 70.80
N LEU D 831 47.41 17.27 71.07
CA LEU D 831 47.16 17.99 72.34
C LEU D 831 47.58 17.10 73.51
N VAL D 832 46.98 15.91 73.59
CA VAL D 832 47.26 15.02 74.76
C VAL D 832 48.75 14.70 74.81
N LEU D 833 49.35 14.36 73.67
CA LEU D 833 50.76 13.94 73.68
C LEU D 833 51.62 15.07 74.24
N SER D 834 51.30 16.31 73.86
CA SER D 834 52.17 17.43 74.29
C SER D 834 51.90 17.77 75.75
N VAL D 835 50.67 17.55 76.19
CA VAL D 835 50.41 17.76 77.64
C VAL D 835 51.27 16.75 78.40
N PHE D 836 51.38 15.54 77.84
CA PHE D 836 52.19 14.50 78.51
C PHE D 836 53.65 14.93 78.49
N VAL D 837 54.07 15.55 77.39
CA VAL D 837 55.49 15.97 77.26
C VAL D 837 55.74 17.08 78.27
N ALA D 838 54.72 17.90 78.55
CA ALA D 838 54.86 19.01 79.53
C ALA D 838 54.94 18.41 80.92
N VAL D 839 54.19 17.34 81.16
CA VAL D 839 54.33 16.65 82.47
C VAL D 839 55.78 16.15 82.56
N GLY D 840 56.32 15.60 81.46
CA GLY D 840 57.71 15.14 81.44
C GLY D 840 58.67 16.26 81.78
N GLU D 841 58.41 17.46 81.23
CA GLU D 841 59.26 18.63 81.52
C GLU D 841 59.18 18.99 83.01
N PHE D 842 57.97 19.05 83.58
CA PHE D 842 57.81 19.32 85.02
C PHE D 842 58.65 18.30 85.81
N LEU D 843 58.63 17.05 85.37
CA LEU D 843 59.46 16.00 86.05
C LEU D 843 60.93 16.39 85.96
N TYR D 844 61.46 16.51 84.75
CA TYR D 844 62.87 16.96 84.57
C TYR D 844 63.17 18.06 85.60
N LYS D 845 62.26 19.04 85.71
CA LYS D 845 62.46 20.14 86.68
C LYS D 845 62.58 19.56 88.09
#